data_2AYY
#
_entry.id   2AYY
#
_entity_poly.entity_id   1
_entity_poly.type   'polypeptide(L)'
_entity_poly.pdbx_seq_one_letter_code
;MGGSGVEGLSGKRCWLAVRNASLCQFLETSLQRSGIVVTTYEGQEPTPEDVLITDEVVSKKWQGRAVVTFCRRHIGIPLE
KAPGEWVHSVAAPHELPALLARIYLIEMESDDPANALPSTD
;
_entity_poly.pdbx_strand_id   A
#
# COMPACT_ATOMS: atom_id res chain seq x y z
N MET A 1 -32.81 -21.57 -26.86
CA MET A 1 -33.69 -20.39 -26.75
C MET A 1 -33.40 -19.62 -25.48
N GLY A 2 -32.55 -18.60 -25.59
CA GLY A 2 -32.18 -17.82 -24.43
C GLY A 2 -30.85 -17.13 -24.61
N GLY A 3 -30.29 -16.63 -23.52
CA GLY A 3 -29.02 -15.94 -23.59
C GLY A 3 -28.00 -16.51 -22.61
N SER A 4 -26.87 -16.93 -23.13
CA SER A 4 -25.81 -17.50 -22.30
C SER A 4 -24.52 -16.69 -22.45
N GLY A 5 -23.95 -16.30 -21.32
CA GLY A 5 -22.74 -15.49 -21.35
C GLY A 5 -21.96 -15.60 -20.06
N VAL A 6 -20.65 -15.49 -20.15
CA VAL A 6 -19.80 -15.58 -18.98
C VAL A 6 -19.71 -14.23 -18.26
N GLU A 7 -20.14 -14.21 -17.00
CA GLU A 7 -20.06 -13.00 -16.20
C GLU A 7 -18.78 -13.00 -15.39
N GLY A 8 -18.09 -11.86 -15.39
CA GLY A 8 -16.86 -11.74 -14.63
C GLY A 8 -16.53 -10.31 -14.31
N LEU A 9 -16.50 -9.97 -13.03
CA LEU A 9 -16.23 -8.61 -12.61
C LEU A 9 -14.76 -8.45 -12.23
N SER A 10 -14.16 -7.36 -12.68
CA SER A 10 -12.78 -7.07 -12.37
C SER A 10 -12.68 -6.14 -11.16
N GLY A 11 -11.47 -6.04 -10.61
CA GLY A 11 -11.24 -5.16 -9.49
C GLY A 11 -9.76 -5.09 -9.18
N LYS A 12 -9.30 -3.95 -8.69
CA LYS A 12 -7.89 -3.77 -8.35
C LYS A 12 -7.50 -4.67 -7.18
N ARG A 13 -6.33 -5.28 -7.29
CA ARG A 13 -5.86 -6.17 -6.24
C ARG A 13 -4.70 -5.54 -5.47
N CYS A 14 -4.63 -5.83 -4.19
CA CYS A 14 -3.53 -5.37 -3.36
C CYS A 14 -3.16 -6.46 -2.35
N TRP A 15 -1.87 -6.66 -2.16
CA TRP A 15 -1.39 -7.61 -1.17
C TRP A 15 -0.75 -6.84 -0.03
N LEU A 16 -0.96 -7.30 1.19
CA LEU A 16 -0.43 -6.61 2.34
C LEU A 16 0.27 -7.57 3.29
N ALA A 17 1.47 -7.19 3.69
CA ALA A 17 2.24 -7.92 4.68
C ALA A 17 2.47 -7.02 5.89
N VAL A 18 1.36 -6.56 6.45
CA VAL A 18 1.39 -5.68 7.60
C VAL A 18 1.16 -6.50 8.87
N ARG A 19 2.11 -6.43 9.79
CA ARG A 19 2.02 -7.19 11.02
C ARG A 19 1.24 -6.40 12.07
N ASN A 20 1.04 -5.12 11.78
CA ASN A 20 0.22 -4.26 12.61
C ASN A 20 -1.25 -4.52 12.33
N ALA A 21 -1.88 -5.34 13.15
CA ALA A 21 -3.24 -5.82 12.88
C ALA A 21 -4.26 -4.68 12.88
N SER A 22 -4.19 -3.82 13.88
CA SER A 22 -5.12 -2.70 13.98
C SER A 22 -4.91 -1.73 12.83
N LEU A 23 -3.64 -1.45 12.52
CA LEU A 23 -3.29 -0.56 11.43
C LEU A 23 -3.74 -1.14 10.09
N CYS A 24 -3.40 -2.41 9.86
CA CYS A 24 -3.68 -3.04 8.57
C CYS A 24 -5.18 -3.11 8.32
N GLN A 25 -5.95 -3.34 9.38
CA GLN A 25 -7.40 -3.39 9.28
C GLN A 25 -7.96 -2.02 8.90
N PHE A 26 -7.34 -0.97 9.41
CA PHE A 26 -7.78 0.39 9.13
C PHE A 26 -7.55 0.73 7.64
N LEU A 27 -6.32 0.53 7.17
CA LEU A 27 -5.96 0.88 5.80
C LEU A 27 -6.69 0.01 4.79
N GLU A 28 -6.79 -1.29 5.08
CA GLU A 28 -7.40 -2.22 4.13
C GLU A 28 -8.87 -1.92 3.94
N THR A 29 -9.57 -1.54 5.01
CA THR A 29 -10.99 -1.22 4.93
C THR A 29 -11.20 0.10 4.19
N SER A 30 -10.33 1.07 4.45
CA SER A 30 -10.43 2.37 3.79
C SER A 30 -10.23 2.22 2.28
N LEU A 31 -9.39 1.28 1.90
CA LEU A 31 -9.10 1.01 0.49
C LEU A 31 -10.19 0.14 -0.14
N GLN A 32 -10.71 -0.79 0.64
CA GLN A 32 -11.74 -1.72 0.16
C GLN A 32 -13.04 -0.98 -0.17
N ARG A 33 -13.19 0.22 0.39
CA ARG A 33 -14.36 1.05 0.12
C ARG A 33 -14.40 1.46 -1.35
N SER A 34 -13.29 1.27 -2.05
CA SER A 34 -13.19 1.58 -3.46
C SER A 34 -13.53 0.36 -4.31
N GLY A 35 -13.64 -0.81 -3.68
CA GLY A 35 -13.89 -2.03 -4.42
C GLY A 35 -12.62 -2.82 -4.67
N ILE A 36 -11.52 -2.33 -4.12
CA ILE A 36 -10.23 -2.99 -4.25
C ILE A 36 -10.16 -4.18 -3.28
N VAL A 37 -9.61 -5.30 -3.74
CA VAL A 37 -9.55 -6.49 -2.93
C VAL A 37 -8.14 -6.72 -2.38
N VAL A 38 -8.02 -6.79 -1.06
CA VAL A 38 -6.74 -7.01 -0.41
C VAL A 38 -6.58 -8.45 0.01
N THR A 39 -5.34 -8.91 0.07
CA THR A 39 -5.02 -10.27 0.50
C THR A 39 -3.65 -10.30 1.18
N THR A 40 -3.56 -11.04 2.27
CA THR A 40 -2.32 -11.18 3.02
C THR A 40 -1.23 -11.84 2.18
N TYR A 41 -0.08 -11.20 2.12
CA TYR A 41 1.03 -11.71 1.33
C TYR A 41 1.98 -12.54 2.20
N GLU A 42 1.91 -13.84 2.03
CA GLU A 42 2.79 -14.76 2.73
C GLU A 42 3.67 -15.51 1.74
N GLY A 43 3.51 -16.83 1.66
CA GLY A 43 4.25 -17.61 0.69
C GLY A 43 3.52 -17.64 -0.64
N GLN A 44 3.32 -16.47 -1.23
CA GLN A 44 2.59 -16.35 -2.47
C GLN A 44 3.48 -15.74 -3.54
N GLU A 45 3.01 -15.81 -4.78
CA GLU A 45 3.78 -15.28 -5.90
C GLU A 45 3.43 -13.81 -6.17
N PRO A 46 4.46 -12.94 -6.18
CA PRO A 46 4.27 -11.51 -6.46
C PRO A 46 3.85 -11.25 -7.91
N THR A 47 2.85 -10.40 -8.07
CA THR A 47 2.32 -10.08 -9.39
C THR A 47 2.85 -8.73 -9.88
N PRO A 48 3.28 -8.68 -11.15
CA PRO A 48 3.83 -7.47 -11.79
C PRO A 48 2.84 -6.30 -11.82
N GLU A 49 1.54 -6.60 -11.77
CA GLU A 49 0.53 -5.55 -11.80
C GLU A 49 -0.07 -5.31 -10.43
N ASP A 50 0.55 -5.89 -9.40
CA ASP A 50 0.03 -5.76 -8.04
C ASP A 50 1.05 -5.05 -7.15
N VAL A 51 0.58 -4.53 -6.03
CA VAL A 51 1.43 -3.79 -5.11
C VAL A 51 1.51 -4.50 -3.76
N LEU A 52 2.67 -4.38 -3.10
CA LEU A 52 2.88 -5.00 -1.81
C LEU A 52 2.98 -3.94 -0.72
N ILE A 53 1.95 -3.86 0.11
CA ILE A 53 1.94 -2.94 1.23
C ILE A 53 2.54 -3.62 2.46
N THR A 54 3.73 -3.21 2.85
CA THR A 54 4.47 -3.89 3.91
C THR A 54 4.62 -2.98 5.13
N ASP A 55 4.71 -3.59 6.30
CA ASP A 55 4.88 -2.84 7.54
C ASP A 55 6.16 -3.26 8.27
N GLU A 56 6.86 -2.26 8.80
CA GLU A 56 8.12 -2.47 9.51
C GLU A 56 9.15 -3.18 8.65
N VAL A 57 9.75 -4.24 9.18
CA VAL A 57 10.83 -4.93 8.49
C VAL A 57 10.43 -6.38 8.20
N VAL A 58 10.24 -6.67 6.92
CA VAL A 58 9.88 -8.01 6.48
C VAL A 58 10.99 -8.60 5.62
N SER A 59 11.36 -9.84 5.91
CA SER A 59 12.46 -10.49 5.21
C SER A 59 12.10 -10.85 3.76
N LYS A 60 10.82 -11.11 3.49
CA LYS A 60 10.38 -11.43 2.15
C LYS A 60 10.16 -10.15 1.34
N LYS A 61 10.47 -10.20 0.06
CA LYS A 61 10.31 -9.05 -0.81
C LYS A 61 9.22 -9.28 -1.83
N TRP A 62 9.16 -8.39 -2.83
CA TRP A 62 8.09 -8.41 -3.82
C TRP A 62 8.65 -7.99 -5.17
N GLN A 63 8.22 -8.69 -6.21
CA GLN A 63 8.57 -8.34 -7.58
C GLN A 63 7.30 -8.09 -8.38
N GLY A 64 6.92 -6.85 -8.52
CA GLY A 64 5.68 -6.53 -9.19
C GLY A 64 5.59 -5.06 -9.56
N ARG A 65 4.43 -4.47 -9.31
CA ARG A 65 4.18 -3.07 -9.66
C ARG A 65 5.01 -2.14 -8.76
N ALA A 66 4.78 -2.21 -7.46
CA ALA A 66 5.49 -1.35 -6.52
C ALA A 66 5.35 -1.89 -5.10
N VAL A 67 6.22 -1.43 -4.22
CA VAL A 67 6.16 -1.81 -2.82
C VAL A 67 6.01 -0.56 -1.96
N VAL A 68 5.13 -0.63 -0.97
CA VAL A 68 4.91 0.49 -0.06
C VAL A 68 5.15 0.03 1.37
N THR A 69 6.35 0.28 1.88
CA THR A 69 6.73 -0.21 3.19
C THR A 69 6.80 0.93 4.21
N PHE A 70 6.02 0.77 5.28
CA PHE A 70 5.99 1.77 6.35
C PHE A 70 6.71 1.25 7.58
N CYS A 71 7.95 1.66 7.76
CA CYS A 71 8.73 1.25 8.91
C CYS A 71 8.96 2.43 9.86
N ARG A 72 9.38 2.14 11.08
CA ARG A 72 9.66 3.19 12.05
C ARG A 72 10.94 3.94 11.66
N ARG A 73 11.93 3.21 11.18
CA ARG A 73 13.22 3.80 10.81
C ARG A 73 13.83 3.09 9.60
N HIS A 74 13.41 1.85 9.36
CA HIS A 74 13.90 1.01 8.25
C HIS A 74 15.31 0.50 8.54
N ILE A 75 15.53 -0.79 8.28
CA ILE A 75 16.85 -1.39 8.44
C ILE A 75 17.29 -2.06 7.14
N GLY A 76 17.03 -3.35 7.00
CA GLY A 76 17.42 -4.06 5.80
C GLY A 76 16.34 -4.00 4.71
N ILE A 77 15.52 -2.96 4.77
CA ILE A 77 14.45 -2.77 3.81
C ILE A 77 14.82 -1.69 2.81
N PRO A 78 14.61 -1.94 1.51
CA PRO A 78 14.83 -0.95 0.45
C PRO A 78 14.25 0.41 0.81
N LEU A 79 15.12 1.38 1.05
CA LEU A 79 14.71 2.69 1.53
C LEU A 79 14.33 3.61 0.38
N GLU A 80 13.39 3.15 -0.44
CA GLU A 80 12.95 3.91 -1.61
C GLU A 80 14.13 4.16 -2.55
N LYS A 81 14.43 5.44 -2.79
CA LYS A 81 15.49 5.87 -3.70
C LYS A 81 15.49 5.02 -4.98
N ALA A 82 14.28 4.84 -5.52
CA ALA A 82 14.07 4.06 -6.73
C ALA A 82 12.62 4.18 -7.15
N PRO A 83 12.36 4.35 -8.45
CA PRO A 83 11.00 4.45 -9.00
C PRO A 83 10.26 3.11 -8.95
N GLY A 84 9.98 2.66 -7.74
CA GLY A 84 9.28 1.39 -7.56
C GLY A 84 9.17 1.02 -6.10
N GLU A 85 10.14 1.47 -5.31
CA GLU A 85 10.13 1.22 -3.89
C GLU A 85 9.70 2.49 -3.16
N TRP A 86 8.79 2.36 -2.22
CA TRP A 86 8.30 3.49 -1.45
C TRP A 86 8.52 3.26 0.03
N VAL A 87 9.47 3.98 0.61
CA VAL A 87 9.70 3.90 2.04
C VAL A 87 9.01 5.08 2.73
N HIS A 88 8.42 4.83 3.89
CA HIS A 88 7.74 5.88 4.63
C HIS A 88 7.66 5.51 6.10
N SER A 89 7.64 6.51 6.96
CA SER A 89 7.51 6.28 8.38
C SER A 89 6.04 6.21 8.78
N VAL A 90 5.73 5.32 9.72
CA VAL A 90 4.38 5.19 10.25
C VAL A 90 4.04 6.34 11.20
N ALA A 91 4.05 7.56 10.67
CA ALA A 91 3.76 8.75 11.46
C ALA A 91 2.28 8.80 11.84
N ALA A 92 1.43 8.46 10.89
CA ALA A 92 0.00 8.44 11.09
C ALA A 92 -0.64 7.45 10.13
N PRO A 93 -1.63 6.67 10.60
CA PRO A 93 -2.32 5.68 9.78
C PRO A 93 -2.80 6.23 8.43
N HIS A 94 -3.19 7.51 8.39
CA HIS A 94 -3.73 8.10 7.16
C HIS A 94 -2.67 8.28 6.08
N GLU A 95 -1.40 8.08 6.44
CA GLU A 95 -0.30 8.25 5.49
C GLU A 95 -0.31 7.12 4.45
N LEU A 96 -0.71 5.94 4.88
CA LEU A 96 -0.67 4.76 4.03
C LEU A 96 -1.72 4.81 2.91
N PRO A 97 -3.03 4.97 3.23
CA PRO A 97 -4.09 4.97 2.22
C PRO A 97 -3.91 6.10 1.20
N ALA A 98 -3.32 7.20 1.65
CA ALA A 98 -3.06 8.34 0.77
C ALA A 98 -1.97 7.99 -0.23
N LEU A 99 -0.91 7.34 0.25
CA LEU A 99 0.18 6.93 -0.62
C LEU A 99 -0.31 5.89 -1.63
N LEU A 100 -1.14 4.97 -1.15
CA LEU A 100 -1.70 3.93 -2.00
C LEU A 100 -2.48 4.55 -3.15
N ALA A 101 -3.32 5.53 -2.83
CA ALA A 101 -4.15 6.19 -3.83
C ALA A 101 -3.29 6.90 -4.87
N ARG A 102 -2.20 7.51 -4.42
CA ARG A 102 -1.28 8.22 -5.30
C ARG A 102 -0.58 7.24 -6.26
N ILE A 103 -0.16 6.10 -5.73
CA ILE A 103 0.57 5.11 -6.51
C ILE A 103 -0.34 4.43 -7.53
N TYR A 104 -1.56 4.09 -7.11
CA TYR A 104 -2.48 3.39 -7.98
C TYR A 104 -3.28 4.35 -8.87
N LEU A 105 -2.91 5.62 -8.81
CA LEU A 105 -3.55 6.66 -9.63
C LEU A 105 -5.06 6.71 -9.38
N ILE A 106 -5.42 6.83 -8.11
CA ILE A 106 -6.82 6.96 -7.72
C ILE A 106 -7.19 8.44 -7.68
N GLU A 107 -8.48 8.73 -7.75
CA GLU A 107 -8.97 10.11 -7.76
C GLU A 107 -8.52 10.85 -6.49
N MET A 108 -8.54 10.17 -5.36
CA MET A 108 -8.19 10.77 -4.08
C MET A 108 -6.69 10.61 -3.78
N GLU A 109 -5.86 10.90 -4.76
CA GLU A 109 -4.41 10.75 -4.59
C GLU A 109 -3.86 11.83 -3.66
N SER A 110 -4.31 13.07 -3.85
CA SER A 110 -3.96 14.19 -2.97
C SER A 110 -2.46 14.52 -3.00
N ASP A 111 -2.02 15.32 -2.04
CA ASP A 111 -0.64 15.79 -2.00
C ASP A 111 -0.20 16.02 -0.55
N ASP A 112 1.11 16.01 -0.31
CA ASP A 112 1.66 16.20 1.03
C ASP A 112 1.80 17.70 1.32
N PRO A 113 1.30 18.15 2.48
CA PRO A 113 1.37 19.56 2.88
C PRO A 113 2.77 20.01 3.27
N ALA A 114 3.64 19.04 3.57
CA ALA A 114 5.01 19.31 4.03
C ALA A 114 4.99 20.24 5.24
N ASN A 115 4.40 19.74 6.32
CA ASN A 115 4.21 20.55 7.51
C ASN A 115 5.49 20.66 8.35
N ALA A 116 6.13 21.81 8.27
CA ALA A 116 7.34 22.08 9.05
C ALA A 116 7.33 23.51 9.55
N LEU A 117 8.06 23.77 10.62
CA LEU A 117 8.17 25.12 11.17
C LEU A 117 9.64 25.51 11.34
N PRO A 118 10.08 26.57 10.66
CA PRO A 118 11.47 27.03 10.71
C PRO A 118 11.85 27.61 12.07
N SER A 119 12.55 26.81 12.86
CA SER A 119 12.98 27.24 14.17
C SER A 119 14.43 27.72 14.14
N THR A 120 14.65 28.86 13.50
CA THR A 120 15.98 29.44 13.38
C THR A 120 16.38 30.17 14.65
N ASP A 121 15.47 30.21 15.62
CA ASP A 121 15.71 30.84 16.90
C ASP A 121 14.93 30.10 17.98
N MET A 1 -30.50 -20.26 -29.40
CA MET A 1 -31.82 -19.71 -29.04
C MET A 1 -31.72 -18.84 -27.80
N GLY A 2 -30.84 -19.22 -26.89
CA GLY A 2 -30.66 -18.46 -25.66
C GLY A 2 -29.25 -17.94 -25.49
N GLY A 3 -29.10 -16.63 -25.59
CA GLY A 3 -27.80 -16.02 -25.42
C GLY A 3 -27.74 -15.19 -24.15
N SER A 4 -27.58 -15.87 -23.02
CA SER A 4 -27.54 -15.21 -21.73
C SER A 4 -26.32 -14.30 -21.61
N GLY A 5 -26.50 -13.18 -20.91
CA GLY A 5 -25.40 -12.25 -20.72
C GLY A 5 -24.30 -12.83 -19.87
N VAL A 6 -23.07 -12.69 -20.33
CA VAL A 6 -21.92 -13.22 -19.62
C VAL A 6 -20.89 -12.11 -19.38
N GLU A 7 -20.22 -12.15 -18.25
CA GLU A 7 -19.29 -11.10 -17.88
C GLU A 7 -18.09 -11.67 -17.13
N GLY A 8 -17.05 -10.86 -16.98
CA GLY A 8 -15.86 -11.29 -16.27
C GLY A 8 -15.15 -10.13 -15.62
N LEU A 9 -15.49 -9.84 -14.37
CA LEU A 9 -14.89 -8.73 -13.65
C LEU A 9 -13.51 -9.10 -13.14
N SER A 10 -12.55 -8.22 -13.38
CA SER A 10 -11.19 -8.41 -12.90
C SER A 10 -10.90 -7.43 -11.77
N GLY A 11 -10.26 -7.93 -10.72
CA GLY A 11 -9.99 -7.11 -9.55
C GLY A 11 -8.51 -6.94 -9.30
N LYS A 12 -8.08 -5.69 -9.23
CA LYS A 12 -6.69 -5.38 -8.92
C LYS A 12 -6.34 -5.84 -7.51
N ARG A 13 -5.28 -6.64 -7.40
CA ARG A 13 -4.91 -7.22 -6.12
C ARG A 13 -3.90 -6.33 -5.40
N CYS A 14 -3.90 -6.42 -4.09
CA CYS A 14 -2.88 -5.77 -3.27
C CYS A 14 -2.55 -6.67 -2.09
N TRP A 15 -1.28 -7.01 -1.93
CA TRP A 15 -0.86 -7.89 -0.86
C TRP A 15 -0.42 -7.06 0.34
N LEU A 16 -1.03 -7.32 1.47
CA LEU A 16 -0.77 -6.57 2.67
C LEU A 16 -0.15 -7.45 3.73
N ALA A 17 1.08 -7.14 4.11
CA ALA A 17 1.78 -7.88 5.15
C ALA A 17 2.10 -6.94 6.30
N VAL A 18 1.05 -6.36 6.85
CA VAL A 18 1.16 -5.49 8.00
C VAL A 18 0.93 -6.29 9.27
N ARG A 19 1.88 -6.21 10.19
CA ARG A 19 1.82 -6.99 11.43
C ARG A 19 0.86 -6.34 12.40
N ASN A 20 0.78 -5.02 12.34
CA ASN A 20 -0.13 -4.26 13.18
C ASN A 20 -1.56 -4.42 12.66
N ALA A 21 -2.33 -5.25 13.35
CA ALA A 21 -3.67 -5.63 12.90
C ALA A 21 -4.59 -4.43 12.74
N SER A 22 -4.62 -3.57 13.76
CA SER A 22 -5.45 -2.37 13.74
C SER A 22 -5.15 -1.49 12.52
N LEU A 23 -3.86 -1.42 12.20
CA LEU A 23 -3.42 -0.63 11.05
C LEU A 23 -3.82 -1.31 9.76
N CYS A 24 -3.49 -2.60 9.66
CA CYS A 24 -3.74 -3.37 8.45
C CYS A 24 -5.23 -3.34 8.07
N GLN A 25 -6.08 -3.54 9.07
CA GLN A 25 -7.53 -3.58 8.87
C GLN A 25 -8.03 -2.23 8.36
N PHE A 26 -7.57 -1.15 8.99
CA PHE A 26 -7.99 0.19 8.61
C PHE A 26 -7.61 0.49 7.16
N LEU A 27 -6.35 0.26 6.81
CA LEU A 27 -5.86 0.56 5.47
C LEU A 27 -6.54 -0.31 4.42
N GLU A 28 -6.59 -1.62 4.67
CA GLU A 28 -7.12 -2.56 3.69
C GLU A 28 -8.59 -2.28 3.36
N THR A 29 -9.36 -1.92 4.38
CA THR A 29 -10.77 -1.59 4.19
C THR A 29 -10.93 -0.30 3.39
N SER A 30 -10.01 0.63 3.60
CA SER A 30 -10.05 1.92 2.91
C SER A 30 -9.90 1.74 1.40
N LEU A 31 -8.98 0.87 0.98
CA LEU A 31 -8.79 0.61 -0.45
C LEU A 31 -9.94 -0.22 -0.98
N GLN A 32 -10.44 -1.12 -0.15
CA GLN A 32 -11.55 -1.98 -0.53
C GLN A 32 -12.82 -1.16 -0.78
N ARG A 33 -12.91 -0.01 -0.13
CA ARG A 33 -14.04 0.90 -0.29
C ARG A 33 -14.17 1.34 -1.75
N SER A 34 -13.03 1.53 -2.41
CA SER A 34 -13.02 1.95 -3.80
C SER A 34 -13.42 0.79 -4.72
N GLY A 35 -12.74 -0.33 -4.56
CA GLY A 35 -13.01 -1.47 -5.41
C GLY A 35 -11.74 -2.23 -5.72
N ILE A 36 -10.92 -2.42 -4.69
CA ILE A 36 -9.65 -3.10 -4.84
C ILE A 36 -9.60 -4.30 -3.91
N VAL A 37 -9.14 -5.43 -4.41
CA VAL A 37 -9.11 -6.65 -3.61
C VAL A 37 -7.80 -6.76 -2.84
N VAL A 38 -7.90 -6.72 -1.53
CA VAL A 38 -6.73 -6.79 -0.66
C VAL A 38 -6.59 -8.18 -0.07
N THR A 39 -5.37 -8.66 0.04
CA THR A 39 -5.12 -9.98 0.60
C THR A 39 -3.87 -9.97 1.46
N THR A 40 -3.98 -10.53 2.67
CA THR A 40 -2.85 -10.65 3.56
C THR A 40 -1.75 -11.51 2.94
N TYR A 41 -0.57 -10.94 2.79
CA TYR A 41 0.55 -11.65 2.17
C TYR A 41 1.25 -12.54 3.18
N GLU A 42 1.23 -13.83 2.91
CA GLU A 42 1.89 -14.80 3.76
C GLU A 42 2.82 -15.68 2.93
N GLY A 43 2.25 -16.39 1.97
CA GLY A 43 3.05 -17.23 1.10
C GLY A 43 2.40 -17.40 -0.27
N GLN A 44 2.07 -16.28 -0.89
CA GLN A 44 1.46 -16.29 -2.21
C GLN A 44 2.45 -15.78 -3.25
N GLU A 45 2.00 -15.66 -4.50
CA GLU A 45 2.88 -15.23 -5.57
C GLU A 45 2.61 -13.77 -5.95
N PRO A 46 3.67 -12.98 -6.12
CA PRO A 46 3.57 -11.57 -6.47
C PRO A 46 3.38 -11.36 -7.96
N THR A 47 2.49 -10.44 -8.30
CA THR A 47 2.27 -10.08 -9.70
C THR A 47 2.70 -8.63 -9.95
N PRO A 48 3.21 -8.34 -11.16
CA PRO A 48 3.70 -7.00 -11.53
C PRO A 48 2.59 -5.94 -11.59
N GLU A 49 1.43 -6.25 -11.03
CA GLU A 49 0.33 -5.29 -11.02
C GLU A 49 -0.17 -5.05 -9.60
N ASP A 50 0.40 -5.76 -8.65
CA ASP A 50 -0.01 -5.62 -7.25
C ASP A 50 1.09 -5.00 -6.43
N VAL A 51 0.72 -4.46 -5.28
CA VAL A 51 1.66 -3.80 -4.38
C VAL A 51 1.80 -4.55 -3.06
N LEU A 52 2.98 -4.51 -2.48
CA LEU A 52 3.22 -5.11 -1.17
C LEU A 52 3.23 -4.04 -0.10
N ILE A 53 2.12 -3.90 0.60
CA ILE A 53 2.03 -2.98 1.70
C ILE A 53 2.50 -3.65 2.98
N THR A 54 3.66 -3.28 3.46
CA THR A 54 4.30 -4.01 4.56
C THR A 54 4.58 -3.10 5.76
N ASP A 55 4.50 -3.68 6.95
CA ASP A 55 4.76 -2.94 8.18
C ASP A 55 5.68 -3.77 9.08
N GLU A 56 6.44 -3.09 9.92
CA GLU A 56 7.35 -3.74 10.88
C GLU A 56 8.62 -4.23 10.19
N VAL A 57 9.35 -5.13 10.84
CA VAL A 57 10.60 -5.64 10.29
C VAL A 57 10.35 -6.86 9.41
N VAL A 58 9.73 -6.62 8.27
CA VAL A 58 9.39 -7.69 7.33
C VAL A 58 10.60 -8.12 6.52
N SER A 59 11.44 -7.15 6.14
CA SER A 59 12.62 -7.40 5.33
C SER A 59 12.29 -8.18 4.07
N LYS A 60 11.29 -7.71 3.34
CA LYS A 60 10.84 -8.40 2.14
C LYS A 60 11.08 -7.53 0.90
N LYS A 61 11.28 -8.19 -0.23
CA LYS A 61 11.46 -7.50 -1.50
C LYS A 61 10.31 -7.83 -2.44
N TRP A 62 9.99 -6.91 -3.33
CA TRP A 62 8.87 -7.09 -4.24
C TRP A 62 9.36 -7.36 -5.66
N GLN A 63 8.55 -8.09 -6.41
CA GLN A 63 8.78 -8.31 -7.82
C GLN A 63 7.48 -8.05 -8.57
N GLY A 64 6.88 -6.91 -8.28
CA GLY A 64 5.62 -6.55 -8.88
C GLY A 64 5.52 -5.08 -9.17
N ARG A 65 4.39 -4.48 -8.83
CA ARG A 65 4.18 -3.05 -9.06
C ARG A 65 5.06 -2.20 -8.13
N ALA A 66 4.78 -2.25 -6.83
CA ALA A 66 5.51 -1.41 -5.88
C ALA A 66 5.45 -1.97 -4.46
N VAL A 67 6.39 -1.55 -3.64
CA VAL A 67 6.43 -1.94 -2.23
C VAL A 67 6.24 -0.71 -1.35
N VAL A 68 5.23 -0.73 -0.51
CA VAL A 68 5.00 0.35 0.44
C VAL A 68 5.44 -0.09 1.82
N THR A 69 6.65 0.29 2.20
CA THR A 69 7.26 -0.22 3.41
C THR A 69 7.26 0.80 4.53
N PHE A 70 6.53 0.48 5.59
CA PHE A 70 6.53 1.32 6.78
C PHE A 70 7.37 0.68 7.87
N CYS A 71 8.59 1.17 8.02
CA CYS A 71 9.52 0.61 8.99
C CYS A 71 10.14 1.73 9.83
N ARG A 72 10.88 1.36 10.86
CA ARG A 72 11.51 2.33 11.73
C ARG A 72 13.02 2.41 11.49
N ARG A 73 13.52 1.51 10.67
CA ARG A 73 14.96 1.44 10.39
C ARG A 73 15.20 0.93 8.97
N HIS A 74 16.25 1.42 8.34
CA HIS A 74 16.60 0.99 7.00
C HIS A 74 17.53 -0.22 7.06
N ILE A 75 16.93 -1.39 7.25
CA ILE A 75 17.66 -2.64 7.23
C ILE A 75 17.64 -3.22 5.82
N GLY A 76 17.10 -4.42 5.66
CA GLY A 76 16.98 -5.02 4.34
C GLY A 76 15.72 -4.60 3.62
N ILE A 77 15.09 -3.56 4.14
CA ILE A 77 13.85 -3.05 3.57
C ILE A 77 14.14 -1.96 2.54
N PRO A 78 13.37 -1.94 1.44
CA PRO A 78 13.54 -0.98 0.34
C PRO A 78 13.33 0.47 0.80
N LEU A 79 14.16 1.37 0.28
CA LEU A 79 14.16 2.76 0.72
C LEU A 79 13.75 3.71 -0.40
N GLU A 80 12.72 3.33 -1.16
CA GLU A 80 12.18 4.19 -2.20
C GLU A 80 13.24 4.55 -3.24
N LYS A 81 13.47 5.85 -3.42
CA LYS A 81 14.39 6.38 -4.43
C LYS A 81 14.10 5.83 -5.83
N ALA A 82 12.85 5.42 -6.05
CA ALA A 82 12.41 4.86 -7.33
C ALA A 82 10.90 4.72 -7.33
N PRO A 83 10.26 4.88 -8.51
CA PRO A 83 8.80 4.71 -8.66
C PRO A 83 8.39 3.24 -8.58
N GLY A 84 8.90 2.55 -7.57
CA GLY A 84 8.59 1.15 -7.37
C GLY A 84 8.66 0.76 -5.91
N GLU A 85 9.04 1.69 -5.06
CA GLU A 85 9.13 1.43 -3.63
C GLU A 85 8.96 2.74 -2.89
N TRP A 86 8.31 2.70 -1.74
CA TRP A 86 8.06 3.89 -0.94
C TRP A 86 8.38 3.62 0.51
N VAL A 87 9.47 4.20 0.99
CA VAL A 87 9.87 4.02 2.38
C VAL A 87 9.26 5.15 3.24
N HIS A 88 8.66 4.76 4.35
CA HIS A 88 8.10 5.76 5.27
C HIS A 88 8.07 5.20 6.69
N SER A 89 8.16 6.09 7.66
CA SER A 89 8.07 5.74 9.06
C SER A 89 6.67 5.22 9.40
N VAL A 90 6.60 4.21 10.26
CA VAL A 90 5.33 3.67 10.71
C VAL A 90 4.66 4.61 11.70
N ALA A 91 4.04 5.66 11.17
CA ALA A 91 3.31 6.62 11.98
C ALA A 91 2.25 7.33 11.15
N ALA A 92 1.08 7.53 11.75
CA ALA A 92 -0.05 8.24 11.12
C ALA A 92 -0.66 7.44 9.97
N PRO A 93 -1.87 6.91 10.18
CA PRO A 93 -2.57 6.11 9.17
C PRO A 93 -3.19 6.97 8.07
N HIS A 94 -2.71 8.20 7.94
CA HIS A 94 -3.18 9.10 6.89
C HIS A 94 -2.26 9.02 5.68
N GLU A 95 -1.01 8.65 5.94
CA GLU A 95 0.01 8.64 4.89
C GLU A 95 -0.21 7.50 3.90
N LEU A 96 -0.35 6.30 4.43
CA LEU A 96 -0.44 5.09 3.61
C LEU A 96 -1.60 5.13 2.60
N PRO A 97 -2.87 5.28 3.05
CA PRO A 97 -4.02 5.22 2.14
C PRO A 97 -4.00 6.36 1.11
N ALA A 98 -3.60 7.54 1.54
CA ALA A 98 -3.56 8.71 0.66
C ALA A 98 -2.45 8.52 -0.38
N LEU A 99 -1.33 7.98 0.05
CA LEU A 99 -0.20 7.74 -0.84
C LEU A 99 -0.53 6.67 -1.87
N LEU A 100 -1.21 5.61 -1.42
CA LEU A 100 -1.61 4.53 -2.31
C LEU A 100 -2.55 5.05 -3.39
N ALA A 101 -3.43 5.96 -3.01
CA ALA A 101 -4.35 6.58 -3.96
C ALA A 101 -3.59 7.40 -5.00
N ARG A 102 -2.49 8.01 -4.56
CA ARG A 102 -1.65 8.79 -5.45
C ARG A 102 -0.88 7.89 -6.42
N ILE A 103 -0.44 6.73 -5.91
CA ILE A 103 0.27 5.76 -6.74
C ILE A 103 -0.66 5.19 -7.81
N TYR A 104 -1.89 4.88 -7.39
CA TYR A 104 -2.90 4.32 -8.30
C TYR A 104 -3.52 5.42 -9.17
N LEU A 105 -3.12 6.66 -8.92
CA LEU A 105 -3.64 7.83 -9.63
C LEU A 105 -5.15 7.91 -9.49
N ILE A 106 -5.62 7.83 -8.26
CA ILE A 106 -7.03 7.84 -7.96
C ILE A 106 -7.58 9.25 -7.88
N GLU A 107 -7.12 10.02 -6.89
CA GLU A 107 -7.72 11.33 -6.61
C GLU A 107 -6.80 12.20 -5.77
N MET A 108 -6.69 11.85 -4.49
CA MET A 108 -6.04 12.71 -3.50
C MET A 108 -4.52 12.76 -3.66
N GLU A 109 -3.95 13.89 -3.29
CA GLU A 109 -2.50 14.06 -3.29
C GLU A 109 -1.93 13.61 -1.96
N SER A 110 -0.65 13.26 -1.94
CA SER A 110 0.00 12.82 -0.72
C SER A 110 1.44 13.31 -0.69
N ASP A 111 1.68 14.42 -1.36
CA ASP A 111 3.01 14.99 -1.45
C ASP A 111 3.29 15.89 -0.24
N ASP A 112 3.56 15.26 0.90
CA ASP A 112 3.81 15.97 2.14
C ASP A 112 5.01 16.90 2.00
N PRO A 113 4.78 18.22 2.13
CA PRO A 113 5.83 19.23 2.04
C PRO A 113 6.68 19.25 3.30
N ALA A 114 7.63 18.33 3.39
CA ALA A 114 8.49 18.22 4.55
C ALA A 114 9.59 19.28 4.51
N ASN A 115 9.79 19.95 5.63
CA ASN A 115 10.82 20.98 5.74
C ASN A 115 11.54 20.86 7.07
N ALA A 116 12.33 19.80 7.21
CA ALA A 116 13.11 19.57 8.42
C ALA A 116 14.54 20.05 8.22
N LEU A 117 14.80 21.29 8.62
CA LEU A 117 16.11 21.90 8.41
C LEU A 117 16.84 22.08 9.75
N PRO A 118 18.13 21.68 9.80
CA PRO A 118 18.97 21.90 10.97
C PRO A 118 19.38 23.36 11.10
N SER A 119 18.90 24.01 12.15
CA SER A 119 19.14 25.43 12.34
C SER A 119 20.28 25.68 13.32
N THR A 120 21.50 25.47 12.85
CA THR A 120 22.69 25.68 13.68
C THR A 120 23.49 26.88 13.20
N ASP A 121 23.94 27.69 14.14
CA ASP A 121 24.77 28.84 13.83
C ASP A 121 26.12 28.70 14.50
N MET A 1 -35.24 -15.78 -28.05
CA MET A 1 -34.39 -16.93 -27.72
C MET A 1 -33.01 -16.48 -27.22
N GLY A 2 -32.48 -15.44 -27.84
CA GLY A 2 -31.16 -14.94 -27.47
C GLY A 2 -31.19 -14.15 -26.18
N GLY A 3 -30.17 -14.33 -25.37
CA GLY A 3 -30.07 -13.60 -24.12
C GLY A 3 -28.68 -13.67 -23.54
N SER A 4 -27.98 -12.54 -23.54
CA SER A 4 -26.62 -12.51 -23.03
C SER A 4 -26.59 -12.22 -21.53
N GLY A 5 -26.22 -13.21 -20.75
CA GLY A 5 -26.06 -13.00 -19.33
C GLY A 5 -24.75 -12.32 -19.01
N VAL A 6 -24.57 -11.91 -17.78
CA VAL A 6 -23.34 -11.24 -17.38
C VAL A 6 -22.55 -12.11 -16.42
N GLU A 7 -21.23 -12.07 -16.52
CA GLU A 7 -20.36 -12.88 -15.68
C GLU A 7 -19.87 -12.09 -14.48
N GLY A 8 -19.25 -12.77 -13.54
CA GLY A 8 -18.74 -12.10 -12.36
C GLY A 8 -17.36 -11.52 -12.59
N LEU A 9 -17.14 -10.32 -12.09
CA LEU A 9 -15.86 -9.64 -12.22
C LEU A 9 -15.38 -9.16 -10.85
N SER A 10 -14.09 -9.04 -10.71
CA SER A 10 -13.51 -8.55 -9.47
C SER A 10 -12.96 -7.14 -9.68
N GLY A 11 -12.50 -6.51 -8.60
CA GLY A 11 -11.89 -5.21 -8.73
C GLY A 11 -10.39 -5.31 -8.88
N LYS A 12 -9.67 -4.29 -8.45
CA LYS A 12 -8.22 -4.31 -8.52
C LYS A 12 -7.67 -5.18 -7.40
N ARG A 13 -6.39 -5.48 -7.46
CA ARG A 13 -5.78 -6.41 -6.53
C ARG A 13 -4.61 -5.78 -5.80
N CYS A 14 -4.55 -6.02 -4.49
CA CYS A 14 -3.42 -5.58 -3.68
C CYS A 14 -3.10 -6.62 -2.62
N TRP A 15 -1.82 -6.90 -2.41
CA TRP A 15 -1.41 -7.81 -1.35
C TRP A 15 -0.98 -7.01 -0.14
N LEU A 16 -1.37 -7.48 1.03
CA LEU A 16 -1.09 -6.78 2.27
C LEU A 16 -0.30 -7.66 3.23
N ALA A 17 0.85 -7.16 3.68
CA ALA A 17 1.65 -7.85 4.66
C ALA A 17 1.88 -6.93 5.86
N VAL A 18 0.77 -6.37 6.33
CA VAL A 18 0.80 -5.53 7.51
C VAL A 18 0.56 -6.39 8.74
N ARG A 19 1.51 -6.35 9.66
CA ARG A 19 1.46 -7.18 10.86
C ARG A 19 0.66 -6.47 11.94
N ASN A 20 0.64 -5.15 11.87
CA ASN A 20 -0.17 -4.33 12.78
C ASN A 20 -1.65 -4.58 12.53
N ALA A 21 -2.33 -5.17 13.51
CA ALA A 21 -3.72 -5.60 13.36
C ALA A 21 -4.65 -4.43 13.04
N SER A 22 -4.68 -3.44 13.90
CA SER A 22 -5.59 -2.31 13.74
C SER A 22 -5.23 -1.50 12.50
N LEU A 23 -3.94 -1.42 12.19
CA LEU A 23 -3.47 -0.70 11.02
C LEU A 23 -3.88 -1.43 9.74
N CYS A 24 -3.67 -2.74 9.72
CA CYS A 24 -4.00 -3.57 8.56
C CYS A 24 -5.47 -3.42 8.20
N GLN A 25 -6.34 -3.58 9.19
CA GLN A 25 -7.77 -3.52 8.98
C GLN A 25 -8.21 -2.12 8.55
N PHE A 26 -7.49 -1.12 9.03
CA PHE A 26 -7.80 0.27 8.70
C PHE A 26 -7.56 0.55 7.22
N LEU A 27 -6.35 0.26 6.75
CA LEU A 27 -5.98 0.56 5.38
C LEU A 27 -6.75 -0.32 4.39
N GLU A 28 -6.90 -1.60 4.71
CA GLU A 28 -7.53 -2.54 3.80
C GLU A 28 -9.00 -2.18 3.56
N THR A 29 -9.70 -1.77 4.62
CA THR A 29 -11.09 -1.37 4.48
C THR A 29 -11.20 -0.07 3.69
N SER A 30 -10.21 0.80 3.87
CA SER A 30 -10.19 2.09 3.17
C SER A 30 -10.06 1.87 1.66
N LEU A 31 -9.14 1.00 1.25
CA LEU A 31 -8.94 0.75 -0.17
C LEU A 31 -10.06 -0.13 -0.74
N GLN A 32 -10.66 -0.95 0.10
CA GLN A 32 -11.75 -1.81 -0.32
C GLN A 32 -12.96 -0.99 -0.77
N ARG A 33 -13.09 0.20 -0.19
CA ARG A 33 -14.16 1.12 -0.58
C ARG A 33 -13.96 1.61 -2.01
N SER A 34 -12.76 1.41 -2.53
CA SER A 34 -12.41 1.87 -3.86
C SER A 34 -12.52 0.74 -4.88
N GLY A 35 -13.13 -0.36 -4.48
CA GLY A 35 -13.31 -1.48 -5.40
C GLY A 35 -12.05 -2.31 -5.54
N ILE A 36 -11.27 -2.37 -4.48
CA ILE A 36 -10.05 -3.16 -4.47
C ILE A 36 -10.19 -4.34 -3.52
N VAL A 37 -9.75 -5.51 -3.97
CA VAL A 37 -9.78 -6.70 -3.14
C VAL A 37 -8.40 -6.97 -2.56
N VAL A 38 -8.35 -7.28 -1.26
CA VAL A 38 -7.09 -7.46 -0.57
C VAL A 38 -6.75 -8.94 -0.47
N THR A 39 -5.46 -9.24 -0.55
CA THR A 39 -4.98 -10.58 -0.32
C THR A 39 -3.74 -10.56 0.58
N THR A 40 -3.83 -11.24 1.71
CA THR A 40 -2.75 -11.29 2.66
C THR A 40 -1.51 -11.93 2.06
N TYR A 41 -0.43 -11.15 1.94
CA TYR A 41 0.81 -11.67 1.40
C TYR A 41 1.65 -12.28 2.51
N GLU A 42 1.61 -13.58 2.61
CA GLU A 42 2.43 -14.30 3.56
C GLU A 42 3.73 -14.75 2.90
N GLY A 43 3.60 -15.22 1.67
CA GLY A 43 4.76 -15.64 0.91
C GLY A 43 4.35 -16.42 -0.33
N GLN A 44 3.19 -16.09 -0.88
CA GLN A 44 2.65 -16.80 -2.02
C GLN A 44 3.42 -16.47 -3.30
N GLU A 45 3.03 -15.39 -3.95
CA GLU A 45 3.66 -15.03 -5.22
C GLU A 45 3.69 -13.51 -5.39
N PRO A 46 4.80 -12.99 -5.93
CA PRO A 46 4.91 -11.58 -6.28
C PRO A 46 4.45 -11.33 -7.71
N THR A 47 3.48 -10.43 -7.87
CA THR A 47 2.94 -10.13 -9.18
C THR A 47 3.35 -8.73 -9.64
N PRO A 48 3.78 -8.60 -10.91
CA PRO A 48 4.23 -7.32 -11.47
C PRO A 48 3.09 -6.31 -11.62
N GLU A 49 1.86 -6.78 -11.49
CA GLU A 49 0.69 -5.91 -11.59
C GLU A 49 0.14 -5.63 -10.20
N ASP A 50 0.75 -6.23 -9.19
CA ASP A 50 0.26 -6.13 -7.83
C ASP A 50 1.21 -5.36 -6.94
N VAL A 51 0.68 -4.75 -5.90
CA VAL A 51 1.48 -3.99 -4.95
C VAL A 51 1.49 -4.65 -3.59
N LEU A 52 2.60 -4.51 -2.88
CA LEU A 52 2.72 -5.06 -1.54
C LEU A 52 2.71 -3.94 -0.51
N ILE A 53 1.64 -3.87 0.26
CA ILE A 53 1.55 -2.92 1.35
C ILE A 53 2.01 -3.58 2.65
N THR A 54 3.18 -3.19 3.12
CA THR A 54 3.84 -3.90 4.22
C THR A 54 4.06 -2.99 5.42
N ASP A 55 4.06 -3.57 6.60
CA ASP A 55 4.30 -2.83 7.84
C ASP A 55 5.28 -3.61 8.72
N GLU A 56 5.93 -2.90 9.64
CA GLU A 56 6.86 -3.50 10.61
C GLU A 56 8.21 -3.80 9.95
N VAL A 57 9.00 -4.63 10.62
CA VAL A 57 10.29 -5.01 10.10
C VAL A 57 10.20 -6.34 9.36
N VAL A 58 10.31 -6.28 8.04
CA VAL A 58 10.23 -7.48 7.22
C VAL A 58 11.41 -7.54 6.26
N SER A 59 11.77 -8.74 5.85
CA SER A 59 12.84 -8.93 4.89
C SER A 59 12.28 -9.49 3.58
N LYS A 60 10.96 -9.71 3.54
CA LYS A 60 10.31 -10.21 2.33
C LYS A 60 10.24 -9.11 1.29
N LYS A 61 11.22 -9.07 0.42
CA LYS A 61 11.28 -8.06 -0.62
C LYS A 61 10.37 -8.45 -1.78
N TRP A 62 9.34 -7.68 -2.00
CA TRP A 62 8.38 -7.93 -3.05
C TRP A 62 8.94 -7.46 -4.39
N GLN A 63 8.64 -8.20 -5.45
CA GLN A 63 9.05 -7.81 -6.79
C GLN A 63 7.84 -7.80 -7.73
N GLY A 64 7.31 -6.62 -7.95
CA GLY A 64 6.11 -6.49 -8.77
C GLY A 64 5.88 -5.07 -9.22
N ARG A 65 4.67 -4.56 -8.97
CA ARG A 65 4.31 -3.21 -9.36
C ARG A 65 4.96 -2.19 -8.43
N ALA A 66 4.72 -2.32 -7.13
CA ALA A 66 5.27 -1.41 -6.14
C ALA A 66 5.26 -2.04 -4.75
N VAL A 67 6.26 -1.67 -3.94
CA VAL A 67 6.36 -2.16 -2.58
C VAL A 67 6.39 -0.99 -1.60
N VAL A 68 5.36 -0.86 -0.79
CA VAL A 68 5.28 0.22 0.17
C VAL A 68 5.54 -0.32 1.57
N THR A 69 6.74 -0.11 2.07
CA THR A 69 7.12 -0.63 3.38
C THR A 69 7.17 0.47 4.44
N PHE A 70 6.34 0.33 5.47
CA PHE A 70 6.30 1.29 6.56
C PHE A 70 7.09 0.79 7.76
N CYS A 71 8.21 1.45 8.04
CA CYS A 71 9.07 1.08 9.15
C CYS A 71 9.62 2.33 9.81
N ARG A 72 10.12 2.21 11.03
CA ARG A 72 10.65 3.35 11.76
C ARG A 72 12.01 3.77 11.23
N ARG A 73 12.89 2.80 11.05
CA ARG A 73 14.23 3.07 10.53
C ARG A 73 14.33 2.62 9.08
N HIS A 74 13.67 1.51 8.78
CA HIS A 74 13.61 0.96 7.42
C HIS A 74 14.99 0.54 6.94
N ILE A 75 15.49 -0.54 7.52
CA ILE A 75 16.76 -1.10 7.11
C ILE A 75 16.54 -2.51 6.57
N GLY A 76 17.32 -2.89 5.57
CA GLY A 76 17.16 -4.19 4.95
C GLY A 76 16.38 -4.09 3.67
N ILE A 77 15.19 -3.52 3.78
CA ILE A 77 14.36 -3.26 2.61
C ILE A 77 14.77 -1.94 1.99
N PRO A 78 14.90 -1.90 0.64
CA PRO A 78 15.29 -0.68 -0.08
C PRO A 78 14.44 0.52 0.31
N LEU A 79 15.08 1.67 0.45
CA LEU A 79 14.39 2.88 0.85
C LEU A 79 14.03 3.74 -0.37
N GLU A 80 13.27 3.15 -1.28
CA GLU A 80 12.75 3.87 -2.43
C GLU A 80 13.89 4.29 -3.38
N LYS A 81 14.02 5.60 -3.61
CA LYS A 81 14.98 6.15 -4.57
C LYS A 81 14.88 5.46 -5.93
N ALA A 82 13.67 4.97 -6.23
CA ALA A 82 13.38 4.29 -7.49
C ALA A 82 11.87 4.11 -7.64
N PRO A 83 11.34 4.34 -8.85
CA PRO A 83 9.90 4.21 -9.13
C PRO A 83 9.44 2.75 -9.08
N GLY A 84 9.10 2.30 -7.88
CA GLY A 84 8.67 0.93 -7.69
C GLY A 84 8.80 0.52 -6.24
N GLU A 85 9.74 1.16 -5.55
CA GLU A 85 9.95 0.91 -4.13
C GLU A 85 9.62 2.18 -3.38
N TRP A 86 8.85 2.05 -2.30
CA TRP A 86 8.42 3.20 -1.53
C TRP A 86 8.79 3.05 -0.07
N VAL A 87 9.20 4.13 0.56
CA VAL A 87 9.63 4.11 1.94
C VAL A 87 8.83 5.12 2.76
N HIS A 88 8.32 4.70 3.90
CA HIS A 88 7.63 5.62 4.79
C HIS A 88 7.72 5.13 6.23
N SER A 89 7.76 6.08 7.15
CA SER A 89 7.74 5.76 8.56
C SER A 89 6.33 5.41 9.00
N VAL A 90 6.21 4.51 9.97
CA VAL A 90 4.91 4.20 10.56
C VAL A 90 4.40 5.39 11.37
N ALA A 91 4.62 5.35 12.69
CA ALA A 91 4.26 6.45 13.59
C ALA A 91 2.77 6.78 13.52
N ALA A 92 2.40 7.66 12.59
CA ALA A 92 1.02 8.03 12.37
C ALA A 92 0.66 7.81 10.90
N PRO A 93 0.48 6.55 10.49
CA PRO A 93 0.26 6.18 9.09
C PRO A 93 -1.16 6.49 8.60
N HIS A 94 -1.59 7.72 8.82
CA HIS A 94 -2.90 8.17 8.36
C HIS A 94 -2.77 8.73 6.95
N GLU A 95 -1.53 8.89 6.51
CA GLU A 95 -1.23 9.38 5.18
C GLU A 95 -0.95 8.22 4.25
N LEU A 96 -0.84 7.04 4.85
CA LEU A 96 -0.59 5.80 4.11
C LEU A 96 -1.67 5.55 3.05
N PRO A 97 -2.98 5.60 3.39
CA PRO A 97 -4.05 5.40 2.40
C PRO A 97 -4.00 6.43 1.28
N ALA A 98 -3.49 7.62 1.59
CA ALA A 98 -3.35 8.68 0.60
C ALA A 98 -2.18 8.39 -0.33
N LEU A 99 -1.10 7.86 0.23
CA LEU A 99 0.07 7.47 -0.54
C LEU A 99 -0.30 6.34 -1.50
N LEU A 100 -1.05 5.37 -0.98
CA LEU A 100 -1.51 4.24 -1.79
C LEU A 100 -2.39 4.74 -2.92
N ALA A 101 -3.28 5.68 -2.61
CA ALA A 101 -4.15 6.27 -3.61
C ALA A 101 -3.33 6.98 -4.68
N ARG A 102 -2.31 7.71 -4.25
CA ARG A 102 -1.42 8.42 -5.17
C ARG A 102 -0.75 7.42 -6.14
N ILE A 103 -0.32 6.28 -5.61
CA ILE A 103 0.29 5.24 -6.43
C ILE A 103 -0.71 4.69 -7.44
N TYR A 104 -1.95 4.52 -6.99
CA TYR A 104 -3.01 3.98 -7.84
C TYR A 104 -3.63 5.07 -8.72
N LEU A 105 -3.03 6.26 -8.70
CA LEU A 105 -3.48 7.38 -9.51
C LEU A 105 -4.88 7.84 -9.12
N ILE A 106 -5.14 7.83 -7.83
CA ILE A 106 -6.41 8.31 -7.30
C ILE A 106 -6.27 9.76 -6.84
N GLU A 107 -7.35 10.50 -6.94
CA GLU A 107 -7.38 11.94 -6.64
C GLU A 107 -7.00 12.24 -5.19
N MET A 108 -7.15 11.26 -4.32
CA MET A 108 -6.93 11.46 -2.89
C MET A 108 -5.44 11.41 -2.54
N GLU A 109 -4.69 12.36 -3.09
CA GLU A 109 -3.28 12.53 -2.73
C GLU A 109 -3.09 13.87 -2.03
N SER A 110 -2.50 13.83 -0.84
CA SER A 110 -2.30 15.04 -0.06
C SER A 110 -1.06 14.92 0.83
N ASP A 111 -0.78 15.95 1.60
CA ASP A 111 0.38 15.98 2.49
C ASP A 111 0.00 16.51 3.87
N ASP A 112 0.51 15.86 4.90
CA ASP A 112 0.24 16.28 6.27
C ASP A 112 1.48 16.07 7.14
N PRO A 113 2.22 17.15 7.43
CA PRO A 113 3.42 17.07 8.26
C PRO A 113 3.09 16.85 9.73
N ALA A 114 1.99 17.47 10.20
CA ALA A 114 1.59 17.41 11.60
C ALA A 114 2.76 17.70 12.53
N ASN A 115 3.45 18.79 12.26
CA ASN A 115 4.69 19.10 12.96
C ASN A 115 4.65 20.48 13.60
N ALA A 116 4.86 20.52 14.91
CA ALA A 116 4.96 21.76 15.65
C ALA A 116 5.92 21.57 16.82
N LEU A 117 7.20 21.52 16.51
CA LEU A 117 8.22 21.20 17.49
C LEU A 117 8.66 22.42 18.27
N PRO A 118 8.37 22.45 19.58
CA PRO A 118 8.76 23.54 20.46
C PRO A 118 10.07 23.26 21.17
N SER A 119 10.39 24.07 22.16
CA SER A 119 11.55 23.83 22.99
C SER A 119 11.18 22.89 24.13
N THR A 120 12.12 22.04 24.53
CA THR A 120 11.89 21.09 25.61
C THR A 120 12.85 21.32 26.76
N ASP A 121 13.59 22.42 26.66
CA ASP A 121 14.57 22.79 27.69
C ASP A 121 14.90 24.27 27.56
N MET A 1 -36.06 -18.32 -27.31
CA MET A 1 -35.80 -17.26 -26.30
C MET A 1 -34.37 -17.36 -25.79
N GLY A 2 -33.79 -16.24 -25.41
CA GLY A 2 -32.43 -16.23 -24.90
C GLY A 2 -32.38 -16.44 -23.40
N GLY A 3 -31.53 -15.67 -22.74
CA GLY A 3 -31.37 -15.81 -21.30
C GLY A 3 -29.92 -16.02 -20.91
N SER A 4 -29.03 -15.26 -21.53
CA SER A 4 -27.60 -15.38 -21.27
C SER A 4 -27.16 -14.41 -20.17
N GLY A 5 -25.90 -14.51 -19.78
CA GLY A 5 -25.34 -13.63 -18.79
C GLY A 5 -23.84 -13.76 -18.71
N VAL A 6 -23.18 -12.73 -18.18
CA VAL A 6 -21.73 -12.75 -18.06
C VAL A 6 -21.31 -12.40 -16.63
N GLU A 7 -21.13 -13.42 -15.81
CA GLU A 7 -20.73 -13.23 -14.42
C GLU A 7 -19.20 -13.16 -14.32
N GLY A 8 -18.63 -12.07 -14.82
CA GLY A 8 -17.20 -11.88 -14.76
C GLY A 8 -16.77 -11.07 -13.56
N LEU A 9 -15.81 -11.59 -12.80
CA LEU A 9 -15.36 -10.92 -11.58
C LEU A 9 -14.38 -9.81 -11.92
N SER A 10 -14.56 -8.67 -11.26
CA SER A 10 -13.72 -7.51 -11.51
C SER A 10 -13.17 -6.96 -10.20
N GLY A 11 -12.07 -6.21 -10.29
CA GLY A 11 -11.46 -5.62 -9.12
C GLY A 11 -9.95 -5.75 -9.15
N LYS A 12 -9.26 -4.74 -8.64
CA LYS A 12 -7.80 -4.76 -8.58
C LYS A 12 -7.34 -5.47 -7.31
N ARG A 13 -6.13 -6.00 -7.33
CA ARG A 13 -5.62 -6.77 -6.21
C ARG A 13 -4.39 -6.11 -5.60
N CYS A 14 -4.25 -6.26 -4.29
CA CYS A 14 -3.05 -5.81 -3.58
C CYS A 14 -2.74 -6.79 -2.46
N TRP A 15 -1.48 -6.84 -2.06
CA TRP A 15 -1.08 -7.73 -0.99
C TRP A 15 -0.66 -6.92 0.23
N LEU A 16 -1.08 -7.39 1.39
CA LEU A 16 -0.83 -6.68 2.63
C LEU A 16 0.00 -7.54 3.57
N ALA A 17 1.14 -7.02 3.99
CA ALA A 17 1.99 -7.70 4.95
C ALA A 17 2.30 -6.76 6.11
N VAL A 18 1.25 -6.19 6.68
CA VAL A 18 1.37 -5.27 7.80
C VAL A 18 1.34 -6.04 9.11
N ARG A 19 2.29 -5.74 9.99
CA ARG A 19 2.38 -6.43 11.27
C ARG A 19 1.43 -5.79 12.28
N ASN A 20 1.26 -4.47 12.15
CA ASN A 20 0.32 -3.72 12.96
C ASN A 20 -1.11 -4.16 12.65
N ALA A 21 -1.68 -4.98 13.53
CA ALA A 21 -2.99 -5.61 13.29
C ALA A 21 -4.09 -4.58 13.09
N SER A 22 -4.19 -3.62 14.00
CA SER A 22 -5.22 -2.60 13.94
C SER A 22 -5.02 -1.69 12.72
N LEU A 23 -3.77 -1.31 12.48
CA LEU A 23 -3.43 -0.47 11.35
C LEU A 23 -3.69 -1.19 10.03
N CYS A 24 -3.36 -2.48 10.00
CA CYS A 24 -3.58 -3.29 8.81
C CYS A 24 -5.04 -3.29 8.41
N GLN A 25 -5.92 -3.56 9.37
CA GLN A 25 -7.35 -3.61 9.11
C GLN A 25 -7.89 -2.23 8.77
N PHE A 26 -7.24 -1.19 9.30
CA PHE A 26 -7.65 0.18 9.04
C PHE A 26 -7.45 0.54 7.58
N LEU A 27 -6.22 0.39 7.09
CA LEU A 27 -5.88 0.80 5.74
C LEU A 27 -6.55 -0.08 4.70
N GLU A 28 -6.71 -1.36 5.00
CA GLU A 28 -7.33 -2.28 4.05
C GLU A 28 -8.80 -1.90 3.85
N THR A 29 -9.46 -1.45 4.90
CA THR A 29 -10.85 -1.03 4.81
C THR A 29 -10.99 0.22 3.95
N SER A 30 -10.07 1.17 4.12
CA SER A 30 -10.10 2.40 3.35
C SER A 30 -9.84 2.11 1.88
N LEU A 31 -8.96 1.14 1.63
CA LEU A 31 -8.62 0.73 0.28
C LEU A 31 -9.79 0.01 -0.39
N GLN A 32 -10.46 -0.86 0.36
CA GLN A 32 -11.57 -1.64 -0.18
C GLN A 32 -12.77 -0.75 -0.49
N ARG A 33 -12.84 0.41 0.15
CA ARG A 33 -13.89 1.38 -0.15
C ARG A 33 -13.76 1.89 -1.57
N SER A 34 -12.60 1.68 -2.16
CA SER A 34 -12.33 2.08 -3.53
C SER A 34 -12.76 0.97 -4.51
N GLY A 35 -13.05 -0.21 -3.99
CA GLY A 35 -13.41 -1.32 -4.85
C GLY A 35 -12.24 -2.24 -5.13
N ILE A 36 -11.18 -2.08 -4.36
CA ILE A 36 -9.98 -2.88 -4.51
C ILE A 36 -9.96 -3.99 -3.47
N VAL A 37 -9.55 -5.18 -3.87
CA VAL A 37 -9.48 -6.32 -2.96
C VAL A 37 -8.06 -6.50 -2.44
N VAL A 38 -7.95 -7.03 -1.23
CA VAL A 38 -6.65 -7.18 -0.59
C VAL A 38 -6.47 -8.59 -0.02
N THR A 39 -5.26 -9.11 -0.15
CA THR A 39 -4.93 -10.42 0.40
C THR A 39 -3.64 -10.33 1.21
N THR A 40 -3.60 -11.04 2.34
CA THR A 40 -2.40 -11.08 3.16
C THR A 40 -1.28 -11.83 2.44
N TYR A 41 -0.16 -11.17 2.22
CA TYR A 41 0.96 -11.78 1.53
C TYR A 41 1.73 -12.71 2.46
N GLU A 42 1.48 -14.00 2.31
CA GLU A 42 2.11 -15.00 3.16
C GLU A 42 2.57 -16.20 2.33
N GLY A 43 3.67 -16.02 1.61
CA GLY A 43 4.23 -17.09 0.82
C GLY A 43 3.51 -17.31 -0.50
N GLN A 44 3.09 -16.23 -1.12
CA GLN A 44 2.44 -16.31 -2.43
C GLN A 44 3.33 -15.72 -3.52
N GLU A 45 2.79 -15.62 -4.72
CA GLU A 45 3.56 -15.12 -5.87
C GLU A 45 3.29 -13.65 -6.12
N PRO A 46 4.33 -12.89 -6.49
CA PRO A 46 4.21 -11.49 -6.85
C PRO A 46 3.64 -11.29 -8.25
N THR A 47 2.82 -10.26 -8.42
CA THR A 47 2.24 -9.94 -9.71
C THR A 47 2.62 -8.53 -10.15
N PRO A 48 2.90 -8.32 -11.45
CA PRO A 48 3.29 -7.01 -12.00
C PRO A 48 2.30 -5.89 -11.69
N GLU A 49 1.03 -6.22 -11.52
CA GLU A 49 0.02 -5.21 -11.22
C GLU A 49 -0.40 -5.26 -9.76
N ASP A 50 0.36 -5.99 -8.95
CA ASP A 50 0.06 -6.11 -7.54
C ASP A 50 1.11 -5.36 -6.72
N VAL A 51 0.67 -4.68 -5.68
CA VAL A 51 1.59 -3.98 -4.80
C VAL A 51 1.67 -4.68 -3.45
N LEU A 52 2.84 -4.62 -2.83
CA LEU A 52 3.03 -5.16 -1.50
C LEU A 52 3.10 -4.02 -0.49
N ILE A 53 2.09 -3.94 0.36
CA ILE A 53 2.09 -2.95 1.43
C ILE A 53 2.59 -3.58 2.71
N THR A 54 3.81 -3.24 3.09
CA THR A 54 4.47 -3.90 4.22
C THR A 54 4.66 -2.94 5.39
N ASP A 55 4.65 -3.47 6.59
CA ASP A 55 4.85 -2.68 7.79
C ASP A 55 5.77 -3.42 8.76
N GLU A 56 6.61 -2.66 9.46
CA GLU A 56 7.52 -3.21 10.47
C GLU A 56 8.64 -4.04 9.83
N VAL A 57 8.76 -5.30 10.23
CA VAL A 57 9.85 -6.14 9.75
C VAL A 57 9.32 -7.22 8.81
N VAL A 58 9.59 -7.05 7.53
CA VAL A 58 9.22 -8.05 6.52
C VAL A 58 10.42 -8.32 5.61
N SER A 59 11.05 -9.47 5.79
CA SER A 59 12.25 -9.82 5.04
C SER A 59 11.89 -10.38 3.66
N LYS A 60 11.17 -9.60 2.86
CA LYS A 60 10.85 -9.97 1.50
C LYS A 60 10.71 -8.73 0.62
N LYS A 61 11.60 -8.59 -0.34
CA LYS A 61 11.49 -7.50 -1.29
C LYS A 61 10.55 -7.90 -2.42
N TRP A 62 9.65 -6.99 -2.75
CA TRP A 62 8.57 -7.29 -3.69
C TRP A 62 8.95 -6.97 -5.12
N GLN A 63 8.91 -7.99 -5.96
CA GLN A 63 9.19 -7.83 -7.37
C GLN A 63 7.90 -7.89 -8.19
N GLY A 64 7.16 -6.79 -8.16
CA GLY A 64 5.91 -6.71 -8.90
C GLY A 64 5.65 -5.29 -9.36
N ARG A 65 4.56 -4.69 -8.90
CA ARG A 65 4.27 -3.30 -9.20
C ARG A 65 5.16 -2.38 -8.37
N ALA A 66 4.89 -2.31 -7.08
CA ALA A 66 5.66 -1.46 -6.18
C ALA A 66 5.57 -1.97 -4.76
N VAL A 67 6.52 -1.56 -3.93
CA VAL A 67 6.55 -1.96 -2.53
C VAL A 67 6.37 -0.75 -1.63
N VAL A 68 5.26 -0.69 -0.93
CA VAL A 68 5.02 0.38 0.01
C VAL A 68 5.49 -0.07 1.38
N THR A 69 6.72 0.27 1.70
CA THR A 69 7.35 -0.19 2.92
C THR A 69 7.29 0.87 4.01
N PHE A 70 6.42 0.64 4.98
CA PHE A 70 6.28 1.54 6.09
C PHE A 70 7.09 1.03 7.28
N CYS A 71 8.22 1.68 7.52
CA CYS A 71 9.11 1.30 8.61
C CYS A 71 9.72 2.56 9.21
N ARG A 72 10.26 2.43 10.42
CA ARG A 72 10.89 3.56 11.07
C ARG A 72 12.39 3.56 10.80
N ARG A 73 12.94 2.39 10.56
CA ARG A 73 14.37 2.25 10.27
C ARG A 73 14.58 1.19 9.20
N HIS A 74 15.72 1.26 8.52
CA HIS A 74 16.04 0.31 7.47
C HIS A 74 16.61 -0.98 8.07
N ILE A 75 15.73 -1.82 8.59
CA ILE A 75 16.15 -3.08 9.21
C ILE A 75 16.52 -4.11 8.14
N GLY A 76 15.72 -4.19 7.09
CA GLY A 76 15.95 -5.16 6.04
C GLY A 76 15.70 -4.59 4.67
N ILE A 77 14.52 -4.03 4.48
CA ILE A 77 14.16 -3.37 3.24
C ILE A 77 14.79 -1.98 3.20
N PRO A 78 15.40 -1.60 2.06
CA PRO A 78 16.07 -0.30 1.90
C PRO A 78 15.10 0.88 1.96
N LEU A 79 14.86 1.52 0.81
CA LEU A 79 14.00 2.68 0.76
C LEU A 79 13.67 3.04 -0.69
N GLU A 80 12.86 4.09 -0.87
CA GLU A 80 12.46 4.62 -2.17
C GLU A 80 13.65 5.00 -3.07
N LYS A 81 13.76 6.29 -3.38
CA LYS A 81 14.75 6.80 -4.33
C LYS A 81 14.65 6.06 -5.67
N ALA A 82 13.45 5.61 -5.99
CA ALA A 82 13.20 4.82 -7.19
C ALA A 82 11.70 4.72 -7.46
N PRO A 83 11.29 4.33 -8.68
CA PRO A 83 9.87 4.21 -9.03
C PRO A 83 9.29 2.83 -8.71
N GLY A 84 10.03 2.03 -7.95
CA GLY A 84 9.57 0.70 -7.61
C GLY A 84 9.51 0.47 -6.12
N GLU A 85 10.27 1.28 -5.38
CA GLU A 85 10.32 1.18 -3.94
C GLU A 85 9.74 2.45 -3.34
N TRP A 86 8.94 2.29 -2.30
CA TRP A 86 8.33 3.42 -1.60
C TRP A 86 8.62 3.31 -0.12
N VAL A 87 9.21 4.34 0.46
CA VAL A 87 9.54 4.32 1.88
C VAL A 87 8.82 5.43 2.63
N HIS A 88 8.35 5.11 3.82
CA HIS A 88 7.71 6.08 4.69
C HIS A 88 7.61 5.51 6.09
N SER A 89 7.76 6.35 7.09
CA SER A 89 7.63 5.91 8.46
C SER A 89 6.16 5.83 8.86
N VAL A 90 5.81 4.76 9.57
CA VAL A 90 4.43 4.56 10.00
C VAL A 90 4.03 5.61 11.02
N ALA A 91 3.17 6.52 10.61
CA ALA A 91 2.65 7.56 11.49
C ALA A 91 1.27 8.00 11.03
N ALA A 92 0.25 7.59 11.77
CA ALA A 92 -1.14 7.97 11.51
C ALA A 92 -1.71 7.29 10.27
N PRO A 93 -2.95 6.78 10.38
CA PRO A 93 -3.65 6.12 9.26
C PRO A 93 -4.12 7.11 8.19
N HIS A 94 -3.30 8.13 7.95
CA HIS A 94 -3.59 9.14 6.95
C HIS A 94 -2.61 9.02 5.79
N GLU A 95 -1.36 8.70 6.11
CA GLU A 95 -0.31 8.62 5.10
C GLU A 95 -0.44 7.37 4.25
N LEU A 96 -0.71 6.24 4.91
CA LEU A 96 -0.77 4.95 4.22
C LEU A 96 -1.82 4.92 3.11
N PRO A 97 -3.12 5.19 3.41
CA PRO A 97 -4.19 5.11 2.41
C PRO A 97 -4.01 6.15 1.30
N ALA A 98 -3.47 7.31 1.66
CA ALA A 98 -3.24 8.37 0.69
C ALA A 98 -2.16 7.97 -0.31
N LEU A 99 -1.03 7.50 0.22
CA LEU A 99 0.09 7.09 -0.62
C LEU A 99 -0.33 5.94 -1.55
N LEU A 100 -1.09 5.01 -1.00
CA LEU A 100 -1.57 3.86 -1.77
C LEU A 100 -2.43 4.31 -2.93
N ALA A 101 -3.38 5.19 -2.65
CA ALA A 101 -4.28 5.70 -3.67
C ALA A 101 -3.51 6.50 -4.71
N ARG A 102 -2.49 7.22 -4.26
CA ARG A 102 -1.65 8.02 -5.14
C ARG A 102 -0.87 7.11 -6.10
N ILE A 103 -0.43 5.96 -5.59
CA ILE A 103 0.33 5.00 -6.39
C ILE A 103 -0.52 4.46 -7.54
N TYR A 104 -1.76 4.11 -7.24
CA TYR A 104 -2.65 3.54 -8.25
C TYR A 104 -3.44 4.64 -8.98
N LEU A 105 -3.02 5.89 -8.76
CA LEU A 105 -3.61 7.05 -9.42
C LEU A 105 -5.12 7.13 -9.18
N ILE A 106 -5.54 6.84 -7.96
CA ILE A 106 -6.95 6.86 -7.61
C ILE A 106 -7.44 8.30 -7.45
N GLU A 107 -7.21 8.88 -6.27
CA GLU A 107 -7.74 10.20 -5.97
C GLU A 107 -7.01 10.83 -4.79
N MET A 108 -6.87 10.07 -3.71
CA MET A 108 -6.35 10.58 -2.45
C MET A 108 -4.89 10.98 -2.55
N GLU A 109 -4.56 12.09 -1.91
CA GLU A 109 -3.21 12.61 -1.85
C GLU A 109 -3.01 13.32 -0.51
N SER A 110 -1.82 13.21 0.07
CA SER A 110 -1.58 13.75 1.40
C SER A 110 -1.02 15.18 1.33
N ASP A 111 -1.81 16.14 1.80
CA ASP A 111 -1.37 17.53 1.82
C ASP A 111 -1.10 17.96 3.26
N ASP A 112 -0.23 18.95 3.41
CA ASP A 112 0.15 19.47 4.71
C ASP A 112 0.74 20.87 4.56
N PRO A 113 -0.10 21.89 4.64
CA PRO A 113 0.32 23.28 4.52
C PRO A 113 0.79 23.86 5.86
N ALA A 114 2.09 23.98 6.01
CA ALA A 114 2.65 24.57 7.23
C ALA A 114 2.78 26.08 7.10
N ASN A 115 1.91 26.80 7.80
CA ASN A 115 1.93 28.25 7.78
C ASN A 115 2.64 28.80 9.02
N ALA A 116 3.96 28.72 9.01
CA ALA A 116 4.75 29.12 10.17
C ALA A 116 5.52 30.40 9.89
N LEU A 117 5.00 31.51 10.36
CA LEU A 117 5.69 32.79 10.26
C LEU A 117 6.00 33.31 11.66
N PRO A 118 7.29 33.37 12.03
CA PRO A 118 7.71 33.81 13.36
C PRO A 118 7.50 35.31 13.57
N SER A 119 6.88 35.65 14.68
CA SER A 119 6.69 37.04 15.07
C SER A 119 7.98 37.59 15.68
N THR A 120 8.83 38.14 14.84
CA THR A 120 10.12 38.64 15.26
C THR A 120 10.01 39.96 16.01
N ASP A 121 9.58 39.88 17.26
CA ASP A 121 9.52 41.04 18.13
C ASP A 121 10.81 41.14 18.95
N MET A 1 -27.82 -25.93 -30.01
CA MET A 1 -28.18 -24.73 -30.79
C MET A 1 -27.38 -23.51 -30.30
N GLY A 2 -27.86 -22.88 -29.24
CA GLY A 2 -27.22 -21.67 -28.75
C GLY A 2 -26.27 -21.95 -27.62
N GLY A 3 -25.13 -21.29 -27.65
CA GLY A 3 -24.13 -21.45 -26.62
C GLY A 3 -23.33 -20.18 -26.42
N SER A 4 -23.19 -19.76 -25.17
CA SER A 4 -22.48 -18.52 -24.86
C SER A 4 -21.67 -18.70 -23.57
N GLY A 5 -20.55 -18.00 -23.48
CA GLY A 5 -19.71 -18.07 -22.31
C GLY A 5 -19.01 -16.76 -22.03
N VAL A 6 -19.45 -16.08 -20.97
CA VAL A 6 -18.84 -14.82 -20.57
C VAL A 6 -17.85 -15.06 -19.43
N GLU A 7 -16.67 -14.45 -19.54
CA GLU A 7 -15.62 -14.61 -18.54
C GLU A 7 -15.94 -13.80 -17.28
N GLY A 8 -15.71 -14.41 -16.12
CA GLY A 8 -15.82 -13.70 -14.87
C GLY A 8 -14.64 -12.78 -14.67
N LEU A 9 -14.90 -11.52 -14.33
CA LEU A 9 -13.86 -10.51 -14.23
C LEU A 9 -13.17 -10.55 -12.88
N SER A 10 -11.87 -10.29 -12.90
CA SER A 10 -11.08 -10.16 -11.69
C SER A 10 -10.86 -8.67 -11.39
N GLY A 11 -10.21 -8.38 -10.28
CA GLY A 11 -9.93 -7.01 -9.93
C GLY A 11 -8.47 -6.82 -9.54
N LYS A 12 -8.10 -5.59 -9.29
CA LYS A 12 -6.73 -5.28 -8.90
C LYS A 12 -6.50 -5.70 -7.46
N ARG A 13 -5.37 -6.34 -7.21
CA ARG A 13 -5.10 -6.93 -5.92
C ARG A 13 -4.07 -6.13 -5.13
N CYS A 14 -4.27 -6.06 -3.83
CA CYS A 14 -3.32 -5.42 -2.94
C CYS A 14 -2.92 -6.40 -1.83
N TRP A 15 -1.65 -6.78 -1.82
CA TRP A 15 -1.16 -7.72 -0.84
C TRP A 15 -0.62 -6.97 0.36
N LEU A 16 -1.21 -7.22 1.53
CA LEU A 16 -0.80 -6.51 2.72
C LEU A 16 -0.08 -7.45 3.68
N ALA A 17 1.11 -7.05 4.08
CA ALA A 17 1.86 -7.76 5.10
C ALA A 17 2.08 -6.84 6.28
N VAL A 18 0.98 -6.29 6.78
CA VAL A 18 1.01 -5.41 7.92
C VAL A 18 0.85 -6.23 9.20
N ARG A 19 1.79 -6.06 10.11
CA ARG A 19 1.77 -6.77 11.37
C ARG A 19 0.89 -6.02 12.36
N ASN A 20 0.81 -4.72 12.16
CA ASN A 20 -0.03 -3.87 13.00
C ASN A 20 -1.48 -3.93 12.53
N ALA A 21 -2.28 -4.72 13.26
CA ALA A 21 -3.67 -4.97 12.88
C ALA A 21 -4.49 -3.68 12.84
N SER A 22 -4.10 -2.71 13.65
CA SER A 22 -4.78 -1.43 13.68
C SER A 22 -4.66 -0.72 12.33
N LEU A 23 -3.43 -0.57 11.87
CA LEU A 23 -3.14 0.05 10.58
C LEU A 23 -3.72 -0.79 9.45
N CYS A 24 -3.52 -2.08 9.54
CA CYS A 24 -3.90 -3.00 8.49
C CYS A 24 -5.40 -2.94 8.21
N GLN A 25 -6.20 -2.89 9.27
CA GLN A 25 -7.65 -2.87 9.13
C GLN A 25 -8.13 -1.56 8.53
N PHE A 26 -7.59 -0.46 9.03
CA PHE A 26 -7.95 0.87 8.53
C PHE A 26 -7.62 0.97 7.05
N LEU A 27 -6.43 0.53 6.70
CA LEU A 27 -5.93 0.60 5.33
C LEU A 27 -6.71 -0.34 4.41
N GLU A 28 -6.90 -1.59 4.83
CA GLU A 28 -7.54 -2.59 3.98
C GLU A 28 -9.02 -2.25 3.72
N THR A 29 -9.68 -1.66 4.70
CA THR A 29 -11.06 -1.26 4.54
C THR A 29 -11.18 -0.07 3.59
N SER A 30 -10.28 0.89 3.75
CA SER A 30 -10.24 2.06 2.89
C SER A 30 -9.93 1.66 1.44
N LEU A 31 -9.03 0.70 1.30
CA LEU A 31 -8.62 0.20 -0.01
C LEU A 31 -9.76 -0.56 -0.69
N GLN A 32 -10.38 -1.46 0.07
CA GLN A 32 -11.48 -2.26 -0.46
C GLN A 32 -12.65 -1.40 -0.91
N ARG A 33 -12.84 -0.27 -0.22
CA ARG A 33 -13.91 0.66 -0.55
C ARG A 33 -13.68 1.29 -1.93
N SER A 34 -12.43 1.32 -2.36
CA SER A 34 -12.06 1.87 -3.67
C SER A 34 -12.29 0.84 -4.78
N GLY A 35 -12.58 -0.39 -4.39
CA GLY A 35 -12.76 -1.44 -5.38
C GLY A 35 -11.47 -2.19 -5.63
N ILE A 36 -10.73 -2.46 -4.57
CA ILE A 36 -9.49 -3.22 -4.64
C ILE A 36 -9.59 -4.43 -3.74
N VAL A 37 -9.31 -5.60 -4.28
CA VAL A 37 -9.36 -6.83 -3.49
C VAL A 37 -8.06 -7.00 -2.70
N VAL A 38 -8.15 -6.75 -1.41
CA VAL A 38 -7.00 -6.88 -0.53
C VAL A 38 -6.82 -8.32 -0.08
N THR A 39 -5.58 -8.74 0.08
CA THR A 39 -5.26 -10.08 0.54
C THR A 39 -3.98 -10.08 1.34
N THR A 40 -4.00 -10.80 2.45
CA THR A 40 -2.84 -10.92 3.31
C THR A 40 -1.69 -11.63 2.60
N TYR A 41 -0.55 -10.97 2.54
CA TYR A 41 0.64 -11.56 1.93
C TYR A 41 1.33 -12.47 2.93
N GLU A 42 0.97 -13.74 2.89
CA GLU A 42 1.55 -14.75 3.76
C GLU A 42 2.68 -15.47 3.03
N GLY A 43 2.44 -15.77 1.77
CA GLY A 43 3.42 -16.45 0.97
C GLY A 43 2.83 -16.96 -0.33
N GLN A 44 2.33 -16.05 -1.14
CA GLN A 44 1.67 -16.42 -2.39
C GLN A 44 2.41 -15.83 -3.59
N GLU A 45 1.69 -15.64 -4.69
CA GLU A 45 2.29 -15.18 -5.93
C GLU A 45 2.29 -13.65 -6.02
N PRO A 46 3.36 -13.08 -6.58
CA PRO A 46 3.44 -11.65 -6.87
C PRO A 46 3.05 -11.34 -8.31
N THR A 47 2.04 -10.50 -8.49
CA THR A 47 1.58 -10.13 -9.82
C THR A 47 2.12 -8.76 -10.23
N PRO A 48 2.53 -8.61 -11.50
CA PRO A 48 3.15 -7.37 -12.02
C PRO A 48 2.24 -6.14 -11.92
N GLU A 49 1.00 -6.32 -11.51
CA GLU A 49 0.08 -5.21 -11.36
C GLU A 49 -0.32 -5.03 -9.89
N ASP A 50 0.26 -5.86 -9.03
CA ASP A 50 -0.08 -5.87 -7.61
C ASP A 50 1.02 -5.20 -6.79
N VAL A 51 0.66 -4.70 -5.61
CA VAL A 51 1.61 -4.04 -4.73
C VAL A 51 1.66 -4.71 -3.36
N LEU A 52 2.83 -4.69 -2.74
CA LEU A 52 3.02 -5.22 -1.40
C LEU A 52 3.08 -4.08 -0.38
N ILE A 53 2.04 -3.94 0.41
CA ILE A 53 2.02 -2.96 1.47
C ILE A 53 2.46 -3.61 2.77
N THR A 54 3.66 -3.29 3.21
CA THR A 54 4.27 -3.97 4.36
C THR A 54 4.47 -2.99 5.52
N ASP A 55 4.47 -3.51 6.75
CA ASP A 55 4.69 -2.66 7.92
C ASP A 55 5.71 -3.29 8.86
N GLU A 56 6.37 -2.44 9.66
CA GLU A 56 7.31 -2.87 10.69
C GLU A 56 8.63 -3.36 10.09
N VAL A 57 9.02 -4.59 10.44
CA VAL A 57 10.29 -5.14 9.97
C VAL A 57 10.10 -5.89 8.64
N VAL A 58 10.90 -5.50 7.66
CA VAL A 58 10.86 -6.14 6.36
C VAL A 58 12.27 -6.49 5.90
N SER A 59 12.46 -7.72 5.45
CA SER A 59 13.72 -8.14 4.87
C SER A 59 13.46 -8.93 3.59
N LYS A 60 12.28 -8.74 3.03
CA LYS A 60 11.87 -9.42 1.81
C LYS A 60 11.61 -8.39 0.72
N LYS A 61 11.89 -8.76 -0.51
CA LYS A 61 11.66 -7.88 -1.64
C LYS A 61 10.44 -8.33 -2.43
N TRP A 62 9.80 -7.38 -3.09
CA TRP A 62 8.63 -7.65 -3.89
C TRP A 62 8.87 -7.24 -5.34
N GLN A 63 8.47 -8.08 -6.27
CA GLN A 63 8.57 -7.74 -7.69
C GLN A 63 7.30 -7.01 -8.14
N GLY A 64 6.39 -7.75 -8.77
CA GLY A 64 5.08 -7.23 -9.12
C GLY A 64 5.11 -5.84 -9.70
N ARG A 65 4.21 -4.99 -9.22
CA ARG A 65 4.16 -3.59 -9.63
C ARG A 65 5.13 -2.75 -8.79
N ALA A 66 4.84 -2.61 -7.50
CA ALA A 66 5.66 -1.79 -6.62
C ALA A 66 5.48 -2.20 -5.15
N VAL A 67 6.39 -1.73 -4.31
CA VAL A 67 6.33 -2.03 -2.87
C VAL A 67 6.11 -0.76 -2.06
N VAL A 68 5.28 -0.88 -1.03
CA VAL A 68 5.03 0.22 -0.11
C VAL A 68 5.46 -0.20 1.29
N THR A 69 6.65 0.23 1.68
CA THR A 69 7.24 -0.19 2.94
C THR A 69 7.06 0.87 4.03
N PHE A 70 6.20 0.56 4.99
CA PHE A 70 6.01 1.41 6.14
C PHE A 70 6.75 0.80 7.33
N CYS A 71 7.99 1.22 7.53
CA CYS A 71 8.85 0.61 8.54
C CYS A 71 8.83 1.40 9.84
N ARG A 72 9.11 0.69 10.93
CA ARG A 72 9.26 1.32 12.23
C ARG A 72 10.64 1.01 12.79
N ARG A 73 11.51 0.51 11.93
CA ARG A 73 12.86 0.15 12.31
C ARG A 73 13.79 0.33 11.13
N HIS A 74 15.09 0.27 11.38
CA HIS A 74 16.08 0.45 10.33
C HIS A 74 16.57 -0.91 9.84
N ILE A 75 16.11 -1.28 8.65
CA ILE A 75 16.48 -2.54 8.05
C ILE A 75 17.12 -2.31 6.68
N GLY A 76 17.61 -3.39 6.06
CA GLY A 76 18.26 -3.28 4.77
C GLY A 76 17.27 -3.22 3.63
N ILE A 77 16.28 -2.36 3.76
CA ILE A 77 15.27 -2.18 2.73
C ILE A 77 15.67 -1.03 1.81
N PRO A 78 15.50 -1.21 0.49
CA PRO A 78 15.90 -0.22 -0.52
C PRO A 78 15.12 1.08 -0.38
N LEU A 79 14.02 1.01 0.37
CA LEU A 79 13.20 2.16 0.79
C LEU A 79 12.51 2.88 -0.36
N GLU A 80 13.27 3.36 -1.33
CA GLU A 80 12.72 4.17 -2.42
C GLU A 80 13.86 4.55 -3.38
N LYS A 81 14.01 5.86 -3.63
CA LYS A 81 14.98 6.38 -4.59
C LYS A 81 14.77 5.72 -5.96
N ALA A 82 13.54 5.32 -6.20
CA ALA A 82 13.14 4.65 -7.43
C ALA A 82 11.63 4.47 -7.41
N PRO A 83 10.94 4.67 -8.53
CA PRO A 83 9.48 4.53 -8.63
C PRO A 83 9.01 3.07 -8.55
N GLY A 84 9.72 2.28 -7.76
CA GLY A 84 9.35 0.90 -7.55
C GLY A 84 9.29 0.56 -6.08
N GLU A 85 9.94 1.38 -5.27
CA GLU A 85 9.98 1.19 -3.83
C GLU A 85 9.54 2.46 -3.15
N TRP A 86 8.66 2.33 -2.17
CA TRP A 86 8.18 3.50 -1.42
C TRP A 86 8.48 3.32 0.06
N VAL A 87 8.87 4.39 0.72
CA VAL A 87 9.24 4.34 2.12
C VAL A 87 8.47 5.35 2.94
N HIS A 88 8.11 4.95 4.16
CA HIS A 88 7.47 5.85 5.11
C HIS A 88 7.48 5.24 6.50
N SER A 89 7.66 6.06 7.51
CA SER A 89 7.56 5.61 8.88
C SER A 89 6.12 5.23 9.20
N VAL A 90 5.92 4.02 9.68
CA VAL A 90 4.58 3.54 10.00
C VAL A 90 4.12 4.07 11.38
N ALA A 91 4.34 5.36 11.58
CA ALA A 91 3.95 6.03 12.81
C ALA A 91 2.76 6.95 12.56
N ALA A 92 2.35 7.03 11.30
CA ALA A 92 1.24 7.88 10.90
C ALA A 92 0.39 7.21 9.84
N PRO A 93 -0.72 6.58 10.26
CA PRO A 93 -1.65 5.92 9.35
C PRO A 93 -2.49 6.92 8.55
N HIS A 94 -2.40 8.18 8.92
CA HIS A 94 -3.15 9.24 8.25
C HIS A 94 -2.70 9.43 6.82
N GLU A 95 -1.43 9.17 6.55
CA GLU A 95 -0.87 9.39 5.22
C GLU A 95 -0.66 8.06 4.49
N LEU A 96 -1.13 6.98 5.09
CA LEU A 96 -0.96 5.66 4.52
C LEU A 96 -1.90 5.43 3.31
N PRO A 97 -3.23 5.61 3.48
CA PRO A 97 -4.17 5.44 2.36
C PRO A 97 -3.98 6.51 1.30
N ALA A 98 -3.51 7.67 1.72
CA ALA A 98 -3.24 8.77 0.80
C ALA A 98 -2.08 8.43 -0.12
N LEU A 99 -1.09 7.72 0.43
CA LEU A 99 0.05 7.26 -0.35
C LEU A 99 -0.38 6.17 -1.33
N LEU A 100 -1.16 5.21 -0.83
CA LEU A 100 -1.65 4.11 -1.63
C LEU A 100 -2.49 4.62 -2.79
N ALA A 101 -3.37 5.58 -2.50
CA ALA A 101 -4.21 6.17 -3.52
C ALA A 101 -3.39 6.79 -4.63
N ARG A 102 -2.36 7.54 -4.26
CA ARG A 102 -1.50 8.22 -5.23
C ARG A 102 -0.88 7.22 -6.20
N ILE A 103 -0.53 6.04 -5.68
CA ILE A 103 0.06 4.99 -6.49
C ILE A 103 -0.98 4.40 -7.46
N TYR A 104 -2.21 4.22 -6.98
CA TYR A 104 -3.26 3.58 -7.77
C TYR A 104 -4.09 4.59 -8.55
N LEU A 105 -3.53 5.79 -8.77
CA LEU A 105 -4.17 6.84 -9.56
C LEU A 105 -5.48 7.28 -8.91
N ILE A 106 -5.49 7.34 -7.59
CA ILE A 106 -6.64 7.80 -6.83
C ILE A 106 -6.24 9.03 -6.02
N GLU A 107 -7.21 9.84 -5.65
CA GLU A 107 -6.93 11.01 -4.82
C GLU A 107 -7.54 10.85 -3.44
N MET A 108 -6.74 11.11 -2.44
CA MET A 108 -7.20 11.10 -1.06
C MET A 108 -6.81 12.39 -0.39
N GLU A 109 -7.57 12.80 0.62
CA GLU A 109 -7.32 14.07 1.29
C GLU A 109 -6.14 13.94 2.26
N SER A 110 -5.09 14.66 1.96
CA SER A 110 -3.93 14.73 2.85
C SER A 110 -4.07 15.96 3.75
N ASP A 111 -4.85 15.80 4.80
CA ASP A 111 -5.21 16.92 5.66
C ASP A 111 -4.14 17.19 6.71
N ASP A 112 -3.80 18.46 6.85
CA ASP A 112 -2.96 18.92 7.96
C ASP A 112 -3.51 20.24 8.50
N PRO A 113 -3.98 20.23 9.76
CA PRO A 113 -4.53 21.41 10.41
C PRO A 113 -3.45 22.29 11.04
N ALA A 114 -3.46 23.57 10.68
CA ALA A 114 -2.46 24.50 11.18
C ALA A 114 -2.98 25.27 12.39
N ASN A 115 -2.29 25.10 13.51
CA ASN A 115 -2.67 25.77 14.75
C ASN A 115 -1.43 26.41 15.38
N ALA A 116 -1.49 27.70 15.62
CA ALA A 116 -0.36 28.43 16.18
C ALA A 116 -0.29 28.30 17.69
N LEU A 117 0.79 28.78 18.29
CA LEU A 117 1.00 28.66 19.72
C LEU A 117 0.96 30.03 20.39
N PRO A 118 0.13 30.18 21.43
CA PRO A 118 0.06 31.42 22.22
C PRO A 118 1.34 31.67 23.00
N SER A 119 1.60 32.92 23.34
CA SER A 119 2.82 33.28 24.05
C SER A 119 2.56 34.39 25.07
N THR A 120 3.28 34.30 26.19
CA THR A 120 3.21 35.30 27.25
C THR A 120 1.76 35.49 27.75
N ASP A 121 1.37 36.74 28.00
CA ASP A 121 0.04 37.02 28.50
C ASP A 121 -0.34 38.45 28.15
N MET A 1 -28.69 -26.23 -31.14
CA MET A 1 -28.54 -24.79 -30.80
C MET A 1 -28.00 -24.66 -29.38
N GLY A 2 -27.20 -23.62 -29.14
CA GLY A 2 -26.61 -23.44 -27.84
C GLY A 2 -27.07 -22.17 -27.15
N GLY A 3 -26.86 -22.10 -25.85
CA GLY A 3 -27.23 -20.92 -25.09
C GLY A 3 -26.27 -20.68 -23.94
N SER A 4 -24.99 -20.61 -24.27
CA SER A 4 -23.96 -20.45 -23.26
C SER A 4 -23.14 -19.18 -23.50
N GLY A 5 -23.05 -18.35 -22.47
CA GLY A 5 -22.27 -17.13 -22.58
C GLY A 5 -21.40 -16.91 -21.35
N VAL A 6 -20.09 -16.84 -21.56
CA VAL A 6 -19.17 -16.68 -20.45
C VAL A 6 -18.64 -15.25 -20.37
N GLU A 7 -18.35 -14.80 -19.15
CA GLU A 7 -17.83 -13.47 -18.92
C GLU A 7 -16.38 -13.54 -18.47
N GLY A 8 -15.71 -12.39 -18.44
CA GLY A 8 -14.35 -12.33 -17.96
C GLY A 8 -14.22 -11.49 -16.71
N LEU A 9 -14.37 -12.12 -15.56
CA LEU A 9 -14.32 -11.42 -14.28
C LEU A 9 -12.88 -11.32 -13.77
N SER A 10 -12.39 -10.11 -13.65
CA SER A 10 -11.03 -9.88 -13.14
C SER A 10 -11.08 -9.27 -11.75
N GLY A 11 -9.94 -8.81 -11.27
CA GLY A 11 -9.87 -8.17 -9.97
C GLY A 11 -8.46 -7.78 -9.60
N LYS A 12 -8.26 -6.50 -9.29
CA LYS A 12 -6.97 -6.00 -8.85
C LYS A 12 -6.75 -6.37 -7.40
N ARG A 13 -5.52 -6.71 -7.05
CA ARG A 13 -5.24 -7.19 -5.70
C ARG A 13 -4.26 -6.28 -4.98
N CYS A 14 -4.35 -6.29 -3.67
CA CYS A 14 -3.41 -5.57 -2.83
C CYS A 14 -2.89 -6.51 -1.75
N TRP A 15 -1.61 -6.81 -1.80
CA TRP A 15 -1.03 -7.76 -0.87
C TRP A 15 -0.52 -7.04 0.35
N LEU A 16 -1.10 -7.37 1.49
CA LEU A 16 -0.81 -6.69 2.73
C LEU A 16 0.01 -7.59 3.64
N ALA A 17 1.19 -7.13 3.99
CA ALA A 17 2.05 -7.84 4.93
C ALA A 17 2.31 -6.96 6.13
N VAL A 18 1.23 -6.46 6.70
CA VAL A 18 1.29 -5.58 7.84
C VAL A 18 1.07 -6.38 9.11
N ARG A 19 1.99 -6.24 10.06
CA ARG A 19 1.92 -6.95 11.32
C ARG A 19 1.14 -6.13 12.33
N ASN A 20 1.19 -4.83 12.15
CA ASN A 20 0.37 -3.89 12.93
C ASN A 20 -1.11 -4.19 12.68
N ALA A 21 -1.74 -4.90 13.60
CA ALA A 21 -3.10 -5.41 13.41
C ALA A 21 -4.09 -4.27 13.18
N SER A 22 -4.08 -3.28 14.07
CA SER A 22 -5.00 -2.16 13.97
C SER A 22 -4.78 -1.38 12.68
N LEU A 23 -3.52 -1.15 12.35
CA LEU A 23 -3.15 -0.45 11.13
C LEU A 23 -3.57 -1.24 9.89
N CYS A 24 -3.38 -2.55 9.95
CA CYS A 24 -3.69 -3.44 8.83
C CYS A 24 -5.15 -3.33 8.44
N GLN A 25 -6.05 -3.49 9.42
CA GLN A 25 -7.48 -3.49 9.14
C GLN A 25 -7.95 -2.11 8.69
N PHE A 26 -7.28 -1.07 9.17
CA PHE A 26 -7.62 0.29 8.79
C PHE A 26 -7.34 0.52 7.30
N LEU A 27 -6.12 0.23 6.88
CA LEU A 27 -5.70 0.50 5.51
C LEU A 27 -6.42 -0.40 4.52
N GLU A 28 -6.68 -1.65 4.90
CA GLU A 28 -7.32 -2.60 3.98
C GLU A 28 -8.75 -2.16 3.67
N THR A 29 -9.50 -1.73 4.68
CA THR A 29 -10.86 -1.25 4.47
C THR A 29 -10.86 0.02 3.62
N SER A 30 -9.84 0.84 3.79
CA SER A 30 -9.73 2.08 3.04
C SER A 30 -9.47 1.81 1.55
N LEU A 31 -8.58 0.89 1.25
CA LEU A 31 -8.24 0.57 -0.15
C LEU A 31 -9.39 -0.17 -0.83
N GLN A 32 -10.01 -1.07 -0.09
CA GLN A 32 -11.10 -1.87 -0.63
C GLN A 32 -12.34 -1.03 -0.92
N ARG A 33 -12.32 0.22 -0.46
CA ARG A 33 -13.39 1.16 -0.73
C ARG A 33 -13.55 1.38 -2.23
N SER A 34 -12.42 1.38 -2.92
CA SER A 34 -12.40 1.57 -4.37
C SER A 34 -12.91 0.32 -5.08
N GLY A 35 -12.42 -0.83 -4.66
CA GLY A 35 -12.79 -2.07 -5.30
C GLY A 35 -11.58 -2.95 -5.59
N ILE A 36 -10.60 -2.85 -4.72
CA ILE A 36 -9.38 -3.65 -4.84
C ILE A 36 -9.32 -4.64 -3.70
N VAL A 37 -9.31 -5.92 -4.03
CA VAL A 37 -9.37 -6.97 -3.02
C VAL A 37 -8.02 -7.14 -2.32
N VAL A 38 -8.05 -7.14 -1.00
CA VAL A 38 -6.86 -7.32 -0.20
C VAL A 38 -6.54 -8.79 0.00
N THR A 39 -5.27 -9.13 0.01
CA THR A 39 -4.83 -10.49 0.25
C THR A 39 -3.58 -10.47 1.14
N THR A 40 -3.53 -11.38 2.09
CA THR A 40 -2.41 -11.44 3.02
C THR A 40 -1.16 -12.01 2.35
N TYR A 41 -0.10 -11.21 2.31
CA TYR A 41 1.16 -11.62 1.73
C TYR A 41 1.87 -12.60 2.66
N GLU A 42 1.62 -13.88 2.45
CA GLU A 42 2.22 -14.92 3.28
C GLU A 42 3.28 -15.70 2.50
N GLY A 43 3.68 -15.15 1.36
CA GLY A 43 4.72 -15.77 0.56
C GLY A 43 4.20 -16.27 -0.77
N GLN A 44 3.50 -15.40 -1.49
CA GLN A 44 2.91 -15.78 -2.76
C GLN A 44 3.71 -15.19 -3.93
N GLU A 45 3.11 -15.18 -5.12
CA GLU A 45 3.77 -14.64 -6.29
C GLU A 45 3.34 -13.19 -6.53
N PRO A 46 4.32 -12.28 -6.64
CA PRO A 46 4.06 -10.86 -6.88
C PRO A 46 3.59 -10.58 -8.30
N THR A 47 2.43 -9.96 -8.43
CA THR A 47 1.89 -9.59 -9.73
C THR A 47 2.29 -8.16 -10.09
N PRO A 48 2.66 -7.90 -11.35
CA PRO A 48 3.11 -6.57 -11.81
C PRO A 48 2.02 -5.50 -11.74
N GLU A 49 0.84 -5.90 -11.31
CA GLU A 49 -0.27 -4.96 -11.18
C GLU A 49 -0.68 -4.81 -9.72
N ASP A 50 -0.03 -5.58 -8.86
CA ASP A 50 -0.39 -5.61 -7.45
C ASP A 50 0.63 -4.86 -6.60
N VAL A 51 0.21 -4.44 -5.42
CA VAL A 51 1.07 -3.67 -4.53
C VAL A 51 1.37 -4.44 -3.24
N LEU A 52 2.56 -4.22 -2.70
CA LEU A 52 2.97 -4.86 -1.46
C LEU A 52 2.95 -3.85 -0.31
N ILE A 53 1.81 -3.72 0.34
CA ILE A 53 1.70 -2.82 1.49
C ILE A 53 2.25 -3.52 2.73
N THR A 54 3.41 -3.09 3.18
CA THR A 54 4.13 -3.78 4.24
C THR A 54 4.27 -2.90 5.48
N ASP A 55 4.43 -3.53 6.63
CA ASP A 55 4.71 -2.81 7.87
C ASP A 55 5.85 -3.49 8.62
N GLU A 56 6.72 -2.67 9.21
CA GLU A 56 7.86 -3.17 9.99
C GLU A 56 8.93 -3.80 9.10
N VAL A 57 9.97 -4.34 9.71
CA VAL A 57 11.06 -4.95 8.96
C VAL A 57 10.77 -6.41 8.68
N VAL A 58 10.04 -6.66 7.59
CA VAL A 58 9.69 -8.01 7.17
C VAL A 58 10.86 -8.68 6.44
N SER A 59 11.71 -7.85 5.84
CA SER A 59 12.86 -8.33 5.07
C SER A 59 12.41 -9.27 3.95
N LYS A 60 11.41 -8.84 3.20
CA LYS A 60 10.93 -9.61 2.06
C LYS A 60 10.96 -8.75 0.81
N LYS A 61 10.87 -9.37 -0.36
CA LYS A 61 10.98 -8.65 -1.61
C LYS A 61 9.66 -8.63 -2.36
N TRP A 62 9.62 -7.86 -3.45
CA TRP A 62 8.43 -7.73 -4.26
C TRP A 62 8.83 -7.58 -5.72
N GLN A 63 7.97 -8.06 -6.61
CA GLN A 63 8.18 -7.93 -8.05
C GLN A 63 6.85 -7.63 -8.73
N GLY A 64 6.33 -6.44 -8.50
CA GLY A 64 5.03 -6.09 -9.02
C GLY A 64 4.94 -4.63 -9.39
N ARG A 65 3.78 -4.03 -9.10
CA ARG A 65 3.56 -2.63 -9.42
C ARG A 65 4.37 -1.72 -8.50
N ALA A 66 4.13 -1.85 -7.20
CA ALA A 66 4.86 -1.08 -6.21
C ALA A 66 4.72 -1.73 -4.84
N VAL A 67 5.68 -1.48 -3.97
CA VAL A 67 5.62 -1.97 -2.61
C VAL A 67 5.73 -0.79 -1.64
N VAL A 68 4.68 -0.58 -0.86
CA VAL A 68 4.62 0.53 0.08
C VAL A 68 4.90 0.03 1.49
N THR A 69 6.14 0.16 1.93
CA THR A 69 6.51 -0.30 3.25
C THR A 69 6.56 0.87 4.25
N PHE A 70 5.76 0.74 5.29
CA PHE A 70 5.79 1.68 6.38
C PHE A 70 6.65 1.11 7.50
N CYS A 71 7.92 1.51 7.49
CA CYS A 71 8.90 0.95 8.39
C CYS A 71 9.36 1.99 9.40
N ARG A 72 10.41 1.65 10.14
CA ARG A 72 10.95 2.55 11.14
C ARG A 72 12.41 2.87 10.82
N ARG A 73 13.20 3.18 11.84
CA ARG A 73 14.62 3.48 11.65
C ARG A 73 15.43 2.18 11.53
N HIS A 74 15.05 1.34 10.59
CA HIS A 74 15.72 0.07 10.36
C HIS A 74 15.71 -0.27 8.88
N ILE A 75 16.74 -0.97 8.42
CA ILE A 75 16.86 -1.30 7.00
C ILE A 75 16.80 -2.81 6.79
N GLY A 76 16.50 -3.21 5.56
CA GLY A 76 16.40 -4.62 5.25
C GLY A 76 15.35 -4.87 4.20
N ILE A 77 14.36 -4.01 4.18
CA ILE A 77 13.29 -4.07 3.18
C ILE A 77 13.53 -2.97 2.14
N PRO A 78 12.94 -3.11 0.92
CA PRO A 78 13.02 -2.08 -0.13
C PRO A 78 12.80 -0.67 0.40
N LEU A 79 13.91 0.06 0.56
CA LEU A 79 13.89 1.37 1.19
C LEU A 79 13.69 2.49 0.17
N GLU A 80 12.69 2.31 -0.70
CA GLU A 80 12.42 3.26 -1.76
C GLU A 80 13.67 3.47 -2.61
N LYS A 81 14.05 4.73 -2.83
CA LYS A 81 15.28 5.07 -3.56
C LYS A 81 15.25 4.53 -5.00
N ALA A 82 14.05 4.24 -5.48
CA ALA A 82 13.85 3.70 -6.80
C ALA A 82 12.35 3.65 -7.12
N PRO A 83 11.96 4.04 -8.34
CA PRO A 83 10.56 3.99 -8.77
C PRO A 83 9.99 2.57 -8.75
N GLY A 84 9.38 2.21 -7.64
CA GLY A 84 8.82 0.88 -7.49
C GLY A 84 8.74 0.48 -6.04
N GLU A 85 9.66 1.00 -5.25
CA GLU A 85 9.65 0.77 -3.81
C GLU A 85 9.28 2.07 -3.11
N TRP A 86 8.59 1.94 -1.99
CA TRP A 86 8.18 3.09 -1.20
C TRP A 86 8.55 2.85 0.26
N VAL A 87 9.21 3.82 0.87
CA VAL A 87 9.55 3.71 2.28
C VAL A 87 9.01 4.92 3.03
N HIS A 88 8.19 4.66 4.04
CA HIS A 88 7.56 5.71 4.82
C HIS A 88 7.50 5.32 6.29
N SER A 89 7.03 6.24 7.11
CA SER A 89 6.91 6.01 8.54
C SER A 89 5.55 5.42 8.87
N VAL A 90 5.48 4.66 9.97
CA VAL A 90 4.21 4.14 10.47
C VAL A 90 3.68 5.05 11.56
N ALA A 91 4.00 6.33 11.44
CA ALA A 91 3.69 7.30 12.49
C ALA A 91 2.37 8.01 12.23
N ALA A 92 2.16 8.43 11.00
CA ALA A 92 0.97 9.17 10.65
C ALA A 92 0.13 8.39 9.63
N PRO A 93 -0.90 7.68 10.11
CA PRO A 93 -1.81 6.92 9.25
C PRO A 93 -2.62 7.83 8.31
N HIS A 94 -2.57 9.14 8.58
CA HIS A 94 -3.25 10.12 7.74
C HIS A 94 -2.78 10.01 6.29
N GLU A 95 -1.49 9.77 6.10
CA GLU A 95 -0.91 9.72 4.77
C GLU A 95 -0.74 8.29 4.30
N LEU A 96 -1.25 7.33 5.06
CA LEU A 96 -1.12 5.93 4.72
C LEU A 96 -1.97 5.57 3.49
N PRO A 97 -3.31 5.68 3.56
CA PRO A 97 -4.17 5.37 2.41
C PRO A 97 -4.04 6.44 1.33
N ALA A 98 -3.60 7.62 1.75
CA ALA A 98 -3.39 8.73 0.83
C ALA A 98 -2.18 8.47 -0.05
N LEU A 99 -1.17 7.80 0.50
CA LEU A 99 0.00 7.42 -0.27
C LEU A 99 -0.39 6.37 -1.31
N LEU A 100 -1.15 5.38 -0.86
CA LEU A 100 -1.66 4.34 -1.76
C LEU A 100 -2.53 4.95 -2.86
N ALA A 101 -3.25 6.01 -2.51
CA ALA A 101 -4.12 6.70 -3.45
C ALA A 101 -3.34 7.28 -4.62
N ARG A 102 -2.30 8.07 -4.33
CA ARG A 102 -1.53 8.70 -5.39
C ARG A 102 -0.75 7.66 -6.21
N ILE A 103 -0.52 6.50 -5.61
CA ILE A 103 0.09 5.39 -6.32
C ILE A 103 -0.88 4.86 -7.38
N TYR A 104 -2.15 4.83 -7.03
CA TYR A 104 -3.19 4.34 -7.94
C TYR A 104 -3.78 5.49 -8.76
N LEU A 105 -3.09 6.64 -8.71
CA LEU A 105 -3.45 7.82 -9.50
C LEU A 105 -4.73 8.46 -9.01
N ILE A 106 -4.98 8.36 -7.71
CA ILE A 106 -6.13 8.99 -7.09
C ILE A 106 -5.74 10.35 -6.51
N GLU A 107 -6.63 11.34 -6.67
CA GLU A 107 -6.35 12.71 -6.24
C GLU A 107 -6.35 12.83 -4.72
N MET A 108 -7.04 11.92 -4.05
CA MET A 108 -7.16 11.96 -2.59
C MET A 108 -5.87 11.51 -1.90
N GLU A 109 -4.81 12.29 -2.07
CA GLU A 109 -3.53 11.97 -1.47
C GLU A 109 -3.19 12.96 -0.34
N SER A 110 -1.97 12.85 0.18
CA SER A 110 -1.52 13.74 1.24
C SER A 110 0.00 13.93 1.16
N ASP A 111 0.40 15.12 0.74
CA ASP A 111 1.82 15.47 0.70
C ASP A 111 2.17 16.31 1.92
N ASP A 112 3.45 16.41 2.23
CA ASP A 112 3.91 17.18 3.39
C ASP A 112 5.04 18.12 3.00
N PRO A 113 4.70 19.36 2.62
CA PRO A 113 5.69 20.36 2.19
C PRO A 113 6.28 21.13 3.36
N ALA A 114 6.96 20.42 4.25
CA ALA A 114 7.62 21.03 5.39
C ALA A 114 9.13 21.00 5.19
N ASN A 115 9.72 22.16 4.96
CA ASN A 115 11.15 22.24 4.67
C ASN A 115 11.95 22.43 5.95
N ALA A 116 12.98 21.62 6.11
CA ALA A 116 13.89 21.74 7.25
C ALA A 116 15.14 22.50 6.84
N LEU A 117 15.54 23.46 7.66
CA LEU A 117 16.70 24.29 7.37
C LEU A 117 17.81 24.06 8.39
N PRO A 118 18.83 23.27 8.00
CA PRO A 118 19.97 22.96 8.86
C PRO A 118 21.12 23.94 8.64
N SER A 119 21.32 24.83 9.59
CA SER A 119 22.38 25.83 9.50
C SER A 119 23.40 25.62 10.62
N THR A 120 24.24 24.60 10.46
CA THR A 120 25.26 24.31 11.44
C THR A 120 26.38 25.35 11.40
N ASP A 121 26.92 25.58 10.21
CA ASP A 121 27.98 26.57 10.03
C ASP A 121 27.94 27.11 8.61
N MET A 1 -32.68 -16.00 -32.91
CA MET A 1 -31.23 -15.65 -32.90
C MET A 1 -30.96 -14.59 -31.85
N GLY A 2 -29.74 -14.56 -31.34
CA GLY A 2 -29.37 -13.57 -30.35
C GLY A 2 -28.36 -14.09 -29.36
N GLY A 3 -28.66 -13.95 -28.08
CA GLY A 3 -27.75 -14.41 -27.04
C GLY A 3 -26.98 -13.27 -26.41
N SER A 4 -27.09 -13.15 -25.09
CA SER A 4 -26.37 -12.12 -24.36
C SER A 4 -24.99 -12.64 -23.96
N GLY A 5 -24.00 -11.76 -23.95
CA GLY A 5 -22.65 -12.17 -23.60
C GLY A 5 -21.78 -10.99 -23.21
N VAL A 6 -21.58 -10.81 -21.92
CA VAL A 6 -20.69 -9.77 -21.41
C VAL A 6 -19.73 -10.35 -20.37
N GLU A 7 -18.43 -10.19 -20.59
CA GLU A 7 -17.44 -10.70 -19.65
C GLU A 7 -16.65 -9.55 -19.03
N GLY A 8 -17.22 -8.95 -18.00
CA GLY A 8 -16.57 -7.84 -17.34
C GLY A 8 -15.72 -8.28 -16.17
N LEU A 9 -14.58 -8.91 -16.46
CA LEU A 9 -13.68 -9.39 -15.43
C LEU A 9 -12.80 -8.25 -14.92
N SER A 10 -13.13 -7.78 -13.72
CA SER A 10 -12.39 -6.69 -13.11
C SER A 10 -11.97 -7.06 -11.69
N GLY A 11 -11.58 -6.06 -10.91
CA GLY A 11 -11.18 -6.31 -9.54
C GLY A 11 -9.67 -6.24 -9.36
N LYS A 12 -9.19 -5.09 -8.92
CA LYS A 12 -7.75 -4.91 -8.67
C LYS A 12 -7.36 -5.65 -7.40
N ARG A 13 -6.10 -6.04 -7.29
CA ARG A 13 -5.62 -6.80 -6.15
C ARG A 13 -4.59 -6.02 -5.34
N CYS A 14 -4.63 -6.20 -4.02
CA CYS A 14 -3.66 -5.59 -3.13
C CYS A 14 -3.24 -6.57 -2.05
N TRP A 15 -1.94 -6.65 -1.79
CA TRP A 15 -1.42 -7.55 -0.77
C TRP A 15 -0.94 -6.75 0.42
N LEU A 16 -1.25 -7.22 1.61
CA LEU A 16 -0.83 -6.54 2.83
C LEU A 16 -0.08 -7.50 3.74
N ALA A 17 1.13 -7.11 4.10
CA ALA A 17 1.93 -7.85 5.06
C ALA A 17 2.31 -6.92 6.20
N VAL A 18 1.31 -6.52 6.97
CA VAL A 18 1.47 -5.57 8.03
C VAL A 18 1.23 -6.23 9.39
N ARG A 19 2.17 -6.04 10.31
CA ARG A 19 2.05 -6.57 11.65
C ARG A 19 1.20 -5.63 12.49
N ASN A 20 1.01 -4.43 11.97
CA ASN A 20 0.26 -3.41 12.68
C ASN A 20 -1.23 -3.60 12.45
N ALA A 21 -1.88 -4.31 13.36
CA ALA A 21 -3.28 -4.68 13.23
C ALA A 21 -4.18 -3.48 12.94
N SER A 22 -4.05 -2.44 13.75
CA SER A 22 -4.90 -1.25 13.59
C SER A 22 -4.64 -0.58 12.25
N LEU A 23 -3.38 -0.52 11.85
CA LEU A 23 -3.00 0.12 10.60
C LEU A 23 -3.49 -0.67 9.39
N CYS A 24 -3.21 -1.96 9.39
CA CYS A 24 -3.50 -2.82 8.25
C CYS A 24 -5.01 -2.96 8.03
N GLN A 25 -5.75 -3.07 9.13
CA GLN A 25 -7.20 -3.16 9.07
C GLN A 25 -7.79 -1.86 8.52
N PHE A 26 -7.20 -0.74 8.89
CA PHE A 26 -7.69 0.55 8.44
C PHE A 26 -7.50 0.73 6.94
N LEU A 27 -6.31 0.41 6.44
CA LEU A 27 -6.02 0.61 5.02
C LEU A 27 -6.83 -0.34 4.13
N GLU A 28 -6.91 -1.62 4.53
CA GLU A 28 -7.61 -2.62 3.72
C GLU A 28 -9.07 -2.24 3.52
N THR A 29 -9.72 -1.80 4.60
CA THR A 29 -11.12 -1.41 4.53
C THR A 29 -11.31 -0.18 3.65
N SER A 30 -10.35 0.74 3.69
CA SER A 30 -10.43 1.96 2.92
C SER A 30 -10.26 1.71 1.42
N LEU A 31 -9.19 1.01 1.04
CA LEU A 31 -8.91 0.79 -0.38
C LEU A 31 -9.91 -0.19 -1.00
N GLN A 32 -10.55 -1.01 -0.16
CA GLN A 32 -11.52 -1.99 -0.63
C GLN A 32 -12.73 -1.31 -1.25
N ARG A 33 -12.95 -0.05 -0.91
CA ARG A 33 -14.08 0.70 -1.43
C ARG A 33 -13.93 0.99 -2.93
N SER A 34 -12.74 0.70 -3.46
CA SER A 34 -12.47 0.90 -4.88
C SER A 34 -12.71 -0.41 -5.65
N GLY A 35 -13.21 -1.43 -4.95
CA GLY A 35 -13.44 -2.70 -5.59
C GLY A 35 -12.16 -3.51 -5.69
N ILE A 36 -11.27 -3.31 -4.73
CA ILE A 36 -10.01 -4.02 -4.71
C ILE A 36 -10.07 -5.18 -3.72
N VAL A 37 -9.70 -6.37 -4.19
CA VAL A 37 -9.69 -7.55 -3.34
C VAL A 37 -8.37 -7.64 -2.59
N VAL A 38 -8.46 -7.63 -1.27
CA VAL A 38 -7.29 -7.67 -0.42
C VAL A 38 -6.88 -9.11 -0.11
N THR A 39 -5.57 -9.34 -0.08
CA THR A 39 -5.04 -10.63 0.30
C THR A 39 -3.85 -10.45 1.25
N THR A 40 -3.83 -11.22 2.31
CA THR A 40 -2.73 -11.16 3.26
C THR A 40 -1.48 -11.79 2.67
N TYR A 41 -0.42 -11.00 2.57
CA TYR A 41 0.82 -11.46 1.99
C TYR A 41 1.57 -12.33 3.00
N GLU A 42 1.56 -13.62 2.76
CA GLU A 42 2.23 -14.56 3.65
C GLU A 42 3.36 -15.27 2.90
N GLY A 43 2.98 -16.20 2.03
CA GLY A 43 3.98 -16.95 1.28
C GLY A 43 3.51 -17.23 -0.13
N GLN A 44 3.03 -16.19 -0.80
CA GLN A 44 2.52 -16.34 -2.16
C GLN A 44 3.41 -15.57 -3.14
N GLU A 45 3.17 -15.77 -4.43
CA GLU A 45 3.97 -15.12 -5.46
C GLU A 45 3.39 -13.76 -5.84
N PRO A 46 4.25 -12.79 -6.18
CA PRO A 46 3.84 -11.43 -6.51
C PRO A 46 3.33 -11.28 -7.95
N THR A 47 2.38 -10.38 -8.14
CA THR A 47 1.90 -10.03 -9.46
C THR A 47 2.36 -8.62 -9.84
N PRO A 48 2.78 -8.43 -11.11
CA PRO A 48 3.30 -7.14 -11.58
C PRO A 48 2.24 -6.03 -11.60
N GLU A 49 0.99 -6.41 -11.37
CA GLU A 49 -0.11 -5.45 -11.36
C GLU A 49 -0.48 -5.08 -9.93
N ASP A 50 0.06 -5.83 -8.97
CA ASP A 50 -0.34 -5.67 -7.57
C ASP A 50 0.73 -4.93 -6.79
N VAL A 51 0.35 -4.42 -5.63
CA VAL A 51 1.29 -3.72 -4.75
C VAL A 51 1.38 -4.42 -3.39
N LEU A 52 2.56 -4.35 -2.79
CA LEU A 52 2.78 -4.95 -1.48
C LEU A 52 2.88 -3.87 -0.41
N ILE A 53 1.86 -3.76 0.43
CA ILE A 53 1.89 -2.87 1.56
C ILE A 53 2.46 -3.61 2.77
N THR A 54 3.68 -3.27 3.15
CA THR A 54 4.41 -4.02 4.16
C THR A 54 4.90 -3.11 5.29
N ASP A 55 5.12 -3.68 6.47
CA ASP A 55 5.68 -2.91 7.58
C ASP A 55 6.59 -3.79 8.45
N GLU A 56 7.45 -3.13 9.22
CA GLU A 56 8.34 -3.79 10.19
C GLU A 56 9.38 -4.69 9.51
N VAL A 57 9.80 -5.73 10.22
CA VAL A 57 10.84 -6.62 9.74
C VAL A 57 10.25 -7.78 8.94
N VAL A 58 10.23 -7.63 7.62
CA VAL A 58 9.75 -8.69 6.75
C VAL A 58 10.91 -9.32 5.97
N SER A 59 11.87 -8.48 5.57
CA SER A 59 13.04 -8.93 4.81
C SER A 59 12.61 -9.61 3.51
N LYS A 60 11.57 -9.08 2.90
CA LYS A 60 11.06 -9.62 1.64
C LYS A 60 10.84 -8.49 0.66
N LYS A 61 11.01 -8.78 -0.61
CA LYS A 61 10.83 -7.78 -1.66
C LYS A 61 9.63 -8.12 -2.53
N TRP A 62 9.22 -7.16 -3.33
CA TRP A 62 8.04 -7.31 -4.17
C TRP A 62 8.39 -7.25 -5.64
N GLN A 63 8.19 -8.36 -6.33
CA GLN A 63 8.39 -8.41 -7.77
C GLN A 63 7.05 -8.13 -8.46
N GLY A 64 6.60 -6.90 -8.35
CA GLY A 64 5.32 -6.52 -8.89
C GLY A 64 5.29 -5.07 -9.31
N ARG A 65 4.12 -4.44 -9.15
CA ARG A 65 3.95 -3.04 -9.54
C ARG A 65 4.77 -2.11 -8.67
N ALA A 66 4.47 -2.07 -7.38
CA ALA A 66 5.15 -1.17 -6.47
C ALA A 66 5.11 -1.70 -5.04
N VAL A 67 6.02 -1.21 -4.21
CA VAL A 67 6.08 -1.60 -2.80
C VAL A 67 5.81 -0.39 -1.93
N VAL A 68 5.09 -0.60 -0.83
CA VAL A 68 4.79 0.45 0.13
C VAL A 68 5.17 0.00 1.53
N THR A 69 6.37 0.35 1.96
CA THR A 69 6.89 -0.13 3.23
C THR A 69 6.87 0.95 4.32
N PHE A 70 6.37 0.58 5.48
CA PHE A 70 6.44 1.43 6.66
C PHE A 70 7.62 1.01 7.52
N CYS A 71 8.65 1.83 7.55
CA CYS A 71 9.86 1.52 8.31
C CYS A 71 10.54 2.80 8.76
N ARG A 72 11.20 2.72 9.91
CA ARG A 72 11.99 3.84 10.41
C ARG A 72 13.46 3.44 10.43
N ARG A 73 13.90 2.85 11.53
CA ARG A 73 15.27 2.36 11.65
C ARG A 73 15.34 0.92 11.13
N HIS A 74 15.29 0.77 9.82
CA HIS A 74 15.35 -0.53 9.19
C HIS A 74 16.00 -0.41 7.81
N ILE A 75 16.90 -1.33 7.49
CA ILE A 75 17.62 -1.27 6.23
C ILE A 75 17.33 -2.50 5.35
N GLY A 76 16.90 -3.58 5.99
CA GLY A 76 16.66 -4.82 5.28
C GLY A 76 15.70 -4.70 4.12
N ILE A 77 14.68 -3.86 4.28
CA ILE A 77 13.73 -3.60 3.21
C ILE A 77 14.01 -2.23 2.60
N PRO A 78 14.01 -2.15 1.25
CA PRO A 78 14.36 -0.91 0.53
C PRO A 78 13.46 0.26 0.89
N LEU A 79 14.06 1.30 1.46
CA LEU A 79 13.33 2.51 1.84
C LEU A 79 13.33 3.50 0.68
N GLU A 80 12.53 3.17 -0.35
CA GLU A 80 12.39 4.03 -1.52
C GLU A 80 13.73 4.24 -2.23
N LYS A 81 14.11 5.50 -2.43
CA LYS A 81 15.30 5.88 -3.18
C LYS A 81 15.33 5.23 -4.57
N ALA A 82 14.14 4.92 -5.07
CA ALA A 82 13.97 4.30 -6.37
C ALA A 82 12.50 4.35 -6.77
N PRO A 83 12.19 4.86 -7.98
CA PRO A 83 10.82 4.97 -8.47
C PRO A 83 10.13 3.61 -8.58
N GLY A 84 9.38 3.26 -7.55
CA GLY A 84 8.73 1.96 -7.52
C GLY A 84 8.65 1.42 -6.10
N GLU A 85 9.48 1.96 -5.22
CA GLU A 85 9.46 1.58 -3.82
C GLU A 85 9.14 2.81 -2.99
N TRP A 86 8.27 2.64 -2.00
CA TRP A 86 7.85 3.76 -1.17
C TRP A 86 8.10 3.45 0.29
N VAL A 87 8.32 4.48 1.09
CA VAL A 87 8.59 4.29 2.50
C VAL A 87 8.02 5.45 3.33
N HIS A 88 7.66 5.15 4.57
CA HIS A 88 7.23 6.17 5.51
C HIS A 88 7.31 5.62 6.93
N SER A 89 7.24 6.50 7.91
CA SER A 89 7.37 6.12 9.31
C SER A 89 6.13 5.37 9.81
N VAL A 90 6.36 4.25 10.50
CA VAL A 90 5.28 3.50 11.12
C VAL A 90 4.79 4.21 12.38
N ALA A 91 4.24 5.41 12.20
CA ALA A 91 3.78 6.20 13.32
C ALA A 91 2.49 6.95 13.01
N ALA A 92 2.02 6.86 11.76
CA ALA A 92 0.84 7.61 11.35
C ALA A 92 0.13 6.91 10.20
N PRO A 93 -1.20 6.79 10.30
CA PRO A 93 -2.05 6.27 9.23
C PRO A 93 -2.60 7.38 8.34
N HIS A 94 -2.11 8.60 8.51
CA HIS A 94 -2.69 9.76 7.86
C HIS A 94 -2.24 9.88 6.40
N GLU A 95 -1.11 9.28 6.08
CA GLU A 95 -0.57 9.37 4.73
C GLU A 95 -0.65 8.03 4.00
N LEU A 96 -0.99 6.97 4.71
CA LEU A 96 -0.96 5.62 4.13
C LEU A 96 -1.99 5.45 3.00
N PRO A 97 -3.30 5.63 3.26
CA PRO A 97 -4.32 5.45 2.21
C PRO A 97 -4.17 6.46 1.08
N ALA A 98 -3.77 7.67 1.43
CA ALA A 98 -3.55 8.73 0.46
C ALA A 98 -2.39 8.39 -0.47
N LEU A 99 -1.33 7.80 0.08
CA LEU A 99 -0.17 7.42 -0.70
C LEU A 99 -0.52 6.24 -1.61
N LEU A 100 -1.30 5.30 -1.11
CA LEU A 100 -1.75 4.16 -1.90
C LEU A 100 -2.57 4.66 -3.09
N ALA A 101 -3.45 5.62 -2.83
CA ALA A 101 -4.28 6.21 -3.87
C ALA A 101 -3.42 6.98 -4.87
N ARG A 102 -2.34 7.58 -4.38
CA ARG A 102 -1.40 8.30 -5.23
C ARG A 102 -0.68 7.33 -6.18
N ILE A 103 -0.22 6.21 -5.62
CA ILE A 103 0.49 5.20 -6.39
C ILE A 103 -0.41 4.57 -7.45
N TYR A 104 -1.64 4.24 -7.07
CA TYR A 104 -2.57 3.58 -7.98
C TYR A 104 -3.23 4.58 -8.94
N LEU A 105 -2.81 5.84 -8.84
CA LEU A 105 -3.33 6.91 -9.69
C LEU A 105 -4.85 7.06 -9.51
N ILE A 106 -5.26 7.17 -8.26
CA ILE A 106 -6.66 7.38 -7.94
C ILE A 106 -6.99 8.87 -7.99
N GLU A 107 -6.43 9.63 -7.06
CA GLU A 107 -6.68 11.07 -6.99
C GLU A 107 -5.89 11.70 -5.84
N MET A 108 -5.91 11.04 -4.69
CA MET A 108 -5.27 11.57 -3.48
C MET A 108 -3.77 11.75 -3.66
N GLU A 109 -3.31 12.98 -3.52
CA GLU A 109 -1.89 13.28 -3.56
C GLU A 109 -1.37 13.45 -2.13
N SER A 110 -0.24 12.84 -1.84
CA SER A 110 0.29 12.84 -0.48
C SER A 110 1.60 13.61 -0.39
N ASP A 111 1.49 14.92 -0.13
CA ASP A 111 2.68 15.75 0.02
C ASP A 111 2.89 16.10 1.49
N ASP A 112 4.15 16.23 1.88
CA ASP A 112 4.49 16.56 3.26
C ASP A 112 5.49 17.70 3.30
N PRO A 113 5.12 18.84 3.91
CA PRO A 113 6.00 19.98 4.09
C PRO A 113 7.12 19.69 5.09
N ALA A 114 8.31 19.44 4.58
CA ALA A 114 9.44 19.11 5.43
C ALA A 114 10.42 20.28 5.49
N ASN A 115 11.27 20.28 6.51
CA ASN A 115 12.25 21.33 6.70
C ASN A 115 13.62 20.74 7.04
N ALA A 116 14.64 21.16 6.30
CA ALA A 116 15.99 20.66 6.53
C ALA A 116 16.87 21.77 7.11
N LEU A 117 17.47 21.48 8.26
CA LEU A 117 18.34 22.44 8.92
C LEU A 117 19.80 22.02 8.74
N PRO A 118 20.63 22.93 8.21
CA PRO A 118 22.05 22.68 8.01
C PRO A 118 22.82 22.56 9.33
N SER A 119 23.83 21.70 9.33
CA SER A 119 24.64 21.50 10.53
C SER A 119 26.01 22.17 10.36
N THR A 120 26.47 22.84 11.42
CA THR A 120 27.78 23.45 11.42
C THR A 120 28.86 22.38 11.49
N ASP A 121 29.54 22.16 10.37
CA ASP A 121 30.54 21.11 10.28
C ASP A 121 31.78 21.62 9.59
N MET A 1 -28.51 -20.08 -29.02
CA MET A 1 -29.67 -19.52 -29.73
C MET A 1 -29.73 -18.01 -29.55
N GLY A 2 -29.77 -17.57 -28.31
CA GLY A 2 -29.80 -16.15 -28.02
C GLY A 2 -28.44 -15.61 -27.68
N GLY A 3 -28.24 -14.31 -27.87
CA GLY A 3 -26.97 -13.70 -27.58
C GLY A 3 -26.84 -13.35 -26.11
N SER A 4 -26.30 -14.28 -25.34
CA SER A 4 -26.13 -14.08 -23.91
C SER A 4 -24.66 -14.19 -23.51
N GLY A 5 -23.99 -13.04 -23.44
CA GLY A 5 -22.60 -13.02 -23.03
C GLY A 5 -22.22 -11.70 -22.39
N VAL A 6 -22.52 -11.55 -21.11
CA VAL A 6 -22.28 -10.31 -20.40
C VAL A 6 -21.31 -10.52 -19.23
N GLU A 7 -20.34 -9.63 -19.11
CA GLU A 7 -19.40 -9.61 -17.99
C GLU A 7 -18.62 -8.29 -17.97
N GLY A 8 -17.31 -8.36 -17.83
CA GLY A 8 -16.50 -7.15 -17.84
C GLY A 8 -16.24 -6.62 -16.44
N LEU A 9 -15.19 -7.13 -15.82
CA LEU A 9 -14.82 -6.71 -14.49
C LEU A 9 -13.34 -6.33 -14.41
N SER A 10 -13.04 -5.30 -13.64
CA SER A 10 -11.67 -4.88 -13.43
C SER A 10 -11.26 -5.13 -11.99
N GLY A 11 -10.15 -5.83 -11.80
CA GLY A 11 -9.72 -6.16 -10.46
C GLY A 11 -8.41 -5.49 -10.10
N LYS A 12 -8.46 -4.55 -9.19
CA LYS A 12 -7.26 -3.94 -8.64
C LYS A 12 -6.87 -4.72 -7.39
N ARG A 13 -5.67 -5.28 -7.40
CA ARG A 13 -5.24 -6.16 -6.33
C ARG A 13 -4.14 -5.52 -5.49
N CYS A 14 -4.12 -5.83 -4.21
CA CYS A 14 -3.09 -5.34 -3.32
C CYS A 14 -2.70 -6.43 -2.34
N TRP A 15 -1.41 -6.63 -2.14
CA TRP A 15 -0.93 -7.60 -1.18
C TRP A 15 -0.39 -6.86 0.03
N LEU A 16 -0.89 -7.18 1.20
CA LEU A 16 -0.46 -6.51 2.41
C LEU A 16 0.26 -7.48 3.34
N ALA A 17 1.44 -7.07 3.79
CA ALA A 17 2.17 -7.81 4.79
C ALA A 17 2.22 -7.00 6.07
N VAL A 18 1.05 -6.49 6.45
CA VAL A 18 0.90 -5.71 7.67
C VAL A 18 0.42 -6.62 8.79
N ARG A 19 1.26 -6.78 9.80
CA ARG A 19 0.97 -7.69 10.90
C ARG A 19 0.44 -6.92 12.10
N ASN A 20 0.33 -5.61 11.92
CA ASN A 20 -0.29 -4.74 12.91
C ASN A 20 -1.81 -4.79 12.76
N ALA A 21 -2.46 -5.58 13.61
CA ALA A 21 -3.89 -5.88 13.48
C ALA A 21 -4.75 -4.61 13.36
N SER A 22 -4.58 -3.69 14.29
CA SER A 22 -5.38 -2.47 14.32
C SER A 22 -5.16 -1.64 13.06
N LEU A 23 -3.89 -1.46 12.71
CA LEU A 23 -3.52 -0.63 11.57
C LEU A 23 -3.98 -1.27 10.26
N CYS A 24 -3.69 -2.54 10.09
CA CYS A 24 -3.96 -3.23 8.82
C CYS A 24 -5.45 -3.27 8.52
N GLN A 25 -6.26 -3.45 9.55
CA GLN A 25 -7.70 -3.52 9.37
C GLN A 25 -8.27 -2.17 8.94
N PHE A 26 -7.87 -1.12 9.62
CA PHE A 26 -8.34 0.23 9.29
C PHE A 26 -7.89 0.62 7.88
N LEU A 27 -6.64 0.29 7.56
CA LEU A 27 -6.07 0.60 6.26
C LEU A 27 -6.77 -0.17 5.14
N GLU A 28 -6.94 -1.46 5.33
CA GLU A 28 -7.52 -2.31 4.29
C GLU A 28 -9.00 -1.96 4.07
N THR A 29 -9.71 -1.64 5.14
CA THR A 29 -11.11 -1.24 5.04
C THR A 29 -11.23 0.10 4.31
N SER A 30 -10.29 1.01 4.57
CA SER A 30 -10.28 2.30 3.92
C SER A 30 -9.98 2.16 2.44
N LEU A 31 -9.14 1.17 2.11
CA LEU A 31 -8.80 0.90 0.73
C LEU A 31 -9.97 0.23 0.00
N GLN A 32 -10.64 -0.66 0.71
CA GLN A 32 -11.77 -1.41 0.16
C GLN A 32 -13.02 -0.54 0.02
N ARG A 33 -12.90 0.74 0.36
CA ARG A 33 -14.00 1.69 0.20
C ARG A 33 -14.17 2.07 -1.27
N SER A 34 -13.19 1.70 -2.08
CA SER A 34 -13.20 2.06 -3.48
C SER A 34 -13.49 0.83 -4.37
N GLY A 35 -12.44 0.19 -4.85
CA GLY A 35 -12.61 -0.96 -5.72
C GLY A 35 -11.33 -1.76 -5.82
N ILE A 36 -10.80 -2.14 -4.67
CA ILE A 36 -9.56 -2.88 -4.59
C ILE A 36 -9.73 -4.08 -3.67
N VAL A 37 -9.27 -5.24 -4.13
CA VAL A 37 -9.37 -6.46 -3.35
C VAL A 37 -8.10 -6.68 -2.54
N VAL A 38 -8.29 -6.98 -1.26
CA VAL A 38 -7.18 -7.20 -0.35
C VAL A 38 -6.66 -8.64 -0.45
N THR A 39 -5.35 -8.78 -0.41
CA THR A 39 -4.71 -10.07 -0.46
C THR A 39 -3.57 -10.12 0.54
N THR A 40 -3.60 -11.12 1.40
CA THR A 40 -2.58 -11.25 2.42
C THR A 40 -1.28 -11.81 1.85
N TYR A 41 -0.20 -11.05 1.96
CA TYR A 41 1.09 -11.49 1.47
C TYR A 41 1.78 -12.35 2.52
N GLU A 42 1.32 -13.58 2.65
CA GLU A 42 1.90 -14.52 3.60
C GLU A 42 3.14 -15.18 2.99
N GLY A 43 2.92 -16.04 2.02
CA GLY A 43 4.03 -16.69 1.33
C GLY A 43 3.63 -17.21 -0.03
N GLN A 44 3.08 -16.33 -0.85
CA GLN A 44 2.56 -16.71 -2.16
C GLN A 44 3.36 -16.04 -3.27
N GLU A 45 2.95 -16.26 -4.51
CA GLU A 45 3.67 -15.73 -5.67
C GLU A 45 3.23 -14.31 -5.99
N PRO A 46 4.18 -13.37 -6.03
CA PRO A 46 3.92 -11.97 -6.38
C PRO A 46 3.55 -11.79 -7.85
N THR A 47 2.87 -10.69 -8.16
CA THR A 47 2.47 -10.39 -9.52
C THR A 47 2.91 -8.98 -9.91
N PRO A 48 3.30 -8.76 -11.18
CA PRO A 48 3.74 -7.45 -11.66
C PRO A 48 2.58 -6.46 -11.83
N GLU A 49 1.42 -6.83 -11.33
CA GLU A 49 0.22 -6.01 -11.47
C GLU A 49 -0.13 -5.31 -10.17
N ASP A 50 0.12 -5.98 -9.06
CA ASP A 50 -0.29 -5.49 -7.74
C ASP A 50 0.87 -4.91 -6.97
N VAL A 51 0.57 -4.38 -5.78
CA VAL A 51 1.56 -3.71 -4.96
C VAL A 51 1.69 -4.38 -3.59
N LEU A 52 2.90 -4.34 -3.04
CA LEU A 52 3.18 -4.90 -1.72
C LEU A 52 3.18 -3.81 -0.66
N ILE A 53 2.13 -3.75 0.13
CA ILE A 53 2.07 -2.84 1.26
C ILE A 53 2.60 -3.54 2.50
N THR A 54 3.79 -3.18 2.92
CA THR A 54 4.44 -3.88 4.01
C THR A 54 4.48 -3.03 5.28
N ASP A 55 4.43 -3.69 6.43
CA ASP A 55 4.59 -3.03 7.71
C ASP A 55 5.84 -3.53 8.42
N GLU A 56 6.60 -2.60 9.00
CA GLU A 56 7.83 -2.92 9.72
C GLU A 56 8.82 -3.62 8.80
N VAL A 57 9.70 -4.43 9.37
CA VAL A 57 10.67 -5.18 8.58
C VAL A 57 10.22 -6.63 8.38
N VAL A 58 10.14 -7.04 7.12
CA VAL A 58 9.74 -8.40 6.80
C VAL A 58 10.93 -9.23 6.32
N SER A 59 12.06 -8.55 6.11
CA SER A 59 13.29 -9.19 5.66
C SER A 59 13.12 -9.86 4.29
N LYS A 60 12.35 -9.23 3.41
CA LYS A 60 12.16 -9.71 2.05
C LYS A 60 11.70 -8.58 1.15
N LYS A 61 11.65 -8.83 -0.15
CA LYS A 61 11.24 -7.80 -1.11
C LYS A 61 9.94 -8.19 -1.79
N TRP A 62 9.80 -7.79 -3.05
CA TRP A 62 8.58 -8.01 -3.80
C TRP A 62 8.86 -7.83 -5.29
N GLN A 63 8.56 -8.83 -6.09
CA GLN A 63 8.71 -8.75 -7.53
C GLN A 63 7.34 -8.54 -8.17
N GLY A 64 6.96 -7.29 -8.33
CA GLY A 64 5.66 -6.97 -8.88
C GLY A 64 5.61 -5.57 -9.46
N ARG A 65 4.48 -4.90 -9.26
CA ARG A 65 4.32 -3.55 -9.78
C ARG A 65 5.08 -2.54 -8.92
N ALA A 66 4.76 -2.51 -7.64
CA ALA A 66 5.40 -1.60 -6.72
C ALA A 66 5.25 -2.12 -5.30
N VAL A 67 6.01 -1.56 -4.37
CA VAL A 67 5.91 -1.96 -2.98
C VAL A 67 6.07 -0.75 -2.05
N VAL A 68 5.06 -0.52 -1.24
CA VAL A 68 5.06 0.56 -0.28
C VAL A 68 5.34 0.00 1.12
N THR A 69 6.54 0.24 1.62
CA THR A 69 6.91 -0.27 2.92
C THR A 69 6.85 0.82 3.98
N PHE A 70 5.94 0.64 4.93
CA PHE A 70 5.84 1.54 6.05
C PHE A 70 6.71 1.03 7.19
N CYS A 71 7.94 1.47 7.20
CA CYS A 71 8.91 1.02 8.17
C CYS A 71 9.14 2.07 9.24
N ARG A 72 9.93 1.73 10.24
CA ARG A 72 10.31 2.70 11.26
C ARG A 72 11.46 3.55 10.74
N ARG A 73 12.31 2.92 9.94
CA ARG A 73 13.42 3.57 9.27
C ARG A 73 14.12 2.54 8.39
N HIS A 74 15.33 2.84 7.92
CA HIS A 74 16.08 1.89 7.11
C HIS A 74 16.56 0.73 7.96
N ILE A 75 15.80 -0.36 7.92
CA ILE A 75 16.21 -1.58 8.58
C ILE A 75 16.77 -2.56 7.55
N GLY A 76 15.94 -3.51 7.11
CA GLY A 76 16.37 -4.45 6.10
C GLY A 76 15.67 -4.24 4.77
N ILE A 77 14.78 -3.27 4.74
CA ILE A 77 13.99 -2.98 3.54
C ILE A 77 14.52 -1.73 2.85
N PRO A 78 14.68 -1.79 1.51
CA PRO A 78 15.13 -0.63 0.71
C PRO A 78 14.30 0.62 0.96
N LEU A 79 14.98 1.76 1.07
CA LEU A 79 14.33 3.02 1.38
C LEU A 79 13.96 3.78 0.11
N GLU A 80 13.21 3.10 -0.77
CA GLU A 80 12.79 3.67 -2.05
C GLU A 80 14.01 3.91 -2.95
N LYS A 81 14.40 5.17 -3.10
CA LYS A 81 15.49 5.58 -3.99
C LYS A 81 15.40 4.92 -5.37
N ALA A 82 14.17 4.75 -5.85
CA ALA A 82 13.92 4.13 -7.14
C ALA A 82 12.43 4.16 -7.47
N PRO A 83 12.06 4.53 -8.71
CA PRO A 83 10.67 4.53 -9.16
C PRO A 83 10.10 3.11 -9.21
N GLY A 84 9.38 2.73 -8.17
CA GLY A 84 8.85 1.39 -8.07
C GLY A 84 8.83 0.93 -6.63
N GLU A 85 9.72 1.48 -5.83
CA GLU A 85 9.75 1.21 -4.40
C GLU A 85 9.32 2.46 -3.66
N TRP A 86 8.59 2.29 -2.58
CA TRP A 86 8.13 3.42 -1.79
C TRP A 86 8.43 3.18 -0.33
N VAL A 87 8.96 4.18 0.34
CA VAL A 87 9.23 4.09 1.76
C VAL A 87 8.54 5.23 2.50
N HIS A 88 8.10 4.95 3.72
CA HIS A 88 7.48 5.97 4.57
C HIS A 88 7.42 5.46 6.00
N SER A 89 7.52 6.37 6.96
CA SER A 89 7.46 6.01 8.36
C SER A 89 6.07 5.53 8.76
N VAL A 90 6.01 4.38 9.41
CA VAL A 90 4.75 3.87 9.93
C VAL A 90 4.42 4.56 11.25
N ALA A 91 3.82 5.75 11.15
CA ALA A 91 3.44 6.51 12.31
C ALA A 91 1.92 6.56 12.47
N ALA A 92 1.29 7.51 11.78
CA ALA A 92 -0.15 7.67 11.85
C ALA A 92 -0.80 7.31 10.53
N PRO A 93 -2.02 6.73 10.56
CA PRO A 93 -2.75 6.32 9.35
C PRO A 93 -3.33 7.51 8.57
N HIS A 94 -2.56 8.58 8.47
CA HIS A 94 -2.96 9.76 7.72
C HIS A 94 -2.35 9.71 6.33
N GLU A 95 -1.04 9.50 6.28
CA GLU A 95 -0.32 9.46 5.01
C GLU A 95 -0.33 8.07 4.40
N LEU A 96 -0.59 7.08 5.26
CA LEU A 96 -0.57 5.68 4.84
C LEU A 96 -1.59 5.39 3.72
N PRO A 97 -2.90 5.62 3.96
CA PRO A 97 -3.93 5.35 2.94
C PRO A 97 -3.85 6.34 1.79
N ALA A 98 -3.30 7.51 2.07
CA ALA A 98 -3.13 8.56 1.06
C ALA A 98 -2.12 8.13 0.01
N LEU A 99 -0.99 7.60 0.48
CA LEU A 99 0.06 7.14 -0.42
C LEU A 99 -0.43 5.99 -1.28
N LEU A 100 -1.16 5.07 -0.65
CA LEU A 100 -1.70 3.90 -1.34
C LEU A 100 -2.61 4.32 -2.49
N ALA A 101 -3.55 5.22 -2.20
CA ALA A 101 -4.49 5.71 -3.19
C ALA A 101 -3.77 6.47 -4.31
N ARG A 102 -2.65 7.08 -3.96
CA ARG A 102 -1.84 7.83 -4.90
C ARG A 102 -1.20 6.91 -5.93
N ILE A 103 -0.55 5.85 -5.45
CA ILE A 103 0.18 4.92 -6.32
C ILE A 103 -0.78 4.14 -7.23
N TYR A 104 -1.90 3.72 -6.68
CA TYR A 104 -2.86 2.93 -7.44
C TYR A 104 -3.79 3.80 -8.27
N LEU A 105 -3.50 5.09 -8.31
CA LEU A 105 -4.26 6.06 -9.10
C LEU A 105 -5.76 5.97 -8.80
N ILE A 106 -6.10 6.07 -7.53
CA ILE A 106 -7.50 6.08 -7.13
C ILE A 106 -8.04 7.51 -7.17
N GLU A 107 -7.54 8.33 -6.25
CA GLU A 107 -7.90 9.74 -6.16
C GLU A 107 -7.30 10.34 -4.89
N MET A 108 -8.16 10.60 -3.90
CA MET A 108 -7.75 11.18 -2.62
C MET A 108 -7.25 12.61 -2.78
N GLU A 109 -7.80 13.50 -1.98
CA GLU A 109 -7.46 14.92 -2.03
C GLU A 109 -6.08 15.19 -1.41
N SER A 110 -5.52 14.16 -0.75
CA SER A 110 -4.24 14.28 -0.08
C SER A 110 -4.25 15.46 0.89
N ASP A 111 -5.17 15.40 1.84
CA ASP A 111 -5.40 16.50 2.76
C ASP A 111 -4.37 16.52 3.88
N ASP A 112 -3.23 17.14 3.60
CA ASP A 112 -2.15 17.24 4.59
C ASP A 112 -1.79 18.71 4.82
N PRO A 113 -2.37 19.32 5.86
CA PRO A 113 -2.11 20.71 6.19
C PRO A 113 -1.14 20.87 7.36
N ALA A 114 0.16 20.76 7.09
CA ALA A 114 1.17 20.95 8.13
C ALA A 114 1.45 22.44 8.34
N ASN A 115 1.63 22.83 9.60
CA ASN A 115 1.86 24.23 9.95
C ASN A 115 3.03 24.35 10.93
N ALA A 116 3.84 25.38 10.77
CA ALA A 116 5.01 25.57 11.60
C ALA A 116 4.96 26.92 12.31
N LEU A 117 5.86 27.12 13.26
CA LEU A 117 5.90 28.36 14.02
C LEU A 117 7.27 29.01 13.93
N PRO A 118 7.34 30.24 13.39
CA PRO A 118 8.58 31.00 13.30
C PRO A 118 8.92 31.71 14.61
N SER A 119 10.20 31.89 14.86
CA SER A 119 10.64 32.60 16.06
C SER A 119 10.91 34.07 15.73
N THR A 120 11.09 34.89 16.75
CA THR A 120 11.31 36.31 16.54
C THR A 120 12.57 36.78 17.28
N ASP A 121 13.58 37.18 16.52
CA ASP A 121 14.81 37.69 17.09
C ASP A 121 15.06 39.11 16.60
N MET A 1 -27.45 -23.10 -32.03
CA MET A 1 -28.68 -22.29 -31.88
C MET A 1 -28.59 -21.37 -30.67
N GLY A 2 -29.09 -21.83 -29.53
CA GLY A 2 -29.08 -21.02 -28.33
C GLY A 2 -27.68 -20.79 -27.80
N GLY A 3 -27.39 -19.57 -27.39
CA GLY A 3 -26.08 -19.26 -26.85
C GLY A 3 -26.08 -18.03 -25.97
N SER A 4 -25.92 -18.25 -24.68
CA SER A 4 -25.87 -17.15 -23.72
C SER A 4 -24.42 -16.81 -23.39
N GLY A 5 -24.03 -15.58 -23.71
CA GLY A 5 -22.66 -15.15 -23.47
C GLY A 5 -22.38 -14.87 -22.00
N VAL A 6 -21.12 -14.67 -21.67
CA VAL A 6 -20.72 -14.38 -20.31
C VAL A 6 -19.62 -13.33 -20.31
N GLU A 7 -19.61 -12.49 -19.29
CA GLU A 7 -18.66 -11.38 -19.22
C GLU A 7 -17.50 -11.70 -18.31
N GLY A 8 -16.40 -10.95 -18.48
CA GLY A 8 -15.24 -11.13 -17.63
C GLY A 8 -15.17 -10.06 -16.57
N LEU A 9 -14.34 -10.28 -15.56
CA LEU A 9 -14.22 -9.33 -14.47
C LEU A 9 -12.82 -9.38 -13.86
N SER A 10 -12.38 -8.25 -13.33
CA SER A 10 -11.09 -8.15 -12.68
C SER A 10 -11.07 -6.93 -11.77
N GLY A 11 -10.45 -7.07 -10.61
CA GLY A 11 -10.36 -5.98 -9.68
C GLY A 11 -8.94 -5.73 -9.25
N LYS A 12 -8.66 -4.49 -8.88
CA LYS A 12 -7.34 -4.09 -8.43
C LYS A 12 -6.98 -4.85 -7.15
N ARG A 13 -5.85 -5.53 -7.18
CA ARG A 13 -5.42 -6.32 -6.06
C ARG A 13 -4.29 -5.62 -5.32
N CYS A 14 -4.24 -5.83 -4.01
CA CYS A 14 -3.17 -5.33 -3.18
C CYS A 14 -2.84 -6.35 -2.10
N TRP A 15 -1.56 -6.66 -1.93
CA TRP A 15 -1.16 -7.61 -0.90
C TRP A 15 -0.73 -6.86 0.34
N LEU A 16 -1.08 -7.40 1.50
CA LEU A 16 -0.79 -6.70 2.74
C LEU A 16 -0.01 -7.59 3.70
N ALA A 17 1.11 -7.07 4.17
CA ALA A 17 1.89 -7.69 5.24
C ALA A 17 2.14 -6.65 6.32
N VAL A 18 1.06 -6.04 6.78
CA VAL A 18 1.12 -5.05 7.83
C VAL A 18 1.05 -5.75 9.19
N ARG A 19 2.01 -5.45 10.05
CA ARG A 19 2.11 -6.10 11.34
C ARG A 19 1.22 -5.41 12.37
N ASN A 20 0.95 -4.14 12.11
CA ASN A 20 0.04 -3.37 12.95
C ASN A 20 -1.39 -3.68 12.56
N ALA A 21 -2.05 -4.52 13.35
CA ALA A 21 -3.39 -4.99 13.03
C ALA A 21 -4.40 -3.85 12.95
N SER A 22 -4.32 -2.92 13.90
CA SER A 22 -5.20 -1.77 13.92
C SER A 22 -5.02 -0.94 12.64
N LEU A 23 -3.76 -0.75 12.28
CA LEU A 23 -3.41 -0.01 11.07
C LEU A 23 -3.85 -0.76 9.83
N CYS A 24 -3.52 -2.05 9.79
CA CYS A 24 -3.77 -2.86 8.62
C CYS A 24 -5.26 -2.99 8.33
N GLN A 25 -6.08 -3.05 9.36
CA GLN A 25 -7.51 -3.18 9.18
C GLN A 25 -8.12 -1.88 8.65
N PHE A 26 -7.68 -0.75 9.19
CA PHE A 26 -8.12 0.55 8.71
C PHE A 26 -7.70 0.75 7.25
N LEU A 27 -6.46 0.43 6.97
CA LEU A 27 -5.89 0.58 5.64
C LEU A 27 -6.60 -0.34 4.63
N GLU A 28 -6.75 -1.61 4.97
CA GLU A 28 -7.37 -2.57 4.06
C GLU A 28 -8.82 -2.20 3.76
N THR A 29 -9.54 -1.74 4.78
CA THR A 29 -10.94 -1.33 4.58
C THR A 29 -11.01 -0.10 3.67
N SER A 30 -10.02 0.78 3.78
CA SER A 30 -9.97 1.98 2.97
C SER A 30 -9.83 1.64 1.49
N LEU A 31 -8.91 0.73 1.15
CA LEU A 31 -8.71 0.35 -0.24
C LEU A 31 -9.87 -0.49 -0.75
N GLN A 32 -10.47 -1.28 0.15
CA GLN A 32 -11.63 -2.09 -0.21
C GLN A 32 -12.83 -1.19 -0.53
N ARG A 33 -12.86 -0.01 0.06
CA ARG A 33 -13.91 0.97 -0.19
C ARG A 33 -13.73 1.58 -1.58
N SER A 34 -12.58 1.35 -2.18
CA SER A 34 -12.29 1.82 -3.52
C SER A 34 -12.56 0.73 -4.54
N GLY A 35 -12.78 -0.48 -4.05
CA GLY A 35 -12.99 -1.62 -4.92
C GLY A 35 -11.73 -2.43 -5.12
N ILE A 36 -10.79 -2.27 -4.20
CA ILE A 36 -9.54 -3.01 -4.24
C ILE A 36 -9.61 -4.22 -3.30
N VAL A 37 -9.24 -5.38 -3.81
CA VAL A 37 -9.29 -6.60 -3.03
C VAL A 37 -7.94 -6.91 -2.40
N VAL A 38 -7.91 -7.04 -1.08
CA VAL A 38 -6.70 -7.31 -0.35
C VAL A 38 -6.37 -8.80 -0.36
N THR A 39 -5.08 -9.11 -0.39
CA THR A 39 -4.62 -10.48 -0.34
C THR A 39 -3.47 -10.61 0.66
N THR A 40 -3.60 -11.54 1.57
CA THR A 40 -2.60 -11.77 2.59
C THR A 40 -1.27 -12.22 1.98
N TYR A 41 -0.23 -11.41 2.15
CA TYR A 41 1.07 -11.75 1.62
C TYR A 41 1.87 -12.55 2.64
N GLU A 42 1.80 -13.85 2.52
CA GLU A 42 2.58 -14.75 3.37
C GLU A 42 3.91 -15.06 2.72
N GLY A 43 4.02 -14.74 1.43
CA GLY A 43 5.24 -14.97 0.68
C GLY A 43 4.99 -15.83 -0.53
N GLN A 44 3.90 -15.57 -1.23
CA GLN A 44 3.51 -16.36 -2.38
C GLN A 44 4.13 -15.82 -3.67
N GLU A 45 3.35 -15.07 -4.43
CA GLU A 45 3.78 -14.61 -5.74
C GLU A 45 3.70 -13.09 -5.87
N PRO A 46 4.84 -12.43 -6.13
CA PRO A 46 4.86 -11.02 -6.48
C PRO A 46 4.31 -10.81 -7.89
N THR A 47 3.37 -9.89 -8.04
CA THR A 47 2.75 -9.64 -9.33
C THR A 47 3.00 -8.20 -9.79
N PRO A 48 3.24 -8.01 -11.10
CA PRO A 48 3.64 -6.70 -11.67
C PRO A 48 2.59 -5.60 -11.46
N GLU A 49 1.32 -5.96 -11.50
CA GLU A 49 0.25 -4.99 -11.36
C GLU A 49 -0.20 -4.91 -9.91
N ASP A 50 0.44 -5.69 -9.06
CA ASP A 50 0.07 -5.78 -7.65
C ASP A 50 1.06 -5.00 -6.81
N VAL A 51 0.59 -4.49 -5.67
CA VAL A 51 1.46 -3.76 -4.75
C VAL A 51 1.59 -4.49 -3.42
N LEU A 52 2.75 -4.37 -2.81
CA LEU A 52 3.00 -4.96 -1.50
C LEU A 52 3.01 -3.87 -0.44
N ILE A 53 1.99 -3.85 0.40
CA ILE A 53 1.90 -2.89 1.48
C ILE A 53 2.35 -3.54 2.78
N THR A 54 3.48 -3.09 3.28
CA THR A 54 4.11 -3.74 4.42
C THR A 54 4.42 -2.74 5.54
N ASP A 55 4.40 -3.22 6.78
CA ASP A 55 4.69 -2.37 7.93
C ASP A 55 5.42 -3.17 9.00
N GLU A 56 6.22 -2.46 9.82
CA GLU A 56 6.99 -3.08 10.90
C GLU A 56 8.05 -4.03 10.33
N VAL A 57 8.11 -5.23 10.87
CA VAL A 57 9.08 -6.22 10.44
C VAL A 57 8.61 -6.93 9.16
N VAL A 58 9.44 -6.87 8.13
CA VAL A 58 9.10 -7.47 6.85
C VAL A 58 10.23 -8.35 6.36
N SER A 59 11.33 -7.72 5.98
CA SER A 59 12.49 -8.41 5.43
C SER A 59 12.07 -9.24 4.21
N LYS A 60 11.51 -8.57 3.22
CA LYS A 60 11.03 -9.21 2.01
C LYS A 60 10.92 -8.18 0.91
N LYS A 61 11.12 -8.61 -0.32
CA LYS A 61 10.99 -7.72 -1.45
C LYS A 61 9.75 -8.06 -2.28
N TRP A 62 9.54 -7.30 -3.33
CA TRP A 62 8.37 -7.46 -4.18
C TRP A 62 8.73 -7.10 -5.61
N GLN A 63 8.60 -8.04 -6.51
CA GLN A 63 8.84 -7.79 -7.93
C GLN A 63 7.53 -7.47 -8.63
N GLY A 64 7.04 -6.25 -8.42
CA GLY A 64 5.77 -5.86 -9.00
C GLY A 64 5.63 -4.37 -9.16
N ARG A 65 4.42 -3.87 -8.93
CA ARG A 65 4.10 -2.46 -9.15
C ARG A 65 4.84 -1.57 -8.16
N ALA A 66 4.71 -1.88 -6.88
CA ALA A 66 5.35 -1.07 -5.85
C ALA A 66 5.44 -1.81 -4.52
N VAL A 67 6.54 -1.61 -3.82
CA VAL A 67 6.70 -2.14 -2.47
C VAL A 67 6.73 -0.98 -1.48
N VAL A 68 5.70 -0.87 -0.67
CA VAL A 68 5.61 0.22 0.29
C VAL A 68 5.88 -0.25 1.69
N THR A 69 6.97 0.23 2.26
CA THR A 69 7.35 -0.17 3.60
C THR A 69 7.32 1.02 4.57
N PHE A 70 6.45 0.94 5.56
CA PHE A 70 6.40 1.93 6.62
C PHE A 70 7.16 1.42 7.84
N CYS A 71 8.32 2.01 8.09
CA CYS A 71 9.18 1.53 9.16
C CYS A 71 10.15 2.61 9.63
N ARG A 72 10.69 2.41 10.83
CA ARG A 72 11.75 3.26 11.35
C ARG A 72 12.99 2.41 11.62
N ARG A 73 12.99 1.20 11.07
CA ARG A 73 14.11 0.29 11.21
C ARG A 73 14.48 -0.29 9.84
N HIS A 74 15.71 -0.06 9.41
CA HIS A 74 16.16 -0.55 8.13
C HIS A 74 16.60 -2.01 8.22
N ILE A 75 15.67 -2.91 7.96
CA ILE A 75 15.98 -4.33 7.84
C ILE A 75 16.12 -4.67 6.36
N GLY A 76 15.53 -5.78 5.93
CA GLY A 76 15.49 -6.10 4.53
C GLY A 76 14.40 -5.34 3.82
N ILE A 77 14.42 -4.02 4.00
CA ILE A 77 13.37 -3.13 3.50
C ILE A 77 13.85 -2.32 2.30
N PRO A 78 13.01 -2.23 1.26
CA PRO A 78 13.26 -1.34 0.12
C PRO A 78 13.29 0.12 0.54
N LEU A 79 14.39 0.79 0.29
CA LEU A 79 14.59 2.16 0.76
C LEU A 79 14.14 3.18 -0.28
N GLU A 80 13.25 2.75 -1.17
CA GLU A 80 12.71 3.62 -2.21
C GLU A 80 13.82 4.13 -3.12
N LYS A 81 13.86 5.45 -3.34
CA LYS A 81 14.82 6.08 -4.24
C LYS A 81 14.88 5.37 -5.59
N ALA A 82 13.73 4.89 -6.03
CA ALA A 82 13.59 4.15 -7.27
C ALA A 82 12.13 3.93 -7.57
N PRO A 83 11.68 4.19 -8.80
CA PRO A 83 10.28 4.00 -9.19
C PRO A 83 9.85 2.53 -9.09
N GLY A 84 9.29 2.18 -7.95
CA GLY A 84 8.89 0.80 -7.71
C GLY A 84 9.07 0.43 -6.26
N GLU A 85 9.87 1.22 -5.56
CA GLU A 85 10.05 1.05 -4.12
C GLU A 85 9.50 2.26 -3.40
N TRP A 86 9.10 2.06 -2.16
CA TRP A 86 8.55 3.12 -1.34
C TRP A 86 9.02 2.96 0.11
N VAL A 87 9.76 3.92 0.61
CA VAL A 87 10.13 3.94 2.01
C VAL A 87 9.44 5.14 2.68
N HIS A 88 8.71 4.89 3.75
CA HIS A 88 7.95 5.95 4.38
C HIS A 88 7.96 5.86 5.89
N SER A 89 7.99 7.02 6.52
CA SER A 89 7.90 7.13 7.95
C SER A 89 6.51 6.71 8.42
N VAL A 90 6.46 5.70 9.28
CA VAL A 90 5.20 5.24 9.83
C VAL A 90 4.77 6.16 10.99
N ALA A 91 4.31 7.35 10.64
CA ALA A 91 3.89 8.32 11.62
C ALA A 91 2.37 8.37 11.74
N ALA A 92 1.70 8.49 10.60
CA ALA A 92 0.25 8.58 10.57
C ALA A 92 -0.35 7.48 9.73
N PRO A 93 -1.16 6.60 10.34
CA PRO A 93 -1.82 5.50 9.63
C PRO A 93 -2.63 5.96 8.42
N HIS A 94 -3.20 7.16 8.48
CA HIS A 94 -4.05 7.66 7.39
C HIS A 94 -3.22 7.99 6.14
N GLU A 95 -1.89 7.95 6.28
CA GLU A 95 -1.00 8.20 5.16
C GLU A 95 -0.94 6.99 4.23
N LEU A 96 -1.26 5.82 4.79
CA LEU A 96 -1.23 4.58 4.03
C LEU A 96 -2.35 4.55 2.98
N PRO A 97 -3.63 4.77 3.38
CA PRO A 97 -4.74 4.82 2.41
C PRO A 97 -4.54 5.90 1.36
N ALA A 98 -3.94 7.01 1.77
CA ALA A 98 -3.65 8.11 0.86
C ALA A 98 -2.59 7.71 -0.17
N LEU A 99 -1.57 7.01 0.30
CA LEU A 99 -0.51 6.53 -0.57
C LEU A 99 -1.05 5.49 -1.55
N LEU A 100 -1.88 4.58 -1.03
CA LEU A 100 -2.51 3.56 -1.85
C LEU A 100 -3.32 4.20 -2.96
N ALA A 101 -4.07 5.24 -2.61
CA ALA A 101 -4.85 5.99 -3.58
C ALA A 101 -3.95 6.63 -4.62
N ARG A 102 -2.92 7.34 -4.16
CA ARG A 102 -2.02 8.07 -5.05
C ARG A 102 -1.25 7.12 -5.98
N ILE A 103 -1.12 5.86 -5.58
CA ILE A 103 -0.48 4.86 -6.43
C ILE A 103 -1.47 4.31 -7.47
N TYR A 104 -2.70 4.09 -7.06
CA TYR A 104 -3.70 3.49 -7.93
C TYR A 104 -4.58 4.55 -8.61
N LEU A 105 -4.08 5.77 -8.66
CA LEU A 105 -4.73 6.89 -9.36
C LEU A 105 -6.07 7.26 -8.72
N ILE A 106 -6.07 7.41 -7.41
CA ILE A 106 -7.24 7.85 -6.67
C ILE A 106 -6.85 9.04 -5.79
N GLU A 107 -7.85 9.77 -5.28
CA GLU A 107 -7.59 10.91 -4.43
C GLU A 107 -7.92 10.59 -2.97
N MET A 108 -9.13 10.06 -2.77
CA MET A 108 -9.61 9.72 -1.42
C MET A 108 -9.63 10.95 -0.51
N GLU A 109 -9.52 10.73 0.79
CA GLU A 109 -9.57 11.82 1.75
C GLU A 109 -8.42 11.70 2.75
N SER A 110 -8.04 12.85 3.30
CA SER A 110 -6.96 12.93 4.28
C SER A 110 -6.80 14.36 4.80
N ASP A 111 -7.45 14.65 5.92
CA ASP A 111 -7.31 15.96 6.57
C ASP A 111 -6.13 15.92 7.52
N ASP A 112 -5.29 16.93 7.42
CA ASP A 112 -4.08 17.00 8.24
C ASP A 112 -4.22 18.11 9.28
N PRO A 113 -4.41 17.73 10.55
CA PRO A 113 -4.55 18.69 11.64
C PRO A 113 -3.20 19.18 12.14
N ALA A 114 -3.10 20.48 12.39
CA ALA A 114 -1.88 21.06 12.94
C ALA A 114 -1.85 20.88 14.44
N ASN A 115 -1.16 19.85 14.90
CA ASN A 115 -1.12 19.53 16.32
C ASN A 115 0.20 19.97 16.94
N ALA A 116 0.27 21.25 17.29
CA ALA A 116 1.42 21.78 17.98
C ALA A 116 1.29 21.56 19.48
N LEU A 117 2.40 21.23 20.13
CA LEU A 117 2.39 20.96 21.55
C LEU A 117 3.07 22.09 22.32
N PRO A 118 2.35 22.72 23.25
CA PRO A 118 2.89 23.78 24.10
C PRO A 118 3.67 23.21 25.28
N SER A 119 4.86 22.71 25.00
CA SER A 119 5.74 22.15 26.00
C SER A 119 6.08 23.19 27.08
N THR A 120 5.58 22.97 28.28
CA THR A 120 5.80 23.91 29.38
C THR A 120 6.97 23.46 30.24
N ASP A 121 7.80 22.59 29.69
CA ASP A 121 9.03 22.18 30.35
C ASP A 121 10.17 22.12 29.33
N MET A 1 -31.96 -22.04 -29.18
CA MET A 1 -31.24 -21.07 -30.02
C MET A 1 -31.04 -19.76 -29.27
N GLY A 2 -29.83 -19.22 -29.32
CA GLY A 2 -29.56 -17.97 -28.65
C GLY A 2 -28.07 -17.69 -28.53
N GLY A 3 -27.72 -16.42 -28.39
CA GLY A 3 -26.33 -16.03 -28.24
C GLY A 3 -25.88 -16.05 -26.79
N SER A 4 -24.87 -16.83 -26.51
CA SER A 4 -24.36 -16.97 -25.15
C SER A 4 -22.89 -16.58 -25.07
N GLY A 5 -22.29 -16.73 -23.89
CA GLY A 5 -20.91 -16.34 -23.69
C GLY A 5 -20.75 -15.48 -22.45
N VAL A 6 -19.74 -15.76 -21.66
CA VAL A 6 -19.54 -15.06 -20.39
C VAL A 6 -18.58 -13.89 -20.55
N GLU A 7 -18.68 -12.92 -19.66
CA GLU A 7 -17.82 -11.75 -19.69
C GLU A 7 -16.80 -11.79 -18.56
N GLY A 8 -15.78 -10.95 -18.67
CA GLY A 8 -14.74 -10.91 -17.65
C GLY A 8 -14.87 -9.69 -16.76
N LEU A 9 -14.72 -9.91 -15.46
CA LEU A 9 -14.81 -8.82 -14.50
C LEU A 9 -13.65 -8.91 -13.51
N SER A 10 -12.54 -8.28 -13.86
CA SER A 10 -11.35 -8.28 -13.01
C SER A 10 -11.31 -7.02 -12.16
N GLY A 11 -10.17 -6.77 -11.52
CA GLY A 11 -10.03 -5.61 -10.69
C GLY A 11 -8.62 -5.47 -10.18
N LYS A 12 -8.43 -4.57 -9.24
CA LYS A 12 -7.12 -4.31 -8.65
C LYS A 12 -6.91 -5.17 -7.41
N ARG A 13 -5.66 -5.56 -7.17
CA ARG A 13 -5.35 -6.44 -6.04
C ARG A 13 -4.26 -5.81 -5.17
N CYS A 14 -4.45 -5.87 -3.86
CA CYS A 14 -3.48 -5.34 -2.93
C CYS A 14 -3.19 -6.33 -1.81
N TRP A 15 -1.94 -6.77 -1.73
CA TRP A 15 -1.52 -7.69 -0.70
C TRP A 15 -0.99 -6.92 0.50
N LEU A 16 -1.32 -7.37 1.69
CA LEU A 16 -0.87 -6.70 2.89
C LEU A 16 -0.25 -7.69 3.87
N ALA A 17 0.92 -7.34 4.37
CA ALA A 17 1.59 -8.09 5.41
C ALA A 17 1.96 -7.14 6.54
N VAL A 18 0.93 -6.55 7.13
CA VAL A 18 1.11 -5.56 8.17
C VAL A 18 1.06 -6.23 9.54
N ARG A 19 2.13 -6.09 10.31
CA ARG A 19 2.20 -6.67 11.65
C ARG A 19 1.30 -5.88 12.60
N ASN A 20 1.17 -4.59 12.34
CA ASN A 20 0.27 -3.73 13.08
C ASN A 20 -1.18 -4.04 12.69
N ALA A 21 -1.83 -4.89 13.49
CA ALA A 21 -3.16 -5.40 13.18
C ALA A 21 -4.18 -4.27 12.96
N SER A 22 -4.33 -3.39 13.95
CA SER A 22 -5.30 -2.30 13.87
C SER A 22 -5.02 -1.40 12.67
N LEU A 23 -3.74 -1.13 12.45
CA LEU A 23 -3.31 -0.32 11.31
C LEU A 23 -3.69 -0.98 9.99
N CYS A 24 -3.52 -2.30 9.93
CA CYS A 24 -3.82 -3.07 8.73
C CYS A 24 -5.29 -2.96 8.37
N GLN A 25 -6.16 -3.10 9.38
CA GLN A 25 -7.60 -3.01 9.17
C GLN A 25 -7.98 -1.64 8.64
N PHE A 26 -7.31 -0.62 9.15
CA PHE A 26 -7.59 0.75 8.75
C PHE A 26 -7.32 0.97 7.27
N LEU A 27 -6.11 0.64 6.82
CA LEU A 27 -5.72 0.87 5.43
C LEU A 27 -6.48 -0.04 4.47
N GLU A 28 -6.72 -1.29 4.88
CA GLU A 28 -7.39 -2.24 4.01
C GLU A 28 -8.83 -1.82 3.75
N THR A 29 -9.49 -1.25 4.75
CA THR A 29 -10.87 -0.84 4.61
C THR A 29 -10.99 0.44 3.79
N SER A 30 -10.06 1.37 3.99
CA SER A 30 -10.12 2.65 3.29
C SER A 30 -9.80 2.47 1.81
N LEU A 31 -8.83 1.62 1.51
CA LEU A 31 -8.40 1.40 0.14
C LEU A 31 -9.43 0.55 -0.63
N GLN A 32 -10.11 -0.35 0.08
CA GLN A 32 -11.09 -1.24 -0.55
C GLN A 32 -12.33 -0.47 -1.00
N ARG A 33 -12.49 0.75 -0.49
CA ARG A 33 -13.64 1.60 -0.82
C ARG A 33 -13.67 1.95 -2.30
N SER A 34 -12.54 1.75 -2.97
CA SER A 34 -12.45 2.02 -4.40
C SER A 34 -12.92 0.82 -5.22
N GLY A 35 -13.10 -0.31 -4.57
CA GLY A 35 -13.49 -1.52 -5.26
C GLY A 35 -12.31 -2.44 -5.51
N ILE A 36 -11.28 -2.29 -4.69
CA ILE A 36 -10.07 -3.09 -4.80
C ILE A 36 -10.12 -4.27 -3.83
N VAL A 37 -9.65 -5.43 -4.26
CA VAL A 37 -9.68 -6.62 -3.42
C VAL A 37 -8.33 -6.83 -2.73
N VAL A 38 -8.38 -6.99 -1.42
CA VAL A 38 -7.18 -7.19 -0.63
C VAL A 38 -6.86 -8.68 -0.48
N THR A 39 -5.60 -8.97 -0.20
CA THR A 39 -5.16 -10.33 0.06
C THR A 39 -4.02 -10.32 1.07
N THR A 40 -4.01 -11.28 1.97
CA THR A 40 -2.96 -11.36 2.97
C THR A 40 -1.72 -12.02 2.39
N TYR A 41 -0.60 -11.30 2.41
CA TYR A 41 0.66 -11.85 1.94
C TYR A 41 1.20 -12.85 2.95
N GLU A 42 0.90 -14.11 2.71
CA GLU A 42 1.24 -15.17 3.64
C GLU A 42 2.53 -15.86 3.22
N GLY A 43 2.52 -16.44 2.02
CA GLY A 43 3.68 -17.15 1.53
C GLY A 43 3.55 -17.50 0.07
N GLN A 44 3.56 -16.48 -0.77
CA GLN A 44 3.47 -16.68 -2.22
C GLN A 44 4.37 -15.70 -2.96
N GLU A 45 4.26 -15.68 -4.27
CA GLU A 45 5.13 -14.88 -5.11
C GLU A 45 4.46 -13.57 -5.51
N PRO A 46 5.27 -12.54 -5.84
CA PRO A 46 4.76 -11.22 -6.22
C PRO A 46 4.07 -11.21 -7.58
N THR A 47 3.00 -10.43 -7.68
CA THR A 47 2.27 -10.27 -8.92
C THR A 47 2.55 -8.89 -9.52
N PRO A 48 2.74 -8.81 -10.84
CA PRO A 48 3.20 -7.59 -11.54
C PRO A 48 2.21 -6.43 -11.49
N GLU A 49 0.95 -6.73 -11.19
CA GLU A 49 -0.06 -5.68 -11.15
C GLU A 49 -0.53 -5.41 -9.73
N ASP A 50 0.00 -6.18 -8.79
CA ASP A 50 -0.42 -6.09 -7.40
C ASP A 50 0.58 -5.29 -6.59
N VAL A 51 0.15 -4.79 -5.44
CA VAL A 51 1.01 -4.00 -4.58
C VAL A 51 1.24 -4.72 -3.26
N LEU A 52 2.43 -4.56 -2.69
CA LEU A 52 2.76 -5.20 -1.42
C LEU A 52 2.87 -4.16 -0.31
N ILE A 53 1.82 -4.04 0.49
CA ILE A 53 1.84 -3.16 1.64
C ILE A 53 2.36 -3.92 2.84
N THR A 54 3.57 -3.61 3.26
CA THR A 54 4.24 -4.36 4.31
C THR A 54 4.59 -3.47 5.50
N ASP A 55 4.66 -4.09 6.67
CA ASP A 55 4.98 -3.38 7.90
C ASP A 55 6.17 -4.06 8.57
N GLU A 56 7.02 -3.26 9.22
CA GLU A 56 8.19 -3.76 9.93
C GLU A 56 9.27 -4.23 8.95
N VAL A 57 10.09 -5.18 9.41
CA VAL A 57 11.18 -5.68 8.60
C VAL A 57 10.85 -7.05 8.03
N VAL A 58 10.72 -7.12 6.72
CA VAL A 58 10.45 -8.39 6.06
C VAL A 58 11.63 -8.83 5.21
N SER A 59 12.44 -7.86 4.78
CA SER A 59 13.63 -8.12 3.96
C SER A 59 13.27 -8.87 2.67
N LYS A 60 12.14 -8.50 2.09
CA LYS A 60 11.66 -9.13 0.86
C LYS A 60 11.54 -8.08 -0.24
N LYS A 61 11.58 -8.53 -1.49
CA LYS A 61 11.40 -7.63 -2.62
C LYS A 61 10.13 -8.00 -3.39
N TRP A 62 9.43 -6.99 -3.87
CA TRP A 62 8.19 -7.20 -4.60
C TRP A 62 8.41 -7.01 -6.10
N GLN A 63 8.50 -8.12 -6.81
CA GLN A 63 8.62 -8.09 -8.26
C GLN A 63 7.23 -7.94 -8.89
N GLY A 64 6.64 -6.77 -8.71
CA GLY A 64 5.30 -6.55 -9.21
C GLY A 64 5.04 -5.10 -9.57
N ARG A 65 3.92 -4.57 -9.10
CA ARG A 65 3.55 -3.20 -9.40
C ARG A 65 4.37 -2.20 -8.58
N ALA A 66 4.28 -2.33 -7.26
CA ALA A 66 5.02 -1.45 -6.36
C ALA A 66 4.98 -1.99 -4.94
N VAL A 67 5.88 -1.49 -4.11
CA VAL A 67 5.95 -1.88 -2.71
C VAL A 67 5.65 -0.68 -1.81
N VAL A 68 4.92 -0.91 -0.75
CA VAL A 68 4.65 0.12 0.24
C VAL A 68 5.09 -0.38 1.61
N THR A 69 6.30 -0.05 2.00
CA THR A 69 6.85 -0.54 3.24
C THR A 69 6.84 0.53 4.32
N PHE A 70 6.26 0.21 5.46
CA PHE A 70 6.28 1.12 6.58
C PHE A 70 7.19 0.59 7.67
N CYS A 71 8.11 1.43 8.09
CA CYS A 71 9.11 1.06 9.08
C CYS A 71 9.46 2.27 9.93
N ARG A 72 10.54 2.17 10.68
CA ARG A 72 11.01 3.28 11.48
C ARG A 72 12.54 3.39 11.38
N ARG A 73 13.01 3.66 10.16
CA ARG A 73 14.43 3.70 9.85
C ARG A 73 15.10 2.37 10.19
N HIS A 74 14.94 1.41 9.30
CA HIS A 74 15.49 0.07 9.49
C HIS A 74 15.91 -0.51 8.15
N ILE A 75 17.17 -0.90 8.06
CA ILE A 75 17.73 -1.39 6.81
C ILE A 75 17.46 -2.88 6.64
N GLY A 76 16.74 -3.22 5.59
CA GLY A 76 16.41 -4.60 5.30
C GLY A 76 15.46 -4.67 4.13
N ILE A 77 14.48 -3.79 4.15
CA ILE A 77 13.59 -3.60 3.03
C ILE A 77 13.97 -2.31 2.31
N PRO A 78 13.56 -2.14 1.04
CA PRO A 78 13.86 -0.93 0.26
C PRO A 78 13.33 0.34 0.92
N LEU A 79 14.23 1.24 1.28
CA LEU A 79 13.85 2.49 1.91
C LEU A 79 13.50 3.54 0.85
N GLU A 80 12.66 3.14 -0.09
CA GLU A 80 12.21 3.99 -1.19
C GLU A 80 13.40 4.56 -1.97
N LYS A 81 13.43 5.88 -2.10
CA LYS A 81 14.40 6.59 -2.93
C LYS A 81 14.45 6.02 -4.35
N ALA A 82 13.32 5.49 -4.80
CA ALA A 82 13.19 4.92 -6.13
C ALA A 82 11.72 4.70 -6.45
N PRO A 83 11.26 5.21 -7.60
CA PRO A 83 9.85 5.05 -8.03
C PRO A 83 9.47 3.60 -8.26
N GLY A 84 8.88 2.98 -7.25
CA GLY A 84 8.50 1.59 -7.32
C GLY A 84 8.51 0.94 -5.96
N GLU A 85 9.29 1.49 -5.05
CA GLU A 85 9.37 0.98 -3.70
C GLU A 85 9.29 2.16 -2.75
N TRP A 86 8.32 2.12 -1.85
CA TRP A 86 8.07 3.24 -0.97
C TRP A 86 8.39 2.85 0.47
N VAL A 87 8.73 3.85 1.27
CA VAL A 87 9.01 3.64 2.68
C VAL A 87 8.60 4.87 3.48
N HIS A 88 8.07 4.65 4.67
CA HIS A 88 7.70 5.75 5.55
C HIS A 88 7.55 5.26 6.98
N SER A 89 7.61 6.18 7.92
CA SER A 89 7.49 5.87 9.32
C SER A 89 6.06 5.51 9.70
N VAL A 90 5.89 4.39 10.38
CA VAL A 90 4.56 3.98 10.87
C VAL A 90 4.12 4.83 12.04
N ALA A 91 4.05 6.15 11.82
CA ALA A 91 3.64 7.08 12.86
C ALA A 91 2.56 8.01 12.36
N ALA A 92 2.13 7.80 11.12
CA ALA A 92 1.10 8.61 10.51
C ALA A 92 0.23 7.79 9.57
N PRO A 93 -0.88 7.25 10.10
CA PRO A 93 -1.80 6.41 9.33
C PRO A 93 -2.37 7.11 8.10
N HIS A 94 -2.40 8.44 8.12
CA HIS A 94 -3.00 9.23 7.03
C HIS A 94 -2.22 9.06 5.71
N GLU A 95 -0.96 8.68 5.81
CA GLU A 95 -0.11 8.59 4.62
C GLU A 95 -0.36 7.29 3.86
N LEU A 96 -0.88 6.28 4.55
CA LEU A 96 -1.04 4.96 3.96
C LEU A 96 -2.07 4.94 2.84
N PRO A 97 -3.36 5.28 3.09
CA PRO A 97 -4.41 5.17 2.08
C PRO A 97 -4.19 6.15 0.92
N ALA A 98 -3.61 7.30 1.24
CA ALA A 98 -3.33 8.31 0.22
C ALA A 98 -2.25 7.82 -0.73
N LEU A 99 -1.22 7.19 -0.17
CA LEU A 99 -0.13 6.66 -0.97
C LEU A 99 -0.61 5.48 -1.81
N LEU A 100 -1.46 4.65 -1.24
CA LEU A 100 -2.02 3.50 -1.94
C LEU A 100 -2.79 3.97 -3.18
N ALA A 101 -3.64 4.97 -3.00
CA ALA A 101 -4.42 5.51 -4.09
C ALA A 101 -3.54 6.26 -5.09
N ARG A 102 -2.44 6.81 -4.60
CA ARG A 102 -1.49 7.53 -5.44
C ARG A 102 -0.80 6.58 -6.43
N ILE A 103 -0.31 5.46 -5.90
CA ILE A 103 0.41 4.49 -6.73
C ILE A 103 -0.52 3.90 -7.79
N TYR A 104 -1.75 3.62 -7.41
CA TYR A 104 -2.72 3.06 -8.34
C TYR A 104 -3.36 4.16 -9.18
N LEU A 105 -2.92 5.40 -8.95
CA LEU A 105 -3.44 6.59 -9.63
C LEU A 105 -4.96 6.63 -9.64
N ILE A 106 -5.55 6.56 -8.45
CA ILE A 106 -6.99 6.68 -8.31
C ILE A 106 -7.38 8.15 -8.24
N GLU A 107 -7.28 8.74 -7.04
CA GLU A 107 -7.61 10.15 -6.85
C GLU A 107 -7.36 10.59 -5.41
N MET A 108 -7.75 9.72 -4.48
CA MET A 108 -7.65 10.03 -3.05
C MET A 108 -6.22 10.26 -2.60
N GLU A 109 -5.82 11.52 -2.58
CA GLU A 109 -4.50 11.90 -2.07
C GLU A 109 -4.60 13.21 -1.31
N SER A 110 -3.94 13.25 -0.17
CA SER A 110 -3.94 14.40 0.71
C SER A 110 -2.96 14.17 1.85
N ASP A 111 -2.41 15.25 2.38
CA ASP A 111 -1.54 15.16 3.54
C ASP A 111 -2.28 15.69 4.77
N ASP A 112 -1.56 15.95 5.85
CA ASP A 112 -2.16 16.50 7.04
C ASP A 112 -1.56 17.86 7.36
N PRO A 113 -2.10 18.94 6.78
CA PRO A 113 -1.58 20.29 6.96
C PRO A 113 -2.08 20.91 8.26
N ALA A 114 -2.29 20.09 9.27
CA ALA A 114 -2.79 20.54 10.56
C ALA A 114 -1.65 21.02 11.45
N ASN A 115 -0.47 21.20 10.86
CA ASN A 115 0.69 21.69 11.60
C ASN A 115 0.45 23.13 12.04
N ALA A 116 0.19 23.30 13.33
CA ALA A 116 -0.15 24.60 13.87
C ALA A 116 1.01 25.17 14.67
N LEU A 117 1.09 26.49 14.71
CA LEU A 117 2.13 27.17 15.46
C LEU A 117 1.54 27.80 16.72
N PRO A 118 1.88 27.26 17.89
CA PRO A 118 1.46 27.81 19.17
C PRO A 118 2.30 29.03 19.56
N SER A 119 2.26 30.05 18.72
CA SER A 119 3.04 31.25 18.95
C SER A 119 2.30 32.48 18.41
N THR A 120 2.41 33.58 19.11
CA THR A 120 1.83 34.83 18.67
C THR A 120 2.88 35.94 18.70
N ASP A 121 3.10 36.51 19.88
CA ASP A 121 4.09 37.56 20.07
C ASP A 121 4.43 37.67 21.54
N MET A 1 -34.13 -20.94 -27.03
CA MET A 1 -33.23 -19.80 -27.33
C MET A 1 -32.48 -19.39 -26.08
N GLY A 2 -31.46 -18.57 -26.26
CA GLY A 2 -30.67 -18.12 -25.14
C GLY A 2 -29.87 -16.88 -25.46
N GLY A 3 -29.90 -15.91 -24.56
CA GLY A 3 -29.14 -14.70 -24.73
C GLY A 3 -28.20 -14.49 -23.57
N SER A 4 -27.31 -15.45 -23.36
CA SER A 4 -26.39 -15.42 -22.22
C SER A 4 -25.44 -14.25 -22.31
N GLY A 5 -25.42 -13.44 -21.26
CA GLY A 5 -24.47 -12.35 -21.15
C GLY A 5 -23.32 -12.74 -20.26
N VAL A 6 -22.33 -11.89 -20.15
CA VAL A 6 -21.18 -12.18 -19.32
C VAL A 6 -20.91 -11.06 -18.33
N GLU A 7 -20.26 -11.41 -17.23
CA GLU A 7 -19.87 -10.41 -16.24
C GLU A 7 -18.37 -10.46 -16.04
N GLY A 8 -17.70 -9.44 -16.54
CA GLY A 8 -16.26 -9.36 -16.42
C GLY A 8 -15.87 -8.47 -15.25
N LEU A 9 -15.86 -9.05 -14.06
CA LEU A 9 -15.56 -8.29 -12.85
C LEU A 9 -14.07 -7.97 -12.78
N SER A 10 -13.74 -6.74 -13.09
CA SER A 10 -12.36 -6.27 -13.05
C SER A 10 -12.01 -5.83 -11.64
N GLY A 11 -11.36 -6.72 -10.90
CA GLY A 11 -10.96 -6.41 -9.54
C GLY A 11 -9.46 -6.30 -9.43
N LYS A 12 -9.00 -5.13 -9.03
CA LYS A 12 -7.58 -4.89 -8.82
C LYS A 12 -7.14 -5.55 -7.51
N ARG A 13 -5.90 -5.99 -7.47
CA ARG A 13 -5.42 -6.75 -6.33
C ARG A 13 -4.31 -6.01 -5.58
N CYS A 14 -4.31 -6.16 -4.28
CA CYS A 14 -3.24 -5.64 -3.44
C CYS A 14 -2.96 -6.62 -2.33
N TRP A 15 -1.68 -6.80 -2.00
CA TRP A 15 -1.29 -7.71 -0.96
C TRP A 15 -0.79 -6.94 0.24
N LEU A 16 -1.21 -7.36 1.43
CA LEU A 16 -0.82 -6.68 2.64
C LEU A 16 -0.10 -7.64 3.58
N ALA A 17 1.04 -7.21 4.06
CA ALA A 17 1.79 -7.94 5.06
C ALA A 17 2.07 -7.05 6.26
N VAL A 18 0.98 -6.54 6.82
CA VAL A 18 1.06 -5.68 7.99
C VAL A 18 0.70 -6.49 9.23
N ARG A 19 1.64 -6.58 10.16
CA ARG A 19 1.43 -7.37 11.37
C ARG A 19 0.83 -6.49 12.45
N ASN A 20 0.73 -5.20 12.16
CA ASN A 20 0.12 -4.26 13.08
C ASN A 20 -1.36 -4.12 12.77
N ALA A 21 -2.19 -4.63 13.68
CA ALA A 21 -3.63 -4.76 13.45
C ALA A 21 -4.30 -3.44 13.08
N SER A 22 -4.08 -2.41 13.90
CA SER A 22 -4.71 -1.11 13.70
C SER A 22 -4.41 -0.55 12.31
N LEU A 23 -3.15 -0.66 11.90
CA LEU A 23 -2.72 -0.15 10.61
C LEU A 23 -3.34 -0.93 9.47
N CYS A 24 -3.26 -2.24 9.57
CA CYS A 24 -3.66 -3.11 8.48
C CYS A 24 -5.16 -3.05 8.23
N GLN A 25 -5.95 -3.03 9.30
CA GLN A 25 -7.41 -3.02 9.16
C GLN A 25 -7.89 -1.68 8.60
N PHE A 26 -7.34 -0.58 9.10
CA PHE A 26 -7.73 0.74 8.63
C PHE A 26 -7.38 0.92 7.16
N LEU A 27 -6.19 0.46 6.80
CA LEU A 27 -5.68 0.58 5.44
C LEU A 27 -6.51 -0.28 4.47
N GLU A 28 -6.73 -1.54 4.83
CA GLU A 28 -7.41 -2.47 3.93
C GLU A 28 -8.86 -2.04 3.68
N THR A 29 -9.56 -1.64 4.72
CA THR A 29 -10.95 -1.21 4.59
C THR A 29 -11.05 0.06 3.74
N SER A 30 -10.05 0.93 3.87
CA SER A 30 -10.01 2.17 3.09
C SER A 30 -9.80 1.89 1.61
N LEU A 31 -8.93 0.94 1.31
CA LEU A 31 -8.64 0.58 -0.08
C LEU A 31 -9.80 -0.17 -0.69
N GLN A 32 -10.47 -0.98 0.12
CA GLN A 32 -11.58 -1.80 -0.35
C GLN A 32 -12.80 -0.95 -0.71
N ARG A 33 -12.76 0.34 -0.38
CA ARG A 33 -13.84 1.26 -0.78
C ARG A 33 -13.97 1.29 -2.29
N SER A 34 -12.84 1.11 -2.96
CA SER A 34 -12.81 1.07 -4.41
C SER A 34 -13.27 -0.29 -4.95
N GLY A 35 -13.19 -1.30 -4.10
CA GLY A 35 -13.50 -2.65 -4.53
C GLY A 35 -12.26 -3.44 -4.85
N ILE A 36 -11.13 -2.97 -4.35
CA ILE A 36 -9.86 -3.63 -4.57
C ILE A 36 -9.70 -4.78 -3.57
N VAL A 37 -9.46 -5.97 -4.08
CA VAL A 37 -9.33 -7.15 -3.22
C VAL A 37 -7.94 -7.20 -2.59
N VAL A 38 -7.91 -7.03 -1.27
CA VAL A 38 -6.67 -7.05 -0.52
C VAL A 38 -6.48 -8.39 0.16
N THR A 39 -5.35 -9.03 -0.09
CA THR A 39 -5.07 -10.34 0.47
C THR A 39 -3.74 -10.32 1.24
N THR A 40 -3.69 -11.03 2.35
CA THR A 40 -2.49 -11.10 3.17
C THR A 40 -1.37 -11.83 2.44
N TYR A 41 -0.22 -11.19 2.35
CA TYR A 41 0.92 -11.75 1.65
C TYR A 41 1.80 -12.56 2.60
N GLU A 42 1.80 -13.86 2.40
CA GLU A 42 2.65 -14.76 3.18
C GLU A 42 3.74 -15.34 2.29
N GLY A 43 3.33 -15.75 1.09
CA GLY A 43 4.26 -16.32 0.14
C GLY A 43 3.57 -16.71 -1.15
N GLN A 44 2.75 -15.81 -1.67
CA GLN A 44 2.00 -16.07 -2.89
C GLN A 44 2.64 -15.35 -4.07
N GLU A 45 2.27 -15.76 -5.28
CA GLU A 45 2.84 -15.21 -6.49
C GLU A 45 2.44 -13.74 -6.67
N PRO A 46 3.43 -12.85 -6.80
CA PRO A 46 3.20 -11.42 -7.01
C PRO A 46 2.87 -11.10 -8.47
N THR A 47 1.96 -10.16 -8.67
CA THR A 47 1.61 -9.71 -9.99
C THR A 47 2.03 -8.26 -10.18
N PRO A 48 2.46 -7.88 -11.41
CA PRO A 48 2.87 -6.50 -11.73
C PRO A 48 1.70 -5.50 -11.71
N GLU A 49 0.60 -5.88 -11.08
CA GLU A 49 -0.56 -5.03 -10.95
C GLU A 49 -0.89 -4.81 -9.47
N ASP A 50 -0.23 -5.56 -8.59
CA ASP A 50 -0.53 -5.48 -7.16
C ASP A 50 0.57 -4.72 -6.42
N VAL A 51 0.17 -4.14 -5.29
CA VAL A 51 1.09 -3.42 -4.43
C VAL A 51 1.28 -4.17 -3.12
N LEU A 52 2.52 -4.27 -2.67
CA LEU A 52 2.82 -4.94 -1.39
C LEU A 52 2.86 -3.91 -0.25
N ILE A 53 1.77 -3.81 0.46
CA ILE A 53 1.69 -2.92 1.61
C ILE A 53 2.21 -3.63 2.86
N THR A 54 3.39 -3.23 3.31
CA THR A 54 4.07 -3.97 4.36
C THR A 54 4.38 -3.10 5.58
N ASP A 55 4.47 -3.74 6.73
CA ASP A 55 4.86 -3.04 7.96
C ASP A 55 6.08 -3.73 8.57
N GLU A 56 7.00 -2.92 9.09
CA GLU A 56 8.23 -3.40 9.70
C GLU A 56 9.13 -4.09 8.67
N VAL A 57 9.88 -5.08 9.11
CA VAL A 57 10.82 -5.78 8.25
C VAL A 57 10.25 -7.14 7.83
N VAL A 58 10.03 -7.30 6.54
CA VAL A 58 9.53 -8.57 6.02
C VAL A 58 10.70 -9.52 5.70
N SER A 59 11.89 -8.93 5.57
CA SER A 59 13.09 -9.67 5.21
C SER A 59 12.97 -10.26 3.80
N LYS A 60 12.15 -9.62 2.97
CA LYS A 60 12.00 -9.98 1.56
C LYS A 60 11.74 -8.71 0.75
N LYS A 61 11.48 -8.87 -0.53
CA LYS A 61 11.14 -7.75 -1.40
C LYS A 61 9.87 -8.06 -2.18
N TRP A 62 9.64 -7.34 -3.28
CA TRP A 62 8.40 -7.49 -4.02
C TRP A 62 8.63 -7.27 -5.51
N GLN A 63 8.34 -8.30 -6.30
CA GLN A 63 8.39 -8.19 -7.74
C GLN A 63 7.00 -7.98 -8.31
N GLY A 64 6.54 -6.74 -8.29
CA GLY A 64 5.22 -6.42 -8.78
C GLY A 64 5.10 -4.98 -9.23
N ARG A 65 3.97 -4.36 -8.92
CA ARG A 65 3.73 -2.97 -9.30
C ARG A 65 4.54 -2.01 -8.42
N ALA A 66 4.44 -2.19 -7.10
CA ALA A 66 5.16 -1.33 -6.16
C ALA A 66 5.10 -1.90 -4.75
N VAL A 67 5.97 -1.40 -3.89
CA VAL A 67 6.00 -1.81 -2.49
C VAL A 67 5.80 -0.59 -1.60
N VAL A 68 4.82 -0.66 -0.73
CA VAL A 68 4.57 0.40 0.24
C VAL A 68 5.02 -0.06 1.62
N THR A 69 6.25 0.26 1.99
CA THR A 69 6.81 -0.24 3.22
C THR A 69 6.82 0.83 4.31
N PHE A 70 6.17 0.51 5.43
CA PHE A 70 6.14 1.40 6.56
C PHE A 70 7.17 0.96 7.61
N CYS A 71 8.24 1.73 7.71
CA CYS A 71 9.30 1.47 8.66
C CYS A 71 9.73 2.76 9.34
N ARG A 72 9.98 2.69 10.64
CA ARG A 72 10.38 3.85 11.39
C ARG A 72 11.90 3.96 11.44
N ARG A 73 12.55 2.81 11.41
CA ARG A 73 14.00 2.75 11.45
C ARG A 73 14.52 1.94 10.25
N HIS A 74 15.74 2.25 9.83
CA HIS A 74 16.34 1.56 8.69
C HIS A 74 16.92 0.22 9.11
N ILE A 75 16.13 -0.84 8.92
CA ILE A 75 16.57 -2.19 9.27
C ILE A 75 16.44 -3.11 8.06
N GLY A 76 17.46 -3.11 7.21
CA GLY A 76 17.50 -4.01 6.07
C GLY A 76 16.64 -3.57 4.90
N ILE A 77 15.41 -3.18 5.20
CA ILE A 77 14.45 -2.75 4.19
C ILE A 77 14.93 -1.49 3.48
N PRO A 78 14.77 -1.44 2.15
CA PRO A 78 15.20 -0.31 1.33
C PRO A 78 14.39 0.96 1.64
N LEU A 79 14.91 2.10 1.21
CA LEU A 79 14.27 3.37 1.52
C LEU A 79 13.95 4.14 0.24
N GLU A 80 13.15 3.53 -0.62
CA GLU A 80 12.75 4.14 -1.88
C GLU A 80 13.98 4.41 -2.76
N LYS A 81 14.14 5.66 -3.21
CA LYS A 81 15.22 6.05 -4.12
C LYS A 81 15.25 5.16 -5.35
N ALA A 82 14.07 4.71 -5.75
CA ALA A 82 13.89 3.85 -6.91
C ALA A 82 12.42 3.79 -7.28
N PRO A 83 12.09 3.77 -8.57
CA PRO A 83 10.71 3.69 -9.05
C PRO A 83 10.09 2.32 -8.80
N GLY A 84 9.80 2.04 -7.55
CA GLY A 84 9.22 0.77 -7.19
C GLY A 84 8.98 0.63 -5.70
N GLU A 85 9.85 1.23 -4.90
CA GLU A 85 9.74 1.13 -3.46
C GLU A 85 9.33 2.47 -2.88
N TRP A 86 8.42 2.45 -1.93
CA TRP A 86 7.97 3.65 -1.25
C TRP A 86 8.15 3.45 0.25
N VAL A 87 8.79 4.39 0.92
CA VAL A 87 9.11 4.25 2.33
C VAL A 87 8.56 5.42 3.15
N HIS A 88 7.97 5.11 4.30
CA HIS A 88 7.59 6.13 5.27
C HIS A 88 7.42 5.52 6.64
N SER A 89 7.29 6.37 7.65
CA SER A 89 7.21 5.94 9.03
C SER A 89 5.91 5.19 9.32
N VAL A 90 6.02 4.10 10.08
CA VAL A 90 4.86 3.27 10.42
C VAL A 90 3.81 4.06 11.18
N ALA A 91 4.25 4.82 12.18
CA ALA A 91 3.34 5.60 13.00
C ALA A 91 2.95 6.91 12.30
N ALA A 92 2.46 6.78 11.08
CA ALA A 92 1.98 7.92 10.30
C ALA A 92 0.99 7.47 9.22
N PRO A 93 -0.14 6.84 9.61
CA PRO A 93 -1.10 6.30 8.66
C PRO A 93 -2.10 7.34 8.17
N HIS A 94 -1.82 8.62 8.43
CA HIS A 94 -2.70 9.69 7.97
C HIS A 94 -2.60 9.86 6.45
N GLU A 95 -1.46 9.44 5.90
CA GLU A 95 -1.25 9.55 4.46
C GLU A 95 -1.08 8.18 3.83
N LEU A 96 -1.21 7.14 4.65
CA LEU A 96 -0.99 5.76 4.19
C LEU A 96 -2.00 5.34 3.11
N PRO A 97 -3.32 5.43 3.37
CA PRO A 97 -4.33 5.05 2.37
C PRO A 97 -4.26 5.93 1.13
N ALA A 98 -3.85 7.17 1.32
CA ALA A 98 -3.72 8.12 0.23
C ALA A 98 -2.52 7.80 -0.64
N LEU A 99 -1.47 7.24 -0.02
CA LEU A 99 -0.28 6.83 -0.75
C LEU A 99 -0.60 5.65 -1.66
N LEU A 100 -1.46 4.76 -1.19
CA LEU A 100 -1.92 3.64 -1.99
C LEU A 100 -2.64 4.13 -3.24
N ALA A 101 -3.54 5.08 -3.03
CA ALA A 101 -4.29 5.68 -4.14
C ALA A 101 -3.37 6.47 -5.06
N ARG A 102 -2.29 7.00 -4.49
CA ARG A 102 -1.31 7.78 -5.22
C ARG A 102 -0.57 6.91 -6.24
N ILE A 103 -0.08 5.77 -5.77
CA ILE A 103 0.65 4.84 -6.62
C ILE A 103 -0.29 4.17 -7.62
N TYR A 104 -1.48 3.81 -7.15
CA TYR A 104 -2.46 3.10 -7.97
C TYR A 104 -3.15 4.05 -8.95
N LEU A 105 -2.85 5.35 -8.84
CA LEU A 105 -3.46 6.37 -9.69
C LEU A 105 -4.97 6.38 -9.54
N ILE A 106 -5.43 6.18 -8.32
CA ILE A 106 -6.87 6.12 -8.03
C ILE A 106 -7.49 7.51 -8.12
N GLU A 107 -6.91 8.47 -7.39
CA GLU A 107 -7.46 9.82 -7.35
C GLU A 107 -6.59 10.76 -6.52
N MET A 108 -6.54 10.50 -5.22
CA MET A 108 -5.93 11.41 -4.26
C MET A 108 -4.41 11.41 -4.35
N GLU A 109 -3.82 12.58 -4.08
CA GLU A 109 -2.39 12.71 -3.91
C GLU A 109 -2.11 12.94 -2.43
N SER A 110 -1.30 12.07 -1.83
CA SER A 110 -1.07 12.10 -0.40
C SER A 110 -0.28 13.33 0.05
N ASP A 111 1.04 13.23 -0.04
CA ASP A 111 1.91 14.29 0.43
C ASP A 111 3.25 14.22 -0.30
N ASP A 112 3.66 15.34 -0.87
CA ASP A 112 4.95 15.43 -1.53
C ASP A 112 6.01 15.89 -0.54
N PRO A 113 6.85 14.97 -0.05
CA PRO A 113 7.82 15.24 1.01
C PRO A 113 9.06 15.98 0.50
N ALA A 114 8.84 17.18 -0.02
CA ALA A 114 9.95 18.02 -0.46
C ALA A 114 10.53 18.81 0.71
N ASN A 115 11.11 18.09 1.66
CA ASN A 115 11.65 18.70 2.86
C ASN A 115 13.13 18.97 2.70
N ALA A 116 13.45 20.18 2.24
CA ALA A 116 14.83 20.60 2.09
C ALA A 116 15.01 22.00 2.66
N LEU A 117 16.24 22.51 2.60
CA LEU A 117 16.55 23.83 3.15
C LEU A 117 17.83 24.37 2.51
N PRO A 118 17.94 25.71 2.37
CA PRO A 118 19.16 26.35 1.91
C PRO A 118 20.32 26.10 2.88
N SER A 119 21.49 25.84 2.33
CA SER A 119 22.64 25.43 3.14
C SER A 119 23.58 26.59 3.42
N THR A 120 24.25 26.51 4.56
CA THR A 120 25.30 27.45 4.95
C THR A 120 24.81 28.90 5.00
N ASP A 121 25.73 29.84 4.84
CA ASP A 121 25.42 31.26 4.97
C ASP A 121 25.48 31.96 3.63
N MET A 1 -35.98 -18.03 -25.99
CA MET A 1 -34.88 -17.38 -26.73
C MET A 1 -34.25 -16.28 -25.89
N GLY A 2 -32.99 -15.99 -26.15
CA GLY A 2 -32.28 -14.98 -25.41
C GLY A 2 -30.82 -15.35 -25.21
N GLY A 3 -29.99 -14.35 -24.96
CA GLY A 3 -28.58 -14.61 -24.76
C GLY A 3 -28.16 -14.30 -23.35
N SER A 4 -27.84 -15.34 -22.59
CA SER A 4 -27.45 -15.21 -21.20
C SER A 4 -26.08 -14.52 -21.08
N GLY A 5 -26.10 -13.20 -20.90
CA GLY A 5 -24.87 -12.45 -20.79
C GLY A 5 -24.37 -12.39 -19.36
N VAL A 6 -23.60 -13.39 -18.97
CA VAL A 6 -23.02 -13.44 -17.64
C VAL A 6 -21.74 -12.60 -17.59
N GLU A 7 -21.76 -11.54 -16.80
CA GLU A 7 -20.62 -10.64 -16.67
C GLU A 7 -19.58 -11.22 -15.71
N GLY A 8 -18.36 -10.75 -15.83
CA GLY A 8 -17.29 -11.22 -15.00
C GLY A 8 -16.22 -10.16 -14.80
N LEU A 9 -15.98 -9.80 -13.56
CA LEU A 9 -15.03 -8.74 -13.25
C LEU A 9 -14.05 -9.17 -12.17
N SER A 10 -12.98 -8.42 -12.02
CA SER A 10 -12.00 -8.65 -10.96
C SER A 10 -11.29 -7.35 -10.64
N GLY A 11 -11.19 -7.03 -9.36
CA GLY A 11 -10.53 -5.82 -8.96
C GLY A 11 -9.04 -6.02 -8.77
N LYS A 12 -8.40 -5.05 -8.16
CA LYS A 12 -6.97 -5.11 -7.94
C LYS A 12 -6.68 -5.83 -6.64
N ARG A 13 -5.58 -6.56 -6.59
CA ARG A 13 -5.20 -7.30 -5.40
C ARG A 13 -4.08 -6.58 -4.67
N CYS A 14 -4.34 -6.22 -3.43
CA CYS A 14 -3.34 -5.59 -2.59
C CYS A 14 -2.86 -6.59 -1.54
N TRP A 15 -1.58 -6.95 -1.62
CA TRP A 15 -1.00 -7.91 -0.70
C TRP A 15 -0.41 -7.17 0.50
N LEU A 16 -1.04 -7.36 1.64
CA LEU A 16 -0.62 -6.66 2.84
C LEU A 16 -0.06 -7.65 3.86
N ALA A 17 1.11 -7.31 4.37
CA ALA A 17 1.75 -8.08 5.42
C ALA A 17 1.98 -7.15 6.61
N VAL A 18 0.92 -6.49 7.03
CA VAL A 18 0.96 -5.62 8.17
C VAL A 18 0.60 -6.41 9.42
N ARG A 19 1.51 -6.43 10.38
CA ARG A 19 1.31 -7.22 11.59
C ARG A 19 0.62 -6.39 12.65
N ASN A 20 0.55 -5.09 12.41
CA ASN A 20 -0.16 -4.18 13.30
C ASN A 20 -1.65 -4.24 13.01
N ALA A 21 -2.40 -4.89 13.90
CA ALA A 21 -3.82 -5.14 13.71
C ALA A 21 -4.61 -3.86 13.42
N SER A 22 -4.41 -2.84 14.25
CA SER A 22 -5.15 -1.59 14.09
C SER A 22 -4.78 -0.89 12.79
N LEU A 23 -3.48 -0.82 12.52
CA LEU A 23 -2.99 -0.15 11.33
C LEU A 23 -3.50 -0.84 10.07
N CYS A 24 -3.35 -2.16 10.03
CA CYS A 24 -3.71 -2.93 8.85
C CYS A 24 -5.19 -2.78 8.52
N GLN A 25 -6.03 -2.71 9.54
CA GLN A 25 -7.48 -2.58 9.35
C GLN A 25 -7.81 -1.20 8.77
N PHE A 26 -7.08 -0.19 9.18
CA PHE A 26 -7.35 1.17 8.73
C PHE A 26 -7.09 1.31 7.23
N LEU A 27 -5.92 0.89 6.78
CA LEU A 27 -5.55 1.05 5.38
C LEU A 27 -6.41 0.18 4.46
N GLU A 28 -6.64 -1.08 4.84
CA GLU A 28 -7.38 -2.00 3.98
C GLU A 28 -8.80 -1.50 3.73
N THR A 29 -9.48 -1.07 4.77
CA THR A 29 -10.86 -0.62 4.66
C THR A 29 -10.94 0.67 3.84
N SER A 30 -9.93 1.52 3.95
CA SER A 30 -9.90 2.76 3.19
C SER A 30 -9.89 2.49 1.68
N LEU A 31 -9.02 1.58 1.24
CA LEU A 31 -8.86 1.32 -0.19
C LEU A 31 -9.93 0.35 -0.72
N GLN A 32 -10.47 -0.49 0.16
CA GLN A 32 -11.42 -1.52 -0.26
C GLN A 32 -12.72 -0.92 -0.79
N ARG A 33 -13.02 0.31 -0.38
CA ARG A 33 -14.21 1.01 -0.84
C ARG A 33 -14.08 1.40 -2.31
N SER A 34 -12.91 1.12 -2.88
CA SER A 34 -12.64 1.39 -4.27
C SER A 34 -12.77 0.10 -5.10
N GLY A 35 -13.14 -1.00 -4.43
CA GLY A 35 -13.29 -2.27 -5.11
C GLY A 35 -12.01 -3.06 -5.15
N ILE A 36 -11.00 -2.60 -4.41
CA ILE A 36 -9.73 -3.30 -4.33
C ILE A 36 -9.80 -4.36 -3.24
N VAL A 37 -9.35 -5.56 -3.56
CA VAL A 37 -9.41 -6.67 -2.63
C VAL A 37 -8.06 -6.87 -1.94
N VAL A 38 -8.07 -6.82 -0.61
CA VAL A 38 -6.86 -7.01 0.17
C VAL A 38 -6.67 -8.49 0.51
N THR A 39 -5.44 -8.96 0.41
CA THR A 39 -5.11 -10.32 0.74
C THR A 39 -3.76 -10.36 1.47
N THR A 40 -3.72 -11.13 2.54
CA THR A 40 -2.52 -11.24 3.36
C THR A 40 -1.36 -11.84 2.57
N TYR A 41 -0.24 -11.14 2.54
CA TYR A 41 0.96 -11.67 1.93
C TYR A 41 1.66 -12.63 2.89
N GLU A 42 1.40 -13.91 2.70
CA GLU A 42 1.96 -14.93 3.58
C GLU A 42 3.16 -15.59 2.92
N GLY A 43 3.06 -15.79 1.61
CA GLY A 43 4.13 -16.43 0.88
C GLY A 43 3.70 -16.74 -0.55
N GLN A 44 3.44 -15.69 -1.30
CA GLN A 44 2.93 -15.82 -2.66
C GLN A 44 3.97 -15.39 -3.68
N GLU A 45 3.53 -15.03 -4.87
CA GLU A 45 4.44 -14.62 -5.93
C GLU A 45 4.24 -13.15 -6.26
N PRO A 46 5.34 -12.37 -6.38
CA PRO A 46 5.28 -10.95 -6.74
C PRO A 46 4.63 -10.73 -8.10
N THR A 47 3.58 -9.92 -8.13
CA THR A 47 2.86 -9.65 -9.37
C THR A 47 3.08 -8.21 -9.84
N PRO A 48 3.34 -8.03 -11.15
CA PRO A 48 3.69 -6.72 -11.73
C PRO A 48 2.63 -5.63 -11.53
N GLU A 49 1.38 -6.03 -11.33
CA GLU A 49 0.29 -5.07 -11.16
C GLU A 49 -0.11 -4.95 -9.70
N ASP A 50 0.48 -5.79 -8.86
CA ASP A 50 0.10 -5.82 -7.45
C ASP A 50 1.13 -5.09 -6.60
N VAL A 51 0.74 -4.69 -5.41
CA VAL A 51 1.63 -3.96 -4.52
C VAL A 51 1.89 -4.75 -3.24
N LEU A 52 3.09 -4.59 -2.70
CA LEU A 52 3.47 -5.26 -1.46
C LEU A 52 3.46 -4.26 -0.31
N ILE A 53 2.34 -4.17 0.38
CA ILE A 53 2.24 -3.28 1.52
C ILE A 53 2.66 -4.02 2.78
N THR A 54 3.84 -3.70 3.30
CA THR A 54 4.42 -4.47 4.38
C THR A 54 4.66 -3.62 5.62
N ASP A 55 4.75 -4.26 6.78
CA ASP A 55 4.96 -3.56 8.02
C ASP A 55 6.16 -4.14 8.79
N GLU A 56 7.05 -3.24 9.20
CA GLU A 56 8.21 -3.55 10.04
C GLU A 56 9.22 -4.47 9.35
N VAL A 57 8.99 -5.77 9.41
CA VAL A 57 10.00 -6.75 9.01
C VAL A 57 9.47 -7.71 7.98
N VAL A 58 10.25 -7.89 6.91
CA VAL A 58 9.97 -8.88 5.88
C VAL A 58 11.25 -9.29 5.18
N SER A 59 12.03 -8.30 4.76
CA SER A 59 13.34 -8.51 4.14
C SER A 59 13.23 -9.33 2.85
N LYS A 60 12.12 -9.18 2.15
CA LYS A 60 11.90 -9.87 0.89
C LYS A 60 11.88 -8.86 -0.25
N LYS A 61 11.86 -9.37 -1.48
CA LYS A 61 11.84 -8.49 -2.65
C LYS A 61 10.51 -8.63 -3.37
N TRP A 62 10.11 -7.57 -4.05
CA TRP A 62 8.83 -7.55 -4.74
C TRP A 62 8.99 -7.09 -6.18
N GLN A 63 8.97 -8.03 -7.09
CA GLN A 63 9.00 -7.73 -8.51
C GLN A 63 7.59 -7.44 -9.00
N GLY A 64 7.05 -6.31 -8.60
CA GLY A 64 5.68 -5.97 -8.91
C GLY A 64 5.49 -4.52 -9.23
N ARG A 65 4.31 -4.00 -8.91
CA ARG A 65 3.96 -2.62 -9.21
C ARG A 65 4.68 -1.65 -8.28
N ALA A 66 4.60 -1.91 -6.98
CA ALA A 66 5.22 -1.05 -5.99
C ALA A 66 5.38 -1.78 -4.66
N VAL A 67 6.48 -1.50 -3.98
CA VAL A 67 6.72 -2.06 -2.65
C VAL A 67 6.59 -0.96 -1.62
N VAL A 68 5.58 -1.05 -0.77
CA VAL A 68 5.29 -0.03 0.22
C VAL A 68 5.63 -0.52 1.61
N THR A 69 6.77 -0.11 2.11
CA THR A 69 7.23 -0.54 3.42
C THR A 69 6.94 0.50 4.49
N PHE A 70 6.07 0.16 5.43
CA PHE A 70 5.81 1.01 6.58
C PHE A 70 6.66 0.56 7.74
N CYS A 71 7.74 1.28 8.00
CA CYS A 71 8.66 0.94 9.07
C CYS A 71 9.27 2.21 9.65
N ARG A 72 10.00 2.07 10.74
CA ARG A 72 10.69 3.19 11.34
C ARG A 72 12.20 3.02 11.21
N ARG A 73 12.75 3.57 10.14
CA ARG A 73 14.18 3.47 9.84
C ARG A 73 14.63 2.01 9.87
N HIS A 74 14.10 1.23 8.93
CA HIS A 74 14.36 -0.20 8.90
C HIS A 74 14.93 -0.60 7.55
N ILE A 75 15.96 -1.43 7.57
CA ILE A 75 16.58 -1.91 6.36
C ILE A 75 16.16 -3.34 6.07
N GLY A 76 16.86 -4.00 5.15
CA GLY A 76 16.50 -5.36 4.77
C GLY A 76 15.54 -5.36 3.59
N ILE A 77 14.55 -4.49 3.66
CA ILE A 77 13.60 -4.30 2.58
C ILE A 77 13.93 -3.01 1.85
N PRO A 78 13.71 -2.94 0.53
CA PRO A 78 14.00 -1.74 -0.27
C PRO A 78 13.19 -0.53 0.18
N LEU A 79 13.78 0.29 1.04
CA LEU A 79 13.09 1.45 1.61
C LEU A 79 13.16 2.64 0.66
N GLU A 80 12.52 2.46 -0.50
CA GLU A 80 12.40 3.51 -1.52
C GLU A 80 13.77 3.91 -2.09
N LYS A 81 14.01 5.23 -2.18
CA LYS A 81 15.16 5.78 -2.88
C LYS A 81 15.27 5.22 -4.29
N ALA A 82 14.12 4.98 -4.91
CA ALA A 82 14.02 4.44 -6.26
C ALA A 82 12.56 4.45 -6.70
N PRO A 83 12.30 4.90 -7.94
CA PRO A 83 10.94 4.90 -8.49
C PRO A 83 10.37 3.49 -8.59
N GLY A 84 9.34 3.23 -7.80
CA GLY A 84 8.76 1.90 -7.75
C GLY A 84 8.64 1.40 -6.32
N GLU A 85 9.45 1.95 -5.44
CA GLU A 85 9.41 1.58 -4.04
C GLU A 85 8.95 2.77 -3.23
N TRP A 86 8.42 2.51 -2.05
CA TRP A 86 7.91 3.56 -1.19
C TRP A 86 8.24 3.27 0.27
N VAL A 87 8.79 4.25 0.95
CA VAL A 87 9.09 4.11 2.37
C VAL A 87 8.28 5.12 3.17
N HIS A 88 7.71 4.68 4.28
CA HIS A 88 6.97 5.56 5.16
C HIS A 88 6.97 5.01 6.56
N SER A 89 6.91 5.91 7.53
CA SER A 89 6.83 5.54 8.92
C SER A 89 5.44 5.01 9.26
N VAL A 90 5.36 4.12 10.25
CA VAL A 90 4.09 3.65 10.76
C VAL A 90 3.41 4.72 11.62
N ALA A 91 3.22 5.89 11.02
CA ALA A 91 2.63 7.03 11.71
C ALA A 91 1.94 7.93 10.70
N ALA A 92 1.09 8.84 11.19
CA ALA A 92 0.29 9.71 10.34
C ALA A 92 -0.57 8.88 9.39
N PRO A 93 -1.60 8.21 9.94
CA PRO A 93 -2.42 7.24 9.21
C PRO A 93 -3.20 7.85 8.03
N HIS A 94 -3.12 9.16 7.88
CA HIS A 94 -3.73 9.82 6.73
C HIS A 94 -2.85 9.61 5.49
N GLU A 95 -1.54 9.54 5.71
CA GLU A 95 -0.58 9.48 4.61
C GLU A 95 -0.52 8.08 4.01
N LEU A 96 -0.86 7.08 4.81
CA LEU A 96 -0.74 5.69 4.38
C LEU A 96 -1.69 5.36 3.21
N PRO A 97 -3.03 5.48 3.39
CA PRO A 97 -3.99 5.15 2.34
C PRO A 97 -3.94 6.14 1.18
N ALA A 98 -3.68 7.41 1.49
CA ALA A 98 -3.58 8.45 0.48
C ALA A 98 -2.40 8.19 -0.44
N LEU A 99 -1.32 7.67 0.11
CA LEU A 99 -0.14 7.33 -0.67
C LEU A 99 -0.47 6.20 -1.65
N LEU A 100 -1.08 5.14 -1.13
CA LEU A 100 -1.40 3.97 -1.94
C LEU A 100 -2.42 4.32 -3.02
N ALA A 101 -3.40 5.13 -2.65
CA ALA A 101 -4.44 5.54 -3.59
C ALA A 101 -3.84 6.32 -4.76
N ARG A 102 -2.80 7.09 -4.49
CA ARG A 102 -2.13 7.84 -5.53
C ARG A 102 -1.36 6.91 -6.47
N ILE A 103 -0.79 5.85 -5.91
CA ILE A 103 -0.04 4.86 -6.70
C ILE A 103 -0.97 4.13 -7.66
N TYR A 104 -2.19 3.86 -7.21
CA TYR A 104 -3.19 3.16 -8.01
C TYR A 104 -3.99 4.14 -8.86
N LEU A 105 -3.62 5.42 -8.80
CA LEU A 105 -4.29 6.48 -9.54
C LEU A 105 -5.78 6.53 -9.21
N ILE A 106 -6.09 6.52 -7.92
CA ILE A 106 -7.46 6.53 -7.47
C ILE A 106 -7.96 7.97 -7.28
N GLU A 107 -7.56 8.61 -6.18
CA GLU A 107 -8.09 9.93 -5.85
C GLU A 107 -7.34 10.57 -4.68
N MET A 108 -7.37 9.91 -3.52
CA MET A 108 -6.80 10.45 -2.27
C MET A 108 -5.42 11.07 -2.45
N GLU A 109 -5.20 12.19 -1.77
CA GLU A 109 -3.97 12.96 -1.92
C GLU A 109 -3.41 13.35 -0.54
N SER A 110 -2.30 14.09 -0.54
CA SER A 110 -1.64 14.45 0.70
C SER A 110 -1.86 15.93 1.03
N ASP A 111 -1.58 16.30 2.28
CA ASP A 111 -1.78 17.68 2.74
C ASP A 111 -0.98 17.94 4.02
N ASP A 112 0.05 18.75 3.90
CA ASP A 112 0.87 19.16 5.03
C ASP A 112 1.66 20.41 4.66
N PRO A 113 1.10 21.59 4.94
CA PRO A 113 1.70 22.88 4.54
C PRO A 113 3.01 23.17 5.27
N ALA A 114 2.91 23.50 6.55
CA ALA A 114 4.08 23.90 7.31
C ALA A 114 3.99 23.41 8.74
N ASN A 115 5.15 23.28 9.39
CA ASN A 115 5.22 22.82 10.77
C ASN A 115 6.59 23.08 11.35
N ALA A 116 6.99 24.34 11.36
CA ALA A 116 8.29 24.73 11.89
C ALA A 116 8.14 25.68 13.05
N LEU A 117 9.13 25.70 13.93
CA LEU A 117 9.12 26.60 15.07
C LEU A 117 10.51 27.20 15.26
N PRO A 118 10.64 28.50 14.98
CA PRO A 118 11.91 29.21 15.08
C PRO A 118 12.31 29.50 16.53
N SER A 119 13.30 30.35 16.72
CA SER A 119 13.81 30.66 18.04
C SER A 119 12.86 31.58 18.82
N THR A 120 11.78 31.01 19.34
CA THR A 120 10.93 31.72 20.27
C THR A 120 11.52 31.59 21.67
N ASP A 121 12.61 32.30 21.89
CA ASP A 121 13.35 32.22 23.15
C ASP A 121 12.53 32.79 24.29
N MET A 1 -31.14 -18.56 -29.58
CA MET A 1 -31.32 -18.90 -28.15
C MET A 1 -30.28 -19.93 -27.72
N GLY A 2 -30.05 -20.03 -26.41
CA GLY A 2 -29.08 -20.98 -25.90
C GLY A 2 -28.40 -20.49 -24.64
N GLY A 3 -28.46 -19.17 -24.42
CA GLY A 3 -27.86 -18.60 -23.24
C GLY A 3 -26.65 -17.75 -23.57
N SER A 4 -26.47 -16.66 -22.84
CA SER A 4 -25.31 -15.79 -23.05
C SER A 4 -24.13 -16.27 -22.21
N GLY A 5 -22.95 -15.71 -22.47
CA GLY A 5 -21.76 -16.10 -21.74
C GLY A 5 -21.70 -15.49 -20.36
N VAL A 6 -20.62 -14.77 -20.10
CA VAL A 6 -20.42 -14.15 -18.80
C VAL A 6 -19.57 -12.89 -18.94
N GLU A 7 -19.82 -11.92 -18.08
CA GLU A 7 -19.03 -10.69 -18.07
C GLU A 7 -17.79 -10.89 -17.21
N GLY A 8 -16.65 -10.44 -17.73
CA GLY A 8 -15.40 -10.56 -17.00
C GLY A 8 -15.25 -9.47 -15.97
N LEU A 9 -15.61 -9.78 -14.74
CA LEU A 9 -15.48 -8.83 -13.64
C LEU A 9 -14.44 -9.30 -12.65
N SER A 10 -13.42 -8.49 -12.44
CA SER A 10 -12.35 -8.81 -11.51
C SER A 10 -12.08 -7.61 -10.61
N GLY A 11 -11.19 -7.78 -9.65
CA GLY A 11 -10.86 -6.70 -8.75
C GLY A 11 -9.37 -6.56 -8.57
N LYS A 12 -8.88 -5.33 -8.64
CA LYS A 12 -7.48 -5.03 -8.39
C LYS A 12 -7.06 -5.63 -7.05
N ARG A 13 -5.94 -6.33 -7.03
CA ARG A 13 -5.50 -7.04 -5.85
C ARG A 13 -4.35 -6.32 -5.16
N CYS A 14 -4.30 -6.46 -3.85
CA CYS A 14 -3.20 -5.92 -3.07
C CYS A 14 -2.87 -6.89 -1.94
N TRP A 15 -1.60 -7.20 -1.79
CA TRP A 15 -1.16 -8.13 -0.76
C TRP A 15 -0.56 -7.36 0.40
N LEU A 16 -1.12 -7.58 1.59
CA LEU A 16 -0.68 -6.84 2.75
C LEU A 16 -0.04 -7.76 3.78
N ALA A 17 1.12 -7.35 4.26
CA ALA A 17 1.81 -8.02 5.34
C ALA A 17 2.11 -7.00 6.44
N VAL A 18 1.07 -6.32 6.88
CA VAL A 18 1.18 -5.34 7.94
C VAL A 18 1.04 -6.02 9.30
N ARG A 19 1.98 -5.77 10.18
CA ARG A 19 2.00 -6.42 11.48
C ARG A 19 1.11 -5.67 12.46
N ASN A 20 1.00 -4.36 12.26
CA ASN A 20 0.12 -3.55 13.07
C ASN A 20 -1.33 -3.78 12.66
N ALA A 21 -2.05 -4.53 13.48
CA ALA A 21 -3.42 -4.93 13.16
C ALA A 21 -4.34 -3.71 13.07
N SER A 22 -4.11 -2.71 13.91
CA SER A 22 -4.92 -1.50 13.88
C SER A 22 -4.69 -0.72 12.60
N LEU A 23 -3.43 -0.60 12.22
CA LEU A 23 -3.04 0.11 11.00
C LEU A 23 -3.58 -0.61 9.77
N CYS A 24 -3.35 -1.92 9.74
CA CYS A 24 -3.74 -2.74 8.60
C CYS A 24 -5.25 -2.72 8.40
N GLN A 25 -6.00 -2.80 9.50
CA GLN A 25 -7.45 -2.86 9.42
C GLN A 25 -8.02 -1.56 8.85
N PHE A 26 -7.47 -0.43 9.28
CA PHE A 26 -7.92 0.86 8.79
C PHE A 26 -7.65 0.97 7.29
N LEU A 27 -6.42 0.71 6.90
CA LEU A 27 -5.98 0.83 5.52
C LEU A 27 -6.75 -0.12 4.61
N GLU A 28 -6.88 -1.38 5.00
CA GLU A 28 -7.53 -2.38 4.16
C GLU A 28 -9.00 -2.06 3.94
N THR A 29 -9.66 -1.56 4.98
CA THR A 29 -11.06 -1.17 4.87
C THR A 29 -11.22 0.03 3.94
N SER A 30 -10.30 0.99 4.07
CA SER A 30 -10.32 2.19 3.25
C SER A 30 -10.10 1.88 1.78
N LEU A 31 -9.09 1.06 1.50
CA LEU A 31 -8.72 0.70 0.13
C LEU A 31 -9.82 -0.12 -0.53
N GLN A 32 -10.47 -0.97 0.25
CA GLN A 32 -11.50 -1.86 -0.28
C GLN A 32 -12.73 -1.09 -0.71
N ARG A 33 -12.85 0.16 -0.27
CA ARG A 33 -13.97 1.01 -0.66
C ARG A 33 -13.89 1.35 -2.14
N SER A 34 -12.68 1.27 -2.68
CA SER A 34 -12.45 1.58 -4.08
C SER A 34 -12.65 0.35 -4.96
N GLY A 35 -12.96 -0.78 -4.34
CA GLY A 35 -13.18 -2.00 -5.09
C GLY A 35 -11.92 -2.86 -5.15
N ILE A 36 -10.87 -2.38 -4.51
CA ILE A 36 -9.63 -3.12 -4.44
C ILE A 36 -9.72 -4.17 -3.34
N VAL A 37 -9.32 -5.39 -3.65
CA VAL A 37 -9.43 -6.49 -2.71
C VAL A 37 -8.10 -6.73 -2.00
N VAL A 38 -8.15 -6.83 -0.68
CA VAL A 38 -6.95 -7.04 0.12
C VAL A 38 -6.77 -8.52 0.44
N THR A 39 -5.54 -9.00 0.31
CA THR A 39 -5.21 -10.38 0.65
C THR A 39 -4.00 -10.41 1.58
N THR A 40 -4.10 -11.23 2.62
CA THR A 40 -3.00 -11.40 3.55
C THR A 40 -1.83 -12.13 2.89
N TYR A 41 -0.70 -11.45 2.76
CA TYR A 41 0.46 -12.00 2.08
C TYR A 41 1.24 -12.92 3.01
N GLU A 42 1.32 -14.19 2.64
CA GLU A 42 2.16 -15.15 3.34
C GLU A 42 3.08 -15.85 2.34
N GLY A 43 2.74 -17.08 1.97
CA GLY A 43 3.50 -17.78 0.97
C GLY A 43 2.86 -17.69 -0.40
N GLN A 44 2.84 -16.49 -0.95
CA GLN A 44 2.18 -16.25 -2.23
C GLN A 44 3.16 -15.65 -3.23
N GLU A 45 2.79 -15.68 -4.50
CA GLU A 45 3.66 -15.21 -5.56
C GLU A 45 3.36 -13.74 -5.90
N PRO A 46 4.40 -12.99 -6.29
CA PRO A 46 4.25 -11.58 -6.69
C PRO A 46 3.57 -11.44 -8.05
N THR A 47 2.78 -10.39 -8.22
CA THR A 47 2.10 -10.15 -9.48
C THR A 47 2.43 -8.76 -10.02
N PRO A 48 2.66 -8.65 -11.34
CA PRO A 48 3.07 -7.40 -12.00
C PRO A 48 2.09 -6.24 -11.80
N GLU A 49 0.84 -6.57 -11.52
CA GLU A 49 -0.18 -5.53 -11.37
C GLU A 49 -0.58 -5.35 -9.92
N ASP A 50 0.00 -6.15 -9.03
CA ASP A 50 -0.37 -6.11 -7.62
C ASP A 50 0.67 -5.33 -6.83
N VAL A 51 0.29 -4.91 -5.63
CA VAL A 51 1.17 -4.15 -4.77
C VAL A 51 1.39 -4.84 -3.44
N LEU A 52 2.58 -4.68 -2.88
CA LEU A 52 2.92 -5.26 -1.59
C LEU A 52 2.93 -4.19 -0.51
N ILE A 53 1.90 -4.18 0.32
CA ILE A 53 1.84 -3.25 1.45
C ILE A 53 2.42 -3.93 2.67
N THR A 54 3.60 -3.53 3.07
CA THR A 54 4.33 -4.24 4.12
C THR A 54 4.71 -3.31 5.27
N ASP A 55 4.71 -3.84 6.48
CA ASP A 55 5.07 -3.07 7.66
C ASP A 55 6.01 -3.87 8.56
N GLU A 56 6.87 -3.14 9.28
CA GLU A 56 7.83 -3.73 10.22
C GLU A 56 9.02 -4.35 9.48
N VAL A 57 9.65 -5.35 10.09
CA VAL A 57 10.85 -5.94 9.52
C VAL A 57 10.52 -7.13 8.64
N VAL A 58 10.87 -7.02 7.36
CA VAL A 58 10.67 -8.09 6.40
C VAL A 58 11.73 -8.03 5.31
N SER A 59 12.28 -9.18 4.95
CA SER A 59 13.24 -9.25 3.86
C SER A 59 12.49 -9.54 2.55
N LYS A 60 11.89 -8.50 1.98
CA LYS A 60 11.07 -8.67 0.80
C LYS A 60 11.48 -7.73 -0.32
N LYS A 61 11.41 -8.22 -1.55
CA LYS A 61 11.59 -7.38 -2.71
C LYS A 61 10.48 -7.69 -3.73
N TRP A 62 9.49 -6.82 -3.78
CA TRP A 62 8.30 -7.04 -4.59
C TRP A 62 8.61 -6.97 -6.07
N GLN A 63 8.49 -8.11 -6.74
CA GLN A 63 8.66 -8.18 -8.18
C GLN A 63 7.30 -7.99 -8.86
N GLY A 64 6.72 -6.81 -8.70
CA GLY A 64 5.42 -6.53 -9.25
C GLY A 64 5.25 -5.06 -9.61
N ARG A 65 4.07 -4.53 -9.32
CA ARG A 65 3.75 -3.15 -9.67
C ARG A 65 4.52 -2.16 -8.79
N ALA A 66 4.26 -2.19 -7.49
CA ALA A 66 4.90 -1.25 -6.58
C ALA A 66 4.88 -1.79 -5.16
N VAL A 67 5.76 -1.25 -4.32
CA VAL A 67 5.84 -1.65 -2.92
C VAL A 67 5.52 -0.46 -2.02
N VAL A 68 4.79 -0.73 -0.95
CA VAL A 68 4.49 0.30 0.05
C VAL A 68 4.95 -0.19 1.42
N THR A 69 6.15 0.22 1.79
CA THR A 69 6.77 -0.27 3.01
C THR A 69 6.77 0.79 4.12
N PHE A 70 6.32 0.39 5.30
CA PHE A 70 6.33 1.26 6.46
C PHE A 70 7.41 0.83 7.43
N CYS A 71 8.35 1.74 7.70
CA CYS A 71 9.49 1.44 8.53
C CYS A 71 9.59 2.41 9.70
N ARG A 72 10.43 2.07 10.65
CA ARG A 72 10.65 2.92 11.82
C ARG A 72 12.12 2.89 12.23
N ARG A 73 12.69 1.70 12.23
CA ARG A 73 14.08 1.53 12.65
C ARG A 73 14.96 1.16 11.45
N HIS A 74 16.07 0.49 11.74
CA HIS A 74 17.05 0.14 10.72
C HIS A 74 16.71 -1.19 10.07
N ILE A 75 15.81 -1.16 9.11
CA ILE A 75 15.46 -2.36 8.34
C ILE A 75 16.27 -2.39 7.05
N GLY A 76 16.79 -3.58 6.71
CA GLY A 76 17.63 -3.71 5.53
C GLY A 76 16.83 -3.82 4.24
N ILE A 77 15.67 -3.20 4.21
CA ILE A 77 14.84 -3.16 3.02
C ILE A 77 15.13 -1.89 2.23
N PRO A 78 14.97 -1.93 0.90
CA PRO A 78 15.16 -0.75 0.04
C PRO A 78 14.20 0.39 0.40
N LEU A 79 14.70 1.34 1.17
CA LEU A 79 13.91 2.48 1.60
C LEU A 79 13.74 3.50 0.48
N GLU A 80 12.98 3.11 -0.54
CA GLU A 80 12.70 3.96 -1.69
C GLU A 80 13.99 4.37 -2.40
N LYS A 81 14.21 5.69 -2.52
CA LYS A 81 15.32 6.24 -3.29
C LYS A 81 15.32 5.70 -4.72
N ALA A 82 14.13 5.32 -5.17
CA ALA A 82 13.92 4.79 -6.50
C ALA A 82 12.42 4.64 -6.74
N PRO A 83 11.86 5.46 -7.64
CA PRO A 83 10.43 5.42 -7.97
C PRO A 83 9.96 4.03 -8.36
N GLY A 84 9.36 3.35 -7.40
CA GLY A 84 8.89 1.99 -7.60
C GLY A 84 8.69 1.29 -6.27
N GLU A 85 9.59 1.60 -5.34
CA GLU A 85 9.47 1.11 -3.97
C GLU A 85 9.28 2.30 -3.06
N TRP A 86 8.19 2.31 -2.31
CA TRP A 86 7.88 3.45 -1.45
C TRP A 86 8.16 3.10 0.00
N VAL A 87 8.60 4.09 0.75
CA VAL A 87 8.86 3.90 2.17
C VAL A 87 8.44 5.15 2.95
N HIS A 88 7.92 4.94 4.14
CA HIS A 88 7.59 6.04 5.02
C HIS A 88 7.59 5.56 6.47
N SER A 89 7.83 6.48 7.38
CA SER A 89 7.78 6.18 8.79
C SER A 89 6.37 5.77 9.21
N VAL A 90 6.23 4.56 9.74
CA VAL A 90 4.92 4.06 10.15
C VAL A 90 4.42 4.84 11.37
N ALA A 91 3.45 5.72 11.12
CA ALA A 91 2.88 6.53 12.19
C ALA A 91 1.42 6.87 11.87
N ALA A 92 1.16 8.14 11.58
CA ALA A 92 -0.19 8.62 11.30
C ALA A 92 -0.85 7.84 10.18
N PRO A 93 -1.97 7.18 10.49
CA PRO A 93 -2.75 6.40 9.53
C PRO A 93 -3.45 7.27 8.48
N HIS A 94 -2.66 8.01 7.72
CA HIS A 94 -3.17 8.70 6.54
C HIS A 94 -2.27 8.39 5.34
N GLU A 95 -1.08 7.89 5.66
CA GLU A 95 -0.06 7.63 4.66
C GLU A 95 -0.47 6.50 3.73
N LEU A 96 -0.89 5.39 4.32
CA LEU A 96 -1.20 4.17 3.57
C LEU A 96 -2.17 4.42 2.40
N PRO A 97 -3.39 4.94 2.66
CA PRO A 97 -4.41 5.06 1.61
C PRO A 97 -4.14 6.24 0.66
N ALA A 98 -3.53 7.29 1.18
CA ALA A 98 -3.22 8.47 0.37
C ALA A 98 -2.09 8.19 -0.59
N LEU A 99 -1.07 7.51 -0.11
CA LEU A 99 0.09 7.14 -0.94
C LEU A 99 -0.35 6.20 -2.04
N LEU A 100 -1.23 5.26 -1.71
CA LEU A 100 -1.75 4.31 -2.68
C LEU A 100 -2.54 5.03 -3.77
N ALA A 101 -3.33 6.02 -3.36
CA ALA A 101 -4.11 6.81 -4.30
C ALA A 101 -3.20 7.60 -5.24
N ARG A 102 -2.05 8.03 -4.72
CA ARG A 102 -1.06 8.73 -5.51
C ARG A 102 -0.38 7.79 -6.50
N ILE A 103 0.00 6.62 -6.00
CA ILE A 103 0.67 5.61 -6.82
C ILE A 103 -0.22 5.16 -7.98
N TYR A 104 -1.48 4.90 -7.68
CA TYR A 104 -2.43 4.44 -8.68
C TYR A 104 -2.90 5.60 -9.56
N LEU A 105 -2.44 6.80 -9.23
CA LEU A 105 -2.87 8.02 -9.92
C LEU A 105 -4.39 8.11 -9.94
N ILE A 106 -4.99 7.84 -8.78
CA ILE A 106 -6.43 7.82 -8.63
C ILE A 106 -7.02 9.18 -8.95
N GLU A 107 -6.66 10.18 -8.15
CA GLU A 107 -7.21 11.52 -8.25
C GLU A 107 -6.78 12.32 -7.04
N MET A 108 -7.23 11.86 -5.88
CA MET A 108 -6.94 12.47 -4.60
C MET A 108 -5.50 12.18 -4.16
N GLU A 109 -4.55 12.71 -4.91
CA GLU A 109 -3.15 12.55 -4.58
C GLU A 109 -2.69 13.67 -3.66
N SER A 110 -1.77 13.35 -2.77
CA SER A 110 -1.25 14.33 -1.84
C SER A 110 0.23 14.60 -2.13
N ASP A 111 0.61 15.87 -2.06
CA ASP A 111 1.99 16.28 -2.31
C ASP A 111 2.88 15.96 -1.12
N ASP A 112 4.17 15.76 -1.37
CA ASP A 112 5.13 15.44 -0.33
C ASP A 112 5.66 16.71 0.33
N PRO A 113 5.28 16.94 1.60
CA PRO A 113 5.65 18.15 2.32
C PRO A 113 7.14 18.20 2.67
N ALA A 114 7.89 18.97 1.90
CA ALA A 114 9.31 19.17 2.17
C ALA A 114 9.48 20.18 3.30
N ASN A 115 9.22 19.73 4.52
CA ASN A 115 9.25 20.60 5.68
C ASN A 115 10.67 20.69 6.23
N ALA A 116 11.51 21.45 5.54
CA ALA A 116 12.88 21.66 5.97
C ALA A 116 13.48 22.83 5.21
N LEU A 117 13.34 24.02 5.76
CA LEU A 117 13.83 25.23 5.13
C LEU A 117 14.60 26.09 6.12
N PRO A 118 15.89 25.78 6.34
CA PRO A 118 16.72 26.51 7.29
C PRO A 118 17.21 27.85 6.74
N SER A 119 17.47 28.79 7.64
CA SER A 119 17.94 30.12 7.27
C SER A 119 19.44 30.12 6.97
N THR A 120 20.03 28.92 7.03
CA THR A 120 21.46 28.73 6.77
C THR A 120 22.32 29.53 7.76
N ASP A 121 23.62 29.53 7.55
CA ASP A 121 24.53 30.27 8.43
C ASP A 121 24.86 31.62 7.80
N MET A 1 -34.74 -14.96 -30.74
CA MET A 1 -34.80 -14.06 -29.58
C MET A 1 -33.55 -14.20 -28.72
N GLY A 2 -33.00 -13.08 -28.29
CA GLY A 2 -31.82 -13.11 -27.46
C GLY A 2 -31.34 -11.71 -27.10
N GLY A 3 -30.52 -11.61 -26.07
CA GLY A 3 -30.04 -10.31 -25.65
C GLY A 3 -29.31 -10.37 -24.33
N SER A 4 -29.92 -11.04 -23.36
CA SER A 4 -29.33 -11.18 -22.03
C SER A 4 -27.96 -11.85 -22.12
N GLY A 5 -26.98 -11.22 -21.49
CA GLY A 5 -25.63 -11.72 -21.56
C GLY A 5 -24.94 -11.73 -20.22
N VAL A 6 -23.62 -11.71 -20.25
CA VAL A 6 -22.84 -11.74 -19.03
C VAL A 6 -21.96 -10.48 -18.93
N GLU A 7 -21.93 -9.88 -17.76
CA GLU A 7 -21.13 -8.68 -17.53
C GLU A 7 -19.94 -8.99 -16.63
N GLY A 8 -18.82 -8.33 -16.89
CA GLY A 8 -17.63 -8.56 -16.10
C GLY A 8 -17.03 -7.27 -15.57
N LEU A 9 -16.49 -7.34 -14.35
CA LEU A 9 -15.87 -6.17 -13.73
C LEU A 9 -14.42 -6.46 -13.38
N SER A 10 -13.59 -5.44 -13.40
CA SER A 10 -12.18 -5.59 -13.08
C SER A 10 -11.74 -4.57 -12.03
N GLY A 11 -11.06 -5.05 -11.00
CA GLY A 11 -10.53 -4.17 -9.99
C GLY A 11 -9.04 -4.32 -9.83
N LYS A 12 -8.51 -3.87 -8.70
CA LYS A 12 -7.09 -4.00 -8.42
C LYS A 12 -6.88 -5.00 -7.30
N ARG A 13 -5.69 -5.54 -7.21
CA ARG A 13 -5.35 -6.45 -6.15
C ARG A 13 -4.14 -5.94 -5.37
N CYS A 14 -4.14 -6.19 -4.07
CA CYS A 14 -3.01 -5.82 -3.24
C CYS A 14 -2.77 -6.87 -2.17
N TRP A 15 -1.51 -7.01 -1.77
CA TRP A 15 -1.15 -7.95 -0.72
C TRP A 15 -0.67 -7.19 0.51
N LEU A 16 -1.24 -7.50 1.65
CA LEU A 16 -0.93 -6.77 2.87
C LEU A 16 -0.26 -7.68 3.90
N ALA A 17 0.86 -7.21 4.44
CA ALA A 17 1.54 -7.88 5.52
C ALA A 17 1.80 -6.89 6.65
N VAL A 18 0.73 -6.48 7.31
CA VAL A 18 0.81 -5.49 8.37
C VAL A 18 0.76 -6.17 9.74
N ARG A 19 1.60 -5.71 10.66
CA ARG A 19 1.66 -6.27 11.99
C ARG A 19 0.60 -5.63 12.87
N ASN A 20 0.41 -4.33 12.66
CA ASN A 20 -0.61 -3.57 13.39
C ASN A 20 -1.99 -3.89 12.84
N ALA A 21 -2.67 -4.83 13.51
CA ALA A 21 -3.97 -5.33 13.04
C ALA A 21 -5.04 -4.24 13.07
N SER A 22 -4.90 -3.30 13.99
CA SER A 22 -5.82 -2.19 14.10
C SER A 22 -5.70 -1.28 12.88
N LEU A 23 -4.46 -0.91 12.57
CA LEU A 23 -4.17 -0.09 11.41
C LEU A 23 -4.48 -0.84 10.13
N CYS A 24 -4.11 -2.11 10.09
CA CYS A 24 -4.29 -2.93 8.91
C CYS A 24 -5.76 -3.01 8.52
N GLN A 25 -6.63 -3.11 9.52
CA GLN A 25 -8.07 -3.18 9.28
C GLN A 25 -8.58 -1.87 8.70
N PHE A 26 -8.11 -0.76 9.23
CA PHE A 26 -8.52 0.55 8.75
C PHE A 26 -8.04 0.77 7.31
N LEU A 27 -6.78 0.42 7.05
CA LEU A 27 -6.17 0.63 5.74
C LEU A 27 -6.81 -0.27 4.68
N GLU A 28 -7.07 -1.54 5.03
CA GLU A 28 -7.66 -2.48 4.08
C GLU A 28 -9.06 -2.04 3.68
N THR A 29 -9.78 -1.46 4.63
CA THR A 29 -11.11 -0.93 4.35
C THR A 29 -11.02 0.30 3.43
N SER A 30 -9.96 1.08 3.60
CA SER A 30 -9.76 2.29 2.82
C SER A 30 -9.54 1.98 1.34
N LEU A 31 -8.70 0.99 1.04
CA LEU A 31 -8.40 0.64 -0.34
C LEU A 31 -9.61 -0.04 -0.99
N GLN A 32 -10.39 -0.74 -0.19
CA GLN A 32 -11.57 -1.43 -0.69
C GLN A 32 -12.68 -0.44 -1.02
N ARG A 33 -12.49 0.82 -0.65
CA ARG A 33 -13.47 1.86 -0.95
C ARG A 33 -13.46 2.20 -2.44
N SER A 34 -12.32 1.99 -3.08
CA SER A 34 -12.19 2.24 -4.50
C SER A 34 -12.59 1.01 -5.30
N GLY A 35 -11.85 -0.07 -5.12
CA GLY A 35 -12.10 -1.29 -5.86
C GLY A 35 -10.89 -2.18 -5.88
N ILE A 36 -10.28 -2.35 -4.72
CA ILE A 36 -9.07 -3.14 -4.59
C ILE A 36 -9.29 -4.27 -3.60
N VAL A 37 -9.13 -5.49 -4.06
CA VAL A 37 -9.27 -6.66 -3.22
C VAL A 37 -7.95 -6.96 -2.53
N VAL A 38 -7.94 -6.79 -1.21
CA VAL A 38 -6.74 -7.02 -0.42
C VAL A 38 -6.65 -8.48 -0.01
N THR A 39 -5.44 -8.98 0.14
CA THR A 39 -5.21 -10.34 0.61
C THR A 39 -3.91 -10.42 1.38
N THR A 40 -3.91 -11.22 2.44
CA THR A 40 -2.72 -11.43 3.25
C THR A 40 -1.63 -12.12 2.44
N TYR A 41 -0.44 -11.53 2.42
CA TYR A 41 0.65 -12.09 1.65
C TYR A 41 1.39 -13.14 2.45
N GLU A 42 1.11 -14.40 2.15
CA GLU A 42 1.81 -15.52 2.76
C GLU A 42 2.90 -16.01 1.81
N GLY A 43 3.08 -17.32 1.73
CA GLY A 43 4.05 -17.88 0.80
C GLY A 43 3.52 -17.92 -0.61
N GLN A 44 3.36 -16.76 -1.21
CA GLN A 44 2.85 -16.65 -2.58
C GLN A 44 3.84 -15.87 -3.45
N GLU A 45 3.52 -15.74 -4.74
CA GLU A 45 4.39 -15.05 -5.67
C GLU A 45 3.87 -13.65 -5.98
N PRO A 46 4.78 -12.66 -6.05
CA PRO A 46 4.43 -11.27 -6.37
C PRO A 46 3.74 -11.14 -7.72
N THR A 47 2.73 -10.29 -7.77
CA THR A 47 1.97 -10.05 -8.99
C THR A 47 2.22 -8.64 -9.52
N PRO A 48 2.38 -8.47 -10.85
CA PRO A 48 2.81 -7.20 -11.48
C PRO A 48 1.79 -6.06 -11.39
N GLU A 49 0.56 -6.37 -10.98
CA GLU A 49 -0.48 -5.34 -10.86
C GLU A 49 -0.77 -5.09 -9.38
N ASP A 50 -0.07 -5.82 -8.54
CA ASP A 50 -0.34 -5.84 -7.11
C ASP A 50 0.77 -5.12 -6.36
N VAL A 51 0.42 -4.54 -5.22
CA VAL A 51 1.41 -3.87 -4.38
C VAL A 51 1.59 -4.63 -3.07
N LEU A 52 2.81 -4.61 -2.54
CA LEU A 52 3.09 -5.24 -1.25
C LEU A 52 3.07 -4.20 -0.15
N ILE A 53 1.93 -4.05 0.50
CA ILE A 53 1.79 -3.11 1.59
C ILE A 53 2.25 -3.77 2.88
N THR A 54 3.40 -3.34 3.37
CA THR A 54 4.01 -3.97 4.53
C THR A 54 4.27 -2.95 5.64
N ASP A 55 4.02 -3.37 6.87
CA ASP A 55 4.26 -2.52 8.02
C ASP A 55 5.38 -3.12 8.87
N GLU A 56 6.24 -2.25 9.37
CA GLU A 56 7.42 -2.64 10.15
C GLU A 56 8.48 -3.28 9.24
N VAL A 57 9.58 -3.72 9.83
CA VAL A 57 10.68 -4.26 9.05
C VAL A 57 10.42 -5.71 8.66
N VAL A 58 10.58 -6.00 7.38
CA VAL A 58 10.43 -7.35 6.86
C VAL A 58 11.57 -7.66 5.90
N SER A 59 11.78 -8.94 5.62
CA SER A 59 12.82 -9.36 4.70
C SER A 59 12.23 -9.71 3.33
N LYS A 60 11.05 -9.14 3.04
CA LYS A 60 10.33 -9.47 1.83
C LYS A 60 10.48 -8.39 0.77
N LYS A 61 10.77 -8.80 -0.46
CA LYS A 61 10.85 -7.89 -1.57
C LYS A 61 9.74 -8.19 -2.57
N TRP A 62 9.46 -7.23 -3.45
CA TRP A 62 8.36 -7.36 -4.38
C TRP A 62 8.85 -7.40 -5.82
N GLN A 63 8.28 -8.31 -6.59
CA GLN A 63 8.54 -8.38 -8.02
C GLN A 63 7.24 -8.14 -8.79
N GLY A 64 6.54 -7.09 -8.40
CA GLY A 64 5.25 -6.80 -9.00
C GLY A 64 5.11 -5.34 -9.40
N ARG A 65 4.06 -4.69 -8.92
CA ARG A 65 3.81 -3.30 -9.24
C ARG A 65 4.71 -2.39 -8.41
N ALA A 66 4.56 -2.44 -7.10
CA ALA A 66 5.34 -1.60 -6.20
C ALA A 66 5.30 -2.13 -4.77
N VAL A 67 6.34 -1.82 -4.01
CA VAL A 67 6.39 -2.17 -2.60
C VAL A 67 6.09 -0.93 -1.76
N VAL A 68 5.27 -1.09 -0.74
CA VAL A 68 4.97 0.01 0.16
C VAL A 68 5.39 -0.35 1.57
N THR A 69 6.60 0.04 1.94
CA THR A 69 7.16 -0.34 3.22
C THR A 69 7.12 0.80 4.21
N PHE A 70 6.40 0.60 5.30
CA PHE A 70 6.28 1.60 6.34
C PHE A 70 7.02 1.15 7.60
N CYS A 71 8.29 1.52 7.69
CA CYS A 71 9.12 1.15 8.82
C CYS A 71 9.62 2.39 9.53
N ARG A 72 10.00 2.23 10.80
CA ARG A 72 10.51 3.34 11.58
C ARG A 72 11.91 3.04 12.09
N ARG A 73 12.48 1.95 11.62
CA ARG A 73 13.82 1.52 12.06
C ARG A 73 14.39 0.49 11.09
N HIS A 74 15.72 0.34 11.14
CA HIS A 74 16.45 -0.68 10.37
C HIS A 74 16.45 -0.39 8.87
N ILE A 75 17.62 -0.02 8.37
CA ILE A 75 17.81 0.25 6.96
C ILE A 75 18.14 -1.04 6.20
N GLY A 76 17.11 -1.70 5.70
CA GLY A 76 17.30 -2.91 4.93
C GLY A 76 16.54 -2.89 3.62
N ILE A 77 15.26 -2.59 3.71
CA ILE A 77 14.40 -2.49 2.53
C ILE A 77 14.81 -1.27 1.70
N PRO A 78 14.79 -1.39 0.35
CA PRO A 78 15.07 -0.28 -0.56
C PRO A 78 14.33 1.00 -0.16
N LEU A 79 15.10 2.06 0.09
CA LEU A 79 14.55 3.31 0.60
C LEU A 79 13.99 4.17 -0.52
N GLU A 80 13.14 3.56 -1.35
CA GLU A 80 12.53 4.26 -2.48
C GLU A 80 13.61 4.84 -3.42
N LYS A 81 13.47 6.11 -3.76
CA LYS A 81 14.36 6.79 -4.70
C LYS A 81 14.48 5.99 -6.00
N ALA A 82 13.40 5.32 -6.36
CA ALA A 82 13.32 4.49 -7.56
C ALA A 82 11.88 4.08 -7.81
N PRO A 83 11.34 4.41 -9.00
CA PRO A 83 9.96 4.07 -9.36
C PRO A 83 9.69 2.56 -9.29
N GLY A 84 9.13 2.12 -8.19
CA GLY A 84 8.87 0.71 -7.98
C GLY A 84 8.86 0.34 -6.51
N GLU A 85 9.52 1.15 -5.70
CA GLU A 85 9.56 0.92 -4.27
C GLU A 85 9.32 2.23 -3.55
N TRP A 86 8.46 2.20 -2.54
CA TRP A 86 8.13 3.39 -1.78
C TRP A 86 8.48 3.17 -0.31
N VAL A 87 8.92 4.22 0.36
CA VAL A 87 9.33 4.10 1.75
C VAL A 87 8.83 5.28 2.58
N HIS A 88 8.42 4.99 3.80
CA HIS A 88 8.05 6.00 4.78
C HIS A 88 7.89 5.35 6.14
N SER A 89 7.79 6.18 7.17
CA SER A 89 7.61 5.69 8.52
C SER A 89 6.14 5.48 8.83
N VAL A 90 5.82 4.37 9.49
CA VAL A 90 4.45 4.09 9.90
C VAL A 90 4.10 4.91 11.16
N ALA A 91 4.21 6.22 11.03
CA ALA A 91 3.99 7.13 12.15
C ALA A 91 2.56 7.66 12.16
N ALA A 92 1.83 7.41 11.09
CA ALA A 92 0.45 7.88 10.97
C ALA A 92 -0.40 6.85 10.24
N PRO A 93 -1.63 6.63 10.71
CA PRO A 93 -2.55 5.66 10.12
C PRO A 93 -2.92 6.01 8.67
N HIS A 94 -2.94 7.30 8.36
CA HIS A 94 -3.31 7.77 7.02
C HIS A 94 -2.25 7.37 5.99
N GLU A 95 -1.03 7.13 6.46
CA GLU A 95 0.13 6.98 5.59
C GLU A 95 -0.07 5.88 4.55
N LEU A 96 -0.44 4.70 5.01
CA LEU A 96 -0.55 3.55 4.12
C LEU A 96 -1.64 3.74 3.06
N PRO A 97 -2.91 4.01 3.44
CA PRO A 97 -4.00 4.21 2.47
C PRO A 97 -3.77 5.41 1.56
N ALA A 98 -3.19 6.49 2.11
CA ALA A 98 -2.97 7.71 1.34
C ALA A 98 -1.88 7.48 0.28
N LEU A 99 -0.79 6.84 0.69
CA LEU A 99 0.29 6.55 -0.24
C LEU A 99 -0.18 5.54 -1.27
N LEU A 100 -1.02 4.60 -0.86
CA LEU A 100 -1.59 3.62 -1.76
C LEU A 100 -2.43 4.31 -2.84
N ALA A 101 -3.25 5.25 -2.42
CA ALA A 101 -4.09 6.00 -3.34
C ALA A 101 -3.25 6.85 -4.29
N ARG A 102 -2.11 7.32 -3.80
CA ARG A 102 -1.20 8.11 -4.62
C ARG A 102 -0.52 7.23 -5.66
N ILE A 103 -0.12 6.03 -5.25
CA ILE A 103 0.56 5.09 -6.14
C ILE A 103 -0.38 4.63 -7.25
N TYR A 104 -1.60 4.27 -6.89
CA TYR A 104 -2.56 3.75 -7.86
C TYR A 104 -3.32 4.88 -8.55
N LEU A 105 -3.00 6.12 -8.17
CA LEU A 105 -3.66 7.31 -8.72
C LEU A 105 -5.18 7.21 -8.55
N ILE A 106 -5.61 7.00 -7.31
CA ILE A 106 -7.02 6.82 -7.02
C ILE A 106 -7.73 8.18 -6.89
N GLU A 107 -7.55 8.84 -5.76
CA GLU A 107 -8.23 10.10 -5.49
C GLU A 107 -7.81 10.66 -4.14
N MET A 108 -8.03 9.88 -3.09
CA MET A 108 -7.81 10.34 -1.73
C MET A 108 -6.37 10.17 -1.28
N GLU A 109 -5.52 11.10 -1.67
CA GLU A 109 -4.14 11.11 -1.22
C GLU A 109 -3.87 12.38 -0.43
N SER A 110 -3.84 12.26 0.89
CA SER A 110 -3.62 13.39 1.77
C SER A 110 -2.17 13.87 1.68
N ASP A 111 -1.97 15.06 1.14
CA ASP A 111 -0.64 15.63 0.97
C ASP A 111 -0.23 16.42 2.21
N ASP A 112 1.03 16.30 2.59
CA ASP A 112 1.55 17.04 3.74
C ASP A 112 2.95 17.56 3.46
N PRO A 113 3.05 18.75 2.85
CA PRO A 113 4.33 19.39 2.54
C PRO A 113 4.74 20.37 3.63
N ALA A 114 4.11 20.27 4.78
CA ALA A 114 4.39 21.17 5.89
C ALA A 114 5.61 20.71 6.68
N ASN A 115 6.20 19.61 6.23
CA ASN A 115 7.36 19.03 6.90
C ASN A 115 8.65 19.74 6.49
N ALA A 116 8.67 21.05 6.68
CA ALA A 116 9.85 21.86 6.37
C ALA A 116 10.76 21.96 7.60
N LEU A 117 10.35 21.26 8.66
CA LEU A 117 11.07 21.25 9.94
C LEU A 117 11.23 22.68 10.48
N PRO A 118 10.12 23.31 10.87
CA PRO A 118 10.14 24.69 11.38
C PRO A 118 10.89 24.81 12.70
N SER A 119 10.44 24.08 13.72
CA SER A 119 11.06 24.16 15.03
C SER A 119 11.23 22.77 15.65
N THR A 120 12.32 22.11 15.31
CA THR A 120 12.63 20.81 15.88
C THR A 120 13.36 20.97 17.21
N ASP A 121 14.35 21.86 17.22
CA ASP A 121 15.11 22.17 18.41
C ASP A 121 15.48 23.64 18.41
N MET A 1 -31.53 -25.65 -30.14
CA MET A 1 -31.46 -24.51 -29.20
C MET A 1 -30.57 -24.86 -28.02
N GLY A 2 -29.69 -23.93 -27.67
CA GLY A 2 -28.79 -24.15 -26.55
C GLY A 2 -27.85 -22.97 -26.37
N GLY A 3 -28.16 -22.11 -25.40
CA GLY A 3 -27.37 -20.93 -25.17
C GLY A 3 -25.98 -21.24 -24.65
N SER A 4 -25.02 -20.41 -25.00
CA SER A 4 -23.66 -20.56 -24.54
C SER A 4 -23.16 -19.23 -23.97
N GLY A 5 -22.22 -19.30 -23.03
CA GLY A 5 -21.69 -18.10 -22.42
C GLY A 5 -21.40 -18.29 -20.95
N VAL A 6 -20.37 -17.61 -20.46
CA VAL A 6 -19.97 -17.72 -19.07
C VAL A 6 -19.70 -16.33 -18.50
N GLU A 7 -19.69 -16.22 -17.17
CA GLU A 7 -19.45 -14.94 -16.51
C GLU A 7 -18.08 -14.94 -15.83
N GLY A 8 -17.47 -13.77 -15.77
CA GLY A 8 -16.20 -13.62 -15.08
C GLY A 8 -16.05 -12.23 -14.49
N LEU A 9 -15.53 -12.16 -13.28
CA LEU A 9 -15.36 -10.88 -12.60
C LEU A 9 -14.02 -10.83 -11.89
N SER A 10 -13.28 -9.76 -12.10
CA SER A 10 -11.99 -9.59 -11.47
C SER A 10 -11.80 -8.15 -10.98
N GLY A 11 -10.86 -7.94 -10.08
CA GLY A 11 -10.60 -6.63 -9.56
C GLY A 11 -9.17 -6.52 -9.09
N LYS A 12 -8.70 -5.29 -8.95
CA LYS A 12 -7.33 -5.04 -8.51
C LYS A 12 -7.09 -5.61 -7.13
N ARG A 13 -6.04 -6.40 -7.00
CA ARG A 13 -5.68 -6.99 -5.73
C ARG A 13 -4.58 -6.18 -5.06
N CYS A 14 -4.55 -6.21 -3.74
CA CYS A 14 -3.51 -5.57 -2.98
C CYS A 14 -3.05 -6.49 -1.85
N TRP A 15 -1.74 -6.71 -1.77
CA TRP A 15 -1.20 -7.66 -0.81
C TRP A 15 -0.57 -6.93 0.36
N LEU A 16 -1.02 -7.26 1.56
CA LEU A 16 -0.54 -6.58 2.76
C LEU A 16 -0.03 -7.58 3.80
N ALA A 17 1.13 -7.27 4.35
CA ALA A 17 1.69 -8.04 5.46
C ALA A 17 2.02 -7.09 6.61
N VAL A 18 0.97 -6.59 7.25
CA VAL A 18 1.12 -5.62 8.31
C VAL A 18 1.04 -6.28 9.68
N ARG A 19 1.95 -5.93 10.56
CA ARG A 19 1.98 -6.48 11.91
C ARG A 19 0.92 -5.81 12.77
N ASN A 20 0.71 -4.52 12.52
CA ASN A 20 -0.26 -3.75 13.27
C ASN A 20 -1.65 -3.92 12.67
N ALA A 21 -2.40 -4.88 13.23
CA ALA A 21 -3.74 -5.19 12.74
C ALA A 21 -4.64 -3.97 12.69
N SER A 22 -4.52 -3.11 13.70
CA SER A 22 -5.31 -1.89 13.77
C SER A 22 -5.03 -0.98 12.58
N LEU A 23 -3.74 -0.75 12.32
CA LEU A 23 -3.31 0.05 11.18
C LEU A 23 -3.82 -0.56 9.88
N CYS A 24 -3.57 -1.85 9.74
CA CYS A 24 -3.87 -2.57 8.52
C CYS A 24 -5.36 -2.51 8.20
N GLN A 25 -6.19 -2.70 9.23
CA GLN A 25 -7.64 -2.67 9.06
C GLN A 25 -8.10 -1.32 8.50
N PHE A 26 -7.55 -0.25 9.05
CA PHE A 26 -7.94 1.09 8.64
C PHE A 26 -7.71 1.33 7.15
N LEU A 27 -6.47 1.13 6.71
CA LEU A 27 -6.11 1.39 5.32
C LEU A 27 -6.78 0.41 4.37
N GLU A 28 -6.83 -0.87 4.75
CA GLU A 28 -7.37 -1.91 3.88
C GLU A 28 -8.87 -1.70 3.65
N THR A 29 -9.59 -1.25 4.68
CA THR A 29 -11.00 -0.98 4.54
C THR A 29 -11.24 0.24 3.65
N SER A 30 -10.43 1.27 3.86
CA SER A 30 -10.52 2.49 3.06
C SER A 30 -10.33 2.20 1.58
N LEU A 31 -9.32 1.38 1.26
CA LEU A 31 -9.02 1.04 -0.12
C LEU A 31 -10.11 0.16 -0.72
N GLN A 32 -10.71 -0.68 0.12
CA GLN A 32 -11.75 -1.60 -0.34
C GLN A 32 -13.03 -0.85 -0.70
N ARG A 33 -13.19 0.34 -0.13
CA ARG A 33 -14.34 1.18 -0.43
C ARG A 33 -14.30 1.63 -1.89
N SER A 34 -13.12 1.56 -2.48
CA SER A 34 -12.94 1.89 -3.88
C SER A 34 -13.37 0.73 -4.78
N GLY A 35 -13.15 -0.48 -4.30
CA GLY A 35 -13.48 -1.66 -5.10
C GLY A 35 -12.30 -2.59 -5.29
N ILE A 36 -11.28 -2.41 -4.45
CA ILE A 36 -10.09 -3.25 -4.51
C ILE A 36 -10.20 -4.38 -3.49
N VAL A 37 -9.72 -5.57 -3.85
CA VAL A 37 -9.77 -6.71 -2.96
C VAL A 37 -8.41 -6.90 -2.27
N VAL A 38 -8.43 -6.91 -0.94
CA VAL A 38 -7.20 -7.04 -0.16
C VAL A 38 -6.91 -8.50 0.15
N THR A 39 -5.63 -8.83 0.22
CA THR A 39 -5.19 -10.17 0.59
C THR A 39 -3.92 -10.12 1.42
N THR A 40 -3.85 -10.96 2.44
CA THR A 40 -2.69 -11.01 3.30
C THR A 40 -1.53 -11.73 2.62
N TYR A 41 -0.39 -11.05 2.50
CA TYR A 41 0.76 -11.62 1.81
C TYR A 41 1.53 -12.55 2.73
N GLU A 42 1.50 -13.82 2.40
CA GLU A 42 2.22 -14.83 3.15
C GLU A 42 3.15 -15.62 2.23
N GLY A 43 3.39 -15.08 1.04
CA GLY A 43 4.29 -15.73 0.10
C GLY A 43 3.55 -16.34 -1.08
N GLN A 44 2.62 -15.58 -1.65
CA GLN A 44 1.83 -16.05 -2.79
C GLN A 44 2.52 -15.71 -4.10
N GLU A 45 1.82 -15.02 -4.99
CA GLU A 45 2.34 -14.71 -6.30
C GLU A 45 2.46 -13.20 -6.52
N PRO A 46 3.69 -12.71 -6.72
CA PRO A 46 3.94 -11.30 -7.03
C PRO A 46 3.37 -10.92 -8.40
N THR A 47 2.52 -9.91 -8.42
CA THR A 47 1.88 -9.46 -9.65
C THR A 47 2.37 -8.05 -10.02
N PRO A 48 2.67 -7.82 -11.32
CA PRO A 48 3.21 -6.54 -11.78
C PRO A 48 2.25 -5.37 -11.60
N GLU A 49 0.98 -5.67 -11.37
CA GLU A 49 -0.01 -4.62 -11.17
C GLU A 49 -0.22 -4.36 -9.68
N ASP A 50 0.13 -5.33 -8.87
CA ASP A 50 -0.18 -5.30 -7.45
C ASP A 50 0.96 -4.69 -6.66
N VAL A 51 0.64 -4.18 -5.47
CA VAL A 51 1.65 -3.59 -4.59
C VAL A 51 1.76 -4.39 -3.29
N LEU A 52 2.97 -4.41 -2.74
CA LEU A 52 3.22 -5.08 -1.47
C LEU A 52 3.30 -4.05 -0.34
N ILE A 53 2.30 -4.03 0.52
CA ILE A 53 2.29 -3.14 1.67
C ILE A 53 2.73 -3.90 2.92
N THR A 54 3.91 -3.55 3.43
CA THR A 54 4.48 -4.28 4.55
C THR A 54 4.71 -3.35 5.74
N ASP A 55 4.70 -3.93 6.93
CA ASP A 55 4.87 -3.18 8.17
C ASP A 55 6.05 -3.75 8.95
N GLU A 56 6.68 -2.90 9.76
CA GLU A 56 7.86 -3.25 10.54
C GLU A 56 9.07 -3.52 9.63
N VAL A 57 9.99 -4.35 10.09
CA VAL A 57 11.20 -4.63 9.34
C VAL A 57 11.02 -5.87 8.48
N VAL A 58 11.29 -5.73 7.20
CA VAL A 58 11.17 -6.83 6.24
C VAL A 58 12.44 -6.93 5.41
N SER A 59 12.63 -8.06 4.75
CA SER A 59 13.77 -8.25 3.86
C SER A 59 13.32 -8.92 2.55
N LYS A 60 12.02 -8.85 2.28
CA LYS A 60 11.46 -9.48 1.10
C LYS A 60 11.17 -8.43 0.02
N LYS A 61 11.79 -8.59 -1.14
CA LYS A 61 11.60 -7.65 -2.23
C LYS A 61 10.45 -8.08 -3.12
N TRP A 62 9.48 -7.19 -3.25
CA TRP A 62 8.30 -7.43 -4.08
C TRP A 62 8.63 -7.14 -5.54
N GLN A 63 8.38 -8.10 -6.41
CA GLN A 63 8.61 -7.93 -7.83
C GLN A 63 7.30 -7.76 -8.57
N GLY A 64 6.81 -6.53 -8.61
CA GLY A 64 5.56 -6.23 -9.26
C GLY A 64 5.45 -4.77 -9.59
N ARG A 65 4.42 -4.11 -9.09
CA ARG A 65 4.28 -2.68 -9.28
C ARG A 65 5.15 -1.92 -8.28
N ALA A 66 4.69 -1.83 -7.05
CA ALA A 66 5.38 -1.08 -6.02
C ALA A 66 5.29 -1.79 -4.68
N VAL A 67 6.11 -1.38 -3.74
CA VAL A 67 6.06 -1.94 -2.39
C VAL A 67 6.34 -0.85 -1.35
N VAL A 68 5.43 -0.70 -0.41
CA VAL A 68 5.55 0.31 0.63
C VAL A 68 5.86 -0.34 1.96
N THR A 69 6.97 0.05 2.57
CA THR A 69 7.37 -0.50 3.85
C THR A 69 7.33 0.56 4.94
N PHE A 70 6.59 0.27 6.01
CA PHE A 70 6.53 1.17 7.16
C PHE A 70 7.54 0.75 8.22
N CYS A 71 8.73 1.33 8.16
CA CYS A 71 9.78 0.97 9.09
C CYS A 71 10.14 2.18 9.95
N ARG A 72 10.61 1.91 11.16
CA ARG A 72 11.05 2.97 12.05
C ARG A 72 12.46 3.41 11.68
N ARG A 73 13.42 2.50 11.84
CA ARG A 73 14.79 2.75 11.44
C ARG A 73 15.61 1.46 11.49
N HIS A 74 15.49 0.65 10.45
CA HIS A 74 16.26 -0.58 10.35
C HIS A 74 16.47 -0.94 8.89
N ILE A 75 17.69 -1.31 8.56
CA ILE A 75 18.04 -1.65 7.19
C ILE A 75 17.78 -3.13 6.93
N GLY A 76 17.38 -3.43 5.70
CA GLY A 76 17.11 -4.80 5.30
C GLY A 76 16.42 -4.81 3.95
N ILE A 77 15.26 -4.18 3.89
CA ILE A 77 14.57 -3.95 2.65
C ILE A 77 15.07 -2.66 2.02
N PRO A 78 15.08 -2.57 0.68
CA PRO A 78 15.42 -1.33 -0.03
C PRO A 78 14.40 -0.23 0.28
N LEU A 79 14.71 0.57 1.30
CA LEU A 79 13.80 1.62 1.74
C LEU A 79 13.77 2.78 0.76
N GLU A 80 12.97 2.63 -0.28
CA GLU A 80 12.76 3.66 -1.29
C GLU A 80 14.02 3.89 -2.12
N LYS A 81 14.39 5.16 -2.29
CA LYS A 81 15.54 5.54 -3.12
C LYS A 81 15.40 5.01 -4.55
N ALA A 82 14.16 4.88 -5.01
CA ALA A 82 13.87 4.40 -6.35
C ALA A 82 12.38 4.56 -6.65
N PRO A 83 12.04 4.90 -7.90
CA PRO A 83 10.65 5.02 -8.35
C PRO A 83 9.97 3.65 -8.46
N GLY A 84 9.62 3.08 -7.32
CA GLY A 84 8.99 1.77 -7.28
C GLY A 84 8.87 1.26 -5.87
N GLU A 85 9.84 1.65 -5.05
CA GLU A 85 9.78 1.33 -3.63
C GLU A 85 9.39 2.57 -2.85
N TRP A 86 8.56 2.38 -1.84
CA TRP A 86 8.09 3.49 -1.02
C TRP A 86 8.39 3.22 0.44
N VAL A 87 8.98 4.18 1.12
CA VAL A 87 9.26 4.04 2.54
C VAL A 87 8.46 5.05 3.34
N HIS A 88 8.07 4.68 4.55
CA HIS A 88 7.34 5.57 5.42
C HIS A 88 7.49 5.15 6.87
N SER A 89 7.45 6.12 7.76
CA SER A 89 7.49 5.85 9.19
C SER A 89 6.13 5.36 9.66
N VAL A 90 6.13 4.43 10.60
CA VAL A 90 4.89 3.92 11.19
C VAL A 90 4.26 4.93 12.15
N ALA A 91 4.02 6.13 11.64
CA ALA A 91 3.41 7.20 12.42
C ALA A 91 2.55 8.09 11.54
N ALA A 92 1.98 7.50 10.49
CA ALA A 92 1.12 8.22 9.57
C ALA A 92 0.14 7.27 8.89
N PRO A 93 -0.88 6.82 9.63
CA PRO A 93 -1.85 5.83 9.12
C PRO A 93 -2.67 6.35 7.94
N HIS A 94 -2.97 7.64 7.92
CA HIS A 94 -3.84 8.21 6.90
C HIS A 94 -3.11 8.40 5.56
N GLU A 95 -1.78 8.33 5.60
CA GLU A 95 -0.97 8.49 4.40
C GLU A 95 -1.10 7.27 3.48
N LEU A 96 -1.22 6.09 4.07
CA LEU A 96 -1.16 4.85 3.31
C LEU A 96 -2.33 4.69 2.32
N PRO A 97 -3.60 4.83 2.75
CA PRO A 97 -4.75 4.71 1.84
C PRO A 97 -4.67 5.70 0.68
N ALA A 98 -4.10 6.88 0.93
CA ALA A 98 -3.94 7.88 -0.11
C ALA A 98 -2.83 7.48 -1.07
N LEU A 99 -1.74 6.95 -0.51
CA LEU A 99 -0.62 6.48 -1.30
C LEU A 99 -1.04 5.34 -2.23
N LEU A 100 -1.82 4.41 -1.69
CA LEU A 100 -2.30 3.26 -2.44
C LEU A 100 -3.18 3.71 -3.60
N ALA A 101 -4.06 4.67 -3.33
CA ALA A 101 -4.96 5.21 -4.34
C ALA A 101 -4.18 5.86 -5.47
N ARG A 102 -3.04 6.46 -5.13
CA ARG A 102 -2.19 7.11 -6.10
C ARG A 102 -1.50 6.08 -6.99
N ILE A 103 -0.87 5.10 -6.36
CA ILE A 103 -0.09 4.09 -7.08
C ILE A 103 -0.99 3.23 -7.97
N TYR A 104 -2.17 2.91 -7.48
CA TYR A 104 -3.10 2.08 -8.24
C TYR A 104 -3.87 2.90 -9.27
N LEU A 105 -3.55 4.20 -9.34
CA LEU A 105 -4.15 5.12 -10.30
C LEU A 105 -5.67 5.10 -10.21
N ILE A 106 -6.18 5.27 -9.01
CA ILE A 106 -7.62 5.23 -8.78
C ILE A 106 -8.24 6.59 -9.06
N GLU A 107 -8.02 7.55 -8.16
CA GLU A 107 -8.66 8.86 -8.25
C GLU A 107 -8.04 9.84 -7.27
N MET A 108 -8.06 9.45 -6.00
CA MET A 108 -7.60 10.32 -4.92
C MET A 108 -6.13 10.70 -5.10
N GLU A 109 -5.84 11.99 -5.02
CA GLU A 109 -4.48 12.48 -5.12
C GLU A 109 -3.88 12.68 -3.73
N SER A 110 -2.69 13.24 -3.68
CA SER A 110 -2.01 13.47 -2.42
C SER A 110 -1.74 14.95 -2.21
N ASP A 111 -2.79 15.70 -1.90
CA ASP A 111 -2.64 17.13 -1.62
C ASP A 111 -2.07 17.31 -0.21
N ASP A 112 -1.26 18.34 -0.03
CA ASP A 112 -0.62 18.58 1.26
C ASP A 112 -1.09 19.89 1.87
N PRO A 113 -2.26 19.87 2.55
CA PRO A 113 -2.80 21.05 3.21
C PRO A 113 -2.07 21.34 4.51
N ALA A 114 -1.23 20.40 4.93
CA ALA A 114 -0.49 20.54 6.17
C ALA A 114 0.82 21.29 5.91
N ASN A 115 0.70 22.52 5.47
CA ASN A 115 1.85 23.35 5.14
C ASN A 115 1.82 24.65 5.91
N ALA A 116 2.99 25.09 6.38
CA ALA A 116 3.09 26.33 7.14
C ALA A 116 3.85 27.37 6.35
N LEU A 117 3.30 28.58 6.30
CA LEU A 117 3.92 29.68 5.59
C LEU A 117 5.05 30.29 6.44
N PRO A 118 6.28 30.27 5.91
CA PRO A 118 7.43 30.86 6.60
C PRO A 118 7.35 32.38 6.64
N SER A 119 6.83 32.91 7.73
CA SER A 119 6.64 34.34 7.88
C SER A 119 7.81 34.97 8.61
N THR A 120 8.82 35.37 7.86
CA THR A 120 10.01 35.97 8.45
C THR A 120 9.74 37.39 8.91
N ASP A 121 10.56 37.89 9.82
CA ASP A 121 10.40 39.25 10.33
C ASP A 121 11.09 40.24 9.40
N MET A 1 -37.02 -16.38 -27.84
CA MET A 1 -35.64 -15.96 -28.22
C MET A 1 -34.65 -16.47 -27.18
N GLY A 2 -34.10 -15.55 -26.40
CA GLY A 2 -33.15 -15.91 -25.37
C GLY A 2 -32.60 -14.70 -24.66
N GLY A 3 -31.96 -14.92 -23.52
CA GLY A 3 -31.36 -13.84 -22.79
C GLY A 3 -29.87 -14.02 -22.64
N SER A 4 -29.11 -13.38 -23.51
CA SER A 4 -27.66 -13.49 -23.49
C SER A 4 -27.02 -12.22 -22.92
N GLY A 5 -26.10 -12.38 -22.00
CA GLY A 5 -25.42 -11.24 -21.41
C GLY A 5 -24.00 -11.56 -21.01
N VAL A 6 -23.08 -10.67 -21.34
CA VAL A 6 -21.68 -10.85 -20.98
C VAL A 6 -21.31 -9.87 -19.87
N GLU A 7 -20.74 -10.40 -18.79
CA GLU A 7 -20.34 -9.60 -17.66
C GLU A 7 -18.83 -9.42 -17.63
N GLY A 8 -18.39 -8.27 -17.15
CA GLY A 8 -16.97 -7.99 -17.08
C GLY A 8 -16.45 -8.13 -15.67
N LEU A 9 -15.86 -9.27 -15.36
CA LEU A 9 -15.32 -9.53 -14.04
C LEU A 9 -13.95 -8.88 -13.89
N SER A 10 -13.88 -7.85 -13.07
CA SER A 10 -12.63 -7.14 -12.85
C SER A 10 -12.31 -7.08 -11.36
N GLY A 11 -11.03 -6.87 -11.03
CA GLY A 11 -10.65 -6.77 -9.64
C GLY A 11 -9.15 -6.56 -9.47
N LYS A 12 -8.78 -5.38 -8.98
CA LYS A 12 -7.39 -5.09 -8.69
C LYS A 12 -7.03 -5.67 -7.33
N ARG A 13 -5.75 -5.95 -7.12
CA ARG A 13 -5.32 -6.67 -5.93
C ARG A 13 -4.29 -5.88 -5.14
N CYS A 14 -4.33 -6.06 -3.82
CA CYS A 14 -3.29 -5.52 -2.95
C CYS A 14 -3.00 -6.49 -1.82
N TRP A 15 -1.74 -6.67 -1.48
CA TRP A 15 -1.34 -7.62 -0.45
C TRP A 15 -0.85 -6.89 0.78
N LEU A 16 -1.20 -7.41 1.95
CA LEU A 16 -0.77 -6.81 3.19
C LEU A 16 -0.02 -7.81 4.05
N ALA A 17 1.14 -7.39 4.51
CA ALA A 17 1.88 -8.12 5.52
C ALA A 17 2.20 -7.17 6.66
N VAL A 18 1.13 -6.63 7.23
CA VAL A 18 1.23 -5.63 8.28
C VAL A 18 0.75 -6.20 9.60
N ARG A 19 1.65 -6.27 10.58
CA ARG A 19 1.29 -6.79 11.89
C ARG A 19 0.59 -5.71 12.72
N ASN A 20 0.60 -4.50 12.19
CA ASN A 20 -0.05 -3.38 12.84
C ASN A 20 -1.56 -3.43 12.59
N ALA A 21 -2.28 -4.05 13.51
CA ALA A 21 -3.71 -4.30 13.35
C ALA A 21 -4.48 -3.01 13.11
N SER A 22 -4.18 -1.99 13.90
CA SER A 22 -4.85 -0.70 13.79
C SER A 22 -4.63 -0.07 12.41
N LEU A 23 -3.38 -0.14 11.96
CA LEU A 23 -3.00 0.46 10.68
C LEU A 23 -3.57 -0.34 9.51
N CYS A 24 -3.40 -1.65 9.57
CA CYS A 24 -3.80 -2.52 8.48
C CYS A 24 -5.32 -2.51 8.29
N GLN A 25 -6.05 -2.52 9.38
CA GLN A 25 -7.52 -2.50 9.31
C GLN A 25 -8.00 -1.18 8.72
N PHE A 26 -7.38 -0.08 9.14
CA PHE A 26 -7.73 1.24 8.65
C PHE A 26 -7.47 1.33 7.14
N LEU A 27 -6.27 0.95 6.74
CA LEU A 27 -5.86 1.07 5.35
C LEU A 27 -6.64 0.11 4.43
N GLU A 28 -6.88 -1.11 4.89
CA GLU A 28 -7.55 -2.11 4.05
C GLU A 28 -9.01 -1.71 3.80
N THR A 29 -9.66 -1.16 4.81
CA THR A 29 -11.04 -0.71 4.67
C THR A 29 -11.11 0.46 3.69
N SER A 30 -10.22 1.44 3.89
CA SER A 30 -10.16 2.62 3.04
C SER A 30 -9.88 2.24 1.60
N LEU A 31 -8.97 1.30 1.40
CA LEU A 31 -8.56 0.88 0.06
C LEU A 31 -9.69 0.17 -0.67
N GLN A 32 -10.54 -0.51 0.09
CA GLN A 32 -11.63 -1.28 -0.49
C GLN A 32 -12.63 -0.37 -1.23
N ARG A 33 -12.71 0.89 -0.81
CA ARG A 33 -13.58 1.86 -1.46
C ARG A 33 -13.13 2.17 -2.89
N SER A 34 -11.97 1.64 -3.26
CA SER A 34 -11.42 1.83 -4.60
C SER A 34 -11.72 0.63 -5.50
N GLY A 35 -12.38 -0.37 -4.94
CA GLY A 35 -12.69 -1.58 -5.69
C GLY A 35 -11.50 -2.52 -5.75
N ILE A 36 -10.75 -2.58 -4.66
CA ILE A 36 -9.57 -3.42 -4.59
C ILE A 36 -9.77 -4.56 -3.60
N VAL A 37 -9.42 -5.77 -4.02
CA VAL A 37 -9.48 -6.91 -3.14
C VAL A 37 -8.15 -7.09 -2.41
N VAL A 38 -8.21 -7.05 -1.09
CA VAL A 38 -7.01 -7.13 -0.27
C VAL A 38 -6.79 -8.55 0.23
N THR A 39 -5.54 -8.98 0.18
CA THR A 39 -5.17 -10.32 0.61
C THR A 39 -3.92 -10.28 1.49
N THR A 40 -3.85 -11.18 2.45
CA THR A 40 -2.70 -11.25 3.33
C THR A 40 -1.54 -11.94 2.62
N TYR A 41 -0.37 -11.31 2.65
CA TYR A 41 0.80 -11.86 1.99
C TYR A 41 1.56 -12.78 2.94
N GLU A 42 1.66 -14.04 2.56
CA GLU A 42 2.37 -15.03 3.35
C GLU A 42 3.56 -15.59 2.57
N GLY A 43 3.31 -15.95 1.32
CA GLY A 43 4.36 -16.48 0.49
C GLY A 43 3.90 -16.73 -0.94
N GLN A 44 3.08 -15.82 -1.43
CA GLN A 44 2.51 -15.95 -2.77
C GLN A 44 3.39 -15.27 -3.82
N GLU A 45 3.05 -15.49 -5.08
CA GLU A 45 3.80 -14.93 -6.19
C GLU A 45 3.33 -13.51 -6.49
N PRO A 46 4.27 -12.56 -6.59
CA PRO A 46 3.95 -11.16 -6.86
C PRO A 46 3.43 -10.93 -8.28
N THR A 47 2.30 -10.24 -8.39
CA THR A 47 1.74 -9.89 -9.68
C THR A 47 2.00 -8.40 -9.97
N PRO A 48 2.31 -8.05 -11.24
CA PRO A 48 2.69 -6.67 -11.62
C PRO A 48 1.56 -5.65 -11.51
N GLU A 49 0.44 -6.08 -10.94
CA GLU A 49 -0.71 -5.21 -10.78
C GLU A 49 -0.96 -4.91 -9.31
N ASP A 50 -0.30 -5.65 -8.44
CA ASP A 50 -0.53 -5.51 -7.01
C ASP A 50 0.74 -5.04 -6.29
N VAL A 51 0.56 -4.63 -5.05
CA VAL A 51 1.66 -4.10 -4.25
C VAL A 51 1.73 -4.80 -2.90
N LEU A 52 2.94 -4.94 -2.37
CA LEU A 52 3.14 -5.52 -1.06
C LEU A 52 3.22 -4.44 0.00
N ILE A 53 2.13 -4.23 0.72
CA ILE A 53 2.12 -3.29 1.82
C ILE A 53 2.59 -4.01 3.08
N THR A 54 3.79 -3.71 3.52
CA THR A 54 4.41 -4.42 4.62
C THR A 54 4.75 -3.45 5.75
N ASP A 55 4.87 -3.96 6.97
CA ASP A 55 5.24 -3.11 8.10
C ASP A 55 6.56 -3.55 8.75
N GLU A 56 7.43 -2.57 8.96
CA GLU A 56 8.71 -2.74 9.64
C GLU A 56 9.58 -3.84 9.02
N VAL A 57 9.54 -5.03 9.61
CA VAL A 57 10.44 -6.10 9.22
C VAL A 57 9.90 -6.88 8.04
N VAL A 58 10.65 -6.85 6.94
CA VAL A 58 10.29 -7.57 5.72
C VAL A 58 11.47 -8.40 5.24
N SER A 59 12.47 -7.72 4.68
CA SER A 59 13.67 -8.36 4.14
C SER A 59 13.32 -9.34 3.02
N LYS A 60 12.21 -9.05 2.35
CA LYS A 60 11.77 -9.84 1.21
C LYS A 60 11.39 -8.90 0.08
N LYS A 61 12.16 -8.91 -0.99
CA LYS A 61 11.96 -7.97 -2.08
C LYS A 61 10.80 -8.40 -2.98
N TRP A 62 9.73 -7.61 -2.93
CA TRP A 62 8.56 -7.84 -3.76
C TRP A 62 8.74 -7.18 -5.12
N GLN A 63 8.34 -7.88 -6.17
CA GLN A 63 8.43 -7.34 -7.52
C GLN A 63 7.12 -6.64 -7.87
N GLY A 64 6.23 -7.35 -8.57
CA GLY A 64 4.88 -6.85 -8.83
C GLY A 64 4.85 -5.44 -9.40
N ARG A 65 3.93 -4.64 -8.88
CA ARG A 65 3.81 -3.24 -9.29
C ARG A 65 4.76 -2.37 -8.46
N ALA A 66 4.71 -2.53 -7.15
CA ALA A 66 5.56 -1.78 -6.24
C ALA A 66 5.46 -2.35 -4.82
N VAL A 67 6.36 -1.92 -3.96
CA VAL A 67 6.33 -2.31 -2.55
C VAL A 67 6.07 -1.09 -1.68
N VAL A 68 5.19 -1.24 -0.71
CA VAL A 68 4.90 -0.17 0.23
C VAL A 68 5.39 -0.58 1.61
N THR A 69 6.61 -0.18 1.94
CA THR A 69 7.24 -0.60 3.18
C THR A 69 7.11 0.46 4.26
N PHE A 70 6.19 0.24 5.19
CA PHE A 70 5.99 1.15 6.30
C PHE A 70 6.93 0.79 7.45
N CYS A 71 8.15 1.27 7.36
CA CYS A 71 9.16 1.01 8.37
C CYS A 71 9.54 2.32 9.06
N ARG A 72 9.73 2.27 10.36
CA ARG A 72 10.05 3.46 11.13
C ARG A 72 11.49 3.40 11.64
N ARG A 73 11.96 2.20 11.92
CA ARG A 73 13.30 2.02 12.44
C ARG A 73 13.87 0.67 12.01
N HIS A 74 13.78 0.39 10.72
CA HIS A 74 14.33 -0.83 10.16
C HIS A 74 14.41 -0.76 8.64
N ILE A 75 15.62 -0.58 8.14
CA ILE A 75 15.83 -0.49 6.70
C ILE A 75 16.22 -1.85 6.12
N GLY A 76 15.23 -2.73 6.01
CA GLY A 76 15.47 -4.02 5.40
C GLY A 76 15.27 -3.98 3.90
N ILE A 77 14.27 -3.22 3.48
CA ILE A 77 13.98 -3.03 2.07
C ILE A 77 14.46 -1.64 1.63
N PRO A 78 15.00 -1.52 0.41
CA PRO A 78 15.40 -0.23 -0.18
C PRO A 78 14.38 0.88 0.13
N LEU A 79 14.85 1.90 0.84
CA LEU A 79 13.98 2.95 1.35
C LEU A 79 13.61 3.95 0.26
N GLU A 80 12.79 3.49 -0.68
CA GLU A 80 12.21 4.36 -1.69
C GLU A 80 13.28 5.05 -2.54
N LYS A 81 13.13 6.36 -2.75
CA LYS A 81 13.98 7.14 -3.63
C LYS A 81 14.10 6.48 -5.00
N ALA A 82 12.98 5.90 -5.42
CA ALA A 82 12.85 5.23 -6.70
C ALA A 82 11.39 4.85 -6.90
N PRO A 83 10.86 4.97 -8.13
CA PRO A 83 9.45 4.70 -8.42
C PRO A 83 9.11 3.20 -8.42
N GLY A 84 9.70 2.46 -7.49
CA GLY A 84 9.47 1.03 -7.40
C GLY A 84 9.21 0.60 -5.98
N GLU A 85 9.66 1.40 -5.03
CA GLU A 85 9.50 1.09 -3.62
C GLU A 85 9.19 2.38 -2.88
N TRP A 86 8.21 2.33 -1.99
CA TRP A 86 7.81 3.51 -1.24
C TRP A 86 8.05 3.27 0.24
N VAL A 87 8.65 4.23 0.91
CA VAL A 87 8.99 4.07 2.31
C VAL A 87 8.32 5.15 3.16
N HIS A 88 7.82 4.74 4.32
CA HIS A 88 7.21 5.67 5.26
C HIS A 88 7.15 5.02 6.63
N SER A 89 7.24 5.83 7.67
CA SER A 89 7.26 5.32 9.03
C SER A 89 5.87 4.87 9.50
N VAL A 90 5.82 3.70 10.15
CA VAL A 90 4.58 3.17 10.73
C VAL A 90 4.10 4.03 11.91
N ALA A 91 4.89 5.02 12.27
CA ALA A 91 4.53 5.93 13.36
C ALA A 91 3.46 6.91 12.93
N ALA A 92 3.12 6.87 11.64
CA ALA A 92 2.08 7.72 11.09
C ALA A 92 1.09 6.86 10.29
N PRO A 93 -0.03 6.50 10.92
CA PRO A 93 -1.07 5.71 10.28
C PRO A 93 -2.18 6.56 9.69
N HIS A 94 -1.90 7.28 8.61
CA HIS A 94 -2.92 8.07 7.95
C HIS A 94 -2.69 8.14 6.43
N GLU A 95 -1.45 8.24 6.03
CA GLU A 95 -1.09 8.45 4.62
C GLU A 95 -0.94 7.14 3.86
N LEU A 96 -1.08 6.02 4.57
CA LEU A 96 -0.90 4.70 3.95
C LEU A 96 -1.84 4.50 2.75
N PRO A 97 -3.17 4.63 2.92
CA PRO A 97 -4.10 4.46 1.80
C PRO A 97 -3.92 5.52 0.71
N ALA A 98 -3.46 6.69 1.12
CA ALA A 98 -3.24 7.80 0.20
C ALA A 98 -2.09 7.52 -0.75
N LEU A 99 -0.99 7.00 -0.19
CA LEU A 99 0.18 6.65 -0.99
C LEU A 99 -0.18 5.57 -2.00
N LEU A 100 -0.92 4.57 -1.54
CA LEU A 100 -1.34 3.46 -2.38
C LEU A 100 -2.21 3.95 -3.53
N ALA A 101 -3.14 4.85 -3.21
CA ALA A 101 -4.01 5.44 -4.22
C ALA A 101 -3.19 6.14 -5.29
N ARG A 102 -2.21 6.92 -4.85
CA ARG A 102 -1.31 7.65 -5.74
C ARG A 102 -0.60 6.68 -6.68
N ILE A 103 -0.12 5.56 -6.11
CA ILE A 103 0.56 4.52 -6.88
C ILE A 103 -0.40 3.91 -7.92
N TYR A 104 -1.65 3.75 -7.53
CA TYR A 104 -2.66 3.14 -8.40
C TYR A 104 -3.27 4.17 -9.35
N LEU A 105 -2.67 5.36 -9.41
CA LEU A 105 -3.12 6.44 -10.30
C LEU A 105 -4.51 6.93 -9.90
N ILE A 106 -4.80 6.85 -8.61
CA ILE A 106 -6.05 7.37 -8.07
C ILE A 106 -5.81 8.78 -7.55
N GLU A 107 -6.80 9.63 -7.69
CA GLU A 107 -6.67 11.03 -7.27
C GLU A 107 -6.71 11.13 -5.75
N MET A 108 -7.83 10.69 -5.18
CA MET A 108 -8.03 10.70 -3.73
C MET A 108 -7.86 12.09 -3.13
N GLU A 109 -6.68 12.37 -2.60
CA GLU A 109 -6.41 13.64 -1.93
C GLU A 109 -5.35 14.42 -2.69
N SER A 110 -5.51 15.72 -2.69
CA SER A 110 -4.58 16.61 -3.35
C SER A 110 -3.80 17.45 -2.34
N ASP A 111 -3.97 17.14 -1.07
CA ASP A 111 -3.28 17.88 -0.02
C ASP A 111 -2.97 16.96 1.16
N ASP A 112 -1.92 17.30 1.88
CA ASP A 112 -1.53 16.55 3.06
C ASP A 112 -1.05 17.52 4.14
N PRO A 113 -1.43 17.28 5.40
CA PRO A 113 -1.11 18.16 6.50
C PRO A 113 0.23 17.85 7.16
N ALA A 114 1.15 18.80 7.07
CA ALA A 114 2.44 18.68 7.75
C ALA A 114 2.38 19.41 9.09
N ASN A 115 3.13 18.92 10.06
CA ASN A 115 3.16 19.53 11.38
C ASN A 115 4.49 20.21 11.63
N ALA A 116 4.45 21.53 11.83
CA ALA A 116 5.65 22.31 12.09
C ALA A 116 5.85 22.49 13.59
N LEU A 117 6.89 21.86 14.13
CA LEU A 117 7.20 21.95 15.55
C LEU A 117 8.68 22.24 15.77
N PRO A 118 9.04 23.52 15.96
CA PRO A 118 10.43 23.93 16.17
C PRO A 118 10.94 23.56 17.56
N SER A 119 11.74 22.51 17.62
CA SER A 119 12.32 22.07 18.88
C SER A 119 13.72 22.65 19.06
N THR A 120 13.79 23.97 19.19
CA THR A 120 15.05 24.68 19.27
C THR A 120 15.54 24.86 20.70
N ASP A 121 14.93 24.12 21.62
CA ASP A 121 15.33 24.16 23.02
C ASP A 121 15.62 22.75 23.51
N MET A 1 -31.27 -23.58 -29.39
CA MET A 1 -32.19 -22.43 -29.18
C MET A 1 -31.78 -21.60 -27.96
N GLY A 2 -30.52 -21.18 -27.94
CA GLY A 2 -30.04 -20.36 -26.85
C GLY A 2 -28.56 -20.09 -26.92
N GLY A 3 -27.87 -20.34 -25.82
CA GLY A 3 -26.45 -20.10 -25.75
C GLY A 3 -25.99 -19.82 -24.35
N SER A 4 -24.75 -19.36 -24.20
CA SER A 4 -24.22 -19.03 -22.88
C SER A 4 -23.62 -17.62 -22.90
N GLY A 5 -23.11 -17.18 -21.77
CA GLY A 5 -22.49 -15.88 -21.68
C GLY A 5 -22.06 -15.53 -20.27
N VAL A 6 -20.78 -15.23 -20.08
CA VAL A 6 -20.27 -14.89 -18.77
C VAL A 6 -19.42 -13.61 -18.83
N GLU A 7 -19.36 -12.89 -17.72
CA GLU A 7 -18.59 -11.67 -17.63
C GLU A 7 -17.24 -11.94 -16.96
N GLY A 8 -16.18 -11.45 -17.57
CA GLY A 8 -14.86 -11.61 -16.99
C GLY A 8 -14.41 -10.37 -16.26
N LEU A 9 -14.51 -10.40 -14.94
CA LEU A 9 -14.18 -9.24 -14.12
C LEU A 9 -12.67 -9.08 -14.00
N SER A 10 -12.24 -7.86 -13.72
CA SER A 10 -10.83 -7.57 -13.55
C SER A 10 -10.64 -6.67 -12.33
N GLY A 11 -9.66 -6.99 -11.51
CA GLY A 11 -9.41 -6.21 -10.32
C GLY A 11 -8.02 -6.46 -9.76
N LYS A 12 -7.36 -5.39 -9.34
CA LYS A 12 -6.03 -5.48 -8.77
C LYS A 12 -6.10 -6.09 -7.37
N ARG A 13 -5.01 -6.70 -6.94
CA ARG A 13 -4.94 -7.30 -5.63
C ARG A 13 -3.95 -6.55 -4.75
N CYS A 14 -4.39 -6.21 -3.55
CA CYS A 14 -3.51 -5.58 -2.60
C CYS A 14 -3.12 -6.60 -1.53
N TRP A 15 -1.87 -7.01 -1.55
CA TRP A 15 -1.39 -7.99 -0.60
C TRP A 15 -0.79 -7.26 0.59
N LEU A 16 -1.36 -7.50 1.76
CA LEU A 16 -0.95 -6.77 2.94
C LEU A 16 -0.22 -7.67 3.93
N ALA A 17 0.95 -7.22 4.35
CA ALA A 17 1.73 -7.88 5.38
C ALA A 17 2.05 -6.88 6.47
N VAL A 18 1.01 -6.34 7.06
CA VAL A 18 1.15 -5.34 8.10
C VAL A 18 1.00 -5.99 9.48
N ARG A 19 1.99 -5.78 10.33
CA ARG A 19 2.00 -6.36 11.66
C ARG A 19 1.11 -5.53 12.58
N ASN A 20 0.97 -4.26 12.25
CA ASN A 20 0.10 -3.36 12.98
C ASN A 20 -1.35 -3.60 12.58
N ALA A 21 -2.01 -4.49 13.31
CA ALA A 21 -3.39 -4.90 13.00
C ALA A 21 -4.34 -3.70 12.86
N SER A 22 -4.24 -2.77 13.79
CA SER A 22 -5.06 -1.57 13.78
C SER A 22 -4.87 -0.80 12.48
N LEU A 23 -3.61 -0.57 12.12
CA LEU A 23 -3.27 0.13 10.90
C LEU A 23 -3.74 -0.65 9.68
N CYS A 24 -3.47 -1.95 9.68
CA CYS A 24 -3.72 -2.80 8.53
C CYS A 24 -5.21 -2.88 8.19
N GLN A 25 -6.06 -3.04 9.20
CA GLN A 25 -7.49 -3.18 8.97
C GLN A 25 -8.10 -1.86 8.50
N PHE A 26 -7.62 -0.75 9.05
CA PHE A 26 -8.12 0.55 8.65
C PHE A 26 -7.70 0.86 7.22
N LEU A 27 -6.46 0.53 6.90
CA LEU A 27 -5.88 0.77 5.58
C LEU A 27 -6.62 -0.03 4.50
N GLU A 28 -6.80 -1.32 4.74
CA GLU A 28 -7.37 -2.21 3.72
C GLU A 28 -8.81 -1.82 3.40
N THR A 29 -9.62 -1.59 4.42
CA THR A 29 -11.02 -1.24 4.21
C THR A 29 -11.15 0.10 3.49
N SER A 30 -10.23 1.01 3.79
CA SER A 30 -10.24 2.34 3.18
C SER A 30 -10.03 2.25 1.66
N LEU A 31 -9.09 1.41 1.24
CA LEU A 31 -8.76 1.30 -0.18
C LEU A 31 -9.74 0.37 -0.90
N GLN A 32 -10.32 -0.59 -0.18
CA GLN A 32 -11.17 -1.61 -0.79
C GLN A 32 -12.46 -1.02 -1.34
N ARG A 33 -12.80 0.20 -0.91
CA ARG A 33 -13.97 0.88 -1.45
C ARG A 33 -13.80 1.16 -2.94
N SER A 34 -12.55 1.17 -3.37
CA SER A 34 -12.23 1.44 -4.78
C SER A 34 -12.35 0.18 -5.62
N GLY A 35 -12.65 -0.94 -4.99
CA GLY A 35 -12.82 -2.18 -5.73
C GLY A 35 -11.54 -2.96 -5.90
N ILE A 36 -10.63 -2.80 -4.94
CA ILE A 36 -9.38 -3.54 -4.95
C ILE A 36 -9.43 -4.63 -3.89
N VAL A 37 -9.20 -5.87 -4.30
CA VAL A 37 -9.33 -7.00 -3.38
C VAL A 37 -8.04 -7.18 -2.56
N VAL A 38 -8.17 -7.04 -1.25
CA VAL A 38 -7.02 -7.16 -0.36
C VAL A 38 -6.88 -8.59 0.16
N THR A 39 -5.66 -9.11 0.09
CA THR A 39 -5.38 -10.46 0.59
C THR A 39 -4.16 -10.43 1.51
N THR A 40 -4.19 -11.25 2.53
CA THR A 40 -3.08 -11.37 3.45
C THR A 40 -1.85 -11.96 2.76
N TYR A 41 -0.76 -11.20 2.76
CA TYR A 41 0.49 -11.69 2.20
C TYR A 41 1.17 -12.63 3.19
N GLU A 42 0.98 -13.92 2.98
CA GLU A 42 1.56 -14.94 3.85
C GLU A 42 2.80 -15.54 3.20
N GLY A 43 3.12 -15.08 2.00
CA GLY A 43 4.28 -15.57 1.29
C GLY A 43 3.94 -16.13 -0.07
N GLN A 44 3.02 -15.46 -0.76
CA GLN A 44 2.58 -15.89 -2.08
C GLN A 44 3.49 -15.32 -3.16
N GLU A 45 2.94 -15.11 -4.35
CA GLU A 45 3.72 -14.61 -5.47
C GLU A 45 3.32 -13.19 -5.84
N PRO A 46 4.29 -12.39 -6.28
CA PRO A 46 4.06 -11.01 -6.71
C PRO A 46 3.43 -10.91 -8.10
N THR A 47 2.67 -9.86 -8.31
CA THR A 47 2.03 -9.62 -9.59
C THR A 47 2.25 -8.17 -10.02
N PRO A 48 2.52 -7.92 -11.32
CA PRO A 48 2.81 -6.57 -11.85
C PRO A 48 1.67 -5.56 -11.65
N GLU A 49 0.48 -6.06 -11.35
CA GLU A 49 -0.66 -5.17 -11.09
C GLU A 49 -0.93 -5.07 -9.60
N ASP A 50 -0.23 -5.87 -8.83
CA ASP A 50 -0.48 -5.99 -7.40
C ASP A 50 0.57 -5.24 -6.60
N VAL A 51 0.18 -4.71 -5.47
CA VAL A 51 1.10 -3.98 -4.60
C VAL A 51 1.29 -4.72 -3.28
N LEU A 52 2.49 -4.61 -2.73
CA LEU A 52 2.79 -5.18 -1.43
C LEU A 52 2.73 -4.09 -0.36
N ILE A 53 1.62 -4.02 0.34
CA ILE A 53 1.50 -3.08 1.43
C ILE A 53 2.03 -3.73 2.70
N THR A 54 3.19 -3.29 3.14
CA THR A 54 3.88 -3.94 4.23
C THR A 54 4.15 -2.96 5.36
N ASP A 55 4.37 -3.47 6.56
CA ASP A 55 4.72 -2.66 7.71
C ASP A 55 5.74 -3.40 8.55
N GLU A 56 6.50 -2.66 9.36
CA GLU A 56 7.53 -3.24 10.23
C GLU A 56 8.72 -3.70 9.40
N VAL A 57 9.41 -4.73 9.88
CA VAL A 57 10.59 -5.24 9.18
C VAL A 57 10.35 -6.64 8.64
N VAL A 58 10.06 -6.72 7.35
CA VAL A 58 9.85 -8.02 6.71
C VAL A 58 11.09 -8.45 5.93
N SER A 59 11.82 -7.47 5.40
CA SER A 59 13.02 -7.73 4.60
C SER A 59 12.70 -8.63 3.41
N LYS A 60 11.58 -8.35 2.75
CA LYS A 60 11.16 -9.13 1.60
C LYS A 60 10.90 -8.20 0.42
N LYS A 61 11.37 -8.62 -0.75
CA LYS A 61 11.22 -7.83 -1.96
C LYS A 61 9.93 -8.20 -2.70
N TRP A 62 9.44 -7.27 -3.50
CA TRP A 62 8.21 -7.49 -4.26
C TRP A 62 8.42 -7.09 -5.71
N GLN A 63 8.21 -8.03 -6.61
CA GLN A 63 8.32 -7.77 -8.04
C GLN A 63 6.94 -7.62 -8.66
N GLY A 64 6.43 -6.39 -8.66
CA GLY A 64 5.10 -6.16 -9.17
C GLY A 64 4.83 -4.69 -9.47
N ARG A 65 3.69 -4.21 -9.02
CA ARG A 65 3.30 -2.82 -9.26
C ARG A 65 4.15 -1.87 -8.41
N ALA A 66 4.09 -2.05 -7.10
CA ALA A 66 4.86 -1.22 -6.18
C ALA A 66 4.89 -1.84 -4.79
N VAL A 67 5.88 -1.46 -4.01
CA VAL A 67 5.99 -1.93 -2.63
C VAL A 67 5.81 -0.75 -1.68
N VAL A 68 4.74 -0.77 -0.91
CA VAL A 68 4.47 0.30 0.04
C VAL A 68 4.87 -0.13 1.43
N THR A 69 6.08 0.21 1.84
CA THR A 69 6.60 -0.25 3.11
C THR A 69 6.59 0.83 4.18
N PHE A 70 5.83 0.58 5.24
CA PHE A 70 5.83 1.43 6.41
C PHE A 70 6.80 0.85 7.43
N CYS A 71 8.05 1.27 7.34
CA CYS A 71 9.09 0.68 8.18
C CYS A 71 9.65 1.69 9.17
N ARG A 72 10.63 1.25 9.95
CA ARG A 72 11.32 2.10 10.89
C ARG A 72 12.80 2.19 10.50
N ARG A 73 13.63 2.65 11.42
CA ARG A 73 15.06 2.71 11.18
C ARG A 73 15.68 1.32 11.27
N HIS A 74 15.63 0.59 10.15
CA HIS A 74 16.11 -0.79 10.10
C HIS A 74 16.71 -1.06 8.73
N ILE A 75 17.59 -2.05 8.65
CA ILE A 75 18.28 -2.35 7.41
C ILE A 75 17.76 -3.64 6.79
N GLY A 76 17.54 -3.62 5.48
CA GLY A 76 17.04 -4.78 4.78
C GLY A 76 15.91 -4.44 3.83
N ILE A 77 15.22 -3.35 4.12
CA ILE A 77 14.10 -2.91 3.28
C ILE A 77 14.52 -1.73 2.43
N PRO A 78 14.18 -1.76 1.13
CA PRO A 78 14.42 -0.65 0.21
C PRO A 78 13.71 0.63 0.65
N LEU A 79 14.47 1.64 1.01
CA LEU A 79 13.89 2.89 1.52
C LEU A 79 13.61 3.87 0.38
N GLU A 80 12.73 3.45 -0.52
CA GLU A 80 12.32 4.25 -1.67
C GLU A 80 13.54 4.73 -2.47
N LYS A 81 13.55 6.02 -2.82
CA LYS A 81 14.64 6.62 -3.58
C LYS A 81 14.71 6.04 -5.00
N ALA A 82 13.63 5.38 -5.39
CA ALA A 82 13.52 4.79 -6.72
C ALA A 82 12.06 4.46 -7.00
N PRO A 83 11.47 5.08 -8.03
CA PRO A 83 10.09 4.82 -8.43
C PRO A 83 9.82 3.33 -8.64
N GLY A 84 9.17 2.73 -7.67
CA GLY A 84 8.93 1.30 -7.67
C GLY A 84 8.93 0.76 -6.27
N GLU A 85 9.87 1.24 -5.47
CA GLU A 85 9.93 0.91 -4.06
C GLU A 85 9.54 2.16 -3.27
N TRP A 86 8.63 2.01 -2.32
CA TRP A 86 8.15 3.13 -1.54
C TRP A 86 8.43 2.90 -0.05
N VAL A 87 8.72 3.97 0.67
CA VAL A 87 9.03 3.86 2.08
C VAL A 87 8.39 5.01 2.87
N HIS A 88 7.94 4.72 4.07
CA HIS A 88 7.47 5.75 4.97
C HIS A 88 7.56 5.28 6.41
N SER A 89 7.94 6.17 7.30
CA SER A 89 8.01 5.85 8.71
C SER A 89 6.64 5.50 9.25
N VAL A 90 6.52 4.29 9.79
CA VAL A 90 5.28 3.85 10.43
C VAL A 90 5.04 4.65 11.72
N ALA A 91 4.33 5.75 11.59
CA ALA A 91 3.99 6.58 12.73
C ALA A 91 2.48 6.64 12.92
N ALA A 92 1.74 6.87 11.84
CA ALA A 92 0.31 7.01 11.90
C ALA A 92 -0.33 6.56 10.58
N PRO A 93 -1.57 6.06 10.65
CA PRO A 93 -2.36 5.66 9.47
C PRO A 93 -2.82 6.86 8.64
N HIS A 94 -2.01 7.89 8.60
CA HIS A 94 -2.38 9.15 7.96
C HIS A 94 -1.93 9.16 6.49
N GLU A 95 -0.69 8.75 6.26
CA GLU A 95 -0.10 8.85 4.93
C GLU A 95 -0.24 7.57 4.13
N LEU A 96 -0.52 6.46 4.81
CA LEU A 96 -0.59 5.16 4.16
C LEU A 96 -1.71 5.08 3.10
N PRO A 97 -2.97 5.41 3.45
CA PRO A 97 -4.08 5.31 2.50
C PRO A 97 -3.90 6.24 1.30
N ALA A 98 -3.38 7.43 1.56
CA ALA A 98 -3.13 8.40 0.50
C ALA A 98 -2.06 7.90 -0.46
N LEU A 99 -1.02 7.27 0.10
CA LEU A 99 0.07 6.71 -0.69
C LEU A 99 -0.44 5.59 -1.58
N LEU A 100 -1.22 4.69 -1.00
CA LEU A 100 -1.78 3.57 -1.73
C LEU A 100 -2.62 4.06 -2.91
N ALA A 101 -3.49 5.03 -2.64
CA ALA A 101 -4.32 5.63 -3.66
C ALA A 101 -3.45 6.22 -4.77
N ARG A 102 -2.40 6.94 -4.38
CA ARG A 102 -1.52 7.60 -5.34
C ARG A 102 -0.91 6.59 -6.31
N ILE A 103 -0.48 5.45 -5.77
CA ILE A 103 0.12 4.40 -6.59
C ILE A 103 -0.87 3.87 -7.62
N TYR A 104 -2.13 3.73 -7.23
CA TYR A 104 -3.15 3.19 -8.11
C TYR A 104 -3.91 4.29 -8.85
N LEU A 105 -3.31 5.49 -8.88
CA LEU A 105 -3.83 6.63 -9.66
C LEU A 105 -5.14 7.16 -9.06
N ILE A 106 -5.23 7.18 -7.75
CA ILE A 106 -6.38 7.73 -7.06
C ILE A 106 -5.94 8.88 -6.17
N GLU A 107 -6.79 9.89 -6.02
CA GLU A 107 -6.54 10.96 -5.07
C GLU A 107 -7.39 10.75 -3.83
N MET A 108 -6.74 10.69 -2.69
CA MET A 108 -7.43 10.52 -1.43
C MET A 108 -7.27 11.77 -0.57
N GLU A 109 -7.97 11.80 0.55
CA GLU A 109 -7.93 12.94 1.45
C GLU A 109 -6.51 13.19 1.95
N SER A 110 -5.96 14.31 1.54
CA SER A 110 -4.61 14.69 1.93
C SER A 110 -4.68 15.78 3.01
N ASP A 111 -5.74 15.72 3.80
CA ASP A 111 -6.00 16.72 4.83
C ASP A 111 -5.09 16.51 6.03
N ASP A 112 -4.56 17.61 6.57
CA ASP A 112 -3.71 17.53 7.74
C ASP A 112 -4.02 18.67 8.71
N PRO A 113 -4.29 18.33 9.98
CA PRO A 113 -4.53 19.29 11.05
C PRO A 113 -3.32 19.44 11.97
N ALA A 114 -2.16 19.72 11.39
CA ALA A 114 -0.93 19.85 12.16
C ALA A 114 -1.00 21.02 13.13
N ASN A 115 -0.70 20.74 14.39
CA ASN A 115 -0.69 21.75 15.44
C ASN A 115 0.37 21.42 16.47
N ALA A 116 1.37 22.28 16.59
CA ALA A 116 2.46 22.06 17.52
C ALA A 116 2.54 23.21 18.52
N LEU A 117 2.32 22.90 19.79
CA LEU A 117 2.33 23.91 20.83
C LEU A 117 3.55 23.73 21.74
N PRO A 118 4.45 24.72 21.75
CA PRO A 118 5.61 24.72 22.62
C PRO A 118 5.24 25.09 24.07
N SER A 119 5.82 24.38 25.02
CA SER A 119 5.58 24.65 26.43
C SER A 119 6.75 25.42 27.03
N THR A 120 6.49 26.64 27.48
CA THR A 120 7.52 27.47 28.06
C THR A 120 7.41 27.48 29.59
N ASP A 121 8.55 27.40 30.26
CA ASP A 121 8.60 27.50 31.71
C ASP A 121 9.67 28.50 32.11
N MET A 1 -38.36 -16.04 -23.26
CA MET A 1 -38.09 -15.17 -24.42
C MET A 1 -37.46 -13.86 -23.97
N GLY A 2 -36.66 -13.27 -24.84
CA GLY A 2 -36.01 -12.02 -24.51
C GLY A 2 -34.52 -12.08 -24.75
N GLY A 3 -33.81 -12.76 -23.86
CA GLY A 3 -32.38 -12.92 -24.01
C GLY A 3 -31.72 -13.31 -22.72
N SER A 4 -30.57 -12.71 -22.43
CA SER A 4 -29.84 -12.98 -21.21
C SER A 4 -28.88 -11.84 -20.90
N GLY A 5 -29.12 -11.15 -19.79
CA GLY A 5 -28.28 -10.04 -19.41
C GLY A 5 -27.21 -10.43 -18.42
N VAL A 6 -26.07 -9.75 -18.48
CA VAL A 6 -24.96 -10.01 -17.58
C VAL A 6 -24.15 -8.72 -17.40
N GLU A 7 -23.35 -8.65 -16.35
CA GLU A 7 -22.54 -7.47 -16.11
C GLU A 7 -21.07 -7.83 -15.99
N GLY A 8 -20.22 -6.84 -16.17
CA GLY A 8 -18.79 -7.04 -16.09
C GLY A 8 -18.18 -6.34 -14.92
N LEU A 9 -17.11 -6.89 -14.38
CA LEU A 9 -16.43 -6.32 -13.23
C LEU A 9 -14.96 -6.67 -13.24
N SER A 10 -14.11 -5.69 -12.99
CA SER A 10 -12.68 -5.92 -12.95
C SER A 10 -12.27 -6.39 -11.55
N GLY A 11 -11.02 -6.82 -11.41
CA GLY A 11 -10.56 -7.32 -10.13
C GLY A 11 -9.07 -7.17 -9.94
N LYS A 12 -8.69 -6.16 -9.17
CA LYS A 12 -7.30 -5.98 -8.76
C LYS A 12 -7.14 -6.45 -7.32
N ARG A 13 -5.91 -6.71 -6.90
CA ARG A 13 -5.65 -7.18 -5.55
C ARG A 13 -4.78 -6.18 -4.79
N CYS A 14 -4.77 -6.30 -3.48
CA CYS A 14 -3.90 -5.50 -2.64
C CYS A 14 -3.33 -6.35 -1.53
N TRP A 15 -2.02 -6.46 -1.48
CA TRP A 15 -1.37 -7.36 -0.54
C TRP A 15 -0.75 -6.58 0.60
N LEU A 16 -1.01 -7.00 1.82
CA LEU A 16 -0.49 -6.33 2.99
C LEU A 16 0.34 -7.29 3.83
N ALA A 17 1.56 -6.88 4.14
CA ALA A 17 2.38 -7.60 5.08
C ALA A 17 2.65 -6.71 6.29
N VAL A 18 1.57 -6.12 6.78
CA VAL A 18 1.63 -5.23 7.92
C VAL A 18 1.39 -6.01 9.21
N ARG A 19 2.27 -5.86 10.17
CA ARG A 19 2.15 -6.56 11.44
C ARG A 19 1.29 -5.74 12.40
N ASN A 20 1.05 -4.49 12.01
CA ASN A 20 0.20 -3.60 12.77
C ASN A 20 -1.26 -3.82 12.37
N ALA A 21 -1.94 -4.67 13.12
CA ALA A 21 -3.30 -5.09 12.79
C ALA A 21 -4.26 -3.90 12.70
N SER A 22 -4.09 -2.94 13.59
CA SER A 22 -4.94 -1.76 13.61
C SER A 22 -4.78 -0.96 12.32
N LEU A 23 -3.52 -0.78 11.91
CA LEU A 23 -3.22 -0.03 10.70
C LEU A 23 -3.68 -0.79 9.46
N CYS A 24 -3.32 -2.06 9.40
CA CYS A 24 -3.59 -2.87 8.21
C CYS A 24 -5.08 -3.09 8.00
N GLN A 25 -5.83 -3.25 9.09
CA GLN A 25 -7.27 -3.49 9.00
C GLN A 25 -7.98 -2.25 8.51
N PHE A 26 -7.67 -1.10 9.10
CA PHE A 26 -8.30 0.16 8.72
C PHE A 26 -8.03 0.46 7.25
N LEU A 27 -6.75 0.43 6.89
CA LEU A 27 -6.31 0.72 5.53
C LEU A 27 -6.99 -0.21 4.53
N GLU A 28 -7.06 -1.51 4.86
CA GLU A 28 -7.63 -2.49 3.95
C GLU A 28 -9.10 -2.15 3.64
N THR A 29 -9.83 -1.68 4.65
CA THR A 29 -11.23 -1.32 4.47
C THR A 29 -11.38 -0.10 3.57
N SER A 30 -10.57 0.91 3.83
CA SER A 30 -10.61 2.16 3.08
C SER A 30 -10.37 1.93 1.59
N LEU A 31 -9.37 1.11 1.27
CA LEU A 31 -9.00 0.88 -0.12
C LEU A 31 -9.94 -0.11 -0.81
N GLN A 32 -10.53 -1.02 -0.04
CA GLN A 32 -11.39 -2.05 -0.60
C GLN A 32 -12.65 -1.46 -1.22
N ARG A 33 -13.02 -0.27 -0.75
CA ARG A 33 -14.19 0.44 -1.27
C ARG A 33 -14.05 0.72 -2.76
N SER A 34 -12.81 0.72 -3.24
CA SER A 34 -12.50 1.00 -4.63
C SER A 34 -12.90 -0.18 -5.53
N GLY A 35 -13.15 -1.34 -4.93
CA GLY A 35 -13.46 -2.52 -5.72
C GLY A 35 -12.26 -3.43 -5.87
N ILE A 36 -11.37 -3.37 -4.88
CA ILE A 36 -10.16 -4.18 -4.87
C ILE A 36 -10.25 -5.21 -3.75
N VAL A 37 -9.71 -6.40 -3.98
CA VAL A 37 -9.72 -7.44 -2.97
C VAL A 37 -8.36 -7.52 -2.26
N VAL A 38 -8.39 -7.40 -0.94
CA VAL A 38 -7.16 -7.41 -0.16
C VAL A 38 -6.81 -8.82 0.28
N THR A 39 -5.52 -9.05 0.48
CA THR A 39 -5.03 -10.34 0.95
C THR A 39 -3.73 -10.15 1.73
N THR A 40 -3.59 -10.86 2.83
CA THR A 40 -2.37 -10.82 3.61
C THR A 40 -1.24 -11.53 2.85
N TYR A 41 -0.11 -10.84 2.72
CA TYR A 41 1.03 -11.38 1.98
C TYR A 41 1.74 -12.44 2.80
N GLU A 42 1.18 -13.63 2.80
CA GLU A 42 1.78 -14.76 3.50
C GLU A 42 2.08 -15.88 2.52
N GLY A 43 3.26 -15.82 1.91
CA GLY A 43 3.67 -16.86 0.96
C GLY A 43 2.77 -16.92 -0.25
N GLN A 44 2.56 -15.78 -0.88
CA GLN A 44 1.69 -15.69 -2.05
C GLN A 44 2.45 -15.14 -3.25
N GLU A 45 1.78 -15.07 -4.40
CA GLU A 45 2.41 -14.60 -5.62
C GLU A 45 2.21 -13.09 -5.80
N PRO A 46 3.25 -12.39 -6.28
CA PRO A 46 3.20 -10.96 -6.54
C PRO A 46 2.73 -10.64 -7.97
N THR A 47 1.67 -9.86 -8.08
CA THR A 47 1.17 -9.44 -9.38
C THR A 47 1.70 -8.05 -9.74
N PRO A 48 2.08 -7.86 -11.03
CA PRO A 48 2.68 -6.61 -11.53
C PRO A 48 1.73 -5.42 -11.49
N GLU A 49 0.47 -5.65 -11.14
CA GLU A 49 -0.50 -4.58 -11.09
C GLU A 49 -0.88 -4.26 -9.65
N ASP A 50 -0.39 -5.06 -8.72
CA ASP A 50 -0.74 -4.92 -7.32
C ASP A 50 0.41 -4.27 -6.55
N VAL A 51 0.11 -3.79 -5.35
CA VAL A 51 1.12 -3.20 -4.48
C VAL A 51 1.23 -3.99 -3.18
N LEU A 52 2.44 -4.02 -2.62
CA LEU A 52 2.68 -4.66 -1.34
C LEU A 52 2.90 -3.60 -0.28
N ILE A 53 1.98 -3.52 0.68
CA ILE A 53 2.16 -2.63 1.80
C ILE A 53 2.78 -3.40 2.96
N THR A 54 4.05 -3.15 3.21
CA THR A 54 4.79 -3.89 4.23
C THR A 54 5.01 -3.02 5.45
N ASP A 55 5.22 -3.67 6.60
CA ASP A 55 5.47 -2.96 7.84
C ASP A 55 6.37 -3.78 8.75
N GLU A 56 7.10 -3.09 9.63
CA GLU A 56 7.94 -3.73 10.65
C GLU A 56 9.19 -4.35 10.04
N VAL A 57 9.59 -5.50 10.55
CA VAL A 57 10.80 -6.16 10.10
C VAL A 57 10.50 -7.13 8.96
N VAL A 58 10.88 -6.74 7.75
CA VAL A 58 10.72 -7.58 6.57
C VAL A 58 11.93 -7.41 5.66
N SER A 59 12.20 -8.41 4.84
CA SER A 59 13.28 -8.34 3.88
C SER A 59 12.95 -9.11 2.61
N LYS A 60 11.77 -8.86 2.08
CA LYS A 60 11.36 -9.44 0.81
C LYS A 60 10.92 -8.32 -0.14
N LYS A 61 11.32 -8.41 -1.39
CA LYS A 61 11.01 -7.37 -2.36
C LYS A 61 9.72 -7.71 -3.12
N TRP A 62 8.92 -6.69 -3.38
CA TRP A 62 7.70 -6.88 -4.13
C TRP A 62 7.99 -7.03 -5.61
N GLN A 63 7.95 -8.26 -6.10
CA GLN A 63 8.13 -8.54 -7.51
C GLN A 63 6.83 -8.25 -8.25
N GLY A 64 6.36 -7.02 -8.15
CA GLY A 64 5.12 -6.62 -8.79
C GLY A 64 5.19 -5.19 -9.27
N ARG A 65 4.23 -4.38 -8.84
CA ARG A 65 4.21 -2.96 -9.22
C ARG A 65 5.10 -2.13 -8.29
N ALA A 66 4.59 -1.84 -7.11
CA ALA A 66 5.29 -0.96 -6.18
C ALA A 66 5.15 -1.44 -4.75
N VAL A 67 6.11 -1.08 -3.92
CA VAL A 67 6.09 -1.44 -2.51
C VAL A 67 5.89 -0.19 -1.65
N VAL A 68 5.20 -0.36 -0.54
CA VAL A 68 5.03 0.70 0.45
C VAL A 68 5.40 0.17 1.81
N THR A 69 6.65 0.38 2.22
CA THR A 69 7.15 -0.21 3.44
C THR A 69 7.29 0.81 4.56
N PHE A 70 6.56 0.58 5.64
CA PHE A 70 6.63 1.42 6.81
C PHE A 70 7.66 0.87 7.77
N CYS A 71 8.80 1.54 7.86
CA CYS A 71 9.88 1.10 8.73
C CYS A 71 10.03 2.04 9.91
N ARG A 72 10.42 1.48 11.04
CA ARG A 72 10.63 2.26 12.24
C ARG A 72 12.12 2.40 12.52
N ARG A 73 12.81 1.27 12.57
CA ARG A 73 14.25 1.27 12.82
C ARG A 73 14.85 -0.08 12.46
N HIS A 74 15.15 -0.26 11.18
CA HIS A 74 15.81 -1.46 10.71
C HIS A 74 16.17 -1.31 9.24
N ILE A 75 17.28 -1.91 8.84
CA ILE A 75 17.69 -1.92 7.45
C ILE A 75 17.54 -3.32 6.88
N GLY A 76 17.34 -3.42 5.58
CA GLY A 76 17.16 -4.72 4.94
C GLY A 76 16.41 -4.58 3.64
N ILE A 77 15.44 -3.68 3.63
CA ILE A 77 14.72 -3.35 2.41
C ILE A 77 15.19 -1.99 1.91
N PRO A 78 15.37 -1.82 0.58
CA PRO A 78 15.78 -0.55 -0.01
C PRO A 78 14.88 0.61 0.42
N LEU A 79 15.47 1.60 1.06
CA LEU A 79 14.72 2.74 1.56
C LEU A 79 14.44 3.73 0.44
N GLU A 80 13.57 3.32 -0.48
CA GLU A 80 13.15 4.14 -1.60
C GLU A 80 14.36 4.56 -2.46
N LYS A 81 14.47 5.86 -2.73
CA LYS A 81 15.45 6.43 -3.66
C LYS A 81 15.47 5.67 -4.98
N ALA A 82 14.32 5.11 -5.34
CA ALA A 82 14.14 4.37 -6.57
C ALA A 82 12.65 4.30 -6.89
N PRO A 83 12.27 4.55 -8.16
CA PRO A 83 10.87 4.50 -8.58
C PRO A 83 10.31 3.08 -8.55
N GLY A 84 9.97 2.62 -7.35
CA GLY A 84 9.43 1.29 -7.18
C GLY A 84 9.15 0.97 -5.73
N GLU A 85 9.94 1.54 -4.84
CA GLU A 85 9.79 1.28 -3.42
C GLU A 85 9.57 2.59 -2.70
N TRP A 86 8.52 2.66 -1.90
CA TRP A 86 8.22 3.85 -1.13
C TRP A 86 8.51 3.60 0.34
N VAL A 87 9.31 4.46 0.94
CA VAL A 87 9.66 4.31 2.34
C VAL A 87 8.96 5.37 3.19
N HIS A 88 8.48 4.97 4.35
CA HIS A 88 7.82 5.89 5.26
C HIS A 88 7.88 5.32 6.68
N SER A 89 7.97 6.20 7.65
CA SER A 89 7.96 5.78 9.04
C SER A 89 6.55 5.35 9.48
N VAL A 90 6.49 4.44 10.45
CA VAL A 90 5.19 3.98 10.97
C VAL A 90 4.56 5.04 11.85
N ALA A 91 4.08 6.10 11.21
CA ALA A 91 3.38 7.18 11.89
C ALA A 91 2.53 7.92 10.87
N ALA A 92 1.91 7.16 9.98
CA ALA A 92 1.17 7.74 8.88
C ALA A 92 0.03 6.85 8.40
N PRO A 93 -0.98 6.56 9.24
CA PRO A 93 -2.16 5.81 8.82
C PRO A 93 -3.11 6.70 8.03
N HIS A 94 -2.76 7.98 7.96
CA HIS A 94 -3.51 8.97 7.21
C HIS A 94 -2.94 9.11 5.80
N GLU A 95 -1.61 9.14 5.72
CA GLU A 95 -0.93 9.27 4.44
C GLU A 95 -0.94 7.95 3.66
N LEU A 96 -1.01 6.83 4.39
CA LEU A 96 -0.94 5.51 3.76
C LEU A 96 -2.04 5.28 2.70
N PRO A 97 -3.34 5.41 3.04
CA PRO A 97 -4.43 5.14 2.09
C PRO A 97 -4.38 6.08 0.88
N ALA A 98 -3.95 7.31 1.11
CA ALA A 98 -3.86 8.29 0.05
C ALA A 98 -2.67 8.02 -0.86
N LEU A 99 -1.58 7.53 -0.28
CA LEU A 99 -0.40 7.16 -1.05
C LEU A 99 -0.72 5.98 -1.95
N LEU A 100 -1.50 5.04 -1.42
CA LEU A 100 -1.98 3.91 -2.19
C LEU A 100 -2.78 4.40 -3.39
N ALA A 101 -3.68 5.34 -3.15
CA ALA A 101 -4.51 5.90 -4.20
C ALA A 101 -3.67 6.66 -5.22
N ARG A 102 -2.58 7.26 -4.76
CA ARG A 102 -1.66 7.97 -5.65
C ARG A 102 -0.98 6.98 -6.59
N ILE A 103 -0.51 5.86 -6.04
CA ILE A 103 0.16 4.84 -6.83
C ILE A 103 -0.80 4.18 -7.81
N TYR A 104 -2.00 3.85 -7.33
CA TYR A 104 -3.01 3.21 -8.16
C TYR A 104 -3.71 4.22 -9.07
N LEU A 105 -3.33 5.48 -8.94
CA LEU A 105 -3.87 6.57 -9.74
C LEU A 105 -5.38 6.70 -9.56
N ILE A 106 -5.81 6.90 -8.32
CA ILE A 106 -7.22 7.07 -8.01
C ILE A 106 -7.57 8.54 -7.79
N GLU A 107 -7.88 8.92 -6.56
CA GLU A 107 -8.41 10.26 -6.30
C GLU A 107 -7.84 10.88 -5.02
N MET A 108 -6.96 10.17 -4.36
CA MET A 108 -6.41 10.65 -3.08
C MET A 108 -4.90 10.86 -3.17
N GLU A 109 -4.41 11.85 -2.45
CA GLU A 109 -2.98 12.17 -2.43
C GLU A 109 -2.58 12.69 -1.05
N SER A 110 -1.28 12.78 -0.82
CA SER A 110 -0.75 13.32 0.44
C SER A 110 0.61 13.96 0.19
N ASP A 111 0.58 15.19 -0.31
CA ASP A 111 1.79 15.91 -0.66
C ASP A 111 1.83 17.25 0.04
N ASP A 112 2.58 17.32 1.14
CA ASP A 112 2.66 18.55 1.92
C ASP A 112 3.93 19.33 1.58
N PRO A 113 3.84 20.67 1.58
CA PRO A 113 4.97 21.54 1.35
C PRO A 113 5.63 22.02 2.66
N ALA A 114 6.92 21.78 2.79
CA ALA A 114 7.66 22.21 3.98
C ALA A 114 9.08 22.60 3.61
N ASN A 115 9.52 23.75 4.10
CA ASN A 115 10.87 24.23 3.84
C ASN A 115 11.33 25.16 4.96
N ALA A 116 12.56 25.00 5.40
CA ALA A 116 13.13 25.85 6.44
C ALA A 116 14.46 26.44 5.99
N LEU A 117 14.64 27.72 6.25
CA LEU A 117 15.85 28.42 5.84
C LEU A 117 16.06 29.66 6.69
N PRO A 118 16.95 29.59 7.69
CA PRO A 118 17.24 30.70 8.59
C PRO A 118 18.13 31.77 7.95
N SER A 119 17.50 32.75 7.32
CA SER A 119 18.23 33.86 6.71
C SER A 119 18.81 34.76 7.79
N THR A 120 18.17 34.79 8.94
CA THR A 120 18.66 35.55 10.08
C THR A 120 19.13 34.60 11.18
N ASP A 121 20.35 34.12 11.05
CA ASP A 121 20.93 33.19 12.00
C ASP A 121 21.61 33.94 13.13
N MET A 1 -27.90 -26.60 -25.86
CA MET A 1 -28.50 -25.28 -26.16
C MET A 1 -28.61 -24.45 -24.88
N GLY A 2 -27.84 -23.37 -24.81
CA GLY A 2 -27.86 -22.51 -23.65
C GLY A 2 -27.49 -21.09 -23.98
N GLY A 3 -27.46 -20.23 -22.98
CA GLY A 3 -27.15 -18.83 -23.22
C GLY A 3 -25.74 -18.49 -22.79
N SER A 4 -25.14 -17.53 -23.47
CA SER A 4 -23.79 -17.10 -23.16
C SER A 4 -23.77 -16.25 -21.89
N GLY A 5 -22.68 -16.33 -21.15
CA GLY A 5 -22.59 -15.60 -19.90
C GLY A 5 -21.53 -14.52 -19.93
N VAL A 6 -20.69 -14.51 -18.92
CA VAL A 6 -19.63 -13.52 -18.79
C VAL A 6 -18.34 -14.17 -18.33
N GLU A 7 -17.46 -13.39 -17.73
CA GLU A 7 -16.21 -13.93 -17.20
C GLU A 7 -16.16 -13.67 -15.70
N GLY A 8 -15.16 -14.24 -15.03
CA GLY A 8 -14.95 -13.98 -13.63
C GLY A 8 -14.43 -12.58 -13.41
N LEU A 9 -15.30 -11.70 -12.91
CA LEU A 9 -14.97 -10.29 -12.75
C LEU A 9 -13.89 -10.11 -11.69
N SER A 10 -12.69 -9.79 -12.16
CA SER A 10 -11.56 -9.51 -11.28
C SER A 10 -10.92 -8.19 -11.68
N GLY A 11 -10.35 -7.47 -10.73
CA GLY A 11 -9.79 -6.17 -11.03
C GLY A 11 -8.43 -5.95 -10.42
N LYS A 12 -8.35 -5.02 -9.48
CA LYS A 12 -7.10 -4.67 -8.85
C LYS A 12 -6.85 -5.54 -7.63
N ARG A 13 -5.66 -6.11 -7.56
CA ARG A 13 -5.29 -6.97 -6.45
C ARG A 13 -4.13 -6.35 -5.69
N CYS A 14 -4.12 -6.52 -4.38
CA CYS A 14 -3.00 -6.07 -3.56
C CYS A 14 -2.75 -7.06 -2.45
N TRP A 15 -1.54 -7.02 -1.89
CA TRP A 15 -1.18 -7.88 -0.78
C TRP A 15 -0.75 -7.04 0.40
N LEU A 16 -1.02 -7.50 1.60
CA LEU A 16 -0.63 -6.77 2.79
C LEU A 16 0.04 -7.70 3.79
N ALA A 17 1.19 -7.26 4.30
CA ALA A 17 1.92 -7.99 5.32
C ALA A 17 2.18 -7.07 6.51
N VAL A 18 1.10 -6.70 7.19
CA VAL A 18 1.18 -5.78 8.31
C VAL A 18 1.16 -6.55 9.63
N ARG A 19 2.05 -6.20 10.54
CA ARG A 19 2.11 -6.86 11.83
C ARG A 19 1.03 -6.31 12.75
N ASN A 20 0.76 -5.02 12.61
CA ASN A 20 -0.25 -4.36 13.41
C ASN A 20 -1.64 -4.56 12.81
N ALA A 21 -2.43 -5.41 13.45
CA ALA A 21 -3.75 -5.77 12.94
C ALA A 21 -4.68 -4.57 12.89
N SER A 22 -4.56 -3.68 13.86
CA SER A 22 -5.39 -2.47 13.92
C SER A 22 -5.07 -1.55 12.75
N LEU A 23 -3.78 -1.32 12.51
CA LEU A 23 -3.33 -0.51 11.39
C LEU A 23 -3.73 -1.14 10.07
N CYS A 24 -3.56 -2.46 9.98
CA CYS A 24 -3.86 -3.20 8.77
C CYS A 24 -5.34 -3.12 8.43
N GLN A 25 -6.19 -3.28 9.43
CA GLN A 25 -7.63 -3.24 9.23
C GLN A 25 -8.09 -1.88 8.74
N PHE A 26 -7.44 -0.83 9.23
CA PHE A 26 -7.78 0.53 8.83
C PHE A 26 -7.46 0.75 7.36
N LEU A 27 -6.24 0.41 6.95
CA LEU A 27 -5.80 0.66 5.59
C LEU A 27 -6.55 -0.22 4.58
N GLU A 28 -6.77 -1.49 4.92
CA GLU A 28 -7.43 -2.41 4.00
C GLU A 28 -8.88 -1.99 3.76
N THR A 29 -9.57 -1.59 4.82
CA THR A 29 -10.95 -1.14 4.72
C THR A 29 -11.04 0.15 3.90
N SER A 30 -10.08 1.04 4.09
CA SER A 30 -10.07 2.32 3.39
C SER A 30 -9.75 2.15 1.91
N LEU A 31 -8.80 1.29 1.60
CA LEU A 31 -8.38 1.08 0.22
C LEU A 31 -9.43 0.27 -0.54
N GLN A 32 -10.12 -0.63 0.16
CA GLN A 32 -11.15 -1.45 -0.46
C GLN A 32 -12.35 -0.61 -0.87
N ARG A 33 -12.42 0.61 -0.34
CA ARG A 33 -13.49 1.54 -0.67
C ARG A 33 -13.38 2.00 -2.12
N SER A 34 -12.24 1.71 -2.74
CA SER A 34 -11.99 2.08 -4.12
C SER A 34 -12.33 0.92 -5.06
N GLY A 35 -12.69 -0.23 -4.49
CA GLY A 35 -12.99 -1.39 -5.28
C GLY A 35 -11.73 -2.16 -5.64
N ILE A 36 -10.95 -2.50 -4.62
CA ILE A 36 -9.71 -3.25 -4.79
C ILE A 36 -9.66 -4.39 -3.77
N VAL A 37 -9.24 -5.58 -4.21
CA VAL A 37 -9.26 -6.74 -3.34
C VAL A 37 -7.87 -6.99 -2.72
N VAL A 38 -7.83 -6.97 -1.39
CA VAL A 38 -6.58 -7.19 -0.66
C VAL A 38 -6.40 -8.66 -0.30
N THR A 39 -5.17 -9.03 0.01
CA THR A 39 -4.83 -10.41 0.36
C THR A 39 -3.70 -10.44 1.38
N THR A 40 -3.85 -11.25 2.40
CA THR A 40 -2.80 -11.43 3.39
C THR A 40 -1.58 -12.09 2.76
N TYR A 41 -0.45 -11.40 2.78
CA TYR A 41 0.76 -11.92 2.17
C TYR A 41 1.50 -12.85 3.13
N GLU A 42 1.63 -14.09 2.72
CA GLU A 42 2.39 -15.09 3.48
C GLU A 42 3.62 -15.51 2.66
N GLY A 43 3.39 -16.40 1.71
CA GLY A 43 4.48 -16.84 0.84
C GLY A 43 4.00 -17.07 -0.58
N GLN A 44 3.14 -16.19 -1.07
CA GLN A 44 2.60 -16.31 -2.41
C GLN A 44 3.45 -15.55 -3.42
N GLU A 45 3.17 -15.74 -4.70
CA GLU A 45 3.90 -15.07 -5.76
C GLU A 45 3.24 -13.75 -6.14
N PRO A 46 4.04 -12.71 -6.38
CA PRO A 46 3.55 -11.38 -6.76
C PRO A 46 3.11 -11.31 -8.22
N THR A 47 2.28 -10.34 -8.52
CA THR A 47 1.82 -10.08 -9.87
C THR A 47 2.21 -8.66 -10.28
N PRO A 48 2.53 -8.42 -11.57
CA PRO A 48 2.99 -7.10 -12.04
C PRO A 48 1.96 -5.98 -11.88
N GLU A 49 0.81 -6.31 -11.30
CA GLU A 49 -0.25 -5.32 -11.13
C GLU A 49 -0.55 -5.05 -9.66
N ASP A 50 0.05 -5.82 -8.76
CA ASP A 50 -0.27 -5.70 -7.35
C ASP A 50 0.85 -5.04 -6.56
N VAL A 51 0.53 -4.62 -5.35
CA VAL A 51 1.49 -3.94 -4.50
C VAL A 51 1.59 -4.62 -3.14
N LEU A 52 2.79 -4.67 -2.59
CA LEU A 52 3.01 -5.22 -1.26
C LEU A 52 2.96 -4.12 -0.21
N ILE A 53 1.83 -3.98 0.45
CA ILE A 53 1.71 -3.06 1.55
C ILE A 53 2.25 -3.72 2.81
N THR A 54 3.41 -3.28 3.25
CA THR A 54 4.11 -3.95 4.33
C THR A 54 4.36 -3.02 5.50
N ASP A 55 4.44 -3.60 6.68
CA ASP A 55 4.73 -2.85 7.89
C ASP A 55 5.85 -3.54 8.65
N GLU A 56 6.66 -2.73 9.34
CA GLU A 56 7.82 -3.22 10.08
C GLU A 56 8.90 -3.71 9.10
N VAL A 57 9.46 -4.89 9.35
CA VAL A 57 10.48 -5.43 8.48
C VAL A 57 10.23 -6.91 8.16
N VAL A 58 9.94 -7.17 6.90
CA VAL A 58 9.83 -8.54 6.41
C VAL A 58 11.13 -8.92 5.71
N SER A 59 11.92 -7.91 5.38
CA SER A 59 13.24 -8.09 4.77
C SER A 59 13.14 -8.81 3.44
N LYS A 60 12.14 -8.44 2.65
CA LYS A 60 11.93 -9.02 1.34
C LYS A 60 11.49 -7.93 0.37
N LYS A 61 11.74 -8.15 -0.92
CA LYS A 61 11.38 -7.17 -1.93
C LYS A 61 10.20 -7.68 -2.75
N TRP A 62 9.45 -6.77 -3.34
CA TRP A 62 8.31 -7.12 -4.16
C TRP A 62 8.76 -7.39 -5.60
N GLN A 63 8.20 -8.44 -6.18
CA GLN A 63 8.46 -8.76 -7.57
C GLN A 63 7.21 -8.52 -8.39
N GLY A 64 6.47 -7.48 -8.02
CA GLY A 64 5.24 -7.16 -8.70
C GLY A 64 5.25 -5.76 -9.26
N ARG A 65 4.23 -4.97 -8.96
CA ARG A 65 4.15 -3.59 -9.44
C ARG A 65 5.03 -2.68 -8.61
N ALA A 66 4.71 -2.56 -7.33
CA ALA A 66 5.43 -1.67 -6.43
C ALA A 66 5.28 -2.10 -4.98
N VAL A 67 6.13 -1.58 -4.12
CA VAL A 67 6.06 -1.89 -2.70
C VAL A 67 5.67 -0.66 -1.90
N VAL A 68 4.84 -0.84 -0.89
CA VAL A 68 4.48 0.24 0.01
C VAL A 68 4.89 -0.13 1.42
N THR A 69 6.08 0.30 1.81
CA THR A 69 6.68 -0.16 3.04
C THR A 69 6.68 0.91 4.13
N PHE A 70 5.95 0.66 5.19
CA PHE A 70 5.99 1.53 6.37
C PHE A 70 7.08 1.04 7.31
N CYS A 71 8.23 1.69 7.23
CA CYS A 71 9.38 1.31 8.02
C CYS A 71 9.46 2.16 9.28
N ARG A 72 9.83 1.54 10.40
CA ARG A 72 10.10 2.28 11.62
C ARG A 72 11.45 2.98 11.48
N ARG A 73 12.30 2.40 10.64
CA ARG A 73 13.61 2.95 10.33
C ARG A 73 14.20 2.16 9.17
N HIS A 74 15.42 2.48 8.78
CA HIS A 74 16.09 1.76 7.69
C HIS A 74 16.59 0.40 8.17
N ILE A 75 15.73 -0.59 8.08
CA ILE A 75 16.09 -1.97 8.41
C ILE A 75 16.44 -2.73 7.14
N GLY A 76 16.17 -4.04 7.12
CA GLY A 76 16.48 -4.85 5.97
C GLY A 76 15.37 -4.82 4.92
N ILE A 77 14.58 -3.76 4.95
CA ILE A 77 13.47 -3.61 4.02
C ILE A 77 13.82 -2.59 2.95
N PRO A 78 13.40 -2.85 1.70
CA PRO A 78 13.67 -1.97 0.55
C PRO A 78 13.17 -0.55 0.77
N LEU A 79 14.04 0.42 0.52
CA LEU A 79 13.71 1.83 0.67
C LEU A 79 13.29 2.40 -0.67
N GLU A 80 12.64 3.57 -0.64
CA GLU A 80 12.27 4.31 -1.84
C GLU A 80 13.52 4.77 -2.61
N LYS A 81 13.64 6.07 -2.83
CA LYS A 81 14.75 6.65 -3.59
C LYS A 81 14.79 6.12 -5.03
N ALA A 82 13.68 5.53 -5.46
CA ALA A 82 13.55 4.97 -6.79
C ALA A 82 12.10 4.58 -7.05
N PRO A 83 11.56 4.91 -8.23
CA PRO A 83 10.18 4.56 -8.61
C PRO A 83 9.94 3.05 -8.57
N GLY A 84 9.10 2.63 -7.65
CA GLY A 84 8.80 1.22 -7.49
C GLY A 84 8.78 0.82 -6.04
N GLU A 85 9.58 1.52 -5.25
CA GLU A 85 9.62 1.31 -3.82
C GLU A 85 9.14 2.56 -3.14
N TRP A 86 8.10 2.43 -2.32
CA TRP A 86 7.54 3.56 -1.61
C TRP A 86 7.74 3.37 -0.12
N VAL A 87 8.74 4.05 0.44
CA VAL A 87 9.05 3.89 1.85
C VAL A 87 8.50 5.08 2.65
N HIS A 88 8.01 4.80 3.85
CA HIS A 88 7.53 5.85 4.73
C HIS A 88 7.56 5.39 6.18
N SER A 89 7.97 6.27 7.07
CA SER A 89 7.99 5.96 8.49
C SER A 89 6.58 5.77 9.04
N VAL A 90 6.40 4.74 9.87
CA VAL A 90 5.14 4.53 10.57
C VAL A 90 4.91 5.63 11.60
N ALA A 91 4.37 6.76 11.16
CA ALA A 91 4.12 7.89 12.03
C ALA A 91 2.63 8.14 12.19
N ALA A 92 1.97 8.44 11.08
CA ALA A 92 0.54 8.73 11.10
C ALA A 92 -0.20 7.82 10.14
N PRO A 93 -1.25 7.14 10.63
CA PRO A 93 -2.09 6.25 9.82
C PRO A 93 -2.58 6.88 8.52
N HIS A 94 -2.83 8.20 8.55
CA HIS A 94 -3.37 8.92 7.39
C HIS A 94 -2.41 8.84 6.19
N GLU A 95 -1.13 8.69 6.47
CA GLU A 95 -0.12 8.75 5.41
C GLU A 95 -0.12 7.50 4.54
N LEU A 96 -0.61 6.39 5.07
CA LEU A 96 -0.57 5.13 4.35
C LEU A 96 -1.58 5.09 3.19
N PRO A 97 -2.91 5.27 3.46
CA PRO A 97 -3.92 5.21 2.40
C PRO A 97 -3.76 6.33 1.39
N ALA A 98 -3.24 7.47 1.84
CA ALA A 98 -3.01 8.62 0.96
C ALA A 98 -1.93 8.30 -0.06
N LEU A 99 -0.83 7.72 0.41
CA LEU A 99 0.26 7.34 -0.47
C LEU A 99 -0.15 6.20 -1.39
N LEU A 100 -0.91 5.26 -0.84
CA LEU A 100 -1.42 4.13 -1.61
C LEU A 100 -2.31 4.62 -2.75
N ALA A 101 -3.17 5.58 -2.44
CA ALA A 101 -4.08 6.16 -3.41
C ALA A 101 -3.30 6.84 -4.53
N ARG A 102 -2.15 7.41 -4.19
CA ARG A 102 -1.29 8.05 -5.17
C ARG A 102 -0.77 7.01 -6.18
N ILE A 103 -0.40 5.83 -5.67
CA ILE A 103 0.12 4.77 -6.51
C ILE A 103 -0.91 4.30 -7.53
N TYR A 104 -2.17 4.24 -7.11
CA TYR A 104 -3.25 3.80 -7.99
C TYR A 104 -3.91 4.98 -8.68
N LEU A 105 -3.30 6.16 -8.52
CA LEU A 105 -3.77 7.39 -9.16
C LEU A 105 -5.23 7.71 -8.84
N ILE A 106 -5.58 7.65 -7.57
CA ILE A 106 -6.93 8.01 -7.15
C ILE A 106 -7.05 9.54 -7.07
N GLU A 107 -6.28 10.14 -6.17
CA GLU A 107 -6.14 11.60 -6.09
C GLU A 107 -7.45 12.26 -5.67
N MET A 108 -8.35 11.47 -5.13
CA MET A 108 -9.66 11.95 -4.69
C MET A 108 -9.87 11.66 -3.21
N GLU A 109 -8.77 11.56 -2.48
CA GLU A 109 -8.79 11.29 -1.04
C GLU A 109 -9.63 12.35 -0.31
N SER A 110 -9.41 13.61 -0.67
CA SER A 110 -10.12 14.72 -0.05
C SER A 110 -9.90 14.75 1.46
N ASP A 111 -8.64 14.68 1.88
CA ASP A 111 -8.30 14.70 3.30
C ASP A 111 -8.21 16.15 3.77
N ASP A 112 -8.97 16.46 4.82
CA ASP A 112 -9.08 17.82 5.31
C ASP A 112 -8.04 18.09 6.41
N PRO A 113 -7.50 19.32 6.43
CA PRO A 113 -6.53 19.74 7.46
C PRO A 113 -7.11 19.66 8.87
N ALA A 114 -6.24 19.37 9.84
CA ALA A 114 -6.66 19.17 11.21
C ALA A 114 -7.29 20.43 11.81
N ASN A 115 -6.54 21.53 11.79
CA ASN A 115 -7.03 22.78 12.38
C ASN A 115 -6.20 23.97 11.89
N ALA A 116 -6.42 25.12 12.52
CA ALA A 116 -5.72 26.34 12.15
C ALA A 116 -4.27 26.33 12.64
N LEU A 117 -3.47 27.26 12.11
CA LEU A 117 -2.07 27.35 12.45
C LEU A 117 -1.89 27.89 13.87
N PRO A 118 -0.81 27.46 14.55
CA PRO A 118 -0.51 27.90 15.92
C PRO A 118 -0.17 29.39 15.99
N SER A 119 -0.61 30.05 17.04
CA SER A 119 -0.34 31.46 17.24
C SER A 119 1.01 31.66 17.92
N THR A 120 2.01 32.03 17.14
CA THR A 120 3.35 32.25 17.68
C THR A 120 3.63 33.74 17.79
N ASP A 121 3.40 34.28 18.97
CA ASP A 121 3.52 35.72 19.19
C ASP A 121 4.57 36.01 20.24
N MET A 1 -31.36 -20.31 -32.96
CA MET A 1 -31.36 -20.32 -31.48
C MET A 1 -30.08 -19.67 -30.96
N GLY A 2 -30.02 -19.44 -29.65
CA GLY A 2 -28.87 -18.79 -29.06
C GLY A 2 -29.29 -17.66 -28.14
N GLY A 3 -28.42 -17.29 -27.21
CA GLY A 3 -28.78 -16.27 -26.26
C GLY A 3 -27.59 -15.50 -25.75
N SER A 4 -27.85 -14.51 -24.90
CA SER A 4 -26.81 -13.67 -24.36
C SER A 4 -26.35 -14.18 -23.00
N GLY A 5 -25.04 -14.13 -22.77
CA GLY A 5 -24.49 -14.52 -21.49
C GLY A 5 -23.67 -13.40 -20.88
N VAL A 6 -23.30 -13.54 -19.62
CA VAL A 6 -22.55 -12.50 -18.93
C VAL A 6 -21.13 -12.99 -18.63
N GLU A 7 -20.22 -12.05 -18.44
CA GLU A 7 -18.82 -12.38 -18.17
C GLU A 7 -18.45 -12.09 -16.73
N GLY A 8 -17.24 -12.48 -16.35
CA GLY A 8 -16.76 -12.23 -15.01
C GLY A 8 -15.38 -11.60 -15.02
N LEU A 9 -15.33 -10.31 -14.70
CA LEU A 9 -14.10 -9.54 -14.78
C LEU A 9 -13.47 -9.36 -13.41
N SER A 10 -12.16 -9.60 -13.33
CA SER A 10 -11.42 -9.38 -12.09
C SER A 10 -10.89 -7.95 -12.04
N GLY A 11 -11.09 -7.28 -10.91
CA GLY A 11 -10.57 -5.94 -10.75
C GLY A 11 -9.13 -5.93 -10.28
N LYS A 12 -8.74 -4.85 -9.62
CA LYS A 12 -7.36 -4.70 -9.17
C LYS A 12 -7.15 -5.40 -7.83
N ARG A 13 -5.92 -5.83 -7.60
CA ARG A 13 -5.57 -6.55 -6.39
C ARG A 13 -4.48 -5.82 -5.64
N CYS A 14 -4.42 -6.03 -4.34
CA CYS A 14 -3.35 -5.50 -3.52
C CYS A 14 -3.00 -6.50 -2.43
N TRP A 15 -1.75 -6.56 -2.02
CA TRP A 15 -1.34 -7.44 -0.94
C TRP A 15 -0.89 -6.63 0.26
N LEU A 16 -1.30 -7.05 1.44
CA LEU A 16 -0.92 -6.36 2.64
C LEU A 16 -0.27 -7.30 3.64
N ALA A 17 0.91 -6.92 4.10
CA ALA A 17 1.63 -7.65 5.12
C ALA A 17 2.01 -6.71 6.25
N VAL A 18 0.99 -6.09 6.83
CA VAL A 18 1.17 -5.14 7.90
C VAL A 18 1.08 -5.85 9.24
N ARG A 19 2.15 -5.77 10.03
CA ARG A 19 2.20 -6.43 11.32
C ARG A 19 1.34 -5.68 12.33
N ASN A 20 1.32 -4.35 12.20
CA ASN A 20 0.45 -3.51 13.00
C ASN A 20 -1.01 -3.76 12.62
N ALA A 21 -1.65 -4.67 13.37
CA ALA A 21 -3.00 -5.12 13.06
C ALA A 21 -4.00 -3.97 12.97
N SER A 22 -3.84 -2.99 13.86
CA SER A 22 -4.71 -1.83 13.89
C SER A 22 -4.69 -1.10 12.55
N LEU A 23 -3.48 -0.88 12.04
CA LEU A 23 -3.29 -0.18 10.78
C LEU A 23 -3.71 -1.06 9.61
N CYS A 24 -3.35 -2.33 9.69
CA CYS A 24 -3.65 -3.30 8.65
C CYS A 24 -5.16 -3.38 8.41
N GLN A 25 -5.92 -3.43 9.50
CA GLN A 25 -7.36 -3.56 9.42
C GLN A 25 -8.00 -2.30 8.85
N PHE A 26 -7.56 -1.14 9.33
CA PHE A 26 -8.12 0.11 8.89
C PHE A 26 -7.87 0.36 7.40
N LEU A 27 -6.63 0.16 6.98
CA LEU A 27 -6.25 0.41 5.60
C LEU A 27 -6.91 -0.57 4.64
N GLU A 28 -7.05 -1.83 5.05
CA GLU A 28 -7.61 -2.86 4.19
C GLU A 28 -9.09 -2.59 3.91
N THR A 29 -9.83 -2.23 4.94
CA THR A 29 -11.26 -1.98 4.80
C THR A 29 -11.51 -0.70 4.00
N SER A 30 -10.63 0.28 4.17
CA SER A 30 -10.72 1.52 3.41
C SER A 30 -10.47 1.26 1.92
N LEU A 31 -9.46 0.43 1.64
CA LEU A 31 -9.10 0.10 0.26
C LEU A 31 -10.18 -0.76 -0.40
N GLN A 32 -10.74 -1.69 0.36
CA GLN A 32 -11.75 -2.60 -0.16
C GLN A 32 -13.02 -1.85 -0.53
N ARG A 33 -13.24 -0.70 0.09
CA ARG A 33 -14.43 0.11 -0.18
C ARG A 33 -14.34 0.76 -1.56
N SER A 34 -13.19 0.63 -2.19
CA SER A 34 -12.99 1.14 -3.53
C SER A 34 -13.20 0.03 -4.57
N GLY A 35 -13.44 -1.18 -4.08
CA GLY A 35 -13.64 -2.32 -4.97
C GLY A 35 -12.35 -3.09 -5.19
N ILE A 36 -11.28 -2.66 -4.52
CA ILE A 36 -10.00 -3.33 -4.61
C ILE A 36 -9.95 -4.53 -3.67
N VAL A 37 -9.63 -5.68 -4.21
CA VAL A 37 -9.54 -6.89 -3.40
C VAL A 37 -8.15 -7.01 -2.79
N VAL A 38 -8.04 -6.57 -1.53
CA VAL A 38 -6.78 -6.67 -0.81
C VAL A 38 -6.70 -8.02 -0.09
N THR A 39 -5.55 -8.67 -0.22
CA THR A 39 -5.34 -9.97 0.38
C THR A 39 -4.10 -9.94 1.27
N THR A 40 -4.15 -10.67 2.37
CA THR A 40 -3.02 -10.76 3.28
C THR A 40 -1.87 -11.51 2.60
N TYR A 41 -0.71 -10.86 2.54
CA TYR A 41 0.46 -11.47 1.94
C TYR A 41 1.08 -12.47 2.91
N GLU A 42 0.57 -13.69 2.88
CA GLU A 42 1.06 -14.75 3.74
C GLU A 42 1.69 -15.86 2.93
N GLY A 43 2.99 -15.77 2.72
CA GLY A 43 3.71 -16.78 1.97
C GLY A 43 3.24 -16.90 0.53
N GLN A 44 2.93 -15.77 -0.08
CA GLN A 44 2.40 -15.76 -1.44
C GLN A 44 3.46 -15.25 -2.41
N GLU A 45 3.06 -15.03 -3.67
CA GLU A 45 3.98 -14.58 -4.70
C GLU A 45 3.56 -13.22 -5.24
N PRO A 46 4.53 -12.44 -5.74
CA PRO A 46 4.26 -11.10 -6.29
C PRO A 46 3.70 -11.13 -7.72
N THR A 47 2.96 -10.09 -8.06
CA THR A 47 2.41 -9.94 -9.40
C THR A 47 2.73 -8.54 -9.94
N PRO A 48 3.02 -8.40 -11.23
CA PRO A 48 3.43 -7.11 -11.84
C PRO A 48 2.34 -6.05 -11.81
N GLU A 49 1.15 -6.38 -11.34
CA GLU A 49 0.04 -5.45 -11.38
C GLU A 49 -0.38 -4.96 -9.99
N ASP A 50 -0.01 -5.69 -8.95
CA ASP A 50 -0.42 -5.33 -7.60
C ASP A 50 0.74 -4.79 -6.79
N VAL A 51 0.43 -4.31 -5.60
CA VAL A 51 1.42 -3.67 -4.74
C VAL A 51 1.49 -4.35 -3.37
N LEU A 52 2.68 -4.36 -2.79
CA LEU A 52 2.88 -4.96 -1.47
C LEU A 52 2.97 -3.88 -0.40
N ILE A 53 1.89 -3.71 0.33
CA ILE A 53 1.88 -2.79 1.47
C ILE A 53 2.37 -3.51 2.71
N THR A 54 3.56 -3.19 3.14
CA THR A 54 4.23 -3.93 4.20
C THR A 54 4.54 -3.04 5.40
N ASP A 55 4.69 -3.65 6.56
CA ASP A 55 5.03 -2.91 7.78
C ASP A 55 5.97 -3.73 8.65
N GLU A 56 6.86 -3.03 9.35
CA GLU A 56 7.81 -3.63 10.29
C GLU A 56 8.92 -4.39 9.57
N VAL A 57 9.17 -5.62 10.00
CA VAL A 57 10.22 -6.43 9.42
C VAL A 57 9.66 -7.37 8.36
N VAL A 58 9.90 -7.02 7.09
CA VAL A 58 9.39 -7.81 5.98
C VAL A 58 10.36 -7.76 4.81
N SER A 59 11.43 -8.55 4.90
CA SER A 59 12.43 -8.60 3.85
C SER A 59 11.96 -9.44 2.66
N LYS A 60 10.99 -8.91 1.91
CA LYS A 60 10.50 -9.58 0.72
C LYS A 60 10.58 -8.63 -0.47
N LYS A 61 11.29 -9.05 -1.50
CA LYS A 61 11.44 -8.24 -2.70
C LYS A 61 10.21 -8.37 -3.58
N TRP A 62 9.59 -7.24 -3.90
CA TRP A 62 8.36 -7.25 -4.68
C TRP A 62 8.66 -7.21 -6.17
N GLN A 63 8.58 -8.37 -6.81
CA GLN A 63 8.68 -8.45 -8.26
C GLN A 63 7.32 -8.16 -8.87
N GLY A 64 6.86 -6.94 -8.69
CA GLY A 64 5.54 -6.58 -9.16
C GLY A 64 5.45 -5.12 -9.57
N ARG A 65 4.34 -4.48 -9.22
CA ARG A 65 4.10 -3.11 -9.62
C ARG A 65 4.89 -2.13 -8.75
N ALA A 66 4.64 -2.16 -7.45
CA ALA A 66 5.31 -1.25 -6.52
C ALA A 66 5.18 -1.75 -5.09
N VAL A 67 6.02 -1.23 -4.20
CA VAL A 67 5.98 -1.61 -2.79
C VAL A 67 5.70 -0.38 -1.93
N VAL A 68 5.07 -0.60 -0.78
CA VAL A 68 4.81 0.47 0.18
C VAL A 68 5.07 -0.03 1.59
N THR A 69 6.27 0.18 2.09
CA THR A 69 6.65 -0.32 3.40
C THR A 69 6.77 0.80 4.43
N PHE A 70 6.23 0.56 5.61
CA PHE A 70 6.33 1.49 6.72
C PHE A 70 7.41 1.04 7.69
N CYS A 71 8.31 1.96 8.02
CA CYS A 71 9.41 1.67 8.93
C CYS A 71 9.85 2.96 9.61
N ARG A 72 10.85 2.88 10.47
CA ARG A 72 11.41 4.07 11.10
C ARG A 72 12.87 4.25 10.66
N ARG A 73 13.73 3.34 11.10
CA ARG A 73 15.14 3.39 10.75
C ARG A 73 15.81 2.05 10.99
N HIS A 74 15.55 1.09 10.10
CA HIS A 74 16.21 -0.20 10.15
C HIS A 74 16.45 -0.69 8.73
N ILE A 75 17.60 -1.30 8.51
CA ILE A 75 18.07 -1.60 7.17
C ILE A 75 17.82 -3.06 6.79
N GLY A 76 17.47 -3.28 5.53
CA GLY A 76 17.15 -4.62 5.06
C GLY A 76 15.99 -4.57 4.07
N ILE A 77 15.01 -3.75 4.39
CA ILE A 77 13.87 -3.53 3.51
C ILE A 77 14.26 -2.51 2.44
N PRO A 78 13.75 -2.67 1.20
CA PRO A 78 13.95 -1.68 0.13
C PRO A 78 13.39 -0.31 0.51
N LEU A 79 14.20 0.47 1.23
CA LEU A 79 13.78 1.77 1.74
C LEU A 79 13.81 2.84 0.66
N GLU A 80 12.99 2.63 -0.38
CA GLU A 80 12.87 3.56 -1.49
C GLU A 80 14.22 3.86 -2.12
N LYS A 81 14.61 5.14 -2.09
CA LYS A 81 15.84 5.61 -2.74
C LYS A 81 15.85 5.28 -4.23
N ALA A 82 14.67 4.97 -4.76
CA ALA A 82 14.49 4.63 -6.16
C ALA A 82 13.01 4.54 -6.48
N PRO A 83 12.56 5.22 -7.54
CA PRO A 83 11.15 5.22 -7.95
C PRO A 83 10.65 3.82 -8.28
N GLY A 84 9.85 3.27 -7.38
CA GLY A 84 9.32 1.93 -7.57
C GLY A 84 9.04 1.27 -6.24
N GLU A 85 9.93 1.51 -5.29
CA GLU A 85 9.74 1.02 -3.94
C GLU A 85 9.53 2.21 -3.03
N TRP A 86 8.41 2.24 -2.32
CA TRP A 86 8.09 3.36 -1.45
C TRP A 86 8.30 2.98 0.00
N VAL A 87 9.00 3.83 0.72
CA VAL A 87 9.17 3.65 2.15
C VAL A 87 8.80 4.94 2.86
N HIS A 88 8.20 4.81 4.03
CA HIS A 88 7.86 5.98 4.83
C HIS A 88 7.85 5.64 6.30
N SER A 89 7.78 6.67 7.11
CA SER A 89 7.74 6.51 8.55
C SER A 89 6.44 5.82 8.97
N VAL A 90 6.58 4.76 9.76
CA VAL A 90 5.43 4.03 10.29
C VAL A 90 4.66 4.91 11.30
N ALA A 91 3.93 5.87 10.77
CA ALA A 91 3.13 6.79 11.56
C ALA A 91 2.12 7.47 10.65
N ALA A 92 1.21 8.23 11.24
CA ALA A 92 0.16 8.93 10.49
C ALA A 92 -0.69 7.94 9.70
N PRO A 93 -1.62 7.25 10.37
CA PRO A 93 -2.43 6.18 9.77
C PRO A 93 -3.22 6.62 8.54
N HIS A 94 -3.37 7.93 8.35
CA HIS A 94 -4.14 8.44 7.22
C HIS A 94 -3.24 8.78 6.02
N GLU A 95 -1.93 8.62 6.18
CA GLU A 95 -1.01 8.95 5.10
C GLU A 95 -0.74 7.76 4.19
N LEU A 96 -0.71 6.56 4.77
CA LEU A 96 -0.46 5.35 3.99
C LEU A 96 -1.52 5.13 2.91
N PRO A 97 -2.84 5.16 3.24
CA PRO A 97 -3.90 4.98 2.25
C PRO A 97 -3.86 6.06 1.16
N ALA A 98 -3.36 7.24 1.52
CA ALA A 98 -3.22 8.34 0.58
C ALA A 98 -2.07 8.07 -0.39
N LEU A 99 -0.97 7.58 0.16
CA LEU A 99 0.19 7.19 -0.64
C LEU A 99 -0.18 6.09 -1.62
N LEU A 100 -0.95 5.12 -1.13
CA LEU A 100 -1.45 4.03 -1.95
C LEU A 100 -2.29 4.58 -3.09
N ALA A 101 -3.17 5.53 -2.77
CA ALA A 101 -4.00 6.18 -3.76
C ALA A 101 -3.17 6.87 -4.82
N ARG A 102 -2.15 7.60 -4.39
CA ARG A 102 -1.24 8.27 -5.32
C ARG A 102 -0.57 7.27 -6.26
N ILE A 103 -0.18 6.12 -5.72
CA ILE A 103 0.48 5.08 -6.49
C ILE A 103 -0.46 4.50 -7.55
N TYR A 104 -1.69 4.20 -7.15
CA TYR A 104 -2.67 3.60 -8.07
C TYR A 104 -3.40 4.67 -8.88
N LEU A 105 -2.91 5.91 -8.80
CA LEU A 105 -3.47 7.04 -9.54
C LEU A 105 -4.92 7.31 -9.15
N ILE A 106 -5.13 7.56 -7.87
CA ILE A 106 -6.43 7.95 -7.35
C ILE A 106 -6.39 9.42 -6.94
N GLU A 107 -7.54 10.08 -7.00
CA GLU A 107 -7.60 11.52 -6.72
C GLU A 107 -7.34 11.82 -5.24
N MET A 108 -7.84 10.95 -4.37
CA MET A 108 -7.73 11.16 -2.92
C MET A 108 -6.28 11.18 -2.44
N GLU A 109 -5.91 12.28 -1.80
CA GLU A 109 -4.60 12.42 -1.16
C GLU A 109 -4.63 13.63 -0.24
N SER A 110 -4.09 13.48 0.95
CA SER A 110 -4.12 14.54 1.94
C SER A 110 -2.70 14.99 2.30
N ASP A 111 -2.53 16.31 2.42
CA ASP A 111 -1.25 16.87 2.86
C ASP A 111 -1.27 17.07 4.37
N ASP A 112 -0.20 16.68 5.03
CA ASP A 112 -0.16 16.72 6.49
C ASP A 112 0.91 17.67 7.00
N PRO A 113 0.49 18.80 7.59
CA PRO A 113 1.41 19.81 8.12
C PRO A 113 1.91 19.44 9.51
N ALA A 114 2.62 18.33 9.62
CA ALA A 114 3.13 17.85 10.89
C ALA A 114 4.42 18.57 11.27
N ASN A 115 4.35 19.89 11.41
CA ASN A 115 5.52 20.69 11.76
C ASN A 115 5.52 20.98 13.25
N ALA A 116 6.36 20.26 13.97
CA ALA A 116 6.48 20.44 15.41
C ALA A 116 7.79 21.15 15.74
N LEU A 117 7.70 22.31 16.35
CA LEU A 117 8.88 23.09 16.70
C LEU A 117 9.12 23.06 18.20
N PRO A 118 9.96 22.13 18.67
CA PRO A 118 10.38 22.10 20.08
C PRO A 118 11.27 23.29 20.41
N SER A 119 12.07 23.70 19.42
CA SER A 119 12.95 24.86 19.53
C SER A 119 14.00 24.66 20.61
N THR A 120 14.82 25.69 20.82
CA THR A 120 15.85 25.66 21.82
C THR A 120 16.08 27.04 22.42
N ASP A 121 16.30 27.11 23.72
CA ASP A 121 16.57 28.36 24.40
C ASP A 121 18.05 28.48 24.70
N MET A 1 -34.11 -17.49 -27.00
CA MET A 1 -34.86 -16.49 -26.20
C MET A 1 -34.22 -15.11 -26.33
N GLY A 2 -33.81 -14.54 -25.20
CA GLY A 2 -33.23 -13.22 -25.21
C GLY A 2 -31.72 -13.25 -25.25
N GLY A 3 -31.11 -12.07 -25.38
CA GLY A 3 -29.67 -11.97 -25.43
C GLY A 3 -29.05 -11.80 -24.06
N SER A 4 -29.12 -12.85 -23.25
CA SER A 4 -28.56 -12.83 -21.92
C SER A 4 -27.07 -13.19 -21.96
N GLY A 5 -26.22 -12.26 -21.54
CA GLY A 5 -24.80 -12.52 -21.52
C GLY A 5 -23.97 -11.26 -21.41
N VAL A 6 -23.87 -10.72 -20.20
CA VAL A 6 -23.08 -9.51 -19.95
C VAL A 6 -22.26 -9.66 -18.68
N GLU A 7 -21.01 -9.22 -18.73
CA GLU A 7 -20.12 -9.31 -17.58
C GLU A 7 -19.01 -8.26 -17.69
N GLY A 8 -18.23 -8.13 -16.64
CA GLY A 8 -17.17 -7.14 -16.60
C GLY A 8 -16.61 -7.00 -15.20
N LEU A 9 -15.42 -7.55 -14.99
CA LEU A 9 -14.80 -7.53 -13.67
C LEU A 9 -13.53 -6.71 -13.69
N SER A 10 -13.42 -5.78 -12.76
CA SER A 10 -12.20 -4.99 -12.60
C SER A 10 -11.21 -5.73 -11.71
N GLY A 11 -9.93 -5.47 -11.92
CA GLY A 11 -8.90 -6.18 -11.18
C GLY A 11 -7.97 -5.25 -10.44
N LYS A 12 -8.46 -4.66 -9.36
CA LYS A 12 -7.63 -3.82 -8.50
C LYS A 12 -7.21 -4.64 -7.28
N ARG A 13 -5.93 -4.95 -7.19
CA ARG A 13 -5.44 -5.83 -6.16
C ARG A 13 -4.40 -5.17 -5.27
N CYS A 14 -4.44 -5.50 -3.98
CA CYS A 14 -3.44 -5.03 -3.03
C CYS A 14 -3.12 -6.13 -2.02
N TRP A 15 -1.85 -6.45 -1.88
CA TRP A 15 -1.41 -7.40 -0.87
C TRP A 15 -0.93 -6.64 0.35
N LEU A 16 -1.01 -7.26 1.51
CA LEU A 16 -0.59 -6.59 2.73
C LEU A 16 0.24 -7.53 3.61
N ALA A 17 1.34 -7.00 4.13
CA ALA A 17 2.15 -7.71 5.11
C ALA A 17 2.35 -6.82 6.33
N VAL A 18 1.24 -6.42 6.93
CA VAL A 18 1.26 -5.55 8.09
C VAL A 18 1.20 -6.35 9.37
N ARG A 19 2.16 -6.12 10.25
CA ARG A 19 2.25 -6.87 11.49
C ARG A 19 1.21 -6.42 12.51
N ASN A 20 1.03 -5.10 12.64
CA ASN A 20 0.01 -4.56 13.52
C ASN A 20 -1.38 -4.84 12.94
N ALA A 21 -2.08 -5.79 13.55
CA ALA A 21 -3.37 -6.26 13.05
C ALA A 21 -4.44 -5.16 13.03
N SER A 22 -4.37 -4.26 14.00
CA SER A 22 -5.33 -3.17 14.07
C SER A 22 -5.19 -2.24 12.86
N LEU A 23 -3.96 -1.80 12.62
CA LEU A 23 -3.67 -0.93 11.49
C LEU A 23 -3.87 -1.67 10.16
N CYS A 24 -3.49 -2.95 10.15
CA CYS A 24 -3.61 -3.78 8.96
C CYS A 24 -5.05 -3.84 8.48
N GLN A 25 -5.98 -3.98 9.43
CA GLN A 25 -7.40 -4.01 9.10
C GLN A 25 -7.87 -2.63 8.65
N PHE A 26 -7.33 -1.60 9.27
CA PHE A 26 -7.73 -0.22 8.97
C PHE A 26 -7.42 0.12 7.52
N LEU A 27 -6.19 -0.10 7.09
CA LEU A 27 -5.78 0.24 5.74
C LEU A 27 -6.49 -0.62 4.70
N GLU A 28 -6.65 -1.91 5.00
CA GLU A 28 -7.25 -2.83 4.04
C GLU A 28 -8.73 -2.50 3.81
N THR A 29 -9.44 -2.15 4.89
CA THR A 29 -10.83 -1.76 4.76
C THR A 29 -10.93 -0.41 4.04
N SER A 30 -9.93 0.44 4.26
CA SER A 30 -9.88 1.74 3.62
C SER A 30 -9.87 1.61 2.09
N LEU A 31 -9.06 0.71 1.57
CA LEU A 31 -8.98 0.52 0.12
C LEU A 31 -10.11 -0.39 -0.38
N GLN A 32 -10.71 -1.15 0.52
CA GLN A 32 -11.72 -2.12 0.14
C GLN A 32 -12.99 -1.45 -0.39
N ARG A 33 -13.39 -0.34 0.24
CA ARG A 33 -14.59 0.39 -0.20
C ARG A 33 -14.42 0.91 -1.63
N SER A 34 -13.17 0.95 -2.09
CA SER A 34 -12.86 1.39 -3.44
C SER A 34 -13.15 0.29 -4.47
N GLY A 35 -13.32 -0.95 -3.97
CA GLY A 35 -13.55 -2.07 -4.86
C GLY A 35 -12.29 -2.91 -5.03
N ILE A 36 -11.25 -2.53 -4.32
CA ILE A 36 -9.97 -3.23 -4.38
C ILE A 36 -10.00 -4.50 -3.54
N VAL A 37 -9.59 -5.61 -4.15
CA VAL A 37 -9.54 -6.88 -3.46
C VAL A 37 -8.20 -7.04 -2.74
N VAL A 38 -8.26 -7.09 -1.42
CA VAL A 38 -7.07 -7.24 -0.61
C VAL A 38 -6.72 -8.71 -0.45
N THR A 39 -5.43 -8.99 -0.31
CA THR A 39 -4.96 -10.33 -0.06
C THR A 39 -3.71 -10.31 0.80
N THR A 40 -3.76 -10.94 1.95
CA THR A 40 -2.63 -11.02 2.84
C THR A 40 -1.47 -11.74 2.17
N TYR A 41 -0.28 -11.14 2.19
CA TYR A 41 0.88 -11.76 1.58
C TYR A 41 1.42 -12.85 2.49
N GLU A 42 0.83 -14.03 2.39
CA GLU A 42 1.24 -15.16 3.19
C GLU A 42 2.45 -15.85 2.59
N GLY A 43 2.74 -15.52 1.34
CA GLY A 43 3.88 -16.09 0.65
C GLY A 43 3.48 -16.68 -0.68
N GLN A 44 2.85 -15.87 -1.50
CA GLN A 44 2.34 -16.32 -2.79
C GLN A 44 3.13 -15.68 -3.92
N GLU A 45 2.67 -15.90 -5.15
CA GLU A 45 3.33 -15.35 -6.32
C GLU A 45 3.04 -13.86 -6.45
N PRO A 46 4.10 -13.05 -6.57
CA PRO A 46 3.96 -11.60 -6.74
C PRO A 46 3.56 -11.24 -8.18
N THR A 47 2.46 -10.53 -8.32
CA THR A 47 1.95 -10.15 -9.63
C THR A 47 2.52 -8.79 -10.07
N PRO A 48 2.97 -8.71 -11.34
CA PRO A 48 3.58 -7.50 -11.91
C PRO A 48 2.64 -6.31 -11.99
N GLU A 49 1.36 -6.52 -11.71
CA GLU A 49 0.38 -5.43 -11.71
C GLU A 49 -0.17 -5.21 -10.31
N ASP A 50 0.30 -6.02 -9.36
CA ASP A 50 -0.18 -5.93 -7.99
C ASP A 50 0.80 -5.14 -7.14
N VAL A 51 0.32 -4.63 -6.02
CA VAL A 51 1.16 -3.84 -5.12
C VAL A 51 1.24 -4.50 -3.75
N LEU A 52 2.42 -4.44 -3.15
CA LEU A 52 2.63 -4.99 -1.82
C LEU A 52 2.77 -3.88 -0.79
N ILE A 53 1.83 -3.82 0.13
CA ILE A 53 1.92 -2.88 1.23
C ILE A 53 2.52 -3.59 2.44
N THR A 54 3.75 -3.25 2.74
CA THR A 54 4.49 -3.90 3.80
C THR A 54 4.73 -2.93 4.95
N ASP A 55 4.40 -3.34 6.15
CA ASP A 55 4.45 -2.44 7.30
C ASP A 55 5.39 -2.95 8.39
N GLU A 56 5.79 -2.04 9.27
CA GLU A 56 6.65 -2.36 10.41
C GLU A 56 7.99 -2.97 9.96
N VAL A 57 8.50 -3.92 10.71
CA VAL A 57 9.80 -4.50 10.42
C VAL A 57 9.66 -5.78 9.59
N VAL A 58 9.64 -5.62 8.27
CA VAL A 58 9.54 -6.76 7.37
C VAL A 58 10.90 -7.07 6.76
N SER A 59 11.12 -8.33 6.41
CA SER A 59 12.37 -8.77 5.83
C SER A 59 12.17 -9.30 4.41
N LYS A 60 11.10 -8.84 3.76
CA LYS A 60 10.80 -9.27 2.40
C LYS A 60 10.25 -8.10 1.59
N LYS A 61 10.50 -8.11 0.29
CA LYS A 61 10.01 -7.05 -0.59
C LYS A 61 8.97 -7.60 -1.56
N TRP A 62 8.98 -7.12 -2.79
CA TRP A 62 7.93 -7.45 -3.76
C TRP A 62 8.48 -7.41 -5.18
N GLN A 63 7.98 -8.32 -6.01
CA GLN A 63 8.34 -8.35 -7.42
C GLN A 63 7.08 -8.19 -8.26
N GLY A 64 6.69 -6.94 -8.51
CA GLY A 64 5.47 -6.69 -9.21
C GLY A 64 5.37 -5.26 -9.69
N ARG A 65 4.21 -4.64 -9.48
CA ARG A 65 3.99 -3.27 -9.89
C ARG A 65 4.74 -2.30 -8.99
N ALA A 66 4.33 -2.22 -7.73
CA ALA A 66 4.92 -1.27 -6.80
C ALA A 66 4.90 -1.80 -5.38
N VAL A 67 5.82 -1.31 -4.57
CA VAL A 67 5.90 -1.69 -3.17
C VAL A 67 5.80 -0.46 -2.29
N VAL A 68 5.02 -0.55 -1.23
CA VAL A 68 4.90 0.54 -0.28
C VAL A 68 5.34 0.05 1.10
N THR A 69 6.47 0.55 1.57
CA THR A 69 7.02 0.09 2.83
C THR A 69 6.93 1.17 3.91
N PHE A 70 6.18 0.89 4.96
CA PHE A 70 6.07 1.79 6.09
C PHE A 70 6.82 1.21 7.28
N CYS A 71 8.13 1.41 7.29
CA CYS A 71 8.99 0.81 8.31
C CYS A 71 9.50 1.87 9.27
N ARG A 72 9.67 1.49 10.53
CA ARG A 72 10.24 2.38 11.53
C ARG A 72 11.74 2.15 11.62
N ARG A 73 12.48 2.75 10.69
CA ARG A 73 13.93 2.65 10.63
C ARG A 73 14.35 1.21 10.31
N HIS A 74 15.52 0.80 10.81
CA HIS A 74 16.03 -0.55 10.61
C HIS A 74 16.54 -0.73 9.19
N ILE A 75 17.84 -0.49 9.01
CA ILE A 75 18.46 -0.58 7.68
C ILE A 75 18.69 -2.03 7.28
N GLY A 76 17.61 -2.72 6.97
CA GLY A 76 17.69 -4.08 6.49
C GLY A 76 16.96 -4.24 5.17
N ILE A 77 15.83 -3.58 5.05
CA ILE A 77 15.04 -3.61 3.83
C ILE A 77 15.37 -2.38 2.96
N PRO A 78 15.36 -2.54 1.63
CA PRO A 78 15.57 -1.43 0.69
C PRO A 78 14.60 -0.29 0.92
N LEU A 79 15.11 0.93 0.94
CA LEU A 79 14.31 2.10 1.27
C LEU A 79 14.18 3.04 0.08
N GLU A 80 13.28 2.70 -0.84
CA GLU A 80 12.98 3.54 -1.98
C GLU A 80 14.23 3.82 -2.82
N LYS A 81 14.45 5.10 -3.16
CA LYS A 81 15.53 5.52 -4.03
C LYS A 81 15.50 4.74 -5.35
N ALA A 82 14.29 4.47 -5.80
CA ALA A 82 14.04 3.73 -7.02
C ALA A 82 12.56 3.80 -7.36
N PRO A 83 12.21 4.38 -8.52
CA PRO A 83 10.82 4.48 -8.97
C PRO A 83 10.15 3.11 -9.04
N GLY A 84 9.18 2.89 -8.18
CA GLY A 84 8.52 1.61 -8.10
C GLY A 84 8.31 1.16 -6.68
N GLU A 85 9.09 1.70 -5.76
CA GLU A 85 8.95 1.37 -4.36
C GLU A 85 9.02 2.64 -3.52
N TRP A 86 8.34 2.61 -2.38
CA TRP A 86 8.23 3.76 -1.50
C TRP A 86 8.67 3.41 -0.09
N VAL A 87 9.09 4.41 0.67
CA VAL A 87 9.48 4.21 2.04
C VAL A 87 8.95 5.36 2.91
N HIS A 88 8.38 5.01 4.06
CA HIS A 88 7.85 5.99 4.98
C HIS A 88 7.72 5.37 6.36
N SER A 89 7.68 6.21 7.38
CA SER A 89 7.45 5.75 8.74
C SER A 89 5.96 5.80 9.06
N VAL A 90 5.50 4.87 9.89
CA VAL A 90 4.08 4.79 10.25
C VAL A 90 3.71 5.86 11.28
N ALA A 91 4.55 6.87 11.43
CA ALA A 91 4.29 7.98 12.33
C ALA A 91 3.10 8.78 11.84
N ALA A 92 2.85 8.72 10.54
CA ALA A 92 1.69 9.36 9.94
C ALA A 92 0.86 8.33 9.19
N PRO A 93 -0.08 7.67 9.89
CA PRO A 93 -0.91 6.62 9.30
C PRO A 93 -1.85 7.15 8.22
N HIS A 94 -2.07 8.46 8.20
CA HIS A 94 -2.92 9.08 7.19
C HIS A 94 -2.25 9.00 5.82
N GLU A 95 -0.92 9.02 5.81
CA GLU A 95 -0.15 9.03 4.58
C GLU A 95 -0.15 7.65 3.93
N LEU A 96 -0.51 6.63 4.69
CA LEU A 96 -0.48 5.26 4.19
C LEU A 96 -1.56 5.03 3.11
N PRO A 97 -2.86 5.24 3.41
CA PRO A 97 -3.93 5.05 2.43
C PRO A 97 -3.88 6.13 1.35
N ALA A 98 -3.35 7.30 1.72
CA ALA A 98 -3.20 8.40 0.79
C ALA A 98 -2.18 8.07 -0.29
N LEU A 99 -1.05 7.51 0.13
CA LEU A 99 0.01 7.12 -0.79
C LEU A 99 -0.48 6.00 -1.70
N LEU A 100 -1.18 5.03 -1.11
CA LEU A 100 -1.74 3.92 -1.88
C LEU A 100 -2.69 4.44 -2.95
N ALA A 101 -3.55 5.36 -2.56
CA ALA A 101 -4.49 5.97 -3.48
C ALA A 101 -3.76 6.71 -4.59
N ARG A 102 -2.75 7.50 -4.22
CA ARG A 102 -1.97 8.25 -5.19
C ARG A 102 -1.27 7.32 -6.20
N ILE A 103 -0.83 6.16 -5.72
CA ILE A 103 -0.16 5.19 -6.57
C ILE A 103 -1.14 4.53 -7.53
N TYR A 104 -2.35 4.25 -7.04
CA TYR A 104 -3.37 3.60 -7.85
C TYR A 104 -4.24 4.61 -8.59
N LEU A 105 -3.86 5.89 -8.49
CA LEU A 105 -4.55 6.98 -9.19
C LEU A 105 -5.97 7.20 -8.66
N ILE A 106 -6.10 7.23 -7.34
CA ILE A 106 -7.38 7.50 -6.70
C ILE A 106 -7.24 8.62 -5.67
N GLU A 107 -8.35 9.29 -5.38
CA GLU A 107 -8.37 10.32 -4.34
C GLU A 107 -9.44 9.99 -3.31
N MET A 108 -9.02 9.52 -2.14
CA MET A 108 -9.96 9.10 -1.10
C MET A 108 -9.37 9.31 0.30
N GLU A 109 -9.06 10.55 0.63
CA GLU A 109 -8.53 10.88 1.95
C GLU A 109 -8.88 12.32 2.31
N SER A 110 -8.50 12.72 3.51
CA SER A 110 -8.76 14.07 4.00
C SER A 110 -7.45 14.73 4.41
N ASP A 111 -6.84 15.47 3.50
CA ASP A 111 -5.56 16.12 3.76
C ASP A 111 -5.75 17.60 4.04
N ASP A 112 -6.10 17.91 5.28
CA ASP A 112 -6.28 19.30 5.69
C ASP A 112 -4.93 19.89 6.09
N PRO A 113 -4.65 21.13 5.65
CA PRO A 113 -3.38 21.82 5.89
C PRO A 113 -3.07 22.00 7.38
N ALA A 114 -2.24 21.12 7.91
CA ALA A 114 -1.81 21.18 9.30
C ALA A 114 -0.30 21.06 9.40
N ASN A 115 0.39 22.07 8.88
CA ASN A 115 1.85 22.09 8.89
C ASN A 115 2.39 22.38 10.27
N ALA A 116 3.01 21.38 10.88
CA ALA A 116 3.59 21.53 12.21
C ALA A 116 5.05 21.95 12.11
N LEU A 117 5.37 23.09 12.70
CA LEU A 117 6.72 23.61 12.72
C LEU A 117 7.34 23.37 14.10
N PRO A 118 8.30 22.45 14.20
CA PRO A 118 8.97 22.12 15.47
C PRO A 118 9.60 23.35 16.11
N SER A 119 9.44 23.48 17.42
CA SER A 119 9.99 24.60 18.16
C SER A 119 11.52 24.61 18.06
N THR A 120 12.11 23.43 18.12
CA THR A 120 13.54 23.29 17.98
C THR A 120 13.87 22.60 16.66
N ASP A 121 14.97 21.85 16.61
CA ASP A 121 15.36 21.14 15.40
C ASP A 121 15.93 19.78 15.76
N MET A 1 -29.02 -26.76 -24.22
CA MET A 1 -29.94 -25.66 -24.54
C MET A 1 -30.32 -24.90 -23.27
N GLY A 2 -30.09 -23.60 -23.28
CA GLY A 2 -30.39 -22.80 -22.12
C GLY A 2 -29.58 -21.51 -22.10
N GLY A 3 -28.98 -21.21 -20.97
CA GLY A 3 -28.22 -19.98 -20.85
C GLY A 3 -26.86 -20.20 -20.20
N SER A 4 -25.89 -19.41 -20.62
CA SER A 4 -24.57 -19.45 -20.02
C SER A 4 -24.11 -18.04 -19.70
N GLY A 5 -24.32 -17.63 -18.45
CA GLY A 5 -23.97 -16.29 -18.03
C GLY A 5 -22.47 -16.06 -17.95
N VAL A 6 -22.09 -14.80 -17.80
CA VAL A 6 -20.69 -14.43 -17.73
C VAL A 6 -20.10 -14.75 -16.35
N GLU A 7 -18.80 -14.98 -16.31
CA GLU A 7 -18.10 -15.30 -15.08
C GLU A 7 -17.86 -14.05 -14.24
N GLY A 8 -17.12 -14.20 -13.14
CA GLY A 8 -16.86 -13.09 -12.26
C GLY A 8 -15.39 -12.71 -12.22
N LEU A 9 -15.07 -11.53 -12.74
CA LEU A 9 -13.71 -11.05 -12.76
C LEU A 9 -13.44 -10.18 -11.54
N SER A 10 -12.23 -10.26 -11.02
CA SER A 10 -11.83 -9.48 -9.86
C SER A 10 -11.31 -8.11 -10.28
N GLY A 11 -11.43 -7.13 -9.40
CA GLY A 11 -10.91 -5.81 -9.68
C GLY A 11 -9.44 -5.67 -9.31
N LYS A 12 -9.06 -4.49 -8.87
CA LYS A 12 -7.68 -4.21 -8.46
C LYS A 12 -7.27 -5.12 -7.30
N ARG A 13 -6.02 -5.54 -7.28
CA ARG A 13 -5.53 -6.44 -6.25
C ARG A 13 -4.30 -5.86 -5.55
N CYS A 14 -4.21 -6.10 -4.25
CA CYS A 14 -3.06 -5.67 -3.47
C CYS A 14 -2.73 -6.70 -2.40
N TRP A 15 -1.45 -6.89 -2.13
CA TRP A 15 -1.03 -7.79 -1.08
C TRP A 15 -0.67 -7.00 0.17
N LEU A 16 -1.20 -7.44 1.30
CA LEU A 16 -1.02 -6.73 2.54
C LEU A 16 -0.22 -7.57 3.53
N ALA A 17 1.01 -7.16 3.79
CA ALA A 17 1.88 -7.85 4.74
C ALA A 17 2.23 -6.92 5.89
N VAL A 18 1.21 -6.31 6.47
CA VAL A 18 1.36 -5.46 7.63
C VAL A 18 1.13 -6.29 8.88
N ARG A 19 2.10 -6.27 9.78
CA ARG A 19 2.04 -7.08 10.98
C ARG A 19 1.10 -6.44 12.00
N ASN A 20 0.93 -5.14 11.86
CA ASN A 20 -0.01 -4.39 12.68
C ASN A 20 -1.43 -4.63 12.17
N ALA A 21 -2.04 -5.72 12.62
CA ALA A 21 -3.34 -6.15 12.14
C ALA A 21 -4.40 -5.07 12.34
N SER A 22 -4.26 -4.29 13.39
CA SER A 22 -5.17 -3.18 13.64
C SER A 22 -5.04 -2.14 12.53
N LEU A 23 -3.82 -1.69 12.31
CA LEU A 23 -3.52 -0.71 11.27
C LEU A 23 -3.89 -1.25 9.89
N CYS A 24 -3.52 -2.49 9.65
CA CYS A 24 -3.72 -3.13 8.36
C CYS A 24 -5.21 -3.21 8.01
N GLN A 25 -6.03 -3.51 9.00
CA GLN A 25 -7.47 -3.60 8.80
C GLN A 25 -8.06 -2.23 8.47
N PHE A 26 -7.50 -1.20 9.08
CA PHE A 26 -7.98 0.16 8.86
C PHE A 26 -7.67 0.62 7.43
N LEU A 27 -6.42 0.43 7.00
CA LEU A 27 -6.02 0.86 5.67
C LEU A 27 -6.70 0.01 4.59
N GLU A 28 -6.86 -1.29 4.86
CA GLU A 28 -7.51 -2.18 3.89
C GLU A 28 -8.95 -1.74 3.64
N THR A 29 -9.65 -1.37 4.71
CA THR A 29 -11.03 -0.93 4.58
C THR A 29 -11.11 0.37 3.77
N SER A 30 -10.10 1.23 3.97
CA SER A 30 -10.07 2.53 3.30
C SER A 30 -9.90 2.38 1.79
N LEU A 31 -9.01 1.48 1.37
CA LEU A 31 -8.72 1.33 -0.05
C LEU A 31 -9.75 0.43 -0.74
N GLN A 32 -10.34 -0.49 0.01
CA GLN A 32 -11.30 -1.44 -0.57
C GLN A 32 -12.60 -0.74 -0.95
N ARG A 33 -12.80 0.48 -0.45
CA ARG A 33 -13.94 1.29 -0.85
C ARG A 33 -13.87 1.59 -2.34
N SER A 34 -12.66 1.50 -2.88
CA SER A 34 -12.41 1.82 -4.26
C SER A 34 -12.68 0.63 -5.18
N GLY A 35 -13.13 -0.48 -4.61
CA GLY A 35 -13.40 -1.67 -5.40
C GLY A 35 -12.17 -2.56 -5.51
N ILE A 36 -11.16 -2.23 -4.72
CA ILE A 36 -9.94 -3.01 -4.67
C ILE A 36 -10.09 -4.13 -3.65
N VAL A 37 -9.46 -5.25 -3.92
CA VAL A 37 -9.47 -6.38 -3.00
C VAL A 37 -8.07 -6.63 -2.45
N VAL A 38 -7.99 -6.86 -1.14
CA VAL A 38 -6.71 -7.12 -0.50
C VAL A 38 -6.52 -8.61 -0.26
N THR A 39 -5.26 -9.03 -0.21
CA THR A 39 -4.90 -10.39 0.12
C THR A 39 -3.68 -10.39 1.04
N THR A 40 -3.84 -10.99 2.21
CA THR A 40 -2.77 -11.09 3.19
C THR A 40 -1.54 -11.76 2.58
N TYR A 41 -0.43 -11.05 2.52
CA TYR A 41 0.79 -11.59 1.94
C TYR A 41 1.50 -12.49 2.94
N GLU A 42 1.00 -13.70 3.04
CA GLU A 42 1.58 -14.71 3.92
C GLU A 42 2.10 -15.87 3.07
N GLY A 43 3.24 -15.65 2.42
CA GLY A 43 3.80 -16.66 1.55
C GLY A 43 3.02 -16.79 0.25
N GLN A 44 2.83 -15.67 -0.43
CA GLN A 44 2.04 -15.64 -1.66
C GLN A 44 2.92 -15.27 -2.84
N GLU A 45 2.33 -15.33 -4.03
CA GLU A 45 3.04 -14.98 -5.25
C GLU A 45 3.12 -13.47 -5.42
N PRO A 46 4.25 -12.97 -5.96
CA PRO A 46 4.40 -11.57 -6.30
C PRO A 46 3.88 -11.27 -7.71
N THR A 47 2.96 -10.33 -7.82
CA THR A 47 2.41 -9.96 -9.11
C THR A 47 2.90 -8.59 -9.57
N PRO A 48 3.31 -8.47 -10.84
CA PRO A 48 3.85 -7.23 -11.40
C PRO A 48 2.82 -6.10 -11.45
N GLU A 49 1.55 -6.45 -11.37
CA GLU A 49 0.48 -5.45 -11.43
C GLU A 49 0.00 -5.07 -10.04
N ASP A 50 0.39 -5.86 -9.06
CA ASP A 50 -0.08 -5.66 -7.69
C ASP A 50 1.00 -4.99 -6.85
N VAL A 51 0.62 -4.49 -5.69
CA VAL A 51 1.55 -3.81 -4.79
C VAL A 51 1.63 -4.54 -3.46
N LEU A 52 2.80 -4.51 -2.84
CA LEU A 52 3.00 -5.13 -1.55
C LEU A 52 3.11 -4.08 -0.46
N ILE A 53 2.04 -3.92 0.32
CA ILE A 53 2.05 -2.99 1.43
C ILE A 53 2.53 -3.70 2.68
N THR A 54 3.74 -3.38 3.11
CA THR A 54 4.39 -4.12 4.18
C THR A 54 4.65 -3.23 5.40
N ASP A 55 4.84 -3.86 6.55
CA ASP A 55 5.09 -3.09 7.78
C ASP A 55 6.19 -3.75 8.60
N GLU A 56 7.11 -2.92 9.10
CA GLU A 56 8.18 -3.34 10.00
C GLU A 56 9.24 -4.23 9.32
N VAL A 57 9.63 -5.29 10.03
CA VAL A 57 10.80 -6.09 9.68
C VAL A 57 10.49 -7.14 8.61
N VAL A 58 9.84 -6.70 7.56
CA VAL A 58 9.52 -7.58 6.43
C VAL A 58 10.56 -7.43 5.33
N SER A 59 11.81 -7.65 5.69
CA SER A 59 12.92 -7.43 4.77
C SER A 59 13.07 -8.56 3.76
N LYS A 60 12.36 -8.43 2.65
CA LYS A 60 12.47 -9.36 1.54
C LYS A 60 12.19 -8.62 0.23
N LYS A 61 12.78 -9.08 -0.86
CA LYS A 61 12.61 -8.41 -2.14
C LYS A 61 11.34 -8.88 -2.83
N TRP A 62 10.54 -7.92 -3.26
CA TRP A 62 9.26 -8.22 -3.91
C TRP A 62 9.38 -7.92 -5.40
N GLN A 63 8.72 -8.73 -6.21
CA GLN A 63 8.77 -8.55 -7.66
C GLN A 63 7.37 -8.24 -8.20
N GLY A 64 7.03 -6.96 -8.21
CA GLY A 64 5.74 -6.55 -8.70
C GLY A 64 5.71 -5.09 -9.09
N ARG A 65 4.61 -4.43 -8.79
CA ARG A 65 4.47 -3.02 -9.14
C ARG A 65 5.27 -2.13 -8.19
N ALA A 66 5.05 -2.28 -6.89
CA ALA A 66 5.77 -1.49 -5.90
C ALA A 66 5.65 -2.09 -4.51
N VAL A 67 6.65 -1.83 -3.67
CA VAL A 67 6.61 -2.25 -2.28
C VAL A 67 6.54 -1.04 -1.37
N VAL A 68 5.42 -0.88 -0.66
CA VAL A 68 5.22 0.26 0.22
C VAL A 68 5.38 -0.17 1.67
N THR A 69 6.49 0.18 2.27
CA THR A 69 6.79 -0.23 3.64
C THR A 69 6.83 0.95 4.59
N PHE A 70 6.13 0.82 5.71
CA PHE A 70 6.16 1.82 6.77
C PHE A 70 7.03 1.33 7.92
N CYS A 71 8.07 2.08 8.24
CA CYS A 71 8.98 1.70 9.31
C CYS A 71 9.72 2.91 9.85
N ARG A 72 10.38 2.76 10.99
CA ARG A 72 11.26 3.79 11.51
C ARG A 72 12.70 3.31 11.46
N ARG A 73 12.85 1.99 11.35
CA ARG A 73 14.17 1.36 11.23
C ARG A 73 14.14 0.34 10.11
N HIS A 74 15.17 0.32 9.28
CA HIS A 74 15.16 -0.52 8.10
C HIS A 74 16.44 -1.35 8.01
N ILE A 75 16.28 -2.61 7.63
CA ILE A 75 17.41 -3.47 7.33
C ILE A 75 17.49 -3.69 5.83
N GLY A 76 16.94 -4.82 5.37
CA GLY A 76 16.90 -5.09 3.94
C GLY A 76 15.61 -4.61 3.32
N ILE A 77 15.11 -3.50 3.83
CA ILE A 77 13.83 -2.95 3.39
C ILE A 77 14.05 -1.87 2.32
N PRO A 78 13.27 -1.93 1.25
CA PRO A 78 13.28 -0.92 0.19
C PRO A 78 12.85 0.45 0.70
N LEU A 79 13.75 1.42 0.62
CA LEU A 79 13.49 2.74 1.19
C LEU A 79 13.22 3.77 0.09
N GLU A 80 12.43 3.37 -0.90
CA GLU A 80 12.01 4.24 -1.99
C GLU A 80 13.21 4.79 -2.78
N LYS A 81 13.21 6.10 -3.02
CA LYS A 81 14.20 6.76 -3.88
C LYS A 81 14.24 6.12 -5.26
N ALA A 82 13.15 5.48 -5.63
CA ALA A 82 13.00 4.81 -6.91
C ALA A 82 11.54 4.45 -7.13
N PRO A 83 11.04 4.61 -8.37
CA PRO A 83 9.62 4.35 -8.70
C PRO A 83 9.25 2.87 -8.70
N GLY A 84 9.70 2.17 -7.68
CA GLY A 84 9.37 0.77 -7.52
C GLY A 84 9.24 0.39 -6.07
N GLU A 85 9.54 1.34 -5.19
CA GLU A 85 9.44 1.14 -3.76
C GLU A 85 9.01 2.43 -3.12
N TRP A 86 8.31 2.33 -2.00
CA TRP A 86 7.80 3.49 -1.30
C TRP A 86 8.04 3.31 0.20
N VAL A 87 8.75 4.25 0.80
CA VAL A 87 9.02 4.17 2.21
C VAL A 87 8.43 5.37 2.95
N HIS A 88 8.04 5.17 4.19
CA HIS A 88 7.57 6.24 5.03
C HIS A 88 7.68 5.84 6.49
N SER A 89 7.94 6.82 7.34
CA SER A 89 7.95 6.61 8.78
C SER A 89 6.61 6.04 9.23
N VAL A 90 6.64 4.94 9.97
CA VAL A 90 5.43 4.31 10.48
C VAL A 90 4.77 5.19 11.55
N ALA A 91 4.00 6.16 11.07
CA ALA A 91 3.30 7.09 11.94
C ALA A 91 2.18 7.75 11.16
N ALA A 92 1.05 7.98 11.84
CA ALA A 92 -0.10 8.66 11.25
C ALA A 92 -0.77 7.85 10.14
N PRO A 93 -2.00 7.38 10.38
CA PRO A 93 -2.79 6.66 9.37
C PRO A 93 -3.32 7.61 8.29
N HIS A 94 -2.65 8.75 8.15
CA HIS A 94 -3.02 9.77 7.18
C HIS A 94 -2.39 9.45 5.82
N GLU A 95 -1.08 9.29 5.83
CA GLU A 95 -0.31 9.12 4.61
C GLU A 95 -0.45 7.70 4.06
N LEU A 96 -0.85 6.77 4.92
CA LEU A 96 -0.96 5.36 4.53
C LEU A 96 -1.95 5.17 3.36
N PRO A 97 -3.25 5.55 3.53
CA PRO A 97 -4.23 5.39 2.46
C PRO A 97 -4.04 6.42 1.34
N ALA A 98 -3.49 7.57 1.70
CA ALA A 98 -3.27 8.65 0.74
C ALA A 98 -2.22 8.24 -0.29
N LEU A 99 -1.11 7.69 0.19
CA LEU A 99 -0.04 7.25 -0.70
C LEU A 99 -0.49 6.05 -1.53
N LEU A 100 -1.21 5.14 -0.88
CA LEU A 100 -1.72 3.95 -1.55
C LEU A 100 -2.61 4.32 -2.73
N ALA A 101 -3.46 5.32 -2.52
CA ALA A 101 -4.36 5.79 -3.56
C ALA A 101 -3.58 6.41 -4.72
N ARG A 102 -2.53 7.15 -4.38
CA ARG A 102 -1.69 7.78 -5.39
C ARG A 102 -0.92 6.72 -6.20
N ILE A 103 -0.66 5.59 -5.55
CA ILE A 103 0.07 4.49 -6.18
C ILE A 103 -0.83 3.73 -7.17
N TYR A 104 -2.06 3.46 -6.76
CA TYR A 104 -2.97 2.67 -7.59
C TYR A 104 -3.84 3.55 -8.49
N LEU A 105 -3.45 4.82 -8.62
CA LEU A 105 -4.12 5.77 -9.52
C LEU A 105 -5.57 6.00 -9.11
N ILE A 106 -5.76 6.42 -7.87
CA ILE A 106 -7.08 6.76 -7.36
C ILE A 106 -7.21 8.28 -7.26
N GLU A 107 -8.35 8.75 -6.76
CA GLU A 107 -8.65 10.17 -6.67
C GLU A 107 -7.67 10.91 -5.75
N MET A 108 -7.23 10.24 -4.70
CA MET A 108 -6.32 10.86 -3.74
C MET A 108 -4.91 10.96 -4.31
N GLU A 109 -4.28 12.10 -4.11
CA GLU A 109 -2.94 12.32 -4.65
C GLU A 109 -1.92 12.52 -3.52
N SER A 110 -0.76 13.04 -3.88
CA SER A 110 0.34 13.23 -2.94
C SER A 110 0.07 14.37 -1.96
N ASP A 111 -0.69 14.08 -0.92
CA ASP A 111 -0.94 15.06 0.13
C ASP A 111 0.20 15.05 1.15
N ASP A 112 1.26 15.76 0.82
CA ASP A 112 2.41 15.89 1.71
C ASP A 112 2.51 17.32 2.24
N PRO A 113 2.79 17.47 3.54
CA PRO A 113 3.00 18.77 4.15
C PRO A 113 4.48 19.13 4.24
N ALA A 114 4.77 20.43 4.20
CA ALA A 114 6.13 20.91 4.34
C ALA A 114 6.26 21.75 5.60
N ASN A 115 6.21 21.08 6.74
CA ASN A 115 6.26 21.75 8.03
C ASN A 115 7.70 21.95 8.48
N ALA A 116 8.37 22.92 7.86
CA ALA A 116 9.74 23.25 8.23
C ALA A 116 9.78 23.93 9.60
N LEU A 117 10.90 23.80 10.28
CA LEU A 117 11.06 24.38 11.60
C LEU A 117 12.06 25.52 11.56
N PRO A 118 11.72 26.67 12.20
CA PRO A 118 12.60 27.85 12.26
C PRO A 118 14.01 27.49 12.74
N SER A 119 14.98 27.63 11.85
CA SER A 119 16.33 27.19 12.11
C SER A 119 17.18 28.33 12.67
N THR A 120 17.03 28.59 13.96
CA THR A 120 17.76 29.66 14.63
C THR A 120 19.19 29.25 14.94
N ASP A 121 19.98 30.20 15.45
CA ASP A 121 21.40 30.00 15.74
C ASP A 121 22.15 29.65 14.47
N MET A 1 -35.99 -13.91 -29.12
CA MET A 1 -36.91 -13.56 -28.02
C MET A 1 -36.42 -14.17 -26.72
N GLY A 2 -36.45 -13.37 -25.65
CA GLY A 2 -36.03 -13.87 -24.36
C GLY A 2 -34.53 -13.80 -24.18
N GLY A 3 -34.01 -12.59 -24.12
CA GLY A 3 -32.58 -12.41 -23.97
C GLY A 3 -32.23 -11.66 -22.70
N SER A 4 -31.24 -12.17 -21.97
CA SER A 4 -30.72 -11.51 -20.79
C SER A 4 -29.24 -11.85 -20.61
N GLY A 5 -28.43 -10.83 -20.38
CA GLY A 5 -27.01 -11.05 -20.25
C GLY A 5 -26.45 -10.48 -18.97
N VAL A 6 -25.14 -10.65 -18.78
CA VAL A 6 -24.47 -10.15 -17.59
C VAL A 6 -22.96 -10.10 -17.84
N GLU A 7 -22.25 -9.29 -17.08
CA GLU A 7 -20.81 -9.15 -17.25
C GLU A 7 -20.06 -9.76 -16.06
N GLY A 8 -18.74 -9.83 -16.19
CA GLY A 8 -17.91 -10.36 -15.13
C GLY A 8 -16.48 -9.93 -15.27
N LEU A 9 -16.16 -8.75 -14.75
CA LEU A 9 -14.83 -8.19 -14.86
C LEU A 9 -14.16 -8.08 -13.49
N SER A 10 -12.88 -8.42 -13.43
CA SER A 10 -12.12 -8.33 -12.19
C SER A 10 -11.46 -6.96 -12.05
N GLY A 11 -11.34 -6.49 -10.82
CA GLY A 11 -10.76 -5.17 -10.59
C GLY A 11 -9.26 -5.23 -10.37
N LYS A 12 -8.76 -4.34 -9.52
CA LYS A 12 -7.33 -4.31 -9.23
C LYS A 12 -7.06 -4.94 -7.87
N ARG A 13 -5.97 -5.69 -7.80
CA ARG A 13 -5.63 -6.44 -6.60
C ARG A 13 -4.44 -5.83 -5.88
N CYS A 14 -4.34 -6.08 -4.58
CA CYS A 14 -3.19 -5.66 -3.78
C CYS A 14 -2.87 -6.70 -2.72
N TRP A 15 -1.63 -6.68 -2.23
CA TRP A 15 -1.24 -7.53 -1.11
C TRP A 15 -0.72 -6.65 0.01
N LEU A 16 -0.88 -7.10 1.24
CA LEU A 16 -0.40 -6.34 2.38
C LEU A 16 0.15 -7.26 3.46
N ALA A 17 1.39 -6.99 3.87
CA ALA A 17 2.04 -7.74 4.92
C ALA A 17 2.35 -6.81 6.10
N VAL A 18 1.31 -6.50 6.85
CA VAL A 18 1.43 -5.59 7.98
C VAL A 18 1.31 -6.36 9.28
N ARG A 19 2.32 -6.22 10.14
CA ARG A 19 2.33 -6.92 11.41
C ARG A 19 1.40 -6.22 12.40
N ASN A 20 1.20 -4.94 12.17
CA ASN A 20 0.22 -4.17 12.92
C ASN A 20 -1.18 -4.48 12.38
N ALA A 21 -1.85 -5.43 13.03
CA ALA A 21 -3.16 -5.91 12.57
C ALA A 21 -4.17 -4.77 12.50
N SER A 22 -4.11 -3.88 13.47
CA SER A 22 -5.02 -2.73 13.52
C SER A 22 -4.87 -1.87 12.26
N LEU A 23 -3.62 -1.54 11.93
CA LEU A 23 -3.33 -0.72 10.76
C LEU A 23 -3.59 -1.51 9.47
N CYS A 24 -3.31 -2.81 9.52
CA CYS A 24 -3.50 -3.67 8.36
C CYS A 24 -4.95 -3.67 7.91
N GLN A 25 -5.86 -3.95 8.84
CA GLN A 25 -7.27 -4.04 8.51
C GLN A 25 -7.85 -2.65 8.24
N PHE A 26 -7.37 -1.66 8.97
CA PHE A 26 -7.83 -0.28 8.79
C PHE A 26 -7.50 0.19 7.37
N LEU A 27 -6.23 0.09 7.00
CA LEU A 27 -5.76 0.60 5.72
C LEU A 27 -6.35 -0.20 4.56
N GLU A 28 -6.43 -1.52 4.69
CA GLU A 28 -6.93 -2.37 3.61
C GLU A 28 -8.39 -2.00 3.30
N THR A 29 -9.17 -1.73 4.34
CA THR A 29 -10.55 -1.33 4.17
C THR A 29 -10.67 0.05 3.53
N SER A 30 -9.70 0.92 3.82
CA SER A 30 -9.68 2.27 3.24
C SER A 30 -9.55 2.20 1.71
N LEU A 31 -8.70 1.31 1.22
CA LEU A 31 -8.56 1.14 -0.24
C LEU A 31 -9.79 0.44 -0.79
N GLN A 32 -10.44 -0.33 0.06
CA GLN A 32 -11.62 -1.08 -0.32
C GLN A 32 -12.83 -0.16 -0.50
N ARG A 33 -12.68 1.12 -0.14
CA ARG A 33 -13.70 2.11 -0.45
C ARG A 33 -13.82 2.24 -1.96
N SER A 34 -12.69 2.08 -2.63
CA SER A 34 -12.61 2.17 -4.08
C SER A 34 -13.04 0.84 -4.72
N GLY A 35 -12.93 -0.24 -3.95
CA GLY A 35 -13.32 -1.55 -4.46
C GLY A 35 -12.14 -2.43 -4.79
N ILE A 36 -10.95 -1.98 -4.42
CA ILE A 36 -9.74 -2.75 -4.65
C ILE A 36 -9.73 -4.00 -3.77
N VAL A 37 -9.38 -5.13 -4.35
CA VAL A 37 -9.38 -6.40 -3.61
C VAL A 37 -8.06 -6.56 -2.85
N VAL A 38 -8.15 -6.73 -1.55
CA VAL A 38 -6.99 -6.84 -0.69
C VAL A 38 -6.68 -8.29 -0.35
N THR A 39 -5.40 -8.59 -0.21
CA THR A 39 -4.95 -9.94 0.15
C THR A 39 -3.73 -9.87 1.07
N THR A 40 -3.82 -10.50 2.22
CA THR A 40 -2.72 -10.53 3.16
C THR A 40 -1.54 -11.34 2.60
N TYR A 41 -0.40 -10.68 2.44
CA TYR A 41 0.79 -11.33 1.90
C TYR A 41 1.50 -12.07 3.02
N GLU A 42 1.07 -13.29 3.25
CA GLU A 42 1.65 -14.13 4.28
C GLU A 42 2.88 -14.84 3.75
N GLY A 43 2.90 -15.06 2.45
CA GLY A 43 4.00 -15.74 1.81
C GLY A 43 3.55 -16.51 0.59
N GLN A 44 2.80 -15.84 -0.25
CA GLN A 44 2.24 -16.47 -1.44
C GLN A 44 2.99 -16.01 -2.69
N GLU A 45 2.29 -15.97 -3.82
CA GLU A 45 2.91 -15.63 -5.09
C GLU A 45 2.78 -14.13 -5.37
N PRO A 46 3.92 -13.43 -5.52
CA PRO A 46 3.94 -12.02 -5.87
C PRO A 46 3.73 -11.81 -7.37
N THR A 47 2.72 -11.03 -7.72
CA THR A 47 2.41 -10.77 -9.11
C THR A 47 2.81 -9.35 -9.51
N PRO A 48 3.34 -9.17 -10.73
CA PRO A 48 3.73 -7.85 -11.25
C PRO A 48 2.53 -6.98 -11.60
N GLU A 49 1.44 -7.17 -10.87
CA GLU A 49 0.21 -6.43 -11.10
C GLU A 49 -0.23 -5.73 -9.81
N ASP A 50 0.02 -6.38 -8.68
CA ASP A 50 -0.41 -5.84 -7.39
C ASP A 50 0.77 -5.20 -6.66
N VAL A 51 0.46 -4.45 -5.61
CA VAL A 51 1.47 -3.80 -4.79
C VAL A 51 1.57 -4.48 -3.42
N LEU A 52 2.75 -4.46 -2.84
CA LEU A 52 2.96 -5.01 -1.50
C LEU A 52 3.02 -3.90 -0.47
N ILE A 53 1.94 -3.72 0.27
CA ILE A 53 1.93 -2.78 1.38
C ILE A 53 2.50 -3.47 2.62
N THR A 54 3.70 -3.10 3.00
CA THR A 54 4.39 -3.79 4.09
C THR A 54 4.63 -2.87 5.28
N ASP A 55 4.81 -3.45 6.45
CA ASP A 55 5.09 -2.67 7.65
C ASP A 55 6.40 -3.14 8.28
N GLU A 56 7.18 -2.17 8.76
CA GLU A 56 8.48 -2.43 9.40
C GLU A 56 9.44 -3.15 8.46
N VAL A 57 9.79 -4.39 8.78
CA VAL A 57 10.81 -5.11 8.03
C VAL A 57 10.41 -6.56 7.76
N VAL A 58 10.86 -7.07 6.62
CA VAL A 58 10.66 -8.47 6.26
C VAL A 58 11.87 -8.96 5.46
N SER A 59 12.06 -10.26 5.39
CA SER A 59 13.19 -10.84 4.67
C SER A 59 12.77 -11.32 3.28
N LYS A 60 12.06 -10.47 2.56
CA LYS A 60 11.67 -10.75 1.18
C LYS A 60 11.32 -9.46 0.47
N LYS A 61 11.47 -9.45 -0.84
CA LYS A 61 11.20 -8.27 -1.63
C LYS A 61 10.02 -8.50 -2.57
N TRP A 62 9.49 -7.42 -3.12
CA TRP A 62 8.36 -7.51 -4.04
C TRP A 62 8.83 -7.41 -5.48
N GLN A 63 8.55 -8.45 -6.25
CA GLN A 63 8.85 -8.43 -7.67
C GLN A 63 7.57 -8.23 -8.47
N GLY A 64 6.85 -7.18 -8.12
CA GLY A 64 5.57 -6.92 -8.75
C GLY A 64 5.43 -5.49 -9.22
N ARG A 65 4.22 -4.95 -9.09
CA ARG A 65 3.93 -3.59 -9.54
C ARG A 65 4.72 -2.57 -8.72
N ALA A 66 4.51 -2.56 -7.40
CA ALA A 66 5.18 -1.60 -6.54
C ALA A 66 5.14 -2.05 -5.08
N VAL A 67 6.00 -1.46 -4.26
CA VAL A 67 6.04 -1.75 -2.84
C VAL A 67 5.78 -0.48 -2.05
N VAL A 68 5.06 -0.61 -0.95
CA VAL A 68 4.80 0.51 -0.05
C VAL A 68 5.18 0.12 1.37
N THR A 69 6.38 0.47 1.78
CA THR A 69 6.89 0.05 3.07
C THR A 69 6.76 1.16 4.12
N PHE A 70 6.01 0.86 5.18
CA PHE A 70 5.86 1.76 6.30
C PHE A 70 6.69 1.25 7.48
N CYS A 71 7.95 1.66 7.53
CA CYS A 71 8.86 1.23 8.58
C CYS A 71 9.15 2.36 9.54
N ARG A 72 9.59 2.03 10.74
CA ARG A 72 9.96 3.04 11.72
C ARG A 72 11.36 3.55 11.44
N ARG A 73 12.33 2.63 11.46
CA ARG A 73 13.72 2.95 11.17
C ARG A 73 14.53 1.67 11.11
N HIS A 74 14.72 1.15 9.91
CA HIS A 74 15.44 -0.11 9.73
C HIS A 74 16.21 -0.11 8.41
N ILE A 75 17.31 -0.84 8.39
CA ILE A 75 18.16 -0.92 7.20
C ILE A 75 18.15 -2.34 6.65
N GLY A 76 17.85 -2.48 5.37
CA GLY A 76 17.78 -3.78 4.75
C GLY A 76 16.65 -3.85 3.75
N ILE A 77 15.55 -3.22 4.10
CA ILE A 77 14.42 -3.07 3.20
C ILE A 77 14.69 -1.87 2.28
N PRO A 78 14.28 -1.96 1.00
CA PRO A 78 14.50 -0.89 0.03
C PRO A 78 13.67 0.34 0.35
N LEU A 79 14.27 1.28 1.07
CA LEU A 79 13.61 2.52 1.46
C LEU A 79 13.54 3.49 0.28
N GLU A 80 12.80 3.09 -0.74
CA GLU A 80 12.64 3.89 -1.96
C GLU A 80 13.99 4.09 -2.65
N LYS A 81 14.36 5.35 -2.91
CA LYS A 81 15.54 5.70 -3.69
C LYS A 81 15.55 4.96 -5.02
N ALA A 82 14.35 4.67 -5.51
CA ALA A 82 14.14 3.96 -6.76
C ALA A 82 12.66 3.93 -7.08
N PRO A 83 12.27 4.36 -8.29
CA PRO A 83 10.87 4.37 -8.72
C PRO A 83 10.27 2.96 -8.76
N GLY A 84 9.64 2.57 -7.66
CA GLY A 84 9.05 1.24 -7.56
C GLY A 84 8.85 0.83 -6.13
N GLU A 85 9.66 1.38 -5.24
CA GLU A 85 9.57 1.07 -3.82
C GLU A 85 9.32 2.37 -3.06
N TRP A 86 8.40 2.34 -2.12
CA TRP A 86 8.04 3.53 -1.37
C TRP A 86 8.43 3.37 0.10
N VAL A 87 8.76 4.48 0.74
CA VAL A 87 9.12 4.46 2.15
C VAL A 87 8.39 5.56 2.92
N HIS A 88 7.92 5.21 4.11
CA HIS A 88 7.29 6.17 5.01
C HIS A 88 7.32 5.60 6.41
N SER A 89 7.36 6.46 7.41
CA SER A 89 7.34 6.01 8.79
C SER A 89 5.99 5.40 9.13
N VAL A 90 6.00 4.33 9.91
CA VAL A 90 4.77 3.65 10.31
C VAL A 90 4.06 4.43 11.42
N ALA A 91 3.48 5.55 11.01
CA ALA A 91 2.75 6.41 11.93
C ALA A 91 1.71 7.20 11.18
N ALA A 92 0.75 7.74 11.92
CA ALA A 92 -0.33 8.56 11.34
C ALA A 92 -1.16 7.77 10.33
N PRO A 93 -2.18 7.05 10.83
CA PRO A 93 -3.09 6.27 9.98
C PRO A 93 -4.01 7.16 9.15
N HIS A 94 -3.39 8.07 8.40
CA HIS A 94 -4.11 8.99 7.55
C HIS A 94 -3.37 9.14 6.22
N GLU A 95 -2.05 9.29 6.31
CA GLU A 95 -1.23 9.46 5.11
C GLU A 95 -0.93 8.12 4.48
N LEU A 96 -0.97 7.06 5.28
CA LEU A 96 -0.64 5.72 4.81
C LEU A 96 -1.57 5.27 3.66
N PRO A 97 -2.90 5.22 3.86
CA PRO A 97 -3.80 4.81 2.79
C PRO A 97 -3.96 5.91 1.74
N ALA A 98 -3.59 7.14 2.09
CA ALA A 98 -3.63 8.24 1.16
C ALA A 98 -2.51 8.10 0.13
N LEU A 99 -1.38 7.57 0.57
CA LEU A 99 -0.27 7.28 -0.33
C LEU A 99 -0.66 6.16 -1.29
N LEU A 100 -1.33 5.15 -0.75
CA LEU A 100 -1.83 4.03 -1.55
C LEU A 100 -2.78 4.53 -2.64
N ALA A 101 -3.65 5.46 -2.27
CA ALA A 101 -4.61 6.04 -3.22
C ALA A 101 -3.89 6.80 -4.32
N ARG A 102 -2.75 7.40 -3.98
CA ARG A 102 -1.94 8.12 -4.96
C ARG A 102 -1.27 7.14 -5.92
N ILE A 103 -0.83 6.01 -5.38
CA ILE A 103 -0.17 4.98 -6.18
C ILE A 103 -1.13 4.37 -7.19
N TYR A 104 -2.38 4.18 -6.78
CA TYR A 104 -3.37 3.58 -7.66
C TYR A 104 -4.12 4.65 -8.45
N LEU A 105 -3.63 5.88 -8.36
CA LEU A 105 -4.15 7.01 -9.14
C LEU A 105 -5.64 7.25 -8.91
N ILE A 106 -6.02 7.50 -7.66
CA ILE A 106 -7.39 7.83 -7.33
C ILE A 106 -7.51 9.34 -7.04
N GLU A 107 -8.55 9.72 -6.30
CA GLU A 107 -8.86 11.12 -6.07
C GLU A 107 -7.97 11.75 -5.02
N MET A 108 -7.40 10.94 -4.14
CA MET A 108 -6.65 11.47 -3.01
C MET A 108 -5.21 11.79 -3.38
N GLU A 109 -4.77 12.97 -2.96
CA GLU A 109 -3.41 13.41 -3.21
C GLU A 109 -2.64 13.51 -1.89
N SER A 110 -1.67 12.63 -1.72
CA SER A 110 -0.86 12.60 -0.51
C SER A 110 0.15 13.74 -0.52
N ASP A 111 0.54 14.20 0.67
CA ASP A 111 1.46 15.31 0.81
C ASP A 111 2.64 14.93 1.71
N ASP A 112 3.76 15.59 1.50
CA ASP A 112 4.94 15.39 2.35
C ASP A 112 5.65 16.73 2.59
N PRO A 113 5.18 17.49 3.59
CA PRO A 113 5.78 18.79 3.93
C PRO A 113 7.01 18.63 4.82
N ALA A 114 7.90 17.73 4.42
CA ALA A 114 9.08 17.44 5.21
C ALA A 114 10.20 18.44 4.94
N ASN A 115 10.05 19.63 5.50
CA ASN A 115 11.10 20.64 5.43
C ASN A 115 12.13 20.37 6.52
N ALA A 116 12.92 19.31 6.33
CA ALA A 116 13.86 18.85 7.33
C ALA A 116 15.11 19.73 7.35
N LEU A 117 15.30 20.43 8.46
CA LEU A 117 16.47 21.26 8.65
C LEU A 117 17.02 21.05 10.04
N PRO A 118 18.26 20.55 10.15
CA PRO A 118 18.94 20.42 11.45
C PRO A 118 19.20 21.80 12.05
N SER A 119 20.05 22.57 11.39
CA SER A 119 20.33 23.94 11.80
C SER A 119 20.85 24.72 10.59
N THR A 120 20.12 25.75 10.20
CA THR A 120 20.51 26.55 9.05
C THR A 120 21.58 27.57 9.44
N ASP A 121 22.76 27.07 9.75
CA ASP A 121 23.85 27.90 10.21
C ASP A 121 25.01 27.83 9.22
N MET A 1 -28.89 -23.72 -32.30
CA MET A 1 -28.97 -22.34 -31.75
C MET A 1 -27.95 -22.15 -30.63
N GLY A 2 -28.04 -21.03 -29.94
CA GLY A 2 -27.13 -20.74 -28.85
C GLY A 2 -27.30 -19.33 -28.34
N GLY A 3 -26.20 -18.60 -28.26
CA GLY A 3 -26.26 -17.23 -27.80
C GLY A 3 -24.90 -16.62 -27.61
N SER A 4 -24.87 -15.33 -27.34
CA SER A 4 -23.62 -14.63 -27.12
C SER A 4 -23.47 -14.28 -25.63
N GLY A 5 -22.25 -13.96 -25.23
CA GLY A 5 -22.01 -13.58 -23.85
C GLY A 5 -20.58 -13.82 -23.43
N VAL A 6 -20.04 -12.89 -22.65
CA VAL A 6 -18.70 -13.03 -22.11
C VAL A 6 -18.60 -12.30 -20.78
N GLU A 7 -18.13 -13.00 -19.75
CA GLU A 7 -18.02 -12.41 -18.42
C GLU A 7 -16.57 -12.38 -17.97
N GLY A 8 -16.02 -11.18 -17.87
CA GLY A 8 -14.64 -11.02 -17.45
C GLY A 8 -14.56 -10.41 -16.07
N LEU A 9 -14.56 -11.25 -15.05
CA LEU A 9 -14.47 -10.79 -13.68
C LEU A 9 -13.06 -10.36 -13.34
N SER A 10 -12.82 -9.06 -13.46
CA SER A 10 -11.49 -8.52 -13.21
C SER A 10 -11.40 -7.95 -11.80
N GLY A 11 -10.19 -7.95 -11.25
CA GLY A 11 -9.98 -7.43 -9.92
C GLY A 11 -8.52 -7.30 -9.59
N LYS A 12 -8.08 -6.07 -9.34
CA LYS A 12 -6.69 -5.83 -8.99
C LYS A 12 -6.42 -6.29 -7.56
N ARG A 13 -5.21 -6.75 -7.30
CA ARG A 13 -4.88 -7.38 -6.03
C ARG A 13 -3.93 -6.52 -5.21
N CYS A 14 -4.13 -6.54 -3.90
CA CYS A 14 -3.24 -5.85 -2.97
C CYS A 14 -2.88 -6.77 -1.82
N TRP A 15 -1.58 -7.02 -1.67
CA TRP A 15 -1.11 -7.90 -0.61
C TRP A 15 -0.67 -7.09 0.59
N LEU A 16 -1.27 -7.36 1.73
CA LEU A 16 -0.92 -6.65 2.95
C LEU A 16 -0.20 -7.57 3.92
N ALA A 17 0.96 -7.13 4.36
CA ALA A 17 1.71 -7.82 5.41
C ALA A 17 1.94 -6.84 6.56
N VAL A 18 0.85 -6.26 7.02
CA VAL A 18 0.86 -5.32 8.12
C VAL A 18 0.58 -6.04 9.43
N ARG A 19 1.52 -5.96 10.36
CA ARG A 19 1.38 -6.66 11.63
C ARG A 19 0.50 -5.85 12.57
N ASN A 20 0.51 -4.54 12.37
CA ASN A 20 -0.35 -3.63 13.12
C ASN A 20 -1.80 -3.85 12.72
N ALA A 21 -2.57 -4.47 13.60
CA ALA A 21 -3.95 -4.86 13.31
C ALA A 21 -4.81 -3.65 12.92
N SER A 22 -4.84 -2.63 13.78
CA SER A 22 -5.63 -1.44 13.54
C SER A 22 -5.19 -0.74 12.25
N LEU A 23 -3.88 -0.66 12.05
CA LEU A 23 -3.32 -0.04 10.85
C LEU A 23 -3.78 -0.78 9.61
N CYS A 24 -3.64 -2.10 9.62
CA CYS A 24 -3.96 -2.92 8.46
C CYS A 24 -5.44 -2.85 8.13
N GLN A 25 -6.30 -2.92 9.14
CA GLN A 25 -7.73 -2.91 8.91
C GLN A 25 -8.21 -1.53 8.47
N PHE A 26 -7.53 -0.49 8.91
CA PHE A 26 -7.85 0.87 8.48
C PHE A 26 -7.51 1.04 7.00
N LEU A 27 -6.30 0.64 6.65
CA LEU A 27 -5.76 0.78 5.31
C LEU A 27 -6.52 -0.10 4.31
N GLU A 28 -6.84 -1.33 4.73
CA GLU A 28 -7.54 -2.26 3.85
C GLU A 28 -8.94 -1.76 3.52
N THR A 29 -9.60 -1.17 4.50
CA THR A 29 -10.96 -0.66 4.32
C THR A 29 -10.97 0.52 3.35
N SER A 30 -9.96 1.39 3.45
CA SER A 30 -9.92 2.59 2.62
C SER A 30 -9.72 2.24 1.15
N LEU A 31 -8.72 1.42 0.86
CA LEU A 31 -8.37 1.07 -0.51
C LEU A 31 -9.40 0.10 -1.12
N GLN A 32 -10.06 -0.67 -0.27
CA GLN A 32 -11.06 -1.63 -0.74
C GLN A 32 -12.28 -0.92 -1.30
N ARG A 33 -12.45 0.34 -0.93
CA ARG A 33 -13.58 1.14 -1.41
C ARG A 33 -13.39 1.47 -2.90
N SER A 34 -12.22 1.15 -3.42
CA SER A 34 -11.94 1.37 -4.84
C SER A 34 -12.20 0.09 -5.64
N GLY A 35 -12.51 -0.99 -4.93
CA GLY A 35 -12.80 -2.26 -5.59
C GLY A 35 -11.61 -3.20 -5.65
N ILE A 36 -10.52 -2.80 -5.02
CA ILE A 36 -9.31 -3.61 -4.99
C ILE A 36 -9.43 -4.71 -3.94
N VAL A 37 -9.19 -5.94 -4.34
CA VAL A 37 -9.35 -7.08 -3.43
C VAL A 37 -8.14 -7.22 -2.51
N VAL A 38 -8.41 -7.24 -1.20
CA VAL A 38 -7.36 -7.36 -0.21
C VAL A 38 -6.95 -8.81 -0.02
N THR A 39 -5.64 -9.05 0.04
CA THR A 39 -5.12 -10.38 0.26
C THR A 39 -3.98 -10.34 1.28
N THR A 40 -4.02 -11.24 2.25
CA THR A 40 -2.96 -11.36 3.22
C THR A 40 -1.71 -11.93 2.56
N TYR A 41 -0.61 -11.20 2.60
CA TYR A 41 0.62 -11.66 1.96
C TYR A 41 1.24 -12.81 2.74
N GLU A 42 0.94 -14.01 2.30
CA GLU A 42 1.53 -15.20 2.86
C GLU A 42 2.64 -15.70 1.92
N GLY A 43 2.88 -17.01 1.93
CA GLY A 43 3.88 -17.58 1.04
C GLY A 43 3.43 -17.60 -0.41
N GLN A 44 3.34 -16.44 -1.02
CA GLN A 44 3.00 -16.34 -2.43
C GLN A 44 4.06 -15.54 -3.19
N GLU A 45 3.88 -15.40 -4.49
CA GLU A 45 4.83 -14.70 -5.33
C GLU A 45 4.30 -13.31 -5.71
N PRO A 46 5.19 -12.41 -6.13
CA PRO A 46 4.80 -11.05 -6.52
C PRO A 46 4.14 -11.00 -7.90
N THR A 47 3.33 -9.97 -8.12
CA THR A 47 2.64 -9.78 -9.40
C THR A 47 2.77 -8.32 -9.84
N PRO A 48 2.90 -8.08 -11.17
CA PRO A 48 3.19 -6.75 -11.73
C PRO A 48 2.12 -5.69 -11.45
N GLU A 49 0.91 -6.12 -11.12
CA GLU A 49 -0.17 -5.18 -10.84
C GLU A 49 -0.47 -5.14 -9.34
N ASP A 50 0.21 -6.00 -8.59
CA ASP A 50 -0.05 -6.15 -7.18
C ASP A 50 0.93 -5.30 -6.37
N VAL A 51 0.47 -4.81 -5.22
CA VAL A 51 1.30 -4.01 -4.36
C VAL A 51 1.54 -4.74 -3.04
N LEU A 52 2.74 -4.58 -2.49
CA LEU A 52 3.06 -5.17 -1.20
C LEU A 52 3.06 -4.09 -0.12
N ILE A 53 1.96 -4.00 0.61
CA ILE A 53 1.85 -3.03 1.69
C ILE A 53 2.29 -3.68 2.99
N THR A 54 3.47 -3.28 3.47
CA THR A 54 4.11 -3.93 4.60
C THR A 54 4.30 -2.95 5.76
N ASP A 55 4.19 -3.46 6.98
CA ASP A 55 4.38 -2.65 8.16
C ASP A 55 5.51 -3.22 9.02
N GLU A 56 6.29 -2.32 9.62
CA GLU A 56 7.39 -2.69 10.50
C GLU A 56 8.55 -3.33 9.74
N VAL A 57 9.32 -4.16 10.42
CA VAL A 57 10.53 -4.75 9.84
C VAL A 57 10.22 -6.11 9.23
N VAL A 58 10.32 -6.18 7.91
CA VAL A 58 10.13 -7.44 7.18
C VAL A 58 11.24 -7.61 6.15
N SER A 59 12.08 -8.62 6.35
CA SER A 59 13.20 -8.84 5.45
C SER A 59 12.78 -9.62 4.20
N LYS A 60 12.28 -8.90 3.21
CA LYS A 60 11.92 -9.48 1.93
C LYS A 60 11.95 -8.40 0.85
N LYS A 61 11.43 -8.73 -0.32
CA LYS A 61 11.33 -7.78 -1.43
C LYS A 61 10.09 -8.07 -2.26
N TRP A 62 9.88 -7.29 -3.30
CA TRP A 62 8.68 -7.42 -4.12
C TRP A 62 8.95 -6.94 -5.54
N GLN A 63 8.64 -7.79 -6.51
CA GLN A 63 8.77 -7.42 -7.91
C GLN A 63 7.38 -7.34 -8.55
N GLY A 64 6.81 -6.14 -8.52
CA GLY A 64 5.48 -5.96 -9.05
C GLY A 64 5.18 -4.50 -9.30
N ARG A 65 4.00 -4.06 -8.89
CA ARG A 65 3.59 -2.68 -9.08
C ARG A 65 4.39 -1.74 -8.18
N ALA A 66 4.32 -1.98 -6.87
CA ALA A 66 5.03 -1.15 -5.91
C ALA A 66 5.11 -1.83 -4.54
N VAL A 67 6.15 -1.51 -3.80
CA VAL A 67 6.30 -2.00 -2.43
C VAL A 67 6.16 -0.85 -1.45
N VAL A 68 5.11 -0.86 -0.67
CA VAL A 68 4.84 0.21 0.28
C VAL A 68 5.29 -0.19 1.68
N THR A 69 6.47 0.23 2.06
CA THR A 69 7.03 -0.15 3.35
C THR A 69 6.96 0.98 4.37
N PHE A 70 6.16 0.77 5.40
CA PHE A 70 6.09 1.71 6.51
C PHE A 70 6.86 1.16 7.70
N CYS A 71 8.08 1.64 7.87
CA CYS A 71 8.94 1.16 8.94
C CYS A 71 9.80 2.29 9.48
N ARG A 72 10.31 2.13 10.69
CA ARG A 72 11.21 3.09 11.28
C ARG A 72 12.64 2.70 10.94
N ARG A 73 12.95 1.43 11.11
CA ARG A 73 14.24 0.89 10.72
C ARG A 73 14.06 -0.17 9.64
N HIS A 74 14.19 0.25 8.38
CA HIS A 74 14.05 -0.66 7.25
C HIS A 74 15.23 -1.63 7.19
N ILE A 75 14.93 -2.92 7.08
CA ILE A 75 15.96 -3.94 6.95
C ILE A 75 15.53 -4.96 5.89
N GLY A 76 16.12 -4.85 4.71
CA GLY A 76 15.79 -5.77 3.63
C GLY A 76 15.11 -5.07 2.48
N ILE A 77 14.16 -4.20 2.80
CA ILE A 77 13.42 -3.47 1.78
C ILE A 77 14.11 -2.15 1.45
N PRO A 78 14.19 -1.80 0.16
CA PRO A 78 14.79 -0.53 -0.29
C PRO A 78 14.07 0.71 0.27
N LEU A 79 14.69 1.87 0.13
CA LEU A 79 14.18 3.08 0.74
C LEU A 79 13.58 4.03 -0.30
N GLU A 80 12.75 3.48 -1.17
CA GLU A 80 12.01 4.28 -2.15
C GLU A 80 12.96 5.01 -3.11
N LYS A 81 12.74 6.33 -3.26
CA LYS A 81 13.47 7.17 -4.20
C LYS A 81 13.51 6.54 -5.59
N ALA A 82 12.41 5.90 -5.97
CA ALA A 82 12.26 5.25 -7.26
C ALA A 82 10.81 4.82 -7.44
N PRO A 83 10.26 4.97 -8.66
CA PRO A 83 8.88 4.57 -8.96
C PRO A 83 8.69 3.05 -8.97
N GLY A 84 8.81 2.46 -7.79
CA GLY A 84 8.66 1.02 -7.64
C GLY A 84 8.75 0.61 -6.19
N GLU A 85 9.49 1.38 -5.42
CA GLU A 85 9.65 1.12 -4.00
C GLU A 85 9.21 2.36 -3.24
N TRP A 86 8.60 2.16 -2.09
CA TRP A 86 8.09 3.26 -1.28
C TRP A 86 8.49 3.06 0.17
N VAL A 87 8.85 4.14 0.84
CA VAL A 87 9.28 4.07 2.22
C VAL A 87 8.70 5.23 3.01
N HIS A 88 8.38 4.98 4.27
CA HIS A 88 7.89 6.01 5.16
C HIS A 88 7.93 5.51 6.59
N SER A 89 8.21 6.40 7.52
CA SER A 89 8.23 6.08 8.93
C SER A 89 6.84 5.67 9.41
N VAL A 90 6.73 4.46 9.95
CA VAL A 90 5.49 4.01 10.54
C VAL A 90 5.25 4.72 11.88
N ALA A 91 4.64 5.89 11.81
CA ALA A 91 4.35 6.68 13.00
C ALA A 91 3.04 7.45 12.85
N ALA A 92 2.37 7.24 11.73
CA ALA A 92 1.14 7.95 11.41
C ALA A 92 0.39 7.25 10.29
N PRO A 93 -0.68 6.50 10.62
CA PRO A 93 -1.47 5.76 9.64
C PRO A 93 -2.18 6.68 8.65
N HIS A 94 -2.24 7.95 8.98
CA HIS A 94 -2.90 8.96 8.15
C HIS A 94 -2.25 9.07 6.78
N GLU A 95 -0.94 8.86 6.73
CA GLU A 95 -0.20 9.06 5.49
C GLU A 95 -0.16 7.77 4.64
N LEU A 96 -0.69 6.69 5.19
CA LEU A 96 -0.66 5.40 4.49
C LEU A 96 -1.70 5.36 3.34
N PRO A 97 -3.00 5.59 3.61
CA PRO A 97 -4.03 5.55 2.56
C PRO A 97 -3.80 6.63 1.51
N ALA A 98 -3.22 7.75 1.93
CA ALA A 98 -2.89 8.84 1.02
C ALA A 98 -1.79 8.40 0.04
N LEU A 99 -0.80 7.68 0.57
CA LEU A 99 0.28 7.16 -0.26
C LEU A 99 -0.27 6.09 -1.21
N LEU A 100 -1.08 5.19 -0.66
CA LEU A 100 -1.69 4.13 -1.44
C LEU A 100 -2.53 4.71 -2.58
N ALA A 101 -3.22 5.80 -2.31
CA ALA A 101 -4.04 6.47 -3.30
C ALA A 101 -3.20 6.91 -4.49
N ARG A 102 -2.10 7.60 -4.22
CA ARG A 102 -1.25 8.11 -5.29
C ARG A 102 -0.55 6.97 -6.04
N ILE A 103 -0.38 5.83 -5.37
CA ILE A 103 0.26 4.67 -5.99
C ILE A 103 -0.70 3.97 -6.94
N TYR A 104 -1.94 3.76 -6.50
CA TYR A 104 -2.93 3.03 -7.29
C TYR A 104 -3.81 3.98 -8.10
N LEU A 105 -3.39 5.24 -8.17
CA LEU A 105 -4.08 6.27 -8.96
C LEU A 105 -5.52 6.48 -8.46
N ILE A 106 -5.67 6.55 -7.15
CA ILE A 106 -6.97 6.80 -6.54
C ILE A 106 -7.07 8.25 -6.07
N GLU A 107 -8.29 8.76 -6.00
CA GLU A 107 -8.51 10.16 -5.64
C GLU A 107 -8.69 10.34 -4.14
N MET A 108 -8.87 9.24 -3.43
CA MET A 108 -9.12 9.27 -1.99
C MET A 108 -7.83 9.56 -1.19
N GLU A 109 -7.26 10.74 -1.42
CA GLU A 109 -6.10 11.18 -0.65
C GLU A 109 -6.56 12.04 0.51
N SER A 110 -6.42 11.51 1.72
CA SER A 110 -6.76 12.24 2.93
C SER A 110 -5.72 13.33 3.21
N ASP A 111 -5.71 14.36 2.39
CA ASP A 111 -4.77 15.44 2.51
C ASP A 111 -5.38 16.60 3.30
N ASP A 112 -4.77 16.90 4.43
CA ASP A 112 -5.20 18.00 5.28
C ASP A 112 -4.05 18.99 5.47
N PRO A 113 -4.35 20.30 5.43
CA PRO A 113 -3.33 21.35 5.52
C PRO A 113 -3.08 21.80 6.95
N ALA A 114 -3.21 23.10 7.19
CA ALA A 114 -2.96 23.66 8.52
C ALA A 114 -3.97 24.75 8.83
N ASN A 115 -4.06 25.15 10.09
CA ASN A 115 -4.96 26.20 10.51
C ASN A 115 -4.42 27.57 10.12
N ALA A 116 -5.23 28.35 9.43
CA ALA A 116 -4.81 29.65 8.94
C ALA A 116 -5.18 30.74 9.93
N LEU A 117 -4.29 30.98 10.89
CA LEU A 117 -4.50 32.02 11.88
C LEU A 117 -4.06 33.38 11.34
N PRO A 118 -5.00 34.33 11.25
CA PRO A 118 -4.72 35.68 10.73
C PRO A 118 -3.96 36.53 11.74
N SER A 119 -3.96 36.11 12.99
CA SER A 119 -3.32 36.86 14.05
C SER A 119 -1.80 36.64 14.07
N THR A 120 -1.15 37.08 13.01
CA THR A 120 0.30 37.08 12.94
C THR A 120 0.81 38.49 13.26
N ASP A 121 0.54 38.91 14.49
CA ASP A 121 0.81 40.27 14.91
C ASP A 121 1.69 40.25 16.16
N MET A 1 -33.17 -26.73 -21.94
CA MET A 1 -31.98 -25.87 -22.12
C MET A 1 -32.37 -24.41 -22.06
N GLY A 2 -31.38 -23.53 -21.98
CA GLY A 2 -31.64 -22.11 -21.94
C GLY A 2 -31.22 -21.49 -20.63
N GLY A 3 -30.43 -20.42 -20.72
CA GLY A 3 -29.94 -19.77 -19.51
C GLY A 3 -28.47 -19.40 -19.61
N SER A 4 -28.20 -18.26 -20.21
CA SER A 4 -26.83 -17.76 -20.31
C SER A 4 -26.63 -16.57 -19.39
N GLY A 5 -25.49 -16.52 -18.71
CA GLY A 5 -25.21 -15.43 -17.81
C GLY A 5 -23.74 -15.39 -17.44
N VAL A 6 -23.12 -14.23 -17.58
CA VAL A 6 -21.70 -14.08 -17.32
C VAL A 6 -21.39 -12.69 -16.78
N GLU A 7 -20.81 -12.64 -15.58
CA GLU A 7 -20.41 -11.37 -14.98
C GLU A 7 -19.04 -11.50 -14.35
N GLY A 8 -18.10 -10.67 -14.79
CA GLY A 8 -16.76 -10.70 -14.25
C GLY A 8 -16.51 -9.54 -13.31
N LEU A 9 -15.64 -9.74 -12.34
CA LEU A 9 -15.32 -8.71 -11.37
C LEU A 9 -14.01 -8.03 -11.72
N SER A 10 -14.02 -6.72 -11.77
CA SER A 10 -12.82 -5.95 -12.08
C SER A 10 -12.24 -5.33 -10.81
N GLY A 11 -11.70 -6.18 -9.95
CA GLY A 11 -11.12 -5.69 -8.71
C GLY A 11 -9.62 -5.87 -8.68
N LYS A 12 -8.91 -4.74 -8.64
CA LYS A 12 -7.45 -4.76 -8.59
C LYS A 12 -6.97 -5.46 -7.33
N ARG A 13 -5.87 -6.19 -7.44
CA ARG A 13 -5.35 -6.96 -6.32
C ARG A 13 -4.23 -6.21 -5.63
N CYS A 14 -4.16 -6.34 -4.31
CA CYS A 14 -3.06 -5.79 -3.53
C CYS A 14 -2.70 -6.75 -2.41
N TRP A 15 -1.42 -6.94 -2.17
CA TRP A 15 -0.97 -7.86 -1.13
C TRP A 15 -0.52 -7.09 0.10
N LEU A 16 -1.19 -7.35 1.21
CA LEU A 16 -0.92 -6.64 2.44
C LEU A 16 -0.29 -7.56 3.47
N ALA A 17 0.88 -7.17 3.97
CA ALA A 17 1.55 -7.89 5.04
C ALA A 17 1.87 -6.93 6.18
N VAL A 18 0.83 -6.44 6.82
CA VAL A 18 0.98 -5.49 7.91
C VAL A 18 0.90 -6.23 9.25
N ARG A 19 1.88 -5.96 10.11
CA ARG A 19 1.97 -6.63 11.40
C ARG A 19 1.02 -5.98 12.39
N ASN A 20 0.96 -4.66 12.34
CA ASN A 20 0.04 -3.90 13.18
C ASN A 20 -1.40 -4.13 12.74
N ALA A 21 -2.12 -4.98 13.48
CA ALA A 21 -3.49 -5.36 13.11
C ALA A 21 -4.39 -4.14 13.00
N SER A 22 -4.26 -3.22 13.96
CA SER A 22 -5.06 -2.01 13.98
C SER A 22 -4.84 -1.18 12.71
N LEU A 23 -3.58 -1.07 12.32
CA LEU A 23 -3.21 -0.33 11.11
C LEU A 23 -3.68 -1.08 9.87
N CYS A 24 -3.51 -2.39 9.88
CA CYS A 24 -3.91 -3.24 8.77
C CYS A 24 -5.40 -3.06 8.46
N GLN A 25 -6.22 -3.18 9.50
CA GLN A 25 -7.67 -3.09 9.34
C GLN A 25 -8.09 -1.71 8.85
N PHE A 26 -7.42 -0.67 9.34
CA PHE A 26 -7.75 0.69 8.96
C PHE A 26 -7.50 0.92 7.47
N LEU A 27 -6.29 0.61 7.02
CA LEU A 27 -5.92 0.87 5.64
C LEU A 27 -6.69 -0.03 4.66
N GLU A 28 -6.90 -1.29 5.02
CA GLU A 28 -7.58 -2.23 4.13
C GLU A 28 -9.02 -1.80 3.86
N THR A 29 -9.71 -1.36 4.90
CA THR A 29 -11.10 -0.93 4.77
C THR A 29 -11.19 0.37 3.97
N SER A 30 -10.25 1.28 4.20
CA SER A 30 -10.24 2.56 3.51
C SER A 30 -9.96 2.38 2.03
N LEU A 31 -8.99 1.52 1.71
CA LEU A 31 -8.59 1.30 0.32
C LEU A 31 -9.65 0.49 -0.43
N GLN A 32 -10.37 -0.36 0.31
CA GLN A 32 -11.39 -1.22 -0.29
C GLN A 32 -12.58 -0.43 -0.82
N ARG A 33 -12.64 0.86 -0.46
CA ARG A 33 -13.70 1.74 -0.95
C ARG A 33 -13.62 1.87 -2.46
N SER A 34 -12.43 1.67 -3.01
CA SER A 34 -12.20 1.77 -4.44
C SER A 34 -12.63 0.49 -5.17
N GLY A 35 -13.02 -0.53 -4.40
CA GLY A 35 -13.38 -1.79 -4.99
C GLY A 35 -12.20 -2.72 -5.12
N ILE A 36 -11.05 -2.25 -4.68
CA ILE A 36 -9.81 -3.02 -4.74
C ILE A 36 -9.83 -4.12 -3.69
N VAL A 37 -9.43 -5.33 -4.10
CA VAL A 37 -9.42 -6.47 -3.21
C VAL A 37 -8.06 -6.63 -2.55
N VAL A 38 -8.07 -6.71 -1.22
CA VAL A 38 -6.83 -6.85 -0.46
C VAL A 38 -6.66 -8.30 0.00
N THR A 39 -5.49 -8.85 -0.28
CA THR A 39 -5.16 -10.21 0.10
C THR A 39 -3.92 -10.24 0.98
N THR A 40 -3.95 -11.01 2.05
CA THR A 40 -2.81 -11.10 2.96
C THR A 40 -1.62 -11.78 2.30
N TYR A 41 -0.50 -11.06 2.25
CA TYR A 41 0.72 -11.58 1.66
C TYR A 41 1.51 -12.38 2.71
N GLU A 42 1.35 -13.69 2.67
CA GLU A 42 2.09 -14.57 3.55
C GLU A 42 3.40 -14.99 2.90
N GLY A 43 3.42 -14.90 1.58
CA GLY A 43 4.58 -15.31 0.81
C GLY A 43 4.20 -16.27 -0.29
N GLN A 44 3.18 -15.88 -1.05
CA GLN A 44 2.64 -16.74 -2.10
C GLN A 44 3.30 -16.45 -3.44
N GLU A 45 2.78 -15.44 -4.14
CA GLU A 45 3.27 -15.11 -5.48
C GLU A 45 3.26 -13.61 -5.71
N PRO A 46 4.38 -13.05 -6.18
CA PRO A 46 4.47 -11.65 -6.58
C PRO A 46 3.99 -11.43 -8.00
N THR A 47 3.02 -10.54 -8.18
CA THR A 47 2.47 -10.25 -9.49
C THR A 47 2.92 -8.88 -9.99
N PRO A 48 3.30 -8.79 -11.28
CA PRO A 48 3.82 -7.56 -11.88
C PRO A 48 2.84 -6.39 -11.85
N GLU A 49 1.58 -6.68 -11.64
CA GLU A 49 0.57 -5.63 -11.60
C GLU A 49 0.02 -5.44 -10.19
N ASP A 50 0.64 -6.12 -9.23
CA ASP A 50 0.21 -6.03 -7.83
C ASP A 50 1.28 -5.30 -7.01
N VAL A 51 0.88 -4.75 -5.87
CA VAL A 51 1.79 -4.04 -4.99
C VAL A 51 1.90 -4.71 -3.63
N LEU A 52 3.07 -4.62 -3.01
CA LEU A 52 3.30 -5.19 -1.69
C LEU A 52 3.26 -4.09 -0.63
N ILE A 53 2.21 -4.07 0.16
CA ILE A 53 2.08 -3.13 1.26
C ILE A 53 2.49 -3.79 2.57
N THR A 54 3.63 -3.40 3.10
CA THR A 54 4.17 -4.07 4.28
C THR A 54 4.40 -3.09 5.43
N ASP A 55 4.34 -3.60 6.64
CA ASP A 55 4.56 -2.78 7.83
C ASP A 55 5.62 -3.42 8.72
N GLU A 56 6.36 -2.58 9.44
CA GLU A 56 7.36 -3.03 10.39
C GLU A 56 8.59 -3.63 9.70
N VAL A 57 9.24 -4.56 10.35
CA VAL A 57 10.46 -5.15 9.81
C VAL A 57 10.14 -6.44 9.04
N VAL A 58 10.38 -6.40 7.73
CA VAL A 58 10.14 -7.54 6.88
C VAL A 58 11.39 -7.87 6.07
N SER A 59 11.57 -9.13 5.75
CA SER A 59 12.73 -9.58 4.96
C SER A 59 12.26 -10.17 3.63
N LYS A 60 11.19 -9.61 3.10
CA LYS A 60 10.63 -10.07 1.84
C LYS A 60 10.68 -8.97 0.80
N LYS A 61 11.09 -9.30 -0.41
CA LYS A 61 11.13 -8.33 -1.49
C LYS A 61 9.97 -8.56 -2.45
N TRP A 62 9.78 -7.63 -3.36
CA TRP A 62 8.66 -7.68 -4.29
C TRP A 62 9.14 -7.74 -5.73
N GLN A 63 8.46 -8.54 -6.54
CA GLN A 63 8.75 -8.62 -7.96
C GLN A 63 7.48 -8.32 -8.75
N GLY A 64 7.04 -7.08 -8.67
CA GLY A 64 5.80 -6.70 -9.31
C GLY A 64 5.74 -5.22 -9.64
N ARG A 65 4.61 -4.61 -9.32
CA ARG A 65 4.40 -3.20 -9.61
C ARG A 65 5.27 -2.31 -8.71
N ALA A 66 4.90 -2.21 -7.44
CA ALA A 66 5.60 -1.33 -6.52
C ALA A 66 5.56 -1.89 -5.11
N VAL A 67 6.43 -1.35 -4.25
CA VAL A 67 6.48 -1.76 -2.86
C VAL A 67 6.24 -0.57 -1.95
N VAL A 68 5.52 -0.79 -0.86
CA VAL A 68 5.24 0.25 0.11
C VAL A 68 5.53 -0.25 1.52
N THR A 69 6.68 0.13 2.06
CA THR A 69 7.08 -0.34 3.38
C THR A 69 7.06 0.80 4.40
N PHE A 70 6.24 0.62 5.42
CA PHE A 70 6.16 1.58 6.50
C PHE A 70 6.92 1.07 7.73
N CYS A 71 8.02 1.73 8.03
CA CYS A 71 8.90 1.30 9.12
C CYS A 71 9.73 2.47 9.61
N ARG A 72 10.43 2.26 10.72
CA ARG A 72 11.31 3.30 11.25
C ARG A 72 12.63 3.30 10.50
N ARG A 73 13.47 2.30 10.76
CA ARG A 73 14.76 2.20 10.11
C ARG A 73 15.33 0.79 10.25
N HIS A 74 15.47 0.10 9.12
CA HIS A 74 16.09 -1.20 9.08
C HIS A 74 16.59 -1.51 7.67
N ILE A 75 17.84 -1.90 7.57
CA ILE A 75 18.45 -2.20 6.27
C ILE A 75 18.04 -3.60 5.83
N GLY A 76 17.55 -3.70 4.60
CA GLY A 76 17.01 -4.95 4.11
C GLY A 76 15.58 -4.75 3.64
N ILE A 77 14.94 -3.75 4.22
CA ILE A 77 13.59 -3.36 3.84
C ILE A 77 13.63 -2.55 2.55
N PRO A 78 12.65 -2.73 1.66
CA PRO A 78 12.54 -1.94 0.43
C PRO A 78 12.32 -0.46 0.74
N LEU A 79 13.34 0.34 0.51
CA LEU A 79 13.29 1.75 0.86
C LEU A 79 13.10 2.61 -0.37
N GLU A 80 12.52 3.80 -0.15
CA GLU A 80 12.27 4.77 -1.21
C GLU A 80 13.56 5.30 -1.86
N LYS A 81 13.64 6.62 -2.01
CA LYS A 81 14.72 7.26 -2.78
C LYS A 81 14.62 6.86 -4.25
N ALA A 82 13.44 6.36 -4.62
CA ALA A 82 13.14 5.93 -5.97
C ALA A 82 11.62 5.87 -6.16
N PRO A 83 11.12 6.00 -7.40
CA PRO A 83 9.68 6.01 -7.68
C PRO A 83 9.06 4.62 -7.78
N GLY A 84 9.77 3.61 -7.29
CA GLY A 84 9.27 2.26 -7.36
C GLY A 84 9.12 1.63 -5.99
N GLU A 85 9.85 2.18 -5.03
CA GLU A 85 9.80 1.71 -3.66
C GLU A 85 9.48 2.87 -2.76
N TRP A 86 8.49 2.69 -1.90
CA TRP A 86 8.05 3.74 -1.00
C TRP A 86 8.41 3.35 0.43
N VAL A 87 8.98 4.28 1.17
CA VAL A 87 9.34 4.03 2.55
C VAL A 87 9.00 5.24 3.41
N HIS A 88 8.46 5.00 4.58
CA HIS A 88 8.11 6.08 5.49
C HIS A 88 7.89 5.54 6.89
N SER A 89 8.16 6.37 7.89
CA SER A 89 7.90 6.03 9.28
C SER A 89 6.41 5.72 9.48
N VAL A 90 6.12 4.56 10.05
CA VAL A 90 4.74 4.13 10.28
C VAL A 90 4.16 4.84 11.52
N ALA A 91 4.54 6.09 11.69
CA ALA A 91 4.05 6.90 12.80
C ALA A 91 2.91 7.80 12.32
N ALA A 92 2.75 7.88 11.01
CA ALA A 92 1.70 8.68 10.40
C ALA A 92 0.80 7.82 9.53
N PRO A 93 -0.21 7.17 10.12
CA PRO A 93 -1.15 6.32 9.41
C PRO A 93 -2.29 7.11 8.80
N HIS A 94 -1.98 8.31 8.33
CA HIS A 94 -2.98 9.23 7.82
C HIS A 94 -3.11 9.09 6.30
N GLU A 95 -2.04 9.36 5.59
CA GLU A 95 -2.07 9.37 4.13
C GLU A 95 -1.69 8.00 3.53
N LEU A 96 -1.61 6.98 4.38
CA LEU A 96 -1.19 5.65 3.92
C LEU A 96 -2.16 5.06 2.88
N PRO A 97 -3.47 4.91 3.20
CA PRO A 97 -4.44 4.35 2.25
C PRO A 97 -4.58 5.20 0.99
N ALA A 98 -4.38 6.51 1.15
CA ALA A 98 -4.45 7.42 0.02
C ALA A 98 -3.25 7.24 -0.90
N LEU A 99 -2.10 6.94 -0.29
CA LEU A 99 -0.88 6.70 -1.04
C LEU A 99 -1.01 5.45 -1.90
N LEU A 100 -1.65 4.43 -1.34
CA LEU A 100 -1.88 3.18 -2.05
C LEU A 100 -2.74 3.43 -3.29
N ALA A 101 -3.82 4.18 -3.13
CA ALA A 101 -4.69 4.52 -4.24
C ALA A 101 -3.95 5.34 -5.29
N ARG A 102 -3.18 6.32 -4.83
CA ARG A 102 -2.41 7.18 -5.72
C ARG A 102 -1.41 6.34 -6.53
N ILE A 103 -0.84 5.32 -5.90
CA ILE A 103 0.09 4.42 -6.56
C ILE A 103 -0.61 3.65 -7.68
N TYR A 104 -1.83 3.22 -7.41
CA TYR A 104 -2.60 2.45 -8.38
C TYR A 104 -3.29 3.37 -9.39
N LEU A 105 -2.91 4.65 -9.35
CA LEU A 105 -3.38 5.65 -10.32
C LEU A 105 -4.85 5.99 -10.09
N ILE A 106 -5.25 6.04 -8.83
CA ILE A 106 -6.58 6.50 -8.48
C ILE A 106 -6.55 8.01 -8.25
N GLU A 107 -7.68 8.67 -8.48
CA GLU A 107 -7.76 10.13 -8.44
C GLU A 107 -7.51 10.69 -7.03
N MET A 108 -7.61 9.83 -6.03
CA MET A 108 -7.40 10.24 -4.63
C MET A 108 -5.97 10.78 -4.42
N GLU A 109 -5.83 11.68 -3.46
CA GLU A 109 -4.54 12.31 -3.19
C GLU A 109 -4.27 12.40 -1.69
N SER A 110 -3.05 12.78 -1.35
CA SER A 110 -2.63 12.90 0.03
C SER A 110 -3.17 14.18 0.68
N ASP A 111 -3.00 14.27 1.99
CA ASP A 111 -3.49 15.41 2.76
C ASP A 111 -2.43 15.84 3.77
N ASP A 112 -1.99 17.08 3.68
CA ASP A 112 -0.90 17.56 4.51
C ASP A 112 -1.41 18.18 5.81
N PRO A 113 -0.83 17.76 6.94
CA PRO A 113 -1.12 18.34 8.24
C PRO A 113 -0.06 19.37 8.66
N ALA A 114 -0.51 20.43 9.31
CA ALA A 114 0.38 21.44 9.85
C ALA A 114 0.92 20.98 11.20
N ASN A 115 2.18 20.56 11.21
CA ASN A 115 2.78 19.99 12.41
C ASN A 115 3.48 21.07 13.24
N ALA A 116 3.29 21.00 14.55
CA ALA A 116 3.97 21.91 15.46
C ALA A 116 4.88 21.12 16.39
N LEU A 117 4.28 20.37 17.32
CA LEU A 117 5.01 19.56 18.29
C LEU A 117 6.22 20.29 18.88
N PRO A 118 5.97 21.34 19.67
CA PRO A 118 7.04 22.15 20.22
C PRO A 118 7.61 21.57 21.52
N SER A 119 7.23 22.14 22.65
CA SER A 119 7.70 21.68 23.94
C SER A 119 6.80 20.57 24.48
N THR A 120 7.32 19.35 24.53
CA THR A 120 6.60 18.22 25.08
C THR A 120 6.58 18.27 26.60
N ASP A 121 7.30 19.24 27.15
CA ASP A 121 7.37 19.42 28.59
C ASP A 121 6.83 20.79 28.97
#